data_2DDY
#
_entry.id   2DDY
#
loop_
_entity.id
_entity.type
_entity.pdbx_description
1 polymer Matrilysin
2 non-polymer 'CALCIUM ION'
3 non-polymer 'ZINC ION'
4 non-polymer (1R)-N,6-DIHYDROXY-7-METHOXY-2-[(4-METHOXYPHENYL)SULFONYL]-1,2,3,4-TETRAHYDROISOQUINOLINE-1-CARBOXAMIDE
#
_entity_poly.entity_id   1
_entity_poly.type   'polypeptide(L)'
_entity_poly.pdbx_seq_one_letter_code
;YSLFPNSPKWTSKVVTYRIVSYTRDLPHITVDRLVSKALNMWGKEIPLHFRKVVWGTADIMIGFARGAHGDSYPFDGPGN
TLAHAFAPGTGLGGDAHFDEDERWTDGSSLGINFLYAATHELGHSLGMGHSSDPNAVMYPTYGNGDPQNFKLSQDDIKGI
QKLYGKRSNSRKK
;
_entity_poly.pdbx_strand_id   A
#
# COMPACT_ATOMS: atom_id res chain seq x y z
CA TYR A 1 11.70 4.78 12.41
C TYR A 1 10.39 4.02 12.21
N SER A 2 9.24 4.71 12.07
CA SER A 2 7.92 4.12 11.88
C SER A 2 7.60 3.02 12.89
N LEU A 3 7.29 3.45 14.11
CA LEU A 3 6.93 2.60 15.24
C LEU A 3 5.47 2.87 15.56
N PHE A 4 4.67 1.80 15.64
CA PHE A 4 3.24 1.83 15.88
C PHE A 4 2.86 0.62 16.75
N PRO A 5 1.73 0.68 17.48
CA PRO A 5 1.30 -0.37 18.42
C PRO A 5 0.73 -1.63 17.75
N ASN A 6 1.24 -2.01 16.57
CA ASN A 6 0.74 -3.08 15.71
C ASN A 6 1.96 -3.89 15.25
N SER A 7 1.85 -5.22 15.19
CA SER A 7 2.96 -6.13 14.87
C SER A 7 3.57 -5.78 13.50
N PRO A 8 4.78 -5.18 13.44
CA PRO A 8 5.37 -4.74 12.19
C PRO A 8 5.95 -5.95 11.46
N LYS A 9 5.15 -6.50 10.54
CA LYS A 9 5.35 -7.67 9.67
C LYS A 9 4.59 -8.86 10.25
N TRP A 10 3.94 -9.63 9.37
CA TRP A 10 3.26 -10.87 9.72
C TRP A 10 4.27 -11.92 10.20
N THR A 11 3.79 -12.96 10.89
CA THR A 11 4.65 -14.02 11.42
C THR A 11 4.81 -15.20 10.43
N SER A 12 4.29 -15.06 9.21
CA SER A 12 4.40 -16.05 8.14
C SER A 12 5.33 -15.50 7.05
N LYS A 13 6.07 -16.39 6.38
CA LYS A 13 6.89 -16.06 5.21
C LYS A 13 6.04 -15.80 3.97
N VAL A 14 4.78 -16.24 3.98
CA VAL A 14 3.84 -16.04 2.89
C VAL A 14 2.56 -15.46 3.47
N VAL A 15 1.92 -14.57 2.73
CA VAL A 15 0.69 -13.90 3.15
C VAL A 15 -0.38 -14.11 2.07
N THR A 16 -1.62 -13.70 2.36
CA THR A 16 -2.71 -13.80 1.40
C THR A 16 -3.23 -12.41 1.03
N TYR A 17 -3.79 -12.28 -0.18
CA TYR A 17 -4.49 -11.07 -0.62
C TYR A 17 -5.90 -11.41 -1.17
N ARG A 18 -6.85 -10.48 -1.04
CA ARG A 18 -8.21 -10.63 -1.58
C ARG A 18 -8.73 -9.26 -2.01
N ILE A 19 -8.79 -9.05 -3.32
CA ILE A 19 -9.22 -7.79 -3.89
C ILE A 19 -10.76 -7.83 -3.95
N VAL A 20 -11.46 -7.48 -2.85
CA VAL A 20 -12.92 -7.62 -2.69
C VAL A 20 -13.70 -6.80 -3.72
N SER A 21 -13.23 -5.59 -3.97
CA SER A 21 -13.76 -4.63 -4.92
C SER A 21 -12.56 -4.27 -5.80
N TYR A 22 -12.82 -3.63 -6.95
CA TYR A 22 -11.82 -3.24 -7.91
C TYR A 22 -12.16 -1.82 -8.37
N THR A 23 -11.14 -1.10 -8.84
CA THR A 23 -11.29 0.17 -9.54
C THR A 23 -11.99 -0.02 -10.91
N ARG A 24 -12.02 1.05 -11.70
CA ARG A 24 -12.77 1.17 -12.95
C ARG A 24 -11.96 1.83 -14.07
N ASP A 25 -11.09 2.78 -13.72
CA ASP A 25 -10.23 3.51 -14.66
C ASP A 25 -9.34 2.58 -15.48
N LEU A 26 -8.82 1.54 -14.81
CA LEU A 26 -7.92 0.52 -15.33
C LEU A 26 -8.52 -0.85 -15.02
N PRO A 27 -8.30 -1.86 -15.87
CA PRO A 27 -8.97 -3.16 -15.77
C PRO A 27 -8.43 -4.02 -14.62
N HIS A 28 -9.19 -5.05 -14.22
CA HIS A 28 -8.85 -5.92 -13.09
C HIS A 28 -7.54 -6.68 -13.31
N ILE A 29 -7.26 -7.10 -14.56
CA ILE A 29 -5.98 -7.71 -14.92
C ILE A 29 -4.83 -6.73 -14.69
N THR A 30 -5.02 -5.44 -14.98
CA THR A 30 -4.05 -4.41 -14.70
C THR A 30 -3.96 -4.20 -13.19
N VAL A 31 -5.07 -4.18 -12.44
CA VAL A 31 -5.02 -4.12 -10.98
C VAL A 31 -4.14 -5.26 -10.45
N ASP A 32 -4.43 -6.53 -10.81
CA ASP A 32 -3.65 -7.68 -10.35
C ASP A 32 -2.20 -7.59 -10.83
N ARG A 33 -1.95 -7.22 -12.09
CA ARG A 33 -0.58 -7.07 -12.59
C ARG A 33 0.20 -5.99 -11.87
N LEU A 34 -0.42 -4.84 -11.59
CA LEU A 34 0.23 -3.74 -10.90
C LEU A 34 0.42 -4.09 -9.43
N VAL A 35 -0.57 -4.73 -8.78
CA VAL A 35 -0.41 -5.29 -7.44
C VAL A 35 0.76 -6.28 -7.44
N SER A 36 0.81 -7.21 -8.40
CA SER A 36 1.86 -8.22 -8.48
C SER A 36 3.22 -7.57 -8.74
N LYS A 37 3.32 -6.61 -9.66
CA LYS A 37 4.58 -5.91 -9.92
C LYS A 37 4.99 -5.06 -8.71
N ALA A 38 4.07 -4.30 -8.10
CA ALA A 38 4.35 -3.52 -6.90
C ALA A 38 4.81 -4.42 -5.75
N LEU A 39 4.10 -5.53 -5.52
CA LEU A 39 4.43 -6.49 -4.49
C LEU A 39 5.73 -7.22 -4.79
N ASN A 40 6.01 -7.54 -6.06
CA ASN A 40 7.30 -8.09 -6.47
C ASN A 40 8.41 -7.07 -6.18
N MET A 41 8.15 -5.77 -6.39
CA MET A 41 9.06 -4.70 -6.02
C MET A 41 9.26 -4.57 -4.50
N TRP A 42 8.26 -4.87 -3.67
CA TRP A 42 8.45 -5.02 -2.22
C TRP A 42 9.27 -6.28 -1.91
N GLY A 43 8.87 -7.42 -2.46
CA GLY A 43 9.52 -8.71 -2.27
C GLY A 43 10.93 -8.78 -2.87
N LYS A 44 11.29 -7.79 -3.70
CA LYS A 44 12.63 -7.61 -4.22
C LYS A 44 13.62 -7.30 -3.08
N GLU A 45 13.17 -6.64 -2.00
CA GLU A 45 14.05 -6.28 -0.89
C GLU A 45 13.89 -7.23 0.31
N ILE A 46 12.75 -7.95 0.41
CA ILE A 46 12.45 -8.88 1.50
C ILE A 46 11.92 -10.22 0.96
N PRO A 47 12.37 -11.38 1.46
CA PRO A 47 12.00 -12.70 0.93
C PRO A 47 10.55 -13.14 1.23
N LEU A 48 9.63 -12.18 1.44
CA LEU A 48 8.23 -12.43 1.74
C LEU A 48 7.49 -12.67 0.44
N HIS A 49 6.61 -13.67 0.42
CA HIS A 49 5.85 -14.06 -0.76
C HIS A 49 4.35 -13.87 -0.49
N PHE A 50 3.53 -13.88 -1.55
CA PHE A 50 2.10 -13.56 -1.42
C PHE A 50 1.32 -14.52 -2.32
N ARG A 51 0.10 -14.88 -1.90
CA ARG A 51 -0.79 -15.80 -2.61
C ARG A 51 -2.24 -15.32 -2.51
N LYS A 52 -3.13 -15.93 -3.29
CA LYS A 52 -4.56 -15.61 -3.23
C LYS A 52 -5.28 -16.72 -2.47
N VAL A 53 -6.36 -16.33 -1.79
CA VAL A 53 -7.28 -17.25 -1.14
C VAL A 53 -8.12 -17.99 -2.19
N VAL A 54 -8.82 -19.04 -1.73
CA VAL A 54 -9.80 -19.77 -2.54
C VAL A 54 -11.23 -19.42 -2.10
N TRP A 55 -11.50 -19.30 -0.79
CA TRP A 55 -12.80 -18.99 -0.23
C TRP A 55 -12.59 -18.57 1.23
N GLY A 56 -12.31 -17.28 1.47
CA GLY A 56 -12.19 -16.70 2.80
C GLY A 56 -11.48 -15.34 2.73
N THR A 57 -11.63 -14.49 3.74
CA THR A 57 -10.96 -13.19 3.79
C THR A 57 -9.44 -13.41 3.91
N ALA A 58 -8.68 -12.64 3.13
CA ALA A 58 -7.23 -12.63 3.18
C ALA A 58 -6.72 -11.66 4.22
N ASP A 59 -5.44 -11.81 4.54
CA ASP A 59 -4.77 -10.94 5.50
C ASP A 59 -4.58 -9.53 4.90
N ILE A 60 -4.45 -9.41 3.56
CA ILE A 60 -4.46 -8.16 2.78
C ILE A 60 -5.71 -8.14 1.88
N MET A 61 -6.85 -7.78 2.47
CA MET A 61 -8.03 -7.38 1.72
C MET A 61 -7.74 -6.02 1.07
N ILE A 62 -7.96 -5.93 -0.24
CA ILE A 62 -7.82 -4.68 -1.00
C ILE A 62 -9.21 -4.36 -1.51
N GLY A 63 -9.71 -3.15 -1.25
CA GLY A 63 -11.05 -2.76 -1.66
C GLY A 63 -11.10 -1.33 -2.14
N PHE A 64 -12.13 -1.01 -2.93
CA PHE A 64 -12.31 0.30 -3.51
C PHE A 64 -13.78 0.68 -3.30
N ALA A 65 -14.02 1.98 -3.09
CA ALA A 65 -15.34 2.59 -2.88
C ALA A 65 -15.34 3.96 -3.55
N ARG A 66 -16.48 4.66 -3.59
CA ARG A 66 -16.61 5.87 -4.40
C ARG A 66 -17.30 7.01 -3.63
N GLY A 67 -16.60 7.50 -2.60
CA GLY A 67 -17.12 8.48 -1.65
C GLY A 67 -17.95 7.79 -0.56
N ALA A 68 -17.38 7.69 0.65
CA ALA A 68 -17.82 6.91 1.81
C ALA A 68 -17.97 5.40 1.55
N HIS A 69 -17.96 4.61 2.62
CA HIS A 69 -18.18 3.16 2.60
C HIS A 69 -18.40 2.63 4.01
N GLY A 70 -18.81 1.36 4.10
CA GLY A 70 -19.06 0.63 5.34
C GLY A 70 -17.77 0.16 6.01
N ASP A 71 -16.91 1.11 6.40
CA ASP A 71 -15.59 0.85 6.98
C ASP A 71 -15.40 1.71 8.24
N SER A 72 -14.25 1.61 8.92
CA SER A 72 -13.95 2.44 10.09
C SER A 72 -14.02 3.93 9.74
N TYR A 73 -13.59 4.33 8.53
CA TYR A 73 -13.46 5.73 8.15
C TYR A 73 -14.02 5.95 6.73
N PRO A 74 -15.14 6.68 6.56
CA PRO A 74 -15.70 6.93 5.25
C PRO A 74 -14.82 7.88 4.43
N PHE A 75 -14.52 7.48 3.19
CA PHE A 75 -13.92 8.32 2.16
C PHE A 75 -14.76 9.56 1.80
N ASP A 76 -14.15 10.45 1.02
CA ASP A 76 -14.67 11.76 0.64
C ASP A 76 -14.94 11.86 -0.87
N GLY A 77 -14.27 11.09 -1.74
CA GLY A 77 -14.39 11.20 -3.19
C GLY A 77 -13.18 11.90 -3.81
N PRO A 78 -13.32 12.79 -4.80
CA PRO A 78 -12.20 13.43 -5.48
C PRO A 78 -11.58 14.58 -4.65
N GLY A 79 -10.48 14.32 -3.93
CA GLY A 79 -9.72 15.33 -3.17
C GLY A 79 -9.15 14.77 -1.86
N ASN A 80 -8.51 15.61 -1.04
CA ASN A 80 -8.10 15.23 0.32
C ASN A 80 -7.31 13.91 0.32
N THR A 81 -7.66 12.94 1.18
CA THR A 81 -7.16 11.56 1.27
C THR A 81 -7.61 10.73 0.06
N LEU A 82 -6.71 9.98 -0.58
CA LEU A 82 -6.96 9.21 -1.81
C LEU A 82 -7.12 7.70 -1.54
N ALA A 83 -6.47 7.18 -0.48
CA ALA A 83 -6.53 5.78 -0.07
C ALA A 83 -6.15 5.71 1.41
N HIS A 84 -6.58 4.66 2.13
CA HIS A 84 -6.15 4.44 3.51
C HIS A 84 -6.03 2.93 3.79
N ALA A 85 -5.13 2.57 4.70
CA ALA A 85 -4.83 1.19 5.04
C ALA A 85 -4.54 1.08 6.53
N PHE A 86 -4.55 -0.15 7.03
CA PHE A 86 -4.40 -0.44 8.44
C PHE A 86 -3.16 -1.31 8.62
N ALA A 87 -2.53 -1.20 9.79
CA ALA A 87 -1.33 -1.97 10.12
C ALA A 87 -1.67 -3.45 10.26
N PRO A 88 -0.75 -4.38 9.97
CA PRO A 88 -1.02 -5.80 10.09
C PRO A 88 -1.08 -6.24 11.55
N GLY A 89 -1.81 -7.32 11.80
CA GLY A 89 -2.01 -7.86 13.14
C GLY A 89 -3.32 -8.63 13.23
N THR A 90 -3.60 -9.45 12.19
CA THR A 90 -4.82 -10.25 12.00
C THR A 90 -6.09 -9.38 11.84
N GLY A 91 -7.16 -9.96 11.29
CA GLY A 91 -8.46 -9.29 11.22
C GLY A 91 -8.44 -8.18 10.18
N LEU A 92 -9.09 -7.04 10.48
CA LEU A 92 -9.02 -5.82 9.66
C LEU A 92 -7.56 -5.35 9.47
N GLY A 93 -6.64 -5.72 10.39
CA GLY A 93 -5.25 -5.34 10.25
C GLY A 93 -4.71 -5.76 8.87
N GLY A 94 -3.89 -4.89 8.30
CA GLY A 94 -3.24 -5.07 7.00
C GLY A 94 -4.14 -4.67 5.83
N ASP A 95 -5.46 -4.60 6.01
CA ASP A 95 -6.35 -4.38 4.89
C ASP A 95 -6.21 -2.93 4.41
N ALA A 96 -6.55 -2.69 3.15
CA ALA A 96 -6.32 -1.43 2.48
C ALA A 96 -7.50 -1.10 1.58
N HIS A 97 -7.79 0.19 1.51
CA HIS A 97 -8.98 0.72 0.87
C HIS A 97 -8.60 1.94 0.06
N PHE A 98 -9.30 2.13 -1.06
CA PHE A 98 -8.96 3.12 -2.08
C PHE A 98 -10.24 3.81 -2.53
N ASP A 99 -10.15 5.08 -2.92
CA ASP A 99 -11.30 5.85 -3.39
C ASP A 99 -11.30 5.74 -4.93
N GLU A 100 -12.14 4.88 -5.51
CA GLU A 100 -12.32 4.71 -6.97
C GLU A 100 -12.80 6.02 -7.62
N ASP A 101 -13.42 6.91 -6.85
CA ASP A 101 -13.82 8.25 -7.31
C ASP A 101 -12.60 9.06 -7.77
N GLU A 102 -11.43 8.78 -7.18
CA GLU A 102 -10.19 9.45 -7.55
C GLU A 102 -9.63 8.77 -8.79
N ARG A 103 -9.30 9.57 -9.81
CA ARG A 103 -8.89 9.06 -11.11
C ARG A 103 -7.59 8.27 -11.04
N TRP A 104 -7.65 6.96 -11.29
CA TRP A 104 -6.49 6.09 -11.17
C TRP A 104 -5.84 5.91 -12.55
N THR A 105 -4.51 5.77 -12.60
CA THR A 105 -3.79 5.54 -13.85
C THR A 105 -2.57 4.65 -13.54
N ASP A 106 -2.20 3.76 -14.46
CA ASP A 106 -1.07 2.86 -14.28
C ASP A 106 0.24 3.66 -14.22
N GLY A 107 0.32 4.69 -15.07
CA GLY A 107 1.52 5.46 -15.31
C GLY A 107 1.55 5.86 -16.78
N SER A 108 0.86 6.95 -17.15
CA SER A 108 0.85 7.46 -18.53
C SER A 108 1.45 8.87 -18.57
N SER A 109 0.83 9.83 -17.87
CA SER A 109 1.33 11.20 -17.71
C SER A 109 0.58 11.93 -16.57
N LEU A 110 -0.75 11.82 -16.53
CA LEU A 110 -1.63 12.55 -15.62
C LEU A 110 -2.69 11.61 -15.07
N GLY A 111 -3.02 11.82 -13.78
CA GLY A 111 -3.89 10.98 -12.98
C GLY A 111 -3.16 10.63 -11.68
N ILE A 112 -3.77 9.74 -10.89
CA ILE A 112 -3.20 9.27 -9.65
C ILE A 112 -2.58 7.90 -9.94
N ASN A 113 -1.25 7.80 -9.81
CA ASN A 113 -0.51 6.59 -10.13
C ASN A 113 -0.93 5.45 -9.20
N PHE A 114 -1.54 4.41 -9.77
CA PHE A 114 -1.96 3.21 -9.07
C PHE A 114 -0.77 2.41 -8.55
N LEU A 115 0.30 2.24 -9.33
CA LEU A 115 1.49 1.48 -8.95
C LEU A 115 2.11 2.10 -7.69
N TYR A 116 2.17 3.44 -7.63
CA TYR A 116 2.62 4.18 -6.46
C TYR A 116 1.64 4.01 -5.30
N ALA A 117 0.34 4.21 -5.55
CA ALA A 117 -0.67 4.13 -4.50
C ALA A 117 -0.75 2.74 -3.89
N ALA A 118 -0.78 1.70 -4.72
CA ALA A 118 -0.75 0.33 -4.28
C ALA A 118 0.53 0.10 -3.48
N THR A 119 1.70 0.48 -4.00
CA THR A 119 2.97 0.36 -3.26
C THR A 119 2.88 1.03 -1.88
N HIS A 120 2.33 2.26 -1.83
CA HIS A 120 2.16 3.03 -0.61
C HIS A 120 1.30 2.23 0.39
N GLU A 121 0.12 1.82 -0.05
CA GLU A 121 -0.89 1.21 0.82
C GLU A 121 -0.45 -0.20 1.25
N LEU A 122 0.00 -1.01 0.28
CA LEU A 122 0.51 -2.35 0.50
C LEU A 122 1.73 -2.32 1.42
N GLY A 123 2.51 -1.24 1.42
CA GLY A 123 3.60 -1.06 2.35
C GLY A 123 3.13 -1.06 3.80
N HIS A 124 2.07 -0.29 4.06
CA HIS A 124 1.46 -0.30 5.38
C HIS A 124 0.89 -1.68 5.69
N SER A 125 0.23 -2.31 4.71
CA SER A 125 -0.26 -3.67 4.84
C SER A 125 0.84 -4.69 5.15
N LEU A 126 2.06 -4.46 4.65
CA LEU A 126 3.21 -5.32 4.88
C LEU A 126 3.60 -5.27 6.35
N GLY A 127 3.76 -4.06 6.92
CA GLY A 127 4.29 -3.90 8.27
C GLY A 127 4.52 -2.46 8.71
N MET A 128 3.72 -1.50 8.22
CA MET A 128 3.95 -0.04 8.35
C MET A 128 5.20 0.40 7.57
N GLY A 129 5.43 1.72 7.45
CA GLY A 129 6.54 2.25 6.67
C GLY A 129 6.35 3.71 6.25
N HIS A 130 5.89 4.59 7.15
CA HIS A 130 5.73 6.01 6.85
C HIS A 130 7.06 6.78 7.04
N SER A 131 7.11 8.02 6.54
CA SER A 131 8.24 8.95 6.64
C SER A 131 7.76 10.37 6.35
N SER A 132 8.70 11.32 6.32
CA SER A 132 8.48 12.75 6.08
C SER A 132 9.65 13.35 5.26
N ASP A 133 10.17 12.53 4.33
CA ASP A 133 11.30 12.88 3.44
C ASP A 133 10.76 13.60 2.20
N PRO A 134 11.54 14.49 1.53
CA PRO A 134 11.02 15.36 0.48
C PRO A 134 10.54 14.61 -0.76
N ASN A 135 11.05 13.38 -0.95
CA ASN A 135 10.73 12.50 -2.06
C ASN A 135 10.36 11.10 -1.52
N ALA A 136 9.85 11.02 -0.28
CA ALA A 136 9.45 9.74 0.32
C ALA A 136 8.36 9.08 -0.53
N VAL A 137 8.53 7.79 -0.83
CA VAL A 137 7.54 6.99 -1.55
C VAL A 137 6.25 6.81 -0.74
N MET A 138 6.31 6.94 0.60
CA MET A 138 5.17 6.95 1.47
C MET A 138 4.87 8.37 1.99
N TYR A 139 5.35 9.43 1.31
CA TYR A 139 5.11 10.81 1.77
C TYR A 139 3.60 11.11 1.90
N PRO A 140 3.15 11.72 3.00
CA PRO A 140 1.75 12.16 3.14
C PRO A 140 1.51 13.45 2.34
N THR A 141 0.46 13.43 1.49
CA THR A 141 0.07 14.48 0.55
C THR A 141 1.07 14.60 -0.61
N TYR A 142 0.60 14.30 -1.84
CA TYR A 142 1.40 14.37 -3.06
C TYR A 142 2.09 15.73 -3.27
N GLY A 143 3.26 15.72 -3.89
CA GLY A 143 4.10 16.89 -4.08
C GLY A 143 5.30 16.57 -4.99
N ASN A 144 6.51 16.84 -4.49
CA ASN A 144 7.77 16.59 -5.21
C ASN A 144 8.00 15.11 -5.55
N GLY A 145 7.61 14.19 -4.65
CA GLY A 145 7.81 12.76 -4.79
C GLY A 145 7.18 12.26 -6.09
N ASP A 146 8.00 12.10 -7.13
CA ASP A 146 7.54 11.78 -8.48
C ASP A 146 6.93 10.38 -8.47
N PRO A 147 5.62 10.23 -8.75
CA PRO A 147 5.02 8.92 -8.73
C PRO A 147 5.25 8.13 -10.01
N GLN A 148 5.65 8.75 -11.13
CA GLN A 148 5.78 8.06 -12.41
C GLN A 148 6.82 6.93 -12.27
N ASN A 149 7.88 7.22 -11.51
CA ASN A 149 8.95 6.29 -11.20
C ASN A 149 9.35 6.49 -9.73
N PHE A 150 9.25 5.41 -8.96
CA PHE A 150 9.56 5.39 -7.54
C PHE A 150 10.46 4.19 -7.28
N LYS A 151 10.02 2.97 -7.66
CA LYS A 151 10.73 1.70 -7.47
C LYS A 151 11.51 1.70 -6.14
N LEU A 152 10.76 2.00 -5.07
CA LEU A 152 11.21 2.05 -3.68
C LEU A 152 12.38 3.04 -3.52
N SER A 153 12.09 4.31 -3.21
CA SER A 153 13.07 5.41 -3.27
C SER A 153 14.20 5.31 -2.22
N GLN A 154 13.95 5.76 -0.98
CA GLN A 154 14.87 5.73 0.15
C GLN A 154 14.07 5.45 1.40
N ASP A 155 12.93 6.12 1.57
CA ASP A 155 11.94 5.84 2.60
C ASP A 155 11.58 4.35 2.65
N ASP A 156 11.22 3.74 1.51
CA ASP A 156 10.89 2.31 1.46
C ASP A 156 12.06 1.45 1.95
N ILE A 157 13.26 1.70 1.40
CA ILE A 157 14.47 0.97 1.74
C ILE A 157 14.76 1.16 3.22
N LYS A 158 14.65 2.39 3.71
CA LYS A 158 14.94 2.72 5.10
C LYS A 158 13.94 2.01 5.99
N GLY A 159 12.64 2.03 5.66
CA GLY A 159 11.61 1.29 6.36
C GLY A 159 11.92 -0.20 6.35
N ILE A 160 12.04 -0.81 5.17
CA ILE A 160 12.31 -2.24 5.06
C ILE A 160 13.59 -2.63 5.79
N GLN A 161 14.72 -1.94 5.60
CA GLN A 161 15.97 -2.26 6.28
C GLN A 161 15.94 -1.86 7.78
N LYS A 162 14.98 -1.03 8.23
CA LYS A 162 14.73 -0.74 9.65
C LYS A 162 13.92 -1.86 10.31
N LEU A 163 13.02 -2.52 9.56
CA LEU A 163 12.14 -3.59 10.03
C LEU A 163 12.81 -4.97 9.90
N TYR A 164 13.47 -5.25 8.77
CA TYR A 164 14.14 -6.52 8.43
C TYR A 164 15.66 -6.40 8.60
N GLY A 165 16.09 -5.46 9.44
CA GLY A 165 17.47 -5.15 9.76
C GLY A 165 17.49 -4.57 11.15
N LYS A 166 18.27 -3.51 11.39
CA LYS A 166 18.33 -2.84 12.69
C LYS A 166 18.82 -1.41 12.56
N ARG A 167 19.99 -1.23 11.94
CA ARG A 167 20.71 0.05 11.76
C ARG A 167 19.75 1.14 11.29
N SER A 168 19.90 2.34 11.87
CA SER A 168 19.09 3.51 11.55
C SER A 168 19.85 4.76 11.98
N ASN A 169 19.60 5.88 11.28
CA ASN A 169 20.03 7.20 11.72
C ASN A 169 18.99 7.78 12.68
N SER A 170 19.45 8.70 13.53
CA SER A 170 18.59 9.52 14.39
C SER A 170 18.15 10.76 13.61
N ARG A 171 16.85 11.07 13.65
CA ARG A 171 16.28 12.31 13.11
C ARG A 171 14.95 12.53 13.80
N LYS A 172 14.44 13.77 13.77
CA LYS A 172 13.08 14.08 14.16
C LYS A 172 12.59 15.18 13.23
N LYS A 173 11.37 15.01 12.73
CA LYS A 173 10.63 15.99 11.95
CA TYR A 1 9.77 2.29 11.00
C TYR A 1 9.27 3.40 11.95
N SER A 2 7.96 3.47 12.23
CA SER A 2 7.39 4.60 12.97
C SER A 2 7.21 4.21 14.42
N LEU A 3 6.27 3.28 14.71
CA LEU A 3 6.06 2.73 16.04
C LEU A 3 5.17 1.49 15.97
N PHE A 4 3.93 1.67 15.48
CA PHE A 4 2.81 0.71 15.46
C PHE A 4 2.99 -0.46 16.45
N PRO A 5 2.90 -0.23 17.77
CA PRO A 5 3.08 -1.24 18.79
C PRO A 5 1.80 -2.10 18.89
N ASN A 6 1.57 -2.88 17.83
CA ASN A 6 0.48 -3.82 17.66
C ASN A 6 1.09 -5.15 17.17
N SER A 7 1.41 -5.26 15.88
CA SER A 7 2.07 -6.42 15.29
C SER A 7 2.58 -6.10 13.87
N PRO A 8 3.48 -5.11 13.70
CA PRO A 8 4.03 -4.78 12.39
C PRO A 8 4.90 -5.94 11.91
N LYS A 9 4.71 -6.33 10.64
CA LYS A 9 5.39 -7.42 9.93
C LYS A 9 4.70 -8.74 10.27
N TRP A 10 4.01 -9.35 9.28
CA TRP A 10 3.31 -10.62 9.46
C TRP A 10 4.26 -11.71 9.96
N THR A 11 3.72 -12.64 10.77
CA THR A 11 4.48 -13.74 11.36
C THR A 11 4.75 -14.85 10.33
N SER A 12 3.88 -15.03 9.33
CA SER A 12 4.12 -15.89 8.18
C SER A 12 4.92 -15.13 7.12
N LYS A 13 5.83 -15.83 6.42
CA LYS A 13 6.54 -15.31 5.24
C LYS A 13 5.68 -15.42 3.96
N VAL A 14 4.54 -16.10 4.05
CA VAL A 14 3.55 -16.25 2.99
C VAL A 14 2.32 -15.52 3.51
N VAL A 15 1.88 -14.49 2.79
CA VAL A 15 0.78 -13.62 3.21
C VAL A 15 -0.29 -13.69 2.11
N THR A 16 -1.56 -13.67 2.48
CA THR A 16 -2.64 -13.83 1.51
C THR A 16 -3.19 -12.47 1.07
N TYR A 17 -3.75 -12.37 -0.14
CA TYR A 17 -4.45 -11.18 -0.62
C TYR A 17 -5.84 -11.54 -1.17
N ARG A 18 -6.78 -10.58 -1.18
CA ARG A 18 -8.11 -10.74 -1.81
C ARG A 18 -8.64 -9.37 -2.23
N ILE A 19 -8.77 -9.16 -3.53
CA ILE A 19 -9.25 -7.91 -4.09
C ILE A 19 -10.80 -8.01 -4.10
N VAL A 20 -11.45 -7.66 -2.97
CA VAL A 20 -12.89 -7.91 -2.71
C VAL A 20 -13.84 -7.09 -3.60
N SER A 21 -13.36 -5.90 -4.00
CA SER A 21 -13.95 -4.88 -4.83
C SER A 21 -12.79 -4.48 -5.75
N TYR A 22 -13.07 -3.85 -6.89
CA TYR A 22 -12.07 -3.43 -7.88
C TYR A 22 -12.42 -2.00 -8.33
N THR A 23 -11.45 -1.34 -8.97
CA THR A 23 -11.65 -0.05 -9.63
C THR A 23 -12.43 -0.21 -10.96
N ARG A 24 -12.57 0.91 -11.68
CA ARG A 24 -13.33 0.99 -12.93
C ARG A 24 -12.52 1.55 -14.08
N ASP A 25 -11.76 2.62 -13.84
CA ASP A 25 -10.93 3.30 -14.84
C ASP A 25 -9.93 2.32 -15.47
N LEU A 26 -9.46 1.34 -14.69
CA LEU A 26 -8.42 0.39 -15.06
C LEU A 26 -8.97 -1.04 -14.91
N PRO A 27 -8.59 -1.98 -15.79
CA PRO A 27 -9.14 -3.33 -15.76
C PRO A 27 -8.55 -4.16 -14.61
N HIS A 28 -9.34 -5.12 -14.15
CA HIS A 28 -9.04 -5.95 -12.97
C HIS A 28 -7.78 -6.79 -13.15
N ILE A 29 -7.55 -7.29 -14.37
CA ILE A 29 -6.34 -8.01 -14.75
C ILE A 29 -5.12 -7.11 -14.58
N THR A 30 -5.21 -5.85 -14.99
CA THR A 30 -4.15 -4.88 -14.83
C THR A 30 -4.00 -4.50 -13.35
N VAL A 31 -5.09 -4.36 -12.58
CA VAL A 31 -4.99 -4.13 -11.14
C VAL A 31 -4.25 -5.28 -10.44
N ASP A 32 -4.57 -6.54 -10.76
CA ASP A 32 -3.88 -7.69 -10.17
C ASP A 32 -2.43 -7.77 -10.67
N ARG A 33 -2.17 -7.52 -11.97
CA ARG A 33 -0.81 -7.54 -12.52
C ARG A 33 0.06 -6.42 -11.98
N LEU A 34 -0.49 -5.20 -11.86
CA LEU A 34 0.22 -4.08 -11.28
C LEU A 34 0.49 -4.39 -9.81
N VAL A 35 -0.46 -4.99 -9.07
CA VAL A 35 -0.21 -5.43 -7.70
C VAL A 35 0.90 -6.47 -7.66
N SER A 36 0.91 -7.46 -8.56
CA SER A 36 1.98 -8.44 -8.63
C SER A 36 3.34 -7.78 -8.86
N LYS A 37 3.49 -6.87 -9.84
CA LYS A 37 4.79 -6.19 -10.02
C LYS A 37 5.13 -5.26 -8.84
N ALA A 38 4.15 -4.59 -8.22
CA ALA A 38 4.39 -3.72 -7.06
C ALA A 38 4.78 -4.52 -5.81
N LEU A 39 4.14 -5.65 -5.56
CA LEU A 39 4.51 -6.55 -4.47
C LEU A 39 5.82 -7.28 -4.77
N ASN A 40 6.10 -7.59 -6.05
CA ASN A 40 7.42 -8.06 -6.46
C ASN A 40 8.47 -6.99 -6.14
N MET A 41 8.19 -5.73 -6.49
CA MET A 41 9.00 -4.58 -6.12
C MET A 41 9.21 -4.47 -4.60
N TRP A 42 8.23 -4.81 -3.74
CA TRP A 42 8.46 -4.89 -2.29
C TRP A 42 9.30 -6.13 -1.90
N GLY A 43 8.98 -7.30 -2.47
CA GLY A 43 9.70 -8.54 -2.24
C GLY A 43 11.12 -8.55 -2.84
N LYS A 44 11.48 -7.53 -3.62
CA LYS A 44 12.79 -7.39 -4.23
C LYS A 44 13.88 -7.09 -3.19
N GLU A 45 13.48 -6.71 -1.97
CA GLU A 45 14.38 -6.42 -0.86
C GLU A 45 14.18 -7.43 0.29
N ILE A 46 12.96 -7.98 0.47
CA ILE A 46 12.63 -8.94 1.52
C ILE A 46 12.05 -10.24 0.93
N PRO A 47 12.51 -11.44 1.34
CA PRO A 47 12.09 -12.73 0.79
C PRO A 47 10.66 -13.16 1.22
N LEU A 48 9.75 -12.20 1.38
CA LEU A 48 8.35 -12.41 1.69
C LEU A 48 7.61 -12.74 0.37
N HIS A 49 6.72 -13.73 0.42
CA HIS A 49 5.98 -14.23 -0.74
C HIS A 49 4.48 -14.07 -0.48
N PHE A 50 3.64 -14.07 -1.53
CA PHE A 50 2.23 -13.74 -1.38
C PHE A 50 1.39 -14.68 -2.26
N ARG A 51 0.15 -14.96 -1.82
CA ARG A 51 -0.78 -15.85 -2.53
C ARG A 51 -2.23 -15.39 -2.32
N LYS A 52 -3.18 -16.11 -2.92
CA LYS A 52 -4.60 -15.77 -2.88
C LYS A 52 -5.37 -16.92 -2.22
N VAL A 53 -6.58 -16.65 -1.75
CA VAL A 53 -7.46 -17.58 -1.05
C VAL A 53 -8.77 -17.70 -1.83
N VAL A 54 -9.51 -18.79 -1.59
CA VAL A 54 -10.70 -19.17 -2.34
C VAL A 54 -11.83 -19.59 -1.39
N TRP A 55 -11.84 -19.01 -0.17
CA TRP A 55 -12.74 -19.39 0.91
C TRP A 55 -13.45 -18.17 1.47
N GLY A 56 -12.68 -17.15 1.88
CA GLY A 56 -13.18 -15.94 2.52
C GLY A 56 -12.24 -14.76 2.24
N THR A 57 -11.96 -13.97 3.27
CA THR A 57 -11.05 -12.83 3.21
C THR A 57 -9.59 -13.30 3.38
N ALA A 58 -8.65 -12.37 3.29
CA ALA A 58 -7.21 -12.61 3.30
C ALA A 58 -6.51 -11.60 4.21
N ASP A 59 -5.20 -11.80 4.41
CA ASP A 59 -4.39 -10.92 5.21
C ASP A 59 -4.39 -9.50 4.61
N ILE A 60 -4.32 -9.40 3.26
CA ILE A 60 -4.26 -8.16 2.47
C ILE A 60 -5.51 -8.10 1.57
N MET A 61 -6.66 -7.77 2.16
CA MET A 61 -7.86 -7.40 1.43
C MET A 61 -7.65 -6.02 0.81
N ILE A 62 -7.92 -5.91 -0.49
CA ILE A 62 -7.84 -4.67 -1.25
C ILE A 62 -9.26 -4.41 -1.73
N GLY A 63 -9.78 -3.20 -1.52
CA GLY A 63 -11.12 -2.84 -1.95
C GLY A 63 -11.19 -1.37 -2.36
N PHE A 64 -12.32 -0.98 -2.95
CA PHE A 64 -12.51 0.35 -3.52
C PHE A 64 -13.96 0.74 -3.29
N ALA A 65 -14.19 2.06 -3.18
CA ALA A 65 -15.49 2.64 -2.88
C ALA A 65 -15.58 4.04 -3.48
N ARG A 66 -16.79 4.64 -3.45
CA ARG A 66 -17.08 5.90 -4.10
C ARG A 66 -17.76 6.88 -3.13
N GLY A 67 -17.08 7.16 -2.01
CA GLY A 67 -17.50 8.12 -1.01
C GLY A 67 -17.59 7.49 0.38
N ALA A 68 -18.20 6.31 0.50
CA ALA A 68 -18.30 5.57 1.76
C ALA A 68 -18.44 4.09 1.47
N HIS A 69 -18.06 3.26 2.46
CA HIS A 69 -18.02 1.80 2.39
C HIS A 69 -18.20 1.25 3.79
N GLY A 70 -18.52 -0.04 3.90
CA GLY A 70 -18.60 -0.75 5.17
C GLY A 70 -17.24 -1.29 5.55
N ASP A 71 -16.42 -0.47 6.21
CA ASP A 71 -15.09 -0.85 6.68
C ASP A 71 -14.90 -0.44 8.15
N SER A 72 -15.10 0.84 8.47
CA SER A 72 -14.73 1.55 9.71
C SER A 72 -14.65 3.06 9.45
N TYR A 73 -14.14 3.51 8.29
CA TYR A 73 -13.87 4.93 8.03
C TYR A 73 -14.48 5.35 6.69
N PRO A 74 -15.54 6.18 6.70
CA PRO A 74 -16.08 6.74 5.48
C PRO A 74 -15.02 7.63 4.84
N PHE A 75 -14.85 7.41 3.52
CA PHE A 75 -14.04 8.21 2.63
C PHE A 75 -14.69 9.58 2.40
N ASP A 76 -14.14 10.32 1.44
CA ASP A 76 -14.39 11.72 1.15
C ASP A 76 -14.96 11.88 -0.28
N GLY A 77 -14.52 11.04 -1.23
CA GLY A 77 -14.86 11.15 -2.64
C GLY A 77 -13.75 11.92 -3.40
N PRO A 78 -14.09 12.71 -4.43
CA PRO A 78 -13.10 13.35 -5.29
C PRO A 78 -12.47 14.59 -4.63
N GLY A 79 -11.17 14.49 -4.29
CA GLY A 79 -10.34 15.48 -3.60
C GLY A 79 -9.94 14.95 -2.22
N ASN A 80 -8.88 15.49 -1.59
CA ASN A 80 -8.39 15.11 -0.24
C ASN A 80 -7.74 13.71 -0.22
N THR A 81 -7.88 12.89 0.85
CA THR A 81 -7.33 11.54 1.00
C THR A 81 -7.66 10.67 -0.25
N LEU A 82 -6.75 9.85 -0.78
CA LEU A 82 -6.97 9.07 -2.01
C LEU A 82 -7.14 7.57 -1.73
N ALA A 83 -6.53 7.07 -0.65
CA ALA A 83 -6.60 5.68 -0.23
C ALA A 83 -6.22 5.61 1.24
N HIS A 84 -6.51 4.50 1.91
CA HIS A 84 -6.03 4.25 3.26
C HIS A 84 -5.77 2.77 3.45
N ALA A 85 -4.99 2.44 4.48
CA ALA A 85 -4.62 1.08 4.86
C ALA A 85 -4.52 1.00 6.38
N PHE A 86 -4.57 -0.24 6.88
CA PHE A 86 -4.51 -0.53 8.31
C PHE A 86 -3.22 -1.30 8.58
N ALA A 87 -2.65 -1.16 9.78
CA ALA A 87 -1.47 -1.93 10.19
C ALA A 87 -1.81 -3.42 10.24
N PRO A 88 -0.85 -4.33 9.98
CA PRO A 88 -1.11 -5.77 10.02
C PRO A 88 -1.37 -6.22 11.47
N GLY A 89 -1.99 -7.40 11.59
CA GLY A 89 -2.21 -8.05 12.87
C GLY A 89 -3.50 -8.84 12.86
N THR A 90 -4.61 -8.14 13.12
CA THR A 90 -5.96 -8.68 13.23
C THR A 90 -6.56 -8.97 11.85
N GLY A 91 -7.81 -9.44 11.81
CA GLY A 91 -8.52 -9.74 10.57
C GLY A 91 -8.61 -8.56 9.62
N LEU A 92 -9.08 -7.39 10.09
CA LEU A 92 -9.09 -6.13 9.32
C LEU A 92 -7.66 -5.56 9.18
N GLY A 93 -6.72 -5.97 10.05
CA GLY A 93 -5.34 -5.53 9.93
C GLY A 93 -4.80 -5.79 8.53
N GLY A 94 -3.88 -4.93 8.10
CA GLY A 94 -3.30 -4.90 6.78
C GLY A 94 -4.18 -4.29 5.70
N ASP A 95 -5.49 -4.45 5.82
CA ASP A 95 -6.39 -4.28 4.67
C ASP A 95 -6.42 -2.82 4.25
N ALA A 96 -6.77 -2.59 2.98
CA ALA A 96 -6.63 -1.27 2.37
C ALA A 96 -7.76 -0.98 1.41
N HIS A 97 -8.17 0.29 1.38
CA HIS A 97 -9.26 0.76 0.56
C HIS A 97 -8.83 1.99 -0.21
N PHE A 98 -9.51 2.27 -1.32
CA PHE A 98 -9.15 3.28 -2.30
C PHE A 98 -10.44 4.00 -2.75
N ASP A 99 -10.34 5.30 -3.05
CA ASP A 99 -11.44 6.05 -3.64
C ASP A 99 -11.52 5.75 -5.14
N GLU A 100 -12.34 4.78 -5.55
CA GLU A 100 -12.66 4.49 -6.96
C GLU A 100 -13.16 5.74 -7.67
N ASP A 101 -13.77 6.67 -6.94
CA ASP A 101 -14.29 7.90 -7.51
C ASP A 101 -13.16 8.80 -8.04
N GLU A 102 -12.00 8.78 -7.38
CA GLU A 102 -10.82 9.51 -7.84
C GLU A 102 -10.28 8.76 -9.07
N ARG A 103 -9.85 9.48 -10.10
CA ARG A 103 -9.30 8.87 -11.31
C ARG A 103 -8.03 8.11 -10.96
N TRP A 104 -7.90 6.89 -11.47
CA TRP A 104 -6.72 6.04 -11.26
C TRP A 104 -6.06 5.75 -12.60
N THR A 105 -4.73 5.69 -12.64
CA THR A 105 -3.97 5.35 -13.84
C THR A 105 -2.80 4.43 -13.50
N ASP A 106 -2.38 3.59 -14.46
CA ASP A 106 -1.26 2.66 -14.28
C ASP A 106 0.05 3.45 -14.16
N GLY A 107 0.16 4.52 -14.96
CA GLY A 107 1.32 5.39 -15.04
C GLY A 107 1.12 6.34 -16.22
N SER A 108 0.74 7.60 -15.90
CA SER A 108 0.50 8.70 -16.83
C SER A 108 0.57 10.02 -16.05
N SER A 109 0.57 11.15 -16.77
CA SER A 109 0.57 12.52 -16.21
C SER A 109 -0.75 12.93 -15.54
N LEU A 110 -1.89 12.44 -16.04
CA LEU A 110 -3.21 12.78 -15.49
C LEU A 110 -3.83 11.52 -14.88
N GLY A 111 -4.66 11.74 -13.85
CA GLY A 111 -5.18 10.68 -13.01
C GLY A 111 -4.15 10.32 -11.94
N ILE A 112 -4.63 9.81 -10.81
CA ILE A 112 -3.76 9.45 -9.70
C ILE A 112 -3.13 8.11 -10.06
N ASN A 113 -1.81 8.01 -9.92
CA ASN A 113 -1.08 6.78 -10.20
C ASN A 113 -1.50 5.71 -9.18
N PHE A 114 -2.25 4.71 -9.66
CA PHE A 114 -2.71 3.56 -8.90
C PHE A 114 -1.50 2.86 -8.29
N LEU A 115 -0.42 2.68 -9.05
CA LEU A 115 0.73 1.90 -8.61
C LEU A 115 1.50 2.60 -7.49
N TYR A 116 1.61 3.92 -7.59
CA TYR A 116 2.24 4.75 -6.57
C TYR A 116 1.42 4.66 -5.27
N ALA A 117 0.09 4.76 -5.40
CA ALA A 117 -0.81 4.59 -4.28
C ALA A 117 -0.73 3.17 -3.71
N ALA A 118 -0.82 2.15 -4.55
CA ALA A 118 -0.79 0.76 -4.13
C ALA A 118 0.52 0.49 -3.39
N THR A 119 1.68 0.84 -3.96
CA THR A 119 2.96 0.60 -3.30
C THR A 119 3.04 1.35 -1.94
N HIS A 120 2.42 2.54 -1.80
CA HIS A 120 2.28 3.23 -0.52
C HIS A 120 1.41 2.39 0.43
N GLU A 121 0.17 2.09 0.05
CA GLU A 121 -0.81 1.45 0.93
C GLU A 121 -0.37 0.03 1.32
N LEU A 122 0.14 -0.72 0.35
CA LEU A 122 0.68 -2.07 0.53
C LEU A 122 1.90 -2.04 1.46
N GLY A 123 2.65 -0.94 1.52
CA GLY A 123 3.71 -0.76 2.49
C GLY A 123 3.19 -0.85 3.91
N HIS A 124 2.13 -0.10 4.24
CA HIS A 124 1.48 -0.20 5.55
C HIS A 124 0.98 -1.61 5.79
N SER A 125 0.37 -2.20 4.78
CA SER A 125 -0.07 -3.57 4.79
C SER A 125 1.02 -4.57 5.16
N LEU A 126 2.25 -4.35 4.70
CA LEU A 126 3.41 -5.16 5.04
C LEU A 126 3.74 -5.03 6.54
N GLY A 127 3.74 -3.81 7.07
CA GLY A 127 4.07 -3.54 8.47
C GLY A 127 4.73 -2.18 8.71
N MET A 128 4.23 -1.10 8.09
CA MET A 128 4.86 0.23 8.16
C MET A 128 3.88 1.24 8.71
N GLY A 129 4.40 2.28 9.39
CA GLY A 129 3.58 3.33 9.97
C GLY A 129 3.50 4.58 9.10
N HIS A 130 4.63 5.02 8.54
CA HIS A 130 4.86 6.23 7.74
C HIS A 130 6.36 6.53 7.65
N SER A 131 6.70 7.61 6.94
CA SER A 131 8.05 8.10 6.70
C SER A 131 8.03 9.64 6.59
N SER A 132 9.20 10.27 6.40
CA SER A 132 9.34 11.72 6.24
C SER A 132 10.49 12.03 5.27
N ASP A 133 10.23 11.97 3.95
CA ASP A 133 11.23 12.11 2.90
C ASP A 133 10.57 12.79 1.69
N PRO A 134 11.26 13.64 0.90
CA PRO A 134 10.59 14.42 -0.15
C PRO A 134 10.04 13.52 -1.26
N ASN A 135 10.72 12.40 -1.52
CA ASN A 135 10.41 11.47 -2.61
C ASN A 135 10.04 10.11 -2.00
N ALA A 136 9.57 10.11 -0.74
CA ALA A 136 9.13 8.91 -0.04
C ALA A 136 7.93 8.32 -0.74
N VAL A 137 7.91 6.99 -0.91
CA VAL A 137 6.68 6.36 -1.37
C VAL A 137 5.63 6.43 -0.26
N MET A 138 6.01 6.40 1.04
CA MET A 138 5.06 6.56 2.14
C MET A 138 4.72 8.04 2.43
N TYR A 139 5.14 9.01 1.61
CA TYR A 139 4.87 10.41 1.93
C TYR A 139 3.37 10.73 1.80
N PRO A 140 2.80 11.62 2.64
CA PRO A 140 1.46 12.12 2.43
C PRO A 140 1.40 13.10 1.26
N THR A 141 0.18 13.40 0.80
CA THR A 141 -0.13 14.25 -0.36
C THR A 141 0.36 13.62 -1.68
N TYR A 142 1.68 13.51 -1.87
CA TYR A 142 2.35 12.95 -3.04
C TYR A 142 3.86 13.04 -2.77
N GLY A 143 4.65 12.26 -3.52
CA GLY A 143 6.10 12.30 -3.48
C GLY A 143 6.61 13.23 -4.57
N ASN A 144 7.59 14.07 -4.24
CA ASN A 144 8.13 15.11 -5.13
C ASN A 144 8.99 14.52 -6.26
N GLY A 145 9.40 13.26 -6.11
CA GLY A 145 10.26 12.55 -7.04
C GLY A 145 9.56 12.40 -8.38
N ASP A 146 8.63 11.43 -8.45
CA ASP A 146 7.78 11.18 -9.59
C ASP A 146 6.77 10.07 -9.23
N PRO A 147 5.51 10.10 -9.72
CA PRO A 147 4.57 9.00 -9.49
C PRO A 147 4.78 7.78 -10.39
N GLN A 148 5.41 7.90 -11.57
CA GLN A 148 5.66 6.77 -12.50
C GLN A 148 7.12 6.32 -12.41
N ASN A 149 8.07 7.26 -12.28
CA ASN A 149 9.49 7.00 -12.15
C ASN A 149 9.85 6.78 -10.68
N PHE A 150 9.40 5.65 -10.12
CA PHE A 150 9.65 5.28 -8.73
C PHE A 150 9.89 3.78 -8.61
N LYS A 151 10.69 3.41 -7.60
CA LYS A 151 11.10 2.03 -7.32
C LYS A 151 11.85 1.96 -6.00
N LEU A 152 11.15 2.31 -4.90
CA LEU A 152 11.63 2.22 -3.52
C LEU A 152 12.85 3.13 -3.29
N SER A 153 12.61 4.40 -2.94
CA SER A 153 13.63 5.45 -2.86
C SER A 153 14.59 5.29 -1.66
N GLN A 154 14.33 5.99 -0.55
CA GLN A 154 15.16 5.97 0.65
C GLN A 154 14.28 5.55 1.81
N ASP A 155 13.15 6.21 2.02
CA ASP A 155 12.20 5.88 3.08
C ASP A 155 11.82 4.40 3.11
N ASP A 156 11.64 3.84 1.92
CA ASP A 156 11.18 2.48 1.72
C ASP A 156 12.23 1.48 2.17
N ILE A 157 13.45 1.59 1.62
CA ILE A 157 14.59 0.79 2.03
C ILE A 157 14.88 1.07 3.50
N LYS A 158 14.79 2.33 3.97
CA LYS A 158 14.98 2.69 5.38
C LYS A 158 14.00 1.91 6.25
N GLY A 159 12.72 1.85 5.87
CA GLY A 159 11.71 1.05 6.55
C GLY A 159 12.09 -0.42 6.54
N ILE A 160 12.33 -0.99 5.36
CA ILE A 160 12.60 -2.41 5.19
C ILE A 160 13.89 -2.84 5.90
N GLN A 161 15.00 -2.12 5.68
CA GLN A 161 16.30 -2.40 6.29
C GLN A 161 16.29 -2.13 7.80
N LYS A 162 15.31 -1.38 8.32
CA LYS A 162 15.12 -1.20 9.75
C LYS A 162 14.33 -2.38 10.32
N LEU A 163 13.27 -2.83 9.63
CA LEU A 163 12.40 -3.93 10.04
C LEU A 163 13.14 -5.27 9.97
N TYR A 164 13.80 -5.54 8.83
CA TYR A 164 14.48 -6.81 8.54
C TYR A 164 15.97 -6.72 8.83
N GLY A 165 16.44 -5.59 9.37
CA GLY A 165 17.85 -5.27 9.53
C GLY A 165 18.62 -6.28 10.36
N LYS A 166 18.04 -6.71 11.49
CA LYS A 166 18.64 -7.70 12.38
C LYS A 166 17.60 -8.51 13.14
N ARG A 167 16.58 -7.85 13.71
CA ARG A 167 15.50 -8.50 14.41
C ARG A 167 14.27 -7.60 14.27
N SER A 168 13.15 -8.18 13.83
CA SER A 168 11.87 -7.50 13.90
C SER A 168 11.27 -7.77 15.28
N ASN A 169 10.32 -6.92 15.68
CA ASN A 169 9.54 -7.13 16.89
C ASN A 169 8.62 -8.35 16.76
N SER A 170 8.11 -8.82 17.90
CA SER A 170 7.23 -10.00 18.00
C SER A 170 8.03 -11.29 17.73
N ARG A 171 7.34 -12.42 17.54
CA ARG A 171 8.00 -13.65 17.11
C ARG A 171 8.56 -13.45 15.70
N LYS A 172 9.86 -13.73 15.55
CA LYS A 172 10.58 -13.82 14.27
C LYS A 172 10.25 -15.15 13.56
N LYS A 173 10.67 -15.26 12.28
CA LYS A 173 10.64 -16.44 11.40
CA TYR A 1 11.19 1.27 13.20
C TYR A 1 10.38 1.93 12.08
N SER A 2 9.49 2.85 12.45
CA SER A 2 8.61 3.57 11.56
C SER A 2 8.14 4.76 12.41
N LEU A 3 7.19 4.55 13.32
CA LEU A 3 6.62 5.58 14.18
C LEU A 3 5.90 4.93 15.39
N PHE A 4 6.67 4.37 16.34
CA PHE A 4 6.17 3.62 17.51
C PHE A 4 4.93 2.74 17.22
N PRO A 5 5.03 1.81 16.24
CA PRO A 5 3.90 0.97 15.82
C PRO A 5 3.60 -0.14 16.86
N ASN A 6 2.54 -0.91 16.63
CA ASN A 6 2.03 -1.89 17.59
C ASN A 6 2.88 -3.17 17.58
N SER A 7 2.76 -3.95 16.50
CA SER A 7 3.55 -5.16 16.23
C SER A 7 3.44 -5.43 14.72
N PRO A 8 4.04 -4.57 13.87
CA PRO A 8 4.01 -4.81 12.44
C PRO A 8 4.86 -6.02 12.08
N LYS A 9 4.71 -6.50 10.83
CA LYS A 9 5.43 -7.60 10.19
C LYS A 9 4.75 -8.92 10.58
N TRP A 10 4.20 -9.63 9.59
CA TRP A 10 3.56 -10.92 9.79
C TRP A 10 4.57 -11.98 10.25
N THR A 11 4.05 -13.08 10.79
CA THR A 11 4.84 -14.20 11.30
C THR A 11 5.10 -15.26 10.21
N SER A 12 4.27 -15.33 9.17
CA SER A 12 4.44 -16.23 8.05
C SER A 12 5.24 -15.53 6.93
N LYS A 13 6.02 -16.32 6.17
CA LYS A 13 6.71 -15.83 4.97
C LYS A 13 5.79 -15.73 3.76
N VAL A 14 4.54 -16.17 3.88
CA VAL A 14 3.53 -16.08 2.84
C VAL A 14 2.32 -15.38 3.45
N VAL A 15 1.73 -14.49 2.66
CA VAL A 15 0.61 -13.66 3.06
C VAL A 15 -0.49 -13.86 2.03
N THR A 16 -1.74 -13.77 2.47
CA THR A 16 -2.88 -13.95 1.59
C THR A 16 -3.38 -12.56 1.15
N TYR A 17 -3.77 -12.41 -0.12
CA TYR A 17 -4.41 -11.19 -0.62
C TYR A 17 -5.72 -11.51 -1.33
N ARG A 18 -6.59 -10.51 -1.46
CA ARG A 18 -7.84 -10.57 -2.22
C ARG A 18 -8.18 -9.16 -2.69
N ILE A 19 -9.03 -9.06 -3.71
CA ILE A 19 -9.46 -7.81 -4.30
C ILE A 19 -11.00 -7.90 -4.31
N VAL A 20 -11.66 -7.36 -3.28
CA VAL A 20 -13.11 -7.54 -3.04
C VAL A 20 -13.96 -6.71 -3.99
N SER A 21 -13.54 -5.48 -4.25
CA SER A 21 -14.16 -4.55 -5.16
C SER A 21 -13.06 -4.17 -6.15
N TYR A 22 -13.47 -3.78 -7.35
CA TYR A 22 -12.57 -3.58 -8.47
C TYR A 22 -12.97 -2.28 -9.17
N THR A 23 -11.93 -1.58 -9.63
CA THR A 23 -12.03 -0.28 -10.28
C THR A 23 -12.64 -0.43 -11.67
N ARG A 24 -12.99 0.72 -12.28
CA ARG A 24 -13.64 0.77 -13.58
C ARG A 24 -12.83 1.55 -14.62
N ASP A 25 -11.96 2.48 -14.19
CA ASP A 25 -11.15 3.28 -15.10
C ASP A 25 -10.13 2.41 -15.86
N LEU A 26 -9.62 1.38 -15.16
CA LEU A 26 -8.62 0.43 -15.64
C LEU A 26 -9.03 -0.99 -15.26
N PRO A 27 -8.59 -2.02 -15.99
CA PRO A 27 -9.10 -3.37 -15.82
C PRO A 27 -8.52 -4.08 -14.59
N HIS A 28 -9.21 -5.13 -14.16
CA HIS A 28 -8.89 -5.90 -12.97
C HIS A 28 -7.57 -6.67 -13.15
N ILE A 29 -7.30 -7.15 -14.37
CA ILE A 29 -6.07 -7.82 -14.73
C ILE A 29 -4.88 -6.85 -14.62
N THR A 30 -5.08 -5.57 -14.96
CA THR A 30 -4.10 -4.52 -14.75
C THR A 30 -3.89 -4.36 -13.25
N VAL A 31 -4.95 -4.20 -12.44
CA VAL A 31 -4.78 -4.10 -10.98
C VAL A 31 -3.98 -5.30 -10.45
N ASP A 32 -4.34 -6.54 -10.81
CA ASP A 32 -3.68 -7.73 -10.28
C ASP A 32 -2.22 -7.82 -10.77
N ARG A 33 -1.91 -7.47 -12.03
CA ARG A 33 -0.52 -7.38 -12.51
C ARG A 33 0.26 -6.28 -11.82
N LEU A 34 -0.36 -5.10 -11.63
CA LEU A 34 0.26 -3.97 -10.97
C LEU A 34 0.52 -4.31 -9.50
N VAL A 35 -0.43 -4.94 -8.80
CA VAL A 35 -0.24 -5.43 -7.45
C VAL A 35 0.84 -6.51 -7.43
N SER A 36 0.84 -7.47 -8.36
CA SER A 36 1.88 -8.50 -8.42
C SER A 36 3.26 -7.90 -8.63
N LYS A 37 3.44 -6.94 -9.55
CA LYS A 37 4.74 -6.30 -9.73
C LYS A 37 5.09 -5.39 -8.54
N ALA A 38 4.12 -4.67 -7.95
CA ALA A 38 4.33 -3.80 -6.80
C ALA A 38 4.73 -4.59 -5.56
N LEU A 39 4.04 -5.71 -5.31
CA LEU A 39 4.40 -6.61 -4.23
C LEU A 39 5.71 -7.33 -4.54
N ASN A 40 6.01 -7.64 -5.81
CA ASN A 40 7.34 -8.06 -6.20
C ASN A 40 8.37 -6.99 -5.86
N MET A 41 8.10 -5.71 -6.08
CA MET A 41 9.02 -4.64 -5.74
C MET A 41 9.22 -4.54 -4.22
N TRP A 42 8.22 -4.83 -3.38
CA TRP A 42 8.42 -4.95 -1.94
C TRP A 42 9.22 -6.23 -1.60
N GLY A 43 8.87 -7.36 -2.22
CA GLY A 43 9.54 -8.65 -2.01
C GLY A 43 10.93 -8.74 -2.67
N LYS A 44 11.31 -7.75 -3.47
CA LYS A 44 12.64 -7.67 -4.07
C LYS A 44 13.71 -7.45 -3.00
N GLU A 45 13.34 -6.89 -1.84
CA GLU A 45 14.26 -6.71 -0.74
C GLU A 45 14.10 -7.83 0.30
N ILE A 46 12.87 -8.23 0.62
CA ILE A 46 12.57 -9.17 1.70
C ILE A 46 11.93 -10.45 1.14
N PRO A 47 12.29 -11.65 1.63
CA PRO A 47 11.81 -12.93 1.08
C PRO A 47 10.34 -13.27 1.41
N LEU A 48 9.48 -12.24 1.45
CA LEU A 48 8.06 -12.34 1.73
C LEU A 48 7.34 -12.51 0.39
N HIS A 49 6.44 -13.49 0.31
CA HIS A 49 5.68 -13.81 -0.90
C HIS A 49 4.18 -13.73 -0.59
N PHE A 50 3.34 -13.71 -1.61
CA PHE A 50 1.91 -13.44 -1.43
C PHE A 50 1.13 -14.31 -2.40
N ARG A 51 -0.05 -14.78 -1.99
CA ARG A 51 -0.89 -15.69 -2.76
C ARG A 51 -2.36 -15.32 -2.55
N LYS A 52 -3.23 -15.85 -3.41
CA LYS A 52 -4.65 -15.53 -3.38
C LYS A 52 -5.40 -16.75 -2.85
N VAL A 53 -6.41 -16.52 -2.02
CA VAL A 53 -7.22 -17.60 -1.46
C VAL A 53 -8.41 -17.90 -2.37
N VAL A 54 -8.98 -19.09 -2.18
CA VAL A 54 -10.16 -19.56 -2.89
C VAL A 54 -11.36 -19.71 -1.95
N TRP A 55 -11.13 -19.71 -0.62
CA TRP A 55 -12.17 -19.79 0.39
C TRP A 55 -12.93 -18.45 0.45
N GLY A 56 -12.21 -17.36 0.74
CA GLY A 56 -12.78 -16.02 0.84
C GLY A 56 -12.13 -15.26 2.00
N THR A 57 -11.98 -13.94 1.83
CA THR A 57 -11.26 -13.01 2.72
C THR A 57 -9.78 -13.37 2.89
N ALA A 58 -8.91 -12.37 2.99
CA ALA A 58 -7.48 -12.57 3.06
C ALA A 58 -6.84 -11.56 4.01
N ASP A 59 -5.56 -11.75 4.31
CA ASP A 59 -4.79 -10.86 5.17
C ASP A 59 -4.81 -9.46 4.53
N ILE A 60 -4.51 -9.36 3.23
CA ILE A 60 -4.49 -8.12 2.44
C ILE A 60 -5.78 -8.06 1.61
N MET A 61 -6.87 -7.54 2.17
CA MET A 61 -8.07 -7.24 1.39
C MET A 61 -7.90 -5.86 0.75
N ILE A 62 -7.77 -5.82 -0.58
CA ILE A 62 -7.80 -4.58 -1.34
C ILE A 62 -9.26 -4.38 -1.78
N GLY A 63 -9.83 -3.19 -1.62
CA GLY A 63 -11.20 -2.92 -2.03
C GLY A 63 -11.45 -1.44 -2.28
N PHE A 64 -12.42 -1.10 -3.12
CA PHE A 64 -12.61 0.29 -3.54
C PHE A 64 -14.07 0.71 -3.35
N ALA A 65 -14.28 2.01 -3.15
CA ALA A 65 -15.58 2.61 -2.89
C ALA A 65 -15.73 3.90 -3.70
N ARG A 66 -16.87 4.58 -3.61
CA ARG A 66 -17.13 5.85 -4.29
C ARG A 66 -17.73 6.81 -3.27
N GLY A 67 -16.92 7.19 -2.29
CA GLY A 67 -17.33 8.08 -1.20
C GLY A 67 -17.32 7.39 0.17
N ALA A 68 -17.78 6.13 0.26
CA ALA A 68 -17.73 5.35 1.48
C ALA A 68 -18.07 3.88 1.21
N HIS A 69 -17.73 3.05 2.18
CA HIS A 69 -17.94 1.60 2.22
C HIS A 69 -18.54 1.29 3.60
N GLY A 70 -17.79 0.64 4.48
CA GLY A 70 -18.28 0.17 5.76
C GLY A 70 -17.22 -0.69 6.41
N ASP A 71 -16.14 -0.06 6.87
CA ASP A 71 -15.12 -0.67 7.72
C ASP A 71 -15.17 -0.03 9.12
N SER A 72 -15.03 1.31 9.17
CA SER A 72 -14.83 2.11 10.38
C SER A 72 -14.65 3.58 9.98
N TYR A 73 -13.93 3.86 8.87
CA TYR A 73 -13.67 5.23 8.44
C TYR A 73 -14.23 5.44 7.03
N PRO A 74 -15.39 6.09 6.86
CA PRO A 74 -15.86 6.45 5.52
C PRO A 74 -14.89 7.46 4.89
N PHE A 75 -14.69 7.33 3.57
CA PHE A 75 -13.99 8.31 2.75
C PHE A 75 -14.81 9.61 2.62
N ASP A 76 -14.37 10.45 1.69
CA ASP A 76 -14.83 11.80 1.36
C ASP A 76 -15.34 11.86 -0.09
N GLY A 77 -14.79 11.07 -1.03
CA GLY A 77 -15.12 11.16 -2.45
C GLY A 77 -13.94 11.71 -3.27
N PRO A 78 -14.19 12.38 -4.42
CA PRO A 78 -13.17 12.78 -5.40
C PRO A 78 -12.27 13.97 -4.96
N GLY A 79 -11.51 13.78 -3.87
CA GLY A 79 -10.64 14.78 -3.25
C GLY A 79 -9.85 14.23 -2.05
N ASN A 80 -9.42 15.12 -1.14
CA ASN A 80 -8.80 14.87 0.18
C ASN A 80 -7.98 13.55 0.25
N THR A 81 -8.19 12.71 1.27
CA THR A 81 -7.64 11.36 1.41
C THR A 81 -8.10 10.46 0.25
N LEU A 82 -7.16 9.93 -0.54
CA LEU A 82 -7.43 9.10 -1.72
C LEU A 82 -7.62 7.62 -1.38
N ALA A 83 -6.91 7.12 -0.38
CA ALA A 83 -6.91 5.72 0.02
C ALA A 83 -6.45 5.62 1.47
N HIS A 84 -6.74 4.50 2.14
CA HIS A 84 -6.23 4.25 3.49
C HIS A 84 -6.05 2.76 3.70
N ALA A 85 -5.10 2.40 4.57
CA ALA A 85 -4.79 1.01 4.87
C ALA A 85 -4.47 0.87 6.35
N PHE A 86 -4.61 -0.35 6.86
CA PHE A 86 -4.46 -0.64 8.28
C PHE A 86 -3.18 -1.45 8.48
N ALA A 87 -2.49 -1.23 9.60
CA ALA A 87 -1.27 -1.96 9.94
C ALA A 87 -1.60 -3.45 10.16
N PRO A 88 -0.66 -4.38 9.91
CA PRO A 88 -0.93 -5.81 10.05
C PRO A 88 -1.16 -6.21 11.51
N GLY A 89 -1.84 -7.35 11.71
CA GLY A 89 -2.05 -7.89 13.06
C GLY A 89 -2.95 -9.14 13.16
N THR A 90 -3.13 -9.89 12.07
CA THR A 90 -4.04 -11.04 11.90
C THR A 90 -5.53 -10.67 12.01
N GLY A 91 -6.08 -9.97 10.99
CA GLY A 91 -7.50 -9.63 10.98
C GLY A 91 -7.85 -8.65 9.85
N LEU A 92 -8.49 -7.54 10.24
CA LEU A 92 -8.66 -6.32 9.43
C LEU A 92 -7.33 -5.55 9.31
N GLY A 93 -6.27 -5.97 10.01
CA GLY A 93 -4.96 -5.40 9.83
C GLY A 93 -4.39 -5.87 8.49
N GLY A 94 -3.91 -4.93 7.67
CA GLY A 94 -3.32 -5.16 6.35
C GLY A 94 -4.26 -4.76 5.22
N ASP A 95 -5.56 -4.78 5.47
CA ASP A 95 -6.60 -4.48 4.49
C ASP A 95 -6.46 -3.00 4.10
N ALA A 96 -6.80 -2.67 2.86
CA ALA A 96 -6.58 -1.36 2.27
C ALA A 96 -7.76 -1.00 1.39
N HIS A 97 -8.16 0.28 1.45
CA HIS A 97 -9.31 0.79 0.72
C HIS A 97 -8.94 2.03 -0.05
N PHE A 98 -9.65 2.30 -1.16
CA PHE A 98 -9.34 3.37 -2.10
C PHE A 98 -10.65 3.93 -2.65
N ASP A 99 -10.65 5.19 -3.09
CA ASP A 99 -11.84 5.84 -3.65
C ASP A 99 -11.82 5.67 -5.18
N GLU A 100 -12.56 4.70 -5.74
CA GLU A 100 -12.70 4.42 -7.18
C GLU A 100 -13.20 5.64 -7.96
N ASP A 101 -13.93 6.55 -7.29
CA ASP A 101 -14.44 7.80 -7.88
C ASP A 101 -13.28 8.61 -8.48
N GLU A 102 -12.16 8.64 -7.75
CA GLU A 102 -10.96 9.33 -8.16
C GLU A 102 -10.36 8.61 -9.36
N ARG A 103 -10.10 9.35 -10.44
CA ARG A 103 -9.44 8.86 -11.65
C ARG A 103 -8.10 8.18 -11.33
N TRP A 104 -8.12 6.86 -11.27
CA TRP A 104 -6.92 6.06 -11.12
C TRP A 104 -6.31 5.87 -12.52
N THR A 105 -4.98 5.83 -12.61
CA THR A 105 -4.27 5.62 -13.86
C THR A 105 -3.07 4.73 -13.57
N ASP A 106 -2.68 3.88 -14.53
CA ASP A 106 -1.58 2.93 -14.41
C ASP A 106 -0.22 3.54 -14.83
N GLY A 107 -0.17 4.87 -14.89
CA GLY A 107 0.94 5.68 -15.39
C GLY A 107 0.37 7.00 -15.87
N SER A 108 1.04 7.63 -16.85
CA SER A 108 0.70 8.96 -17.35
C SER A 108 0.96 10.03 -16.27
N SER A 109 0.56 11.28 -16.55
CA SER A 109 0.62 12.41 -15.64
C SER A 109 -0.80 12.80 -15.21
N LEU A 110 -0.94 13.81 -14.36
CA LEU A 110 -2.18 14.44 -13.87
C LEU A 110 -2.97 13.56 -12.90
N GLY A 111 -3.35 12.36 -13.37
CA GLY A 111 -4.10 11.36 -12.64
C GLY A 111 -3.21 10.68 -11.60
N ILE A 112 -3.81 9.89 -10.72
CA ILE A 112 -3.09 9.30 -9.60
C ILE A 112 -2.60 7.91 -10.01
N ASN A 113 -1.27 7.74 -9.95
CA ASN A 113 -0.63 6.48 -10.29
C ASN A 113 -1.07 5.39 -9.29
N PHE A 114 -1.83 4.42 -9.81
CA PHE A 114 -2.27 3.26 -9.05
C PHE A 114 -1.10 2.55 -8.39
N LEU A 115 0.05 2.45 -9.09
CA LEU A 115 1.17 1.70 -8.56
C LEU A 115 1.74 2.40 -7.34
N TYR A 116 1.88 3.73 -7.39
CA TYR A 116 2.35 4.52 -6.27
C TYR A 116 1.39 4.36 -5.08
N ALA A 117 0.08 4.44 -5.35
CA ALA A 117 -0.96 4.27 -4.33
C ALA A 117 -0.90 2.88 -3.70
N ALA A 118 -0.89 1.84 -4.53
CA ALA A 118 -0.87 0.46 -4.09
C ALA A 118 0.42 0.19 -3.33
N THR A 119 1.59 0.48 -3.90
CA THR A 119 2.88 0.27 -3.23
C THR A 119 2.95 1.03 -1.90
N HIS A 120 2.40 2.25 -1.82
CA HIS A 120 2.32 3.01 -0.57
C HIS A 120 1.46 2.27 0.46
N GLU A 121 0.23 1.90 0.10
CA GLU A 121 -0.75 1.29 1.01
C GLU A 121 -0.28 -0.11 1.43
N LEU A 122 0.22 -0.89 0.45
CA LEU A 122 0.81 -2.19 0.65
C LEU A 122 2.04 -2.12 1.54
N GLY A 123 2.77 -1.01 1.53
CA GLY A 123 3.85 -0.79 2.48
C GLY A 123 3.32 -0.84 3.90
N HIS A 124 2.27 -0.07 4.19
CA HIS A 124 1.66 -0.09 5.51
C HIS A 124 1.17 -1.48 5.88
N SER A 125 0.48 -2.17 4.95
CA SER A 125 -0.02 -3.50 5.20
C SER A 125 1.11 -4.51 5.47
N LEU A 126 2.28 -4.32 4.84
CA LEU A 126 3.46 -5.14 5.08
C LEU A 126 3.89 -5.03 6.56
N GLY A 127 3.93 -3.80 7.08
CA GLY A 127 4.38 -3.55 8.45
C GLY A 127 4.90 -2.13 8.67
N MET A 128 4.31 -1.11 8.05
CA MET A 128 4.81 0.27 8.12
C MET A 128 3.71 1.19 8.61
N GLY A 129 4.09 2.40 9.04
CA GLY A 129 3.19 3.32 9.74
C GLY A 129 3.21 4.71 9.12
N HIS A 130 4.41 5.26 8.84
CA HIS A 130 4.71 6.46 8.06
C HIS A 130 6.17 6.84 8.31
N SER A 131 6.63 7.95 7.73
CA SER A 131 7.96 8.50 7.96
C SER A 131 7.89 10.03 7.74
N SER A 132 9.05 10.70 7.80
CA SER A 132 9.18 12.15 7.78
C SER A 132 10.34 12.53 6.85
N ASP A 133 10.17 12.30 5.54
CA ASP A 133 11.17 12.61 4.53
C ASP A 133 10.48 13.32 3.36
N PRO A 134 11.12 14.31 2.70
CA PRO A 134 10.50 15.06 1.61
C PRO A 134 10.43 14.27 0.30
N ASN A 135 11.17 13.15 0.20
CA ASN A 135 11.29 12.32 -1.00
C ASN A 135 11.00 10.86 -0.62
N ALA A 136 10.10 10.69 0.37
CA ALA A 136 9.55 9.42 0.82
C ALA A 136 8.27 9.13 0.08
N VAL A 137 8.03 7.85 -0.24
CA VAL A 137 6.70 7.44 -0.69
C VAL A 137 5.71 7.57 0.47
N MET A 138 6.16 7.36 1.71
CA MET A 138 5.35 7.49 2.91
C MET A 138 4.85 8.91 3.12
N TYR A 139 5.45 9.94 2.50
CA TYR A 139 5.07 11.35 2.66
C TYR A 139 3.55 11.50 2.45
N PRO A 140 2.74 11.80 3.50
CA PRO A 140 1.28 11.81 3.42
C PRO A 140 0.71 13.05 2.69
N THR A 141 1.37 13.51 1.62
CA THR A 141 0.96 14.63 0.79
C THR A 141 1.50 14.36 -0.63
N TYR A 142 0.63 14.54 -1.63
CA TYR A 142 0.98 14.32 -3.03
C TYR A 142 1.68 15.59 -3.54
N GLY A 143 3.02 15.54 -3.64
CA GLY A 143 3.84 16.72 -3.93
C GLY A 143 5.17 16.35 -4.59
N ASN A 144 6.29 16.49 -3.85
CA ASN A 144 7.65 16.30 -4.36
C ASN A 144 7.91 14.85 -4.77
N GLY A 145 7.39 13.89 -3.99
CA GLY A 145 7.51 12.47 -4.22
C GLY A 145 6.87 12.07 -5.54
N ASP A 146 7.68 12.08 -6.61
CA ASP A 146 7.29 11.82 -8.00
C ASP A 146 6.54 10.49 -8.09
N PRO A 147 5.25 10.48 -8.47
CA PRO A 147 4.47 9.26 -8.61
C PRO A 147 4.72 8.54 -9.95
N GLN A 148 5.16 9.24 -11.00
CA GLN A 148 5.42 8.61 -12.29
C GLN A 148 6.64 7.69 -12.22
N ASN A 149 7.68 8.10 -11.50
CA ASN A 149 8.92 7.34 -11.34
C ASN A 149 9.41 7.50 -9.90
N PHE A 150 9.45 6.38 -9.17
CA PHE A 150 9.79 6.34 -7.75
C PHE A 150 10.52 5.05 -7.39
N LYS A 151 9.96 3.91 -7.83
CA LYS A 151 10.42 2.54 -7.56
C LYS A 151 11.12 2.40 -6.19
N LEU A 152 10.43 2.85 -5.14
CA LEU A 152 10.90 2.84 -3.76
C LEU A 152 12.15 3.74 -3.59
N SER A 153 11.95 4.97 -3.07
CA SER A 153 12.93 6.06 -3.12
C SER A 153 14.14 5.80 -2.20
N GLN A 154 14.01 6.11 -0.90
CA GLN A 154 15.05 5.93 0.13
C GLN A 154 14.37 5.54 1.44
N ASP A 155 13.33 6.26 1.84
CA ASP A 155 12.45 5.96 2.97
C ASP A 155 11.93 4.52 2.96
N ASP A 156 11.45 4.04 1.83
CA ASP A 156 11.00 2.66 1.66
C ASP A 156 12.13 1.68 1.98
N ILE A 157 13.28 1.87 1.30
CA ILE A 157 14.46 1.04 1.46
C ILE A 157 14.92 1.08 2.92
N LYS A 158 14.97 2.28 3.51
CA LYS A 158 15.39 2.51 4.88
C LYS A 158 14.42 1.81 5.84
N GLY A 159 13.11 1.88 5.59
CA GLY A 159 12.08 1.24 6.40
C GLY A 159 12.24 -0.27 6.34
N ILE A 160 12.36 -0.86 5.14
CA ILE A 160 12.63 -2.28 4.98
C ILE A 160 13.95 -2.68 5.66
N GLN A 161 15.03 -1.92 5.44
CA GLN A 161 16.30 -2.20 6.09
C GLN A 161 16.25 -1.99 7.60
N LYS A 162 15.33 -1.17 8.11
CA LYS A 162 15.12 -0.99 9.54
C LYS A 162 14.28 -2.16 10.11
N LEU A 163 13.35 -2.72 9.34
CA LEU A 163 12.52 -3.85 9.78
C LEU A 163 13.28 -5.20 9.69
N TYR A 164 14.04 -5.43 8.61
CA TYR A 164 14.63 -6.74 8.30
C TYR A 164 16.12 -6.67 7.98
N GLY A 165 16.58 -5.54 7.43
CA GLY A 165 18.01 -5.31 7.23
C GLY A 165 18.69 -5.16 8.59
N LYS A 166 20.02 -5.10 8.57
CA LYS A 166 20.78 -5.04 9.81
C LYS A 166 20.65 -3.66 10.47
N ARG A 167 20.85 -2.60 9.70
CA ARG A 167 20.72 -1.19 10.08
C ARG A 167 21.12 -0.33 8.88
N SER A 168 20.69 0.93 8.87
CA SER A 168 21.10 1.90 7.85
C SER A 168 21.37 3.26 8.49
N ASN A 169 20.41 3.78 9.27
CA ASN A 169 20.58 4.98 10.09
C ASN A 169 19.50 4.91 11.17
N SER A 170 19.79 5.34 12.40
CA SER A 170 18.88 5.23 13.55
C SER A 170 18.65 6.63 14.11
N ARG A 171 17.75 7.40 13.48
CA ARG A 171 17.38 8.74 13.92
C ARG A 171 15.98 9.06 13.36
N LYS A 172 15.24 9.95 14.05
CA LYS A 172 13.95 10.49 13.62
C LYS A 172 13.69 11.78 14.41
N LYS A 173 12.61 12.51 14.08
CA LYS A 173 12.18 13.73 14.77
CA TYR A 1 7.99 3.83 16.05
C TYR A 1 7.44 4.78 14.98
N SER A 2 6.65 4.28 14.01
CA SER A 2 6.21 5.01 12.82
C SER A 2 4.69 4.93 12.75
N LEU A 3 4.02 5.40 13.83
CA LEU A 3 2.58 5.33 14.06
C LEU A 3 2.15 3.88 14.36
N PHE A 4 1.40 3.65 15.44
CA PHE A 4 0.98 2.32 15.93
C PHE A 4 2.16 1.35 16.16
N PRO A 5 2.67 1.21 17.41
CA PRO A 5 3.77 0.32 17.73
C PRO A 5 3.32 -1.14 17.61
N ASN A 6 3.46 -1.70 16.42
CA ASN A 6 3.11 -3.08 16.08
C ASN A 6 4.37 -3.87 15.75
N SER A 7 4.23 -5.18 15.52
CA SER A 7 5.29 -5.99 14.96
C SER A 7 5.19 -5.87 13.43
N PRO A 8 6.21 -5.30 12.75
CA PRO A 8 6.27 -5.35 11.30
C PRO A 8 6.66 -6.76 10.84
N LYS A 9 6.31 -7.08 9.58
CA LYS A 9 6.53 -8.37 8.94
C LYS A 9 5.62 -9.39 9.61
N TRP A 10 4.61 -9.85 8.87
CA TRP A 10 3.69 -10.90 9.32
C TRP A 10 4.48 -12.09 9.90
N THR A 11 3.86 -12.80 10.85
CA THR A 11 4.44 -13.97 11.49
C THR A 11 4.73 -15.09 10.47
N SER A 12 4.01 -15.09 9.34
CA SER A 12 4.23 -15.95 8.20
C SER A 12 5.00 -15.18 7.11
N LYS A 13 5.76 -15.91 6.29
CA LYS A 13 6.45 -15.40 5.10
C LYS A 13 5.58 -15.45 3.84
N VAL A 14 4.41 -16.09 3.93
CA VAL A 14 3.43 -16.20 2.87
C VAL A 14 2.21 -15.46 3.39
N VAL A 15 1.81 -14.40 2.68
CA VAL A 15 0.68 -13.57 3.04
C VAL A 15 -0.30 -13.61 1.86
N THR A 16 -1.60 -13.62 2.11
CA THR A 16 -2.58 -13.74 1.04
C THR A 16 -3.33 -12.42 0.84
N TYR A 17 -3.75 -12.18 -0.41
CA TYR A 17 -4.44 -10.97 -0.79
C TYR A 17 -5.76 -11.29 -1.49
N ARG A 18 -6.73 -10.39 -1.32
CA ARG A 18 -8.01 -10.46 -2.03
C ARG A 18 -8.48 -9.06 -2.32
N ILE A 19 -8.52 -8.74 -3.60
CA ILE A 19 -9.06 -7.48 -4.08
C ILE A 19 -10.59 -7.66 -4.10
N VAL A 20 -11.29 -7.36 -2.99
CA VAL A 20 -12.74 -7.58 -2.81
C VAL A 20 -13.62 -6.68 -3.68
N SER A 21 -13.13 -5.48 -3.97
CA SER A 21 -13.73 -4.47 -4.83
C SER A 21 -12.60 -4.01 -5.73
N TYR A 22 -12.91 -3.41 -6.87
CA TYR A 22 -11.94 -3.02 -7.89
C TYR A 22 -12.29 -1.60 -8.36
N THR A 23 -11.51 -1.09 -9.32
CA THR A 23 -11.76 0.20 -9.96
C THR A 23 -12.50 -0.01 -11.30
N ARG A 24 -12.48 1.00 -12.17
CA ARG A 24 -13.14 0.96 -13.47
C ARG A 24 -12.30 1.53 -14.62
N ASP A 25 -11.46 2.53 -14.33
CA ASP A 25 -10.56 3.17 -15.31
C ASP A 25 -9.70 2.11 -16.02
N LEU A 26 -9.27 1.11 -15.23
CA LEU A 26 -8.40 0.01 -15.62
C LEU A 26 -8.98 -1.32 -15.12
N PRO A 27 -8.68 -2.46 -15.77
CA PRO A 27 -9.26 -3.74 -15.43
C PRO A 27 -8.68 -4.36 -14.16
N HIS A 28 -9.45 -5.27 -13.54
CA HIS A 28 -9.08 -6.00 -12.33
C HIS A 28 -7.84 -6.87 -12.51
N ILE A 29 -7.68 -7.49 -13.69
CA ILE A 29 -6.51 -8.30 -14.01
C ILE A 29 -5.26 -7.43 -14.08
N THR A 30 -5.38 -6.20 -14.59
CA THR A 30 -4.33 -5.22 -14.54
C THR A 30 -4.04 -4.89 -13.08
N VAL A 31 -5.05 -4.62 -12.23
CA VAL A 31 -4.80 -4.39 -10.80
C VAL A 31 -4.01 -5.54 -10.20
N ASP A 32 -4.41 -6.82 -10.40
CA ASP A 32 -3.68 -7.97 -9.85
C ASP A 32 -2.25 -8.05 -10.38
N ARG A 33 -2.03 -7.89 -11.69
CA ARG A 33 -0.70 -7.90 -12.29
C ARG A 33 0.17 -6.77 -11.75
N LEU A 34 -0.40 -5.57 -11.67
CA LEU A 34 0.25 -4.39 -11.15
C LEU A 34 0.55 -4.60 -9.67
N VAL A 35 -0.37 -5.15 -8.87
CA VAL A 35 -0.12 -5.53 -7.48
C VAL A 35 1.05 -6.51 -7.42
N SER A 36 1.09 -7.52 -8.29
CA SER A 36 2.18 -8.50 -8.30
C SER A 36 3.52 -7.82 -8.59
N LYS A 37 3.57 -6.93 -9.59
CA LYS A 37 4.79 -6.20 -9.97
C LYS A 37 5.17 -5.13 -8.92
N ALA A 38 4.19 -4.47 -8.31
CA ALA A 38 4.36 -3.51 -7.23
C ALA A 38 4.91 -4.18 -5.97
N LEU A 39 4.31 -5.31 -5.59
CA LEU A 39 4.80 -6.12 -4.48
C LEU A 39 6.13 -6.77 -4.85
N ASN A 40 6.39 -7.06 -6.13
CA ASN A 40 7.72 -7.50 -6.57
C ASN A 40 8.76 -6.43 -6.26
N MET A 41 8.42 -5.14 -6.38
CA MET A 41 9.33 -4.05 -6.06
C MET A 41 9.67 -4.02 -4.57
N TRP A 42 8.71 -4.30 -3.66
CA TRP A 42 8.99 -4.43 -2.22
C TRP A 42 9.71 -5.75 -1.90
N GLY A 43 9.28 -6.84 -2.54
CA GLY A 43 9.91 -8.15 -2.40
C GLY A 43 11.28 -8.21 -3.08
N LYS A 44 11.70 -7.14 -3.78
CA LYS A 44 13.03 -7.03 -4.38
C LYS A 44 14.11 -6.91 -3.30
N GLU A 45 13.72 -6.51 -2.08
CA GLU A 45 14.61 -6.42 -0.93
C GLU A 45 14.26 -7.46 0.14
N ILE A 46 12.99 -7.80 0.36
CA ILE A 46 12.60 -8.82 1.33
C ILE A 46 12.16 -10.11 0.63
N PRO A 47 12.69 -11.29 0.99
CA PRO A 47 12.29 -12.57 0.43
C PRO A 47 10.90 -13.03 0.92
N LEU A 48 9.95 -12.09 1.03
CA LEU A 48 8.58 -12.34 1.42
C LEU A 48 7.80 -12.74 0.16
N HIS A 49 6.85 -13.65 0.33
CA HIS A 49 6.10 -14.24 -0.76
C HIS A 49 4.61 -14.06 -0.48
N PHE A 50 3.78 -14.20 -1.51
CA PHE A 50 2.38 -13.85 -1.41
C PHE A 50 1.55 -14.89 -2.14
N ARG A 51 0.27 -14.95 -1.82
CA ARG A 51 -0.66 -15.90 -2.40
C ARG A 51 -2.02 -15.23 -2.58
N LYS A 52 -2.95 -15.96 -3.21
CA LYS A 52 -4.30 -15.47 -3.46
C LYS A 52 -5.27 -16.46 -2.83
N VAL A 53 -6.50 -16.00 -2.63
CA VAL A 53 -7.62 -16.74 -2.07
C VAL A 53 -8.77 -16.71 -3.07
N VAL A 54 -9.84 -17.43 -2.73
CA VAL A 54 -11.00 -17.63 -3.59
C VAL A 54 -12.31 -17.24 -2.88
N TRP A 55 -12.37 -17.37 -1.54
CA TRP A 55 -13.56 -17.12 -0.73
C TRP A 55 -14.01 -15.66 -0.78
N GLY A 56 -13.15 -14.74 -0.33
CA GLY A 56 -13.46 -13.31 -0.28
C GLY A 56 -13.01 -12.63 1.02
N THR A 57 -11.84 -13.02 1.55
CA THR A 57 -11.23 -12.43 2.74
C THR A 57 -9.78 -12.93 2.79
N ALA A 58 -8.84 -12.13 3.33
CA ALA A 58 -7.43 -12.45 3.43
C ALA A 58 -6.73 -11.44 4.36
N ASP A 59 -5.41 -11.59 4.51
CA ASP A 59 -4.59 -10.69 5.32
C ASP A 59 -4.49 -9.33 4.65
N ILE A 60 -4.44 -9.33 3.30
CA ILE A 60 -4.28 -8.16 2.44
C ILE A 60 -5.57 -7.99 1.61
N MET A 61 -6.67 -7.63 2.27
CA MET A 61 -7.92 -7.26 1.61
C MET A 61 -7.72 -5.89 0.98
N ILE A 62 -7.85 -5.82 -0.34
CA ILE A 62 -7.77 -4.56 -1.07
C ILE A 62 -9.18 -4.25 -1.54
N GLY A 63 -9.69 -3.06 -1.21
CA GLY A 63 -11.02 -2.66 -1.61
C GLY A 63 -11.05 -1.19 -1.98
N PHE A 64 -12.12 -0.78 -2.65
CA PHE A 64 -12.32 0.58 -3.11
C PHE A 64 -13.72 0.99 -2.72
N ALA A 65 -13.87 2.27 -2.45
CA ALA A 65 -15.10 2.91 -2.04
C ALA A 65 -15.18 4.29 -2.68
N ARG A 66 -16.16 5.10 -2.28
CA ARG A 66 -16.35 6.46 -2.78
C ARG A 66 -16.32 7.44 -1.60
N GLY A 67 -16.48 8.73 -1.92
CA GLY A 67 -16.69 9.82 -0.98
C GLY A 67 -17.62 9.40 0.15
N ALA A 68 -17.04 9.18 1.33
CA ALA A 68 -17.59 8.52 2.51
C ALA A 68 -18.10 7.08 2.27
N HIS A 69 -17.77 6.20 3.22
CA HIS A 69 -18.09 4.78 3.14
C HIS A 69 -18.18 4.20 4.56
N GLY A 70 -18.88 3.06 4.66
CA GLY A 70 -19.25 2.43 5.91
C GLY A 70 -18.24 1.37 6.33
N ASP A 71 -16.96 1.75 6.42
CA ASP A 71 -15.88 0.86 6.83
C ASP A 71 -15.38 1.22 8.24
N SER A 72 -15.07 2.51 8.47
CA SER A 72 -14.34 3.04 9.61
C SER A 72 -13.94 4.51 9.36
N TYR A 73 -13.61 4.92 8.12
CA TYR A 73 -13.02 6.22 7.85
C TYR A 73 -13.61 6.81 6.56
N PRO A 74 -14.58 7.72 6.64
CA PRO A 74 -15.16 8.30 5.43
C PRO A 74 -14.11 9.11 4.66
N PHE A 75 -13.87 8.69 3.41
CA PHE A 75 -13.12 9.44 2.39
C PHE A 75 -13.84 10.75 2.04
N ASP A 76 -13.10 11.63 1.39
CA ASP A 76 -13.47 12.99 0.97
C ASP A 76 -13.98 13.02 -0.48
N GLY A 77 -13.42 12.22 -1.39
CA GLY A 77 -13.69 12.31 -2.83
C GLY A 77 -12.45 12.73 -3.65
N PRO A 78 -12.58 13.48 -4.76
CA PRO A 78 -11.48 13.81 -5.68
C PRO A 78 -10.48 14.87 -5.15
N GLY A 79 -9.63 14.52 -4.18
CA GLY A 79 -8.64 15.41 -3.57
C GLY A 79 -7.99 14.77 -2.32
N ASN A 80 -7.32 15.55 -1.47
CA ASN A 80 -6.86 15.16 -0.12
C ASN A 80 -6.34 13.70 -0.03
N THR A 81 -6.83 12.90 0.93
CA THR A 81 -6.53 11.48 1.12
C THR A 81 -7.08 10.63 -0.05
N LEU A 82 -6.21 9.93 -0.79
CA LEU A 82 -6.55 9.14 -1.98
C LEU A 82 -6.84 7.67 -1.64
N ALA A 83 -6.12 7.12 -0.66
CA ALA A 83 -6.23 5.73 -0.23
C ALA A 83 -5.68 5.64 1.20
N HIS A 84 -6.08 4.63 1.97
CA HIS A 84 -5.60 4.41 3.32
C HIS A 84 -5.45 2.91 3.56
N ALA A 85 -4.66 2.52 4.55
CA ALA A 85 -4.41 1.13 4.88
C ALA A 85 -4.06 1.01 6.36
N PHE A 86 -4.08 -0.21 6.86
CA PHE A 86 -3.95 -0.48 8.29
C PHE A 86 -2.72 -1.36 8.53
N ALA A 87 -2.13 -1.25 9.72
CA ALA A 87 -0.94 -2.02 10.11
C ALA A 87 -1.27 -3.52 10.16
N PRO A 88 -0.29 -4.43 9.96
CA PRO A 88 -0.55 -5.86 10.06
C PRO A 88 -0.93 -6.25 11.50
N GLY A 89 -1.51 -7.44 11.67
CA GLY A 89 -1.88 -7.92 12.98
C GLY A 89 -2.72 -9.19 12.82
N THR A 90 -4.04 -9.04 12.93
CA THR A 90 -4.98 -10.15 12.79
C THR A 90 -6.35 -9.55 12.41
N GLY A 91 -6.89 -9.94 11.25
CA GLY A 91 -8.20 -9.48 10.80
C GLY A 91 -8.05 -8.26 9.91
N LEU A 92 -8.67 -7.12 10.27
CA LEU A 92 -8.65 -5.87 9.51
C LEU A 92 -7.21 -5.39 9.26
N GLY A 93 -6.26 -5.72 10.14
CA GLY A 93 -4.86 -5.38 9.93
C GLY A 93 -4.40 -5.75 8.52
N GLY A 94 -3.51 -4.92 7.96
CA GLY A 94 -2.98 -5.04 6.61
C GLY A 94 -3.92 -4.54 5.53
N ASP A 95 -5.23 -4.54 5.76
CA ASP A 95 -6.20 -4.30 4.70
C ASP A 95 -6.07 -2.85 4.24
N ALA A 96 -6.39 -2.61 2.97
CA ALA A 96 -6.15 -1.35 2.30
C ALA A 96 -7.38 -0.97 1.51
N HIS A 97 -7.61 0.34 1.45
CA HIS A 97 -8.83 0.92 0.95
C HIS A 97 -8.47 2.14 0.11
N PHE A 98 -9.25 2.36 -0.94
CA PHE A 98 -8.93 3.28 -2.01
C PHE A 98 -10.21 4.01 -2.37
N ASP A 99 -10.09 5.25 -2.83
CA ASP A 99 -11.25 6.03 -3.24
C ASP A 99 -11.42 5.86 -4.75
N GLU A 100 -12.32 4.98 -5.21
CA GLU A 100 -12.68 4.73 -6.62
C GLU A 100 -13.15 6.01 -7.32
N ASP A 101 -13.65 6.98 -6.54
CA ASP A 101 -14.02 8.28 -7.05
C ASP A 101 -12.82 8.96 -7.70
N GLU A 102 -11.66 8.87 -7.06
CA GLU A 102 -10.43 9.43 -7.57
C GLU A 102 -9.99 8.64 -8.80
N ARG A 103 -9.60 9.35 -9.87
CA ARG A 103 -9.12 8.71 -11.08
C ARG A 103 -7.87 7.90 -10.78
N TRP A 104 -7.83 6.67 -11.27
CA TRP A 104 -6.72 5.74 -11.08
C TRP A 104 -6.16 5.43 -12.47
N THR A 105 -4.83 5.32 -12.61
CA THR A 105 -4.19 4.97 -13.89
C THR A 105 -3.01 4.01 -13.62
N ASP A 106 -2.72 3.12 -14.56
CA ASP A 106 -1.63 2.15 -14.46
C ASP A 106 -0.28 2.85 -14.26
N GLY A 107 -0.09 3.98 -14.97
CA GLY A 107 1.18 4.68 -15.07
C GLY A 107 1.24 5.51 -16.36
N SER A 108 0.29 6.44 -16.54
CA SER A 108 0.27 7.32 -17.71
C SER A 108 -0.43 8.64 -17.35
N SER A 109 -0.38 9.63 -18.25
CA SER A 109 -1.00 10.94 -18.11
C SER A 109 -2.54 10.84 -18.21
N LEU A 110 -3.19 10.39 -17.14
CA LEU A 110 -4.65 10.20 -17.06
C LEU A 110 -5.24 10.59 -15.70
N GLY A 111 -4.61 10.11 -14.60
CA GLY A 111 -5.14 10.22 -13.25
C GLY A 111 -4.03 9.94 -12.26
N ILE A 112 -4.38 9.45 -11.07
CA ILE A 112 -3.40 9.11 -10.06
C ILE A 112 -2.82 7.73 -10.34
N ASN A 113 -1.48 7.64 -10.31
CA ASN A 113 -0.77 6.39 -10.48
C ASN A 113 -1.22 5.39 -9.41
N PHE A 114 -2.04 4.43 -9.86
CA PHE A 114 -2.56 3.34 -9.06
C PHE A 114 -1.41 2.55 -8.47
N LEU A 115 -0.36 2.31 -9.26
CA LEU A 115 0.76 1.52 -8.81
C LEU A 115 1.42 2.22 -7.64
N TYR A 116 1.64 3.54 -7.76
CA TYR A 116 2.33 4.33 -6.74
C TYR A 116 1.51 4.29 -5.45
N ALA A 117 0.18 4.41 -5.58
CA ALA A 117 -0.74 4.28 -4.47
C ALA A 117 -0.69 2.89 -3.86
N ALA A 118 -0.84 1.84 -4.67
CA ALA A 118 -0.85 0.48 -4.21
C ALA A 118 0.45 0.18 -3.47
N THR A 119 1.61 0.49 -4.06
CA THR A 119 2.90 0.32 -3.41
C THR A 119 2.99 1.13 -2.12
N HIS A 120 2.45 2.36 -2.08
CA HIS A 120 2.41 3.13 -0.85
C HIS A 120 1.60 2.38 0.22
N GLU A 121 0.36 1.99 -0.08
CA GLU A 121 -0.53 1.33 0.88
C GLU A 121 0.01 -0.05 1.28
N LEU A 122 0.45 -0.86 0.31
CA LEU A 122 1.00 -2.19 0.52
C LEU A 122 2.29 -2.13 1.33
N GLY A 123 3.09 -1.07 1.17
CA GLY A 123 4.23 -0.81 2.02
C GLY A 123 3.84 -0.85 3.49
N HIS A 124 2.70 -0.24 3.83
CA HIS A 124 2.19 -0.27 5.19
C HIS A 124 1.55 -1.62 5.54
N SER A 125 0.89 -2.26 4.58
CA SER A 125 0.32 -3.59 4.73
C SER A 125 1.40 -4.60 5.15
N LEU A 126 2.62 -4.47 4.61
CA LEU A 126 3.75 -5.32 4.98
C LEU A 126 4.11 -5.14 6.47
N GLY A 127 4.11 -3.90 6.98
CA GLY A 127 4.60 -3.62 8.32
C GLY A 127 4.84 -2.15 8.61
N MET A 128 3.92 -1.26 8.23
CA MET A 128 4.10 0.20 8.33
C MET A 128 5.38 0.64 7.60
N GLY A 129 5.82 1.89 7.81
CA GLY A 129 7.09 2.38 7.26
C GLY A 129 7.02 3.80 6.71
N HIS A 130 6.18 4.67 7.29
CA HIS A 130 6.00 6.05 6.85
C HIS A 130 7.28 6.89 6.95
N SER A 131 7.24 8.11 6.37
CA SER A 131 8.34 9.05 6.39
C SER A 131 7.83 10.51 6.32
N SER A 132 8.70 11.43 5.89
CA SER A 132 8.44 12.84 5.65
C SER A 132 9.71 13.32 4.93
N ASP A 133 9.81 13.06 3.61
CA ASP A 133 10.93 13.50 2.77
C ASP A 133 10.37 13.99 1.42
N PRO A 134 10.98 14.99 0.76
CA PRO A 134 10.40 15.63 -0.42
C PRO A 134 10.38 14.72 -1.66
N ASN A 135 11.21 13.68 -1.67
CA ASN A 135 11.31 12.69 -2.75
C ASN A 135 11.12 11.29 -2.15
N ALA A 136 10.25 11.20 -1.14
CA ALA A 136 9.82 9.93 -0.57
C ALA A 136 8.50 9.51 -1.23
N VAL A 137 8.36 8.22 -1.51
CA VAL A 137 7.08 7.65 -1.97
C VAL A 137 6.13 7.52 -0.78
N MET A 138 6.66 7.28 0.43
CA MET A 138 5.93 7.31 1.69
C MET A 138 5.49 8.72 2.08
N TYR A 139 5.86 9.77 1.33
CA TYR A 139 5.37 11.12 1.58
C TYR A 139 3.83 11.16 1.43
N PRO A 140 3.12 11.97 2.24
CA PRO A 140 1.68 12.15 2.09
C PRO A 140 1.35 13.12 0.96
N THR A 141 0.09 13.10 0.48
CA THR A 141 -0.37 13.94 -0.63
C THR A 141 0.56 13.74 -1.84
N TYR A 142 0.64 12.47 -2.30
CA TYR A 142 1.47 12.03 -3.42
C TYR A 142 2.96 12.05 -3.01
N GLY A 143 3.86 11.71 -3.93
CA GLY A 143 5.28 11.95 -3.77
C GLY A 143 5.75 12.81 -4.94
N ASN A 144 6.59 13.82 -4.66
CA ASN A 144 7.09 14.74 -5.69
C ASN A 144 7.96 13.99 -6.70
N GLY A 145 8.78 13.06 -6.17
CA GLY A 145 9.61 12.14 -6.93
C GLY A 145 8.79 11.43 -8.01
N ASP A 146 9.37 11.34 -9.20
CA ASP A 146 8.78 10.81 -10.42
C ASP A 146 7.96 9.53 -10.15
N PRO A 147 6.63 9.57 -10.30
CA PRO A 147 5.78 8.43 -9.96
C PRO A 147 5.88 7.31 -11.00
N GLN A 148 6.34 7.60 -12.22
CA GLN A 148 6.51 6.60 -13.27
C GLN A 148 7.79 5.80 -12.95
N ASN A 149 8.89 6.49 -12.61
CA ASN A 149 10.18 5.87 -12.28
C ASN A 149 10.30 5.62 -10.79
N PHE A 150 9.55 4.62 -10.30
CA PHE A 150 9.44 4.20 -8.90
C PHE A 150 10.71 4.35 -8.06
N LYS A 151 11.68 3.47 -8.32
CA LYS A 151 13.04 3.46 -7.79
C LYS A 151 13.08 3.86 -6.31
N LEU A 152 12.62 2.94 -5.45
CA LEU A 152 12.52 3.05 -3.99
C LEU A 152 13.72 3.86 -3.45
N SER A 153 13.47 5.04 -2.88
CA SER A 153 14.50 6.05 -2.65
C SER A 153 15.26 5.76 -1.36
N GLN A 154 14.72 6.18 -0.19
CA GLN A 154 15.31 5.89 1.11
C GLN A 154 14.24 5.56 2.14
N ASP A 155 13.14 6.29 2.22
CA ASP A 155 12.02 6.02 3.12
C ASP A 155 11.51 4.59 2.96
N ASP A 156 11.39 4.12 1.72
CA ASP A 156 10.99 2.77 1.40
C ASP A 156 11.99 1.77 1.96
N ILE A 157 13.28 1.95 1.64
CA ILE A 157 14.36 1.09 2.13
C ILE A 157 14.38 1.13 3.67
N LYS A 158 14.18 2.32 4.26
CA LYS A 158 14.17 2.54 5.70
C LYS A 158 13.02 1.76 6.32
N GLY A 159 11.85 1.75 5.66
CA GLY A 159 10.70 0.94 6.01
C GLY A 159 11.07 -0.54 5.90
N ILE A 160 11.54 -0.99 4.74
CA ILE A 160 11.98 -2.38 4.47
C ILE A 160 12.96 -2.87 5.53
N GLN A 161 14.07 -2.17 5.75
CA GLN A 161 15.10 -2.57 6.70
C GLN A 161 14.64 -2.38 8.16
N LYS A 162 13.53 -1.69 8.40
CA LYS A 162 12.85 -1.66 9.69
C LYS A 162 11.78 -2.77 9.79
N LEU A 163 11.40 -3.34 8.65
CA LEU A 163 10.38 -4.37 8.51
C LEU A 163 10.99 -5.74 8.81
N TYR A 164 12.10 -6.07 8.13
CA TYR A 164 12.83 -7.32 8.33
C TYR A 164 14.21 -7.08 8.93
N GLY A 165 14.87 -6.00 8.49
CA GLY A 165 16.26 -5.75 8.81
C GLY A 165 16.42 -5.55 10.31
N LYS A 166 17.56 -6.01 10.82
CA LYS A 166 17.81 -5.94 12.25
C LYS A 166 18.28 -4.55 12.64
N ARG A 167 19.27 -4.02 11.92
CA ARG A 167 19.89 -2.74 12.21
C ARG A 167 18.81 -1.66 12.28
N SER A 168 18.70 -0.99 13.42
CA SER A 168 17.73 0.06 13.61
C SER A 168 18.47 1.39 13.57
N ASN A 169 17.96 2.26 12.68
CA ASN A 169 18.40 3.62 12.47
C ASN A 169 17.17 4.39 11.96
N SER A 170 16.56 5.18 12.84
CA SER A 170 15.48 6.10 12.48
C SER A 170 15.34 7.11 13.62
N ARG A 171 14.80 8.28 13.30
CA ARG A 171 14.46 9.34 14.24
C ARG A 171 13.43 10.21 13.51
N LYS A 172 12.25 10.44 14.12
CA LYS A 172 11.21 11.33 13.63
C LYS A 172 10.25 11.69 14.78
N LYS A 173 9.70 12.91 14.73
CA LYS A 173 8.81 13.50 15.73
CA TYR A 1 9.16 1.86 13.28
C TYR A 1 8.87 3.34 13.03
N SER A 2 8.63 3.78 11.78
CA SER A 2 8.35 5.16 11.46
C SER A 2 6.98 5.59 11.99
N LEU A 3 6.98 6.04 13.26
CA LEU A 3 5.77 6.33 14.04
C LEU A 3 4.93 5.06 14.21
N PHE A 4 3.74 5.20 14.80
CA PHE A 4 2.74 4.13 15.00
C PHE A 4 3.33 2.87 15.66
N PRO A 5 3.42 2.81 17.00
CA PRO A 5 3.97 1.67 17.73
C PRO A 5 3.02 0.47 17.66
N ASN A 6 3.16 -0.30 16.57
CA ASN A 6 2.48 -1.56 16.30
C ASN A 6 3.59 -2.45 15.77
N SER A 7 3.70 -3.69 16.26
CA SER A 7 4.68 -4.67 15.83
C SER A 7 4.56 -4.90 14.31
N PRO A 8 5.46 -4.35 13.47
CA PRO A 8 5.36 -4.51 12.03
C PRO A 8 5.97 -5.85 11.62
N LYS A 9 5.55 -6.35 10.45
CA LYS A 9 5.78 -7.69 9.90
C LYS A 9 4.69 -8.64 10.40
N TRP A 10 4.18 -9.48 9.51
CA TRP A 10 3.21 -10.51 9.85
C TRP A 10 3.89 -11.68 10.56
N THR A 11 3.08 -12.56 11.16
CA THR A 11 3.53 -13.73 11.89
C THR A 11 4.07 -14.84 10.97
N SER A 12 3.80 -14.75 9.66
CA SER A 12 4.23 -15.72 8.67
C SER A 12 4.80 -14.98 7.46
N LYS A 13 5.75 -15.64 6.78
CA LYS A 13 6.39 -15.17 5.56
C LYS A 13 5.51 -15.33 4.31
N VAL A 14 4.31 -15.92 4.48
CA VAL A 14 3.29 -16.02 3.47
C VAL A 14 2.11 -15.19 3.96
N VAL A 15 1.64 -14.28 3.10
CA VAL A 15 0.54 -13.38 3.34
C VAL A 15 -0.34 -13.46 2.11
N THR A 16 -1.66 -13.48 2.29
CA THR A 16 -2.59 -13.71 1.20
C THR A 16 -3.42 -12.44 0.99
N TYR A 17 -3.55 -12.06 -0.28
CA TYR A 17 -4.21 -10.81 -0.64
C TYR A 17 -5.49 -11.11 -1.43
N ARG A 18 -6.36 -10.10 -1.54
CA ARG A 18 -7.49 -10.18 -2.46
C ARG A 18 -7.93 -8.81 -2.90
N ILE A 19 -8.74 -8.78 -3.94
CA ILE A 19 -9.22 -7.56 -4.56
C ILE A 19 -10.76 -7.73 -4.58
N VAL A 20 -11.39 -7.53 -3.42
CA VAL A 20 -12.83 -7.73 -3.20
C VAL A 20 -13.69 -6.76 -4.01
N SER A 21 -13.17 -5.56 -4.27
CA SER A 21 -13.75 -4.54 -5.13
C SER A 21 -12.60 -4.06 -6.02
N TYR A 22 -12.90 -3.35 -7.11
CA TYR A 22 -11.93 -2.88 -8.09
C TYR A 22 -12.20 -1.40 -8.40
N THR A 23 -11.18 -0.69 -8.92
CA THR A 23 -11.25 0.75 -9.21
C THR A 23 -12.01 1.09 -10.50
N ARG A 24 -12.26 0.10 -11.36
CA ARG A 24 -13.05 0.20 -12.61
C ARG A 24 -12.44 1.09 -13.70
N ASP A 25 -11.52 1.99 -13.37
CA ASP A 25 -10.75 2.81 -14.30
C ASP A 25 -9.78 1.96 -15.15
N LEU A 26 -9.28 0.87 -14.57
CA LEU A 26 -8.36 -0.09 -15.17
C LEU A 26 -8.84 -1.51 -14.81
N PRO A 27 -8.63 -2.50 -15.70
CA PRO A 27 -9.22 -3.82 -15.56
C PRO A 27 -8.56 -4.63 -14.45
N HIS A 28 -9.27 -5.67 -13.99
CA HIS A 28 -8.86 -6.50 -12.87
C HIS A 28 -7.52 -7.20 -13.13
N ILE A 29 -7.28 -7.61 -14.39
CA ILE A 29 -6.01 -8.19 -14.80
C ILE A 29 -4.87 -7.18 -14.58
N THR A 30 -5.12 -5.87 -14.79
CA THR A 30 -4.15 -4.82 -14.59
C THR A 30 -4.03 -4.49 -13.10
N VAL A 31 -5.12 -4.50 -12.32
CA VAL A 31 -5.03 -4.35 -10.87
C VAL A 31 -4.21 -5.51 -10.29
N ASP A 32 -4.46 -6.76 -10.72
CA ASP A 32 -3.72 -7.90 -10.23
C ASP A 32 -2.27 -7.86 -10.73
N ARG A 33 -2.02 -7.52 -12.01
CA ARG A 33 -0.65 -7.43 -12.54
C ARG A 33 0.14 -6.29 -11.93
N LEU A 34 -0.46 -5.11 -11.76
CA LEU A 34 0.23 -3.99 -11.13
C LEU A 34 0.54 -4.37 -9.68
N VAL A 35 -0.40 -5.04 -8.97
CA VAL A 35 -0.12 -5.53 -7.63
C VAL A 35 0.97 -6.60 -7.65
N SER A 36 0.97 -7.50 -8.64
CA SER A 36 1.99 -8.53 -8.79
C SER A 36 3.37 -7.85 -8.89
N LYS A 37 3.55 -6.87 -9.80
CA LYS A 37 4.83 -6.18 -9.92
C LYS A 37 5.11 -5.28 -8.70
N ALA A 38 4.12 -4.62 -8.10
CA ALA A 38 4.28 -3.76 -6.92
C ALA A 38 4.72 -4.57 -5.69
N LEU A 39 4.10 -5.72 -5.47
CA LEU A 39 4.49 -6.64 -4.40
C LEU A 39 5.84 -7.27 -4.74
N ASN A 40 6.13 -7.56 -6.01
CA ASN A 40 7.45 -7.99 -6.43
C ASN A 40 8.47 -6.89 -6.14
N MET A 41 8.16 -5.61 -6.33
CA MET A 41 9.04 -4.49 -5.99
C MET A 41 9.31 -4.40 -4.49
N TRP A 42 8.32 -4.68 -3.61
CA TRP A 42 8.57 -4.83 -2.18
C TRP A 42 9.43 -6.07 -1.92
N GLY A 43 9.00 -7.24 -2.41
CA GLY A 43 9.68 -8.53 -2.22
C GLY A 43 11.03 -8.64 -2.94
N LYS A 44 11.40 -7.66 -3.78
CA LYS A 44 12.71 -7.57 -4.41
C LYS A 44 13.79 -7.26 -3.39
N GLU A 45 13.44 -6.76 -2.21
CA GLU A 45 14.40 -6.43 -1.16
C GLU A 45 14.20 -7.34 0.07
N ILE A 46 13.09 -8.07 0.16
CA ILE A 46 12.74 -8.92 1.31
C ILE A 46 12.27 -10.29 0.80
N PRO A 47 12.83 -11.43 1.27
CA PRO A 47 12.52 -12.77 0.76
C PRO A 47 11.14 -13.27 1.23
N LEU A 48 10.14 -12.38 1.21
CA LEU A 48 8.78 -12.60 1.67
C LEU A 48 7.93 -13.05 0.47
N HIS A 49 6.95 -13.90 0.72
CA HIS A 49 6.17 -14.53 -0.34
C HIS A 49 4.68 -14.24 -0.09
N PHE A 50 3.86 -14.40 -1.13
CA PHE A 50 2.48 -13.97 -1.11
C PHE A 50 1.61 -14.99 -1.84
N ARG A 51 0.31 -14.95 -1.58
CA ARG A 51 -0.70 -15.83 -2.15
C ARG A 51 -2.00 -15.06 -2.37
N LYS A 52 -3.01 -15.71 -2.93
CA LYS A 52 -4.29 -15.09 -3.26
C LYS A 52 -5.39 -16.04 -2.81
N VAL A 53 -6.44 -15.53 -2.18
CA VAL A 53 -7.58 -16.34 -1.77
C VAL A 53 -8.57 -16.48 -2.94
N VAL A 54 -9.52 -17.42 -2.81
CA VAL A 54 -10.50 -17.76 -3.84
C VAL A 54 -11.89 -18.02 -3.22
N TRP A 55 -12.17 -17.42 -2.05
CA TRP A 55 -13.41 -17.64 -1.28
C TRP A 55 -13.98 -16.33 -0.71
N GLY A 56 -13.19 -15.58 0.04
CA GLY A 56 -13.66 -14.41 0.77
C GLY A 56 -12.57 -13.35 0.81
N THR A 57 -12.60 -12.51 1.84
CA THR A 57 -11.51 -11.58 2.12
C THR A 57 -10.25 -12.34 2.59
N ALA A 58 -9.16 -11.61 2.78
CA ALA A 58 -7.82 -12.13 3.04
C ALA A 58 -7.15 -11.31 4.14
N ASP A 59 -5.89 -11.65 4.47
CA ASP A 59 -5.15 -10.83 5.43
C ASP A 59 -4.84 -9.45 4.86
N ILE A 60 -4.63 -9.31 3.54
CA ILE A 60 -4.40 -8.03 2.85
C ILE A 60 -5.44 -7.91 1.74
N MET A 61 -6.70 -7.64 2.09
CA MET A 61 -7.69 -7.33 1.06
C MET A 61 -7.54 -5.89 0.57
N ILE A 62 -8.00 -5.65 -0.65
CA ILE A 62 -7.94 -4.39 -1.36
C ILE A 62 -9.37 -4.18 -1.87
N GLY A 63 -9.94 -3.01 -1.57
CA GLY A 63 -11.29 -2.68 -2.03
C GLY A 63 -11.41 -1.20 -2.33
N PHE A 64 -12.43 -0.82 -3.09
CA PHE A 64 -12.62 0.54 -3.58
C PHE A 64 -14.08 0.86 -3.34
N ALA A 65 -14.34 2.11 -2.92
CA ALA A 65 -15.66 2.65 -2.64
C ALA A 65 -15.67 4.14 -3.00
N ARG A 66 -16.79 4.83 -2.77
CA ARG A 66 -17.03 6.19 -3.25
C ARG A 66 -17.64 7.04 -2.15
N GLY A 67 -17.00 7.06 -0.97
CA GLY A 67 -17.51 7.72 0.23
C GLY A 67 -17.80 6.68 1.31
N ALA A 68 -18.90 6.87 2.04
CA ALA A 68 -19.37 5.95 3.08
C ALA A 68 -19.31 4.51 2.59
N HIS A 69 -18.74 3.63 3.42
CA HIS A 69 -18.57 2.21 3.14
C HIS A 69 -18.52 1.44 4.46
N GLY A 70 -18.86 0.14 4.37
CA GLY A 70 -18.77 -0.82 5.45
C GLY A 70 -17.31 -1.11 5.76
N ASP A 71 -16.76 -0.36 6.72
CA ASP A 71 -15.38 -0.42 7.16
C ASP A 71 -15.34 -0.06 8.64
N SER A 72 -15.28 1.24 8.93
CA SER A 72 -15.17 1.80 10.27
C SER A 72 -15.32 3.33 10.20
N TYR A 73 -14.75 3.95 9.16
CA TYR A 73 -14.77 5.39 8.97
C TYR A 73 -15.39 5.69 7.61
N PRO A 74 -16.24 6.72 7.47
CA PRO A 74 -16.63 7.19 6.16
C PRO A 74 -15.43 7.84 5.46
N PHE A 75 -15.33 7.64 4.15
CA PHE A 75 -14.48 8.45 3.29
C PHE A 75 -15.09 9.85 3.09
N ASP A 76 -14.40 10.63 2.27
CA ASP A 76 -14.56 12.03 1.96
C ASP A 76 -15.12 12.24 0.54
N GLY A 77 -14.70 11.43 -0.46
CA GLY A 77 -15.06 11.61 -1.87
C GLY A 77 -13.96 12.35 -2.63
N PRO A 78 -14.25 13.12 -3.70
CA PRO A 78 -13.30 13.68 -4.66
C PRO A 78 -12.50 14.89 -4.14
N GLY A 79 -11.52 14.63 -3.28
CA GLY A 79 -10.57 15.58 -2.69
C GLY A 79 -10.01 14.99 -1.39
N ASN A 80 -9.01 15.62 -0.78
CA ASN A 80 -8.31 15.15 0.44
C ASN A 80 -7.67 13.75 0.26
N THR A 81 -7.68 12.91 1.32
CA THR A 81 -7.24 11.51 1.37
C THR A 81 -7.68 10.76 0.10
N LEU A 82 -6.80 10.02 -0.58
CA LEU A 82 -7.13 9.24 -1.78
C LEU A 82 -7.35 7.75 -1.47
N ALA A 83 -6.70 7.22 -0.42
CA ALA A 83 -6.81 5.83 0.00
C ALA A 83 -6.39 5.72 1.47
N HIS A 84 -6.77 4.64 2.15
CA HIS A 84 -6.35 4.38 3.52
C HIS A 84 -6.21 2.87 3.74
N ALA A 85 -5.32 2.49 4.66
CA ALA A 85 -5.03 1.11 4.98
C ALA A 85 -4.82 0.97 6.47
N PHE A 86 -4.70 -0.29 6.91
CA PHE A 86 -4.57 -0.62 8.31
C PHE A 86 -3.29 -1.44 8.47
N ALA A 87 -2.55 -1.17 9.55
CA ALA A 87 -1.31 -1.88 9.88
C ALA A 87 -1.58 -3.39 10.03
N PRO A 88 -0.57 -4.27 9.91
CA PRO A 88 -0.81 -5.71 9.97
C PRO A 88 -1.27 -6.12 11.36
N GLY A 89 -1.93 -7.28 11.44
CA GLY A 89 -2.57 -7.70 12.68
C GLY A 89 -3.47 -8.90 12.44
N THR A 90 -4.64 -8.89 13.07
CA THR A 90 -5.55 -10.02 13.12
C THR A 90 -6.97 -9.47 12.92
N GLY A 91 -7.46 -9.54 11.68
CA GLY A 91 -8.81 -9.13 11.29
C GLY A 91 -8.70 -8.12 10.16
N LEU A 92 -9.21 -6.90 10.43
CA LEU A 92 -9.14 -5.71 9.59
C LEU A 92 -7.70 -5.29 9.29
N GLY A 93 -6.75 -5.61 10.18
CA GLY A 93 -5.33 -5.31 9.94
C GLY A 93 -4.88 -5.81 8.58
N GLY A 94 -3.98 -5.05 7.94
CA GLY A 94 -3.43 -5.32 6.62
C GLY A 94 -4.29 -4.79 5.48
N ASP A 95 -5.60 -4.69 5.70
CA ASP A 95 -6.54 -4.43 4.62
C ASP A 95 -6.40 -2.97 4.16
N ALA A 96 -6.79 -2.71 2.91
CA ALA A 96 -6.59 -1.42 2.27
C ALA A 96 -7.83 -1.05 1.46
N HIS A 97 -8.12 0.25 1.43
CA HIS A 97 -9.34 0.80 0.86
C HIS A 97 -9.01 2.08 0.11
N PHE A 98 -9.74 2.35 -0.97
CA PHE A 98 -9.40 3.36 -1.95
C PHE A 98 -10.68 4.09 -2.38
N ASP A 99 -10.56 5.39 -2.69
CA ASP A 99 -11.67 6.16 -3.22
C ASP A 99 -11.74 5.96 -4.74
N GLU A 100 -12.63 5.10 -5.23
CA GLU A 100 -12.96 4.92 -6.64
C GLU A 100 -13.45 6.22 -7.27
N ASP A 101 -14.01 7.11 -6.45
CA ASP A 101 -14.49 8.44 -6.83
C ASP A 101 -13.35 9.28 -7.40
N GLU A 102 -12.19 9.23 -6.73
CA GLU A 102 -10.98 9.87 -7.20
C GLU A 102 -10.54 9.10 -8.46
N ARG A 103 -10.17 9.78 -9.55
CA ARG A 103 -9.65 9.12 -10.75
C ARG A 103 -8.36 8.39 -10.40
N TRP A 104 -8.07 7.28 -11.09
CA TRP A 104 -6.84 6.50 -10.94
C TRP A 104 -6.24 6.28 -12.32
N THR A 105 -5.00 5.79 -12.41
CA THR A 105 -4.36 5.43 -13.69
C THR A 105 -3.16 4.53 -13.38
N ASP A 106 -2.91 3.50 -14.20
CA ASP A 106 -1.72 2.65 -14.11
C ASP A 106 -0.54 3.28 -14.87
N GLY A 107 -0.42 4.61 -14.77
CA GLY A 107 0.65 5.40 -15.36
C GLY A 107 0.35 5.70 -16.82
N SER A 108 -0.76 6.40 -17.10
CA SER A 108 -1.22 6.69 -18.46
C SER A 108 -1.49 8.19 -18.62
N SER A 109 -0.47 8.92 -19.07
CA SER A 109 -0.42 10.36 -19.29
C SER A 109 -0.57 11.19 -18.02
N LEU A 110 -1.77 11.25 -17.42
CA LEU A 110 -2.10 12.03 -16.23
C LEU A 110 -3.15 11.26 -15.42
N GLY A 111 -3.36 11.69 -14.18
CA GLY A 111 -4.24 11.03 -13.23
C GLY A 111 -3.50 10.79 -11.92
N ILE A 112 -3.96 9.81 -11.16
CA ILE A 112 -3.37 9.41 -9.90
C ILE A 112 -2.74 8.03 -10.11
N ASN A 113 -1.40 7.97 -10.06
CA ASN A 113 -0.65 6.73 -10.24
C ASN A 113 -1.08 5.67 -9.23
N PHE A 114 -1.89 4.71 -9.69
CA PHE A 114 -2.34 3.58 -8.93
C PHE A 114 -1.14 2.77 -8.44
N LEU A 115 -0.10 2.62 -9.25
CA LEU A 115 1.06 1.81 -8.92
C LEU A 115 1.76 2.34 -7.67
N TYR A 116 1.94 3.66 -7.60
CA TYR A 116 2.42 4.36 -6.41
C TYR A 116 1.45 4.13 -5.26
N ALA A 117 0.15 4.32 -5.50
CA ALA A 117 -0.86 4.18 -4.46
C ALA A 117 -0.83 2.79 -3.83
N ALA A 118 -0.82 1.75 -4.66
CA ALA A 118 -0.78 0.37 -4.23
C ALA A 118 0.51 0.12 -3.45
N THR A 119 1.69 0.44 -4.01
CA THR A 119 2.96 0.25 -3.32
C THR A 119 3.01 1.01 -1.98
N HIS A 120 2.42 2.22 -1.92
CA HIS A 120 2.30 3.02 -0.71
C HIS A 120 1.46 2.26 0.32
N GLU A 121 0.22 1.88 -0.04
CA GLU A 121 -0.72 1.25 0.88
C GLU A 121 -0.18 -0.10 1.34
N LEU A 122 0.33 -0.90 0.40
CA LEU A 122 0.90 -2.22 0.64
C LEU A 122 2.11 -2.15 1.58
N GLY A 123 2.84 -1.04 1.59
CA GLY A 123 3.91 -0.83 2.56
C GLY A 123 3.37 -0.84 4.00
N HIS A 124 2.26 -0.14 4.24
CA HIS A 124 1.61 -0.17 5.55
C HIS A 124 0.99 -1.53 5.81
N SER A 125 0.42 -2.21 4.80
CA SER A 125 -0.03 -3.59 4.94
C SER A 125 1.11 -4.54 5.31
N LEU A 126 2.36 -4.29 4.88
CA LEU A 126 3.51 -5.10 5.27
C LEU A 126 3.91 -4.83 6.73
N GLY A 127 3.76 -3.58 7.17
CA GLY A 127 4.17 -3.15 8.50
C GLY A 127 3.98 -1.65 8.66
N MET A 128 4.62 -0.86 7.78
CA MET A 128 4.76 0.59 7.85
C MET A 128 5.73 1.05 6.75
N GLY A 129 5.95 2.36 6.66
CA GLY A 129 6.95 2.95 5.79
C GLY A 129 6.79 4.46 5.63
N HIS A 130 6.11 5.14 6.59
CA HIS A 130 5.79 6.56 6.45
C HIS A 130 7.03 7.45 6.67
N SER A 131 6.93 8.70 6.20
CA SER A 131 7.95 9.74 6.33
C SER A 131 7.31 11.09 5.93
N SER A 132 8.12 12.15 5.79
CA SER A 132 7.69 13.47 5.34
C SER A 132 8.73 14.10 4.38
N ASP A 133 9.17 13.31 3.39
CA ASP A 133 10.22 13.70 2.43
C ASP A 133 9.60 14.20 1.12
N PRO A 134 10.18 15.21 0.42
CA PRO A 134 9.49 15.85 -0.71
C PRO A 134 9.24 14.90 -1.88
N ASN A 135 9.98 13.79 -1.97
CA ASN A 135 9.88 12.79 -3.04
C ASN A 135 9.73 11.38 -2.46
N ALA A 136 9.19 11.25 -1.23
CA ALA A 136 8.91 9.97 -0.59
C ALA A 136 7.86 9.17 -1.40
N VAL A 137 8.15 7.89 -1.60
CA VAL A 137 7.21 6.93 -2.18
C VAL A 137 6.02 6.68 -1.24
N MET A 138 6.20 6.91 0.06
CA MET A 138 5.13 6.92 1.05
C MET A 138 4.78 8.35 1.51
N TYR A 139 5.09 9.40 0.74
CA TYR A 139 4.74 10.77 1.16
C TYR A 139 3.22 10.91 1.34
N PRO A 140 2.73 11.47 2.46
CA PRO A 140 1.31 11.72 2.62
C PRO A 140 0.85 13.00 1.89
N THR A 141 1.64 14.07 1.91
CA THR A 141 1.28 15.35 1.29
C THR A 141 1.50 15.29 -0.23
N TYR A 142 0.70 14.47 -0.92
CA TYR A 142 0.82 14.18 -2.34
C TYR A 142 0.94 15.45 -3.19
N GLY A 143 1.86 15.44 -4.16
CA GLY A 143 2.13 16.57 -5.05
C GLY A 143 3.38 17.33 -4.62
N ASN A 144 4.48 17.19 -5.39
CA ASN A 144 5.73 17.92 -5.23
C ASN A 144 6.56 17.74 -6.49
N GLY A 145 6.81 16.47 -6.84
CA GLY A 145 7.61 16.07 -7.99
C GLY A 145 6.74 15.29 -8.95
N ASP A 146 6.83 13.95 -8.92
CA ASP A 146 6.23 13.07 -9.90
C ASP A 146 6.03 11.67 -9.29
N PRO A 147 4.78 11.22 -9.04
CA PRO A 147 4.50 9.91 -8.50
C PRO A 147 4.56 8.79 -9.55
N GLN A 148 4.66 9.10 -10.85
CA GLN A 148 4.83 8.09 -11.90
C GLN A 148 6.24 7.49 -11.88
N ASN A 149 7.19 8.18 -11.22
CA ASN A 149 8.60 7.85 -11.13
C ASN A 149 8.98 7.56 -9.68
N PHE A 150 8.56 6.38 -9.21
CA PHE A 150 8.71 5.92 -7.84
C PHE A 150 9.34 4.52 -7.90
N LYS A 151 10.48 4.35 -7.23
CA LYS A 151 11.18 3.06 -7.18
C LYS A 151 11.92 2.99 -5.84
N LEU A 152 11.14 2.89 -4.75
CA LEU A 152 11.61 2.70 -3.38
C LEU A 152 12.66 3.78 -3.02
N SER A 153 12.20 5.00 -2.67
CA SER A 153 13.04 6.19 -2.58
C SER A 153 14.11 6.13 -1.50
N GLN A 154 13.74 6.34 -0.23
CA GLN A 154 14.63 6.32 0.93
C GLN A 154 13.84 5.84 2.13
N ASP A 155 12.67 6.44 2.36
CA ASP A 155 11.60 6.01 3.26
C ASP A 155 11.30 4.52 3.13
N ASP A 156 11.25 4.01 1.90
CA ASP A 156 10.98 2.60 1.60
C ASP A 156 12.13 1.72 2.09
N ILE A 157 13.35 1.98 1.59
CA ILE A 157 14.55 1.24 2.01
C ILE A 157 14.76 1.39 3.51
N LYS A 158 14.47 2.58 4.08
CA LYS A 158 14.58 2.83 5.51
C LYS A 158 13.65 1.88 6.25
N GLY A 159 12.43 1.66 5.74
CA GLY A 159 11.51 0.69 6.32
C GLY A 159 12.03 -0.72 6.12
N ILE A 160 12.36 -1.10 4.89
CA ILE A 160 12.83 -2.45 4.53
C ILE A 160 14.07 -2.84 5.35
N GLN A 161 15.10 -2.00 5.40
CA GLN A 161 16.34 -2.30 6.11
C GLN A 161 16.09 -2.34 7.61
N LYS A 162 15.10 -1.58 8.12
CA LYS A 162 14.72 -1.60 9.52
C LYS A 162 13.91 -2.86 9.86
N LEU A 163 13.26 -3.48 8.87
CA LEU A 163 12.51 -4.72 9.05
C LEU A 163 13.43 -5.94 8.93
N TYR A 164 14.26 -6.00 7.86
CA TYR A 164 15.01 -7.22 7.50
C TYR A 164 16.45 -6.92 7.04
N GLY A 165 17.00 -5.75 7.37
CA GLY A 165 18.35 -5.33 7.03
C GLY A 165 19.29 -5.46 8.23
N LYS A 166 20.22 -4.49 8.36
CA LYS A 166 21.44 -4.64 9.18
C LYS A 166 21.86 -3.36 9.92
N ARG A 167 21.56 -2.19 9.36
CA ARG A 167 21.81 -0.87 9.93
C ARG A 167 20.74 0.08 9.39
N SER A 168 20.57 1.26 10.00
CA SER A 168 19.68 2.29 9.48
C SER A 168 20.28 3.67 9.78
N ASN A 169 20.26 4.57 8.80
CA ASN A 169 20.81 5.93 8.88
C ASN A 169 20.08 6.75 7.79
N SER A 170 18.94 7.34 8.13
CA SER A 170 18.20 8.28 7.30
C SER A 170 17.18 9.00 8.19
N ARG A 171 17.03 10.32 8.03
CA ARG A 171 16.01 11.16 8.69
C ARG A 171 16.01 12.52 7.98
N LYS A 172 15.07 13.41 8.31
CA LYS A 172 14.97 14.77 7.75
C LYS A 172 14.68 15.75 8.91
N LYS A 173 14.69 17.06 8.64
CA LYS A 173 14.60 18.13 9.64
CA TYR A 1 7.41 5.32 16.05
C TYR A 1 7.24 5.70 14.59
N SER A 2 6.10 5.32 13.96
CA SER A 2 5.79 5.57 12.56
C SER A 2 4.27 5.45 12.36
N LEU A 3 3.52 6.39 12.95
CA LEU A 3 2.07 6.56 12.80
C LEU A 3 1.25 5.28 13.05
N PHE A 4 1.06 4.91 14.33
CA PHE A 4 0.39 3.67 14.81
C PHE A 4 1.34 2.46 14.68
N PRO A 5 2.27 2.24 15.62
CA PRO A 5 3.19 1.12 15.54
C PRO A 5 2.48 -0.20 15.79
N ASN A 6 2.94 -1.24 15.10
CA ASN A 6 2.50 -2.60 15.25
C ASN A 6 3.63 -3.51 14.79
N SER A 7 3.54 -4.81 15.08
CA SER A 7 4.57 -5.81 14.73
C SER A 7 4.85 -5.72 13.22
N PRO A 8 5.98 -5.11 12.80
CA PRO A 8 6.22 -4.91 11.39
C PRO A 8 6.70 -6.22 10.79
N LYS A 9 6.18 -6.54 9.59
CA LYS A 9 6.37 -7.81 8.91
C LYS A 9 5.59 -8.89 9.67
N TRP A 10 4.56 -9.44 9.02
CA TRP A 10 3.81 -10.58 9.52
C TRP A 10 4.77 -11.68 10.01
N THR A 11 4.36 -12.43 11.05
CA THR A 11 5.18 -13.49 11.65
C THR A 11 5.47 -14.61 10.64
N SER A 12 4.59 -14.81 9.66
CA SER A 12 4.77 -15.71 8.53
C SER A 12 5.59 -15.04 7.41
N LYS A 13 6.36 -15.85 6.67
CA LYS A 13 7.08 -15.42 5.46
C LYS A 13 6.16 -15.22 4.25
N VAL A 14 4.90 -15.66 4.37
CA VAL A 14 3.89 -15.58 3.33
C VAL A 14 2.65 -14.93 3.93
N VAL A 15 1.97 -14.12 3.11
CA VAL A 15 0.83 -13.31 3.52
C VAL A 15 -0.29 -13.55 2.50
N THR A 16 -1.53 -13.55 2.95
CA THR A 16 -2.64 -13.78 2.04
C THR A 16 -3.18 -12.43 1.54
N TYR A 17 -3.59 -12.33 0.28
CA TYR A 17 -4.24 -11.14 -0.27
C TYR A 17 -5.61 -11.50 -0.86
N ARG A 18 -6.55 -10.55 -0.79
CA ARG A 18 -7.91 -10.73 -1.31
C ARG A 18 -8.43 -9.39 -1.82
N ILE A 19 -8.37 -9.22 -3.14
CA ILE A 19 -8.87 -8.03 -3.78
C ILE A 19 -10.38 -8.26 -3.93
N VAL A 20 -11.20 -7.66 -3.04
CA VAL A 20 -12.67 -7.82 -2.97
C VAL A 20 -13.36 -7.14 -4.14
N SER A 21 -12.99 -5.88 -4.39
CA SER A 21 -13.44 -5.06 -5.49
C SER A 21 -12.19 -4.47 -6.13
N TYR A 22 -12.33 -3.77 -7.24
CA TYR A 22 -11.23 -3.25 -8.04
C TYR A 22 -11.65 -1.85 -8.52
N THR A 23 -10.70 -1.07 -9.05
CA THR A 23 -11.00 0.20 -9.72
C THR A 23 -11.83 -0.03 -11.00
N ARG A 24 -12.18 1.07 -11.68
CA ARG A 24 -13.05 1.06 -12.86
C ARG A 24 -12.39 1.74 -14.07
N ASP A 25 -11.58 2.78 -13.83
CA ASP A 25 -10.78 3.45 -14.85
C ASP A 25 -9.82 2.47 -15.52
N LEU A 26 -9.24 1.57 -14.71
CA LEU A 26 -8.21 0.61 -15.14
C LEU A 26 -8.79 -0.81 -15.03
N PRO A 27 -8.38 -1.76 -15.89
CA PRO A 27 -8.94 -3.11 -15.89
C PRO A 27 -8.41 -3.96 -14.72
N HIS A 28 -9.23 -4.91 -14.26
CA HIS A 28 -8.95 -5.76 -13.10
C HIS A 28 -7.68 -6.59 -13.29
N ILE A 29 -7.45 -7.12 -14.51
CA ILE A 29 -6.25 -7.85 -14.85
C ILE A 29 -5.01 -6.95 -14.76
N THR A 30 -5.14 -5.67 -15.11
CA THR A 30 -4.07 -4.70 -14.91
C THR A 30 -3.91 -4.45 -13.41
N VAL A 31 -4.98 -4.30 -12.62
CA VAL A 31 -4.84 -4.13 -11.17
C VAL A 31 -4.04 -5.30 -10.59
N ASP A 32 -4.37 -6.54 -10.94
CA ASP A 32 -3.65 -7.74 -10.51
C ASP A 32 -2.18 -7.68 -10.97
N ARG A 33 -1.93 -7.39 -12.25
CA ARG A 33 -0.58 -7.22 -12.80
C ARG A 33 0.21 -6.12 -12.09
N LEU A 34 -0.39 -4.94 -11.87
CA LEU A 34 0.25 -3.81 -11.22
C LEU A 34 0.50 -4.15 -9.75
N VAL A 35 -0.45 -4.79 -9.05
CA VAL A 35 -0.23 -5.32 -7.71
C VAL A 35 0.95 -6.28 -7.73
N SER A 36 0.99 -7.26 -8.64
CA SER A 36 2.10 -8.20 -8.71
C SER A 36 3.41 -7.51 -9.03
N LYS A 37 3.45 -6.53 -9.94
CA LYS A 37 4.66 -5.76 -10.25
C LYS A 37 5.11 -4.93 -9.03
N ALA A 38 4.17 -4.22 -8.38
CA ALA A 38 4.43 -3.44 -7.16
C ALA A 38 4.89 -4.31 -5.99
N LEU A 39 4.22 -5.46 -5.77
CA LEU A 39 4.57 -6.39 -4.72
C LEU A 39 5.88 -7.09 -5.03
N ASN A 40 6.14 -7.43 -6.30
CA ASN A 40 7.43 -7.93 -6.75
C ASN A 40 8.52 -6.89 -6.44
N MET A 41 8.26 -5.60 -6.66
CA MET A 41 9.18 -4.51 -6.31
C MET A 41 9.38 -4.39 -4.80
N TRP A 42 8.38 -4.68 -3.96
CA TRP A 42 8.53 -4.77 -2.51
C TRP A 42 9.34 -6.02 -2.11
N GLY A 43 8.96 -7.18 -2.65
CA GLY A 43 9.61 -8.48 -2.41
C GLY A 43 10.98 -8.60 -3.07
N LYS A 44 11.35 -7.67 -3.95
CA LYS A 44 12.70 -7.56 -4.51
C LYS A 44 13.72 -7.27 -3.39
N GLU A 45 13.28 -6.64 -2.29
CA GLU A 45 14.14 -6.27 -1.19
C GLU A 45 14.05 -7.32 -0.06
N ILE A 46 12.86 -7.85 0.22
CA ILE A 46 12.62 -8.83 1.27
C ILE A 46 12.14 -10.16 0.68
N PRO A 47 12.64 -11.33 1.12
CA PRO A 47 12.26 -12.65 0.61
C PRO A 47 10.86 -13.09 1.08
N LEU A 48 9.94 -12.14 1.14
CA LEU A 48 8.57 -12.30 1.58
C LEU A 48 7.72 -12.60 0.36
N HIS A 49 6.80 -13.54 0.50
CA HIS A 49 5.98 -14.03 -0.59
C HIS A 49 4.51 -13.79 -0.25
N PHE A 50 3.62 -14.00 -1.23
CA PHE A 50 2.22 -13.70 -1.02
C PHE A 50 1.39 -14.79 -1.71
N ARG A 51 0.16 -15.02 -1.23
CA ARG A 51 -0.75 -16.00 -1.80
C ARG A 51 -2.17 -15.46 -1.86
N LYS A 52 -3.00 -16.08 -2.69
CA LYS A 52 -4.39 -15.70 -2.84
C LYS A 52 -5.26 -16.72 -2.12
N VAL A 53 -6.36 -16.23 -1.54
CA VAL A 53 -7.35 -17.04 -0.85
C VAL A 53 -8.42 -17.52 -1.83
N VAL A 54 -9.30 -18.42 -1.37
CA VAL A 54 -10.30 -19.11 -2.17
C VAL A 54 -11.66 -19.09 -1.46
N TRP A 55 -11.96 -17.95 -0.79
CA TRP A 55 -13.19 -17.76 -0.04
C TRP A 55 -13.64 -16.31 -0.12
N GLY A 56 -12.93 -15.40 0.57
CA GLY A 56 -13.25 -13.98 0.52
C GLY A 56 -12.68 -13.14 1.67
N THR A 57 -11.58 -13.58 2.31
CA THR A 57 -11.00 -12.95 3.48
C THR A 57 -9.51 -13.29 3.48
N ALA A 58 -8.64 -12.32 3.75
CA ALA A 58 -7.20 -12.48 3.73
C ALA A 58 -6.51 -11.44 4.62
N ASP A 59 -5.19 -11.54 4.72
CA ASP A 59 -4.38 -10.63 5.52
C ASP A 59 -4.32 -9.23 4.87
N ILE A 60 -4.25 -9.16 3.52
CA ILE A 60 -4.16 -7.95 2.69
C ILE A 60 -5.41 -7.90 1.78
N MET A 61 -6.55 -7.50 2.35
CA MET A 61 -7.75 -7.19 1.61
C MET A 61 -7.54 -5.83 0.93
N ILE A 62 -7.72 -5.78 -0.38
CA ILE A 62 -7.66 -4.56 -1.16
C ILE A 62 -9.10 -4.33 -1.65
N GLY A 63 -9.69 -3.19 -1.33
CA GLY A 63 -11.04 -2.85 -1.73
C GLY A 63 -11.17 -1.39 -2.16
N PHE A 64 -12.25 -1.07 -2.86
CA PHE A 64 -12.44 0.24 -3.47
C PHE A 64 -13.88 0.64 -3.21
N ALA A 65 -14.07 1.83 -2.64
CA ALA A 65 -15.37 2.39 -2.26
C ALA A 65 -15.33 3.90 -2.52
N ARG A 66 -16.37 4.64 -2.13
CA ARG A 66 -16.47 6.07 -2.38
C ARG A 66 -17.38 6.68 -1.31
N GLY A 67 -17.01 7.88 -0.82
CA GLY A 67 -17.83 8.63 0.11
C GLY A 67 -17.86 8.00 1.51
N ALA A 68 -18.82 7.10 1.77
CA ALA A 68 -18.85 6.35 3.01
C ALA A 68 -17.82 5.21 2.95
N HIS A 69 -17.64 4.52 4.08
CA HIS A 69 -16.78 3.35 4.16
C HIS A 69 -17.26 2.44 5.29
N GLY A 70 -17.16 1.13 5.07
CA GLY A 70 -17.61 0.10 5.99
C GLY A 70 -16.46 -0.48 6.84
N ASP A 71 -15.62 0.40 7.38
CA ASP A 71 -14.37 0.12 8.10
C ASP A 71 -14.13 1.17 9.19
N SER A 72 -15.22 1.75 9.72
CA SER A 72 -15.24 2.68 10.87
C SER A 72 -14.79 4.09 10.48
N TYR A 73 -13.78 4.20 9.62
CA TYR A 73 -13.27 5.45 9.10
C TYR A 73 -14.00 5.82 7.80
N PRO A 74 -14.93 6.79 7.81
CA PRO A 74 -15.55 7.24 6.58
C PRO A 74 -14.50 7.91 5.68
N PHE A 75 -14.63 7.69 4.38
CA PHE A 75 -13.88 8.37 3.35
C PHE A 75 -14.38 9.82 3.22
N ASP A 76 -13.89 10.48 2.17
CA ASP A 76 -14.04 11.88 1.86
C ASP A 76 -14.64 12.02 0.45
N GLY A 77 -14.15 11.25 -0.53
CA GLY A 77 -14.58 11.33 -1.92
C GLY A 77 -13.50 12.00 -2.80
N PRO A 78 -13.92 12.71 -3.87
CA PRO A 78 -13.05 13.34 -4.86
C PRO A 78 -12.34 14.59 -4.32
N GLY A 79 -11.40 14.37 -3.40
CA GLY A 79 -10.56 15.36 -2.76
C GLY A 79 -10.04 14.81 -1.43
N ASN A 80 -9.03 15.45 -0.83
CA ASN A 80 -8.31 14.97 0.36
C ASN A 80 -7.84 13.49 0.22
N THR A 81 -7.53 12.81 1.35
CA THR A 81 -7.04 11.42 1.48
C THR A 81 -7.59 10.45 0.41
N LEU A 82 -6.75 10.06 -0.57
CA LEU A 82 -7.12 9.27 -1.73
C LEU A 82 -7.30 7.77 -1.42
N ALA A 83 -6.57 7.25 -0.43
CA ALA A 83 -6.64 5.86 -0.02
C ALA A 83 -6.17 5.77 1.44
N HIS A 84 -6.51 4.68 2.13
CA HIS A 84 -6.09 4.46 3.50
C HIS A 84 -5.93 2.97 3.75
N ALA A 85 -5.16 2.62 4.77
CA ALA A 85 -4.86 1.24 5.13
C ALA A 85 -4.59 1.17 6.62
N PHE A 86 -4.50 -0.06 7.13
CA PHE A 86 -4.36 -0.34 8.54
C PHE A 86 -3.10 -1.18 8.75
N ALA A 87 -2.45 -1.03 9.90
CA ALA A 87 -1.24 -1.80 10.23
C ALA A 87 -1.57 -3.30 10.32
N PRO A 88 -0.61 -4.23 10.09
CA PRO A 88 -0.89 -5.66 10.11
C PRO A 88 -1.25 -6.14 11.52
N GLY A 89 -1.79 -7.37 11.60
CA GLY A 89 -2.25 -7.94 12.85
C GLY A 89 -3.03 -9.21 12.59
N THR A 90 -4.33 -9.23 12.94
CA THR A 90 -5.14 -10.45 12.98
C THR A 90 -6.61 -10.14 12.65
N GLY A 91 -6.90 -9.71 11.41
CA GLY A 91 -8.25 -9.42 10.96
C GLY A 91 -8.21 -8.30 9.93
N LEU A 92 -8.91 -7.19 10.22
CA LEU A 92 -8.86 -5.94 9.44
C LEU A 92 -7.42 -5.40 9.30
N GLY A 93 -6.51 -5.73 10.23
CA GLY A 93 -5.12 -5.34 10.09
C GLY A 93 -4.57 -5.70 8.70
N GLY A 94 -3.75 -4.81 8.14
CA GLY A 94 -3.13 -4.94 6.83
C GLY A 94 -4.05 -4.53 5.68
N ASP A 95 -5.37 -4.57 5.88
CA ASP A 95 -6.32 -4.33 4.81
C ASP A 95 -6.25 -2.85 4.42
N ALA A 96 -6.61 -2.57 3.17
CA ALA A 96 -6.42 -1.27 2.56
C ALA A 96 -7.57 -0.98 1.62
N HIS A 97 -7.94 0.28 1.54
CA HIS A 97 -9.04 0.71 0.71
C HIS A 97 -8.74 2.02 0.02
N PHE A 98 -9.42 2.23 -1.10
CA PHE A 98 -9.08 3.23 -2.09
C PHE A 98 -10.35 3.90 -2.54
N ASP A 99 -10.28 5.21 -2.77
CA ASP A 99 -11.44 5.97 -3.19
C ASP A 99 -11.59 5.77 -4.70
N GLU A 100 -12.57 4.95 -5.12
CA GLU A 100 -12.82 4.67 -6.53
C GLU A 100 -13.28 5.94 -7.27
N ASP A 101 -13.84 6.93 -6.56
CA ASP A 101 -14.30 8.17 -7.18
C ASP A 101 -13.12 9.04 -7.59
N GLU A 102 -11.96 8.86 -6.92
CA GLU A 102 -10.72 9.50 -7.36
C GLU A 102 -10.18 8.74 -8.56
N ARG A 103 -9.79 9.46 -9.62
CA ARG A 103 -9.24 8.82 -10.81
C ARG A 103 -7.91 8.18 -10.47
N TRP A 104 -7.65 7.02 -11.08
CA TRP A 104 -6.44 6.26 -10.90
C TRP A 104 -5.85 6.00 -12.28
N THR A 105 -4.53 6.15 -12.42
CA THR A 105 -3.83 5.96 -13.69
C THR A 105 -2.92 4.73 -13.57
N ASP A 106 -2.71 3.98 -14.67
CA ASP A 106 -1.87 2.79 -14.75
C ASP A 106 -0.37 3.10 -14.75
N GLY A 107 0.00 4.28 -14.22
CA GLY A 107 1.32 4.87 -14.28
C GLY A 107 1.57 5.47 -15.67
N SER A 108 1.92 6.76 -15.73
CA SER A 108 2.30 7.50 -16.94
C SER A 108 1.08 7.84 -17.84
N SER A 109 0.09 8.57 -17.30
CA SER A 109 -1.11 9.01 -18.02
C SER A 109 -1.93 10.09 -17.25
N LEU A 110 -1.26 11.07 -16.61
CA LEU A 110 -1.87 12.04 -15.66
C LEU A 110 -2.61 11.33 -14.50
N GLY A 111 -3.25 12.08 -13.59
CA GLY A 111 -3.97 11.48 -12.47
C GLY A 111 -3.02 10.89 -11.43
N ILE A 112 -3.56 10.12 -10.49
CA ILE A 112 -2.78 9.57 -9.38
C ILE A 112 -2.30 8.18 -9.75
N ASN A 113 -0.97 8.01 -9.74
CA ASN A 113 -0.28 6.78 -10.10
C ASN A 113 -0.80 5.64 -9.23
N PHE A 114 -1.60 4.74 -9.82
CA PHE A 114 -2.15 3.58 -9.13
C PHE A 114 -1.01 2.73 -8.58
N LEU A 115 0.09 2.60 -9.32
CA LEU A 115 1.20 1.78 -8.89
C LEU A 115 1.75 2.38 -7.62
N TYR A 116 2.05 3.68 -7.61
CA TYR A 116 2.50 4.39 -6.43
C TYR A 116 1.50 4.23 -5.29
N ALA A 117 0.19 4.32 -5.56
CA ALA A 117 -0.85 4.17 -4.56
C ALA A 117 -0.77 2.79 -3.92
N ALA A 118 -0.91 1.74 -4.73
CA ALA A 118 -0.87 0.38 -4.24
C ALA A 118 0.45 0.13 -3.52
N THR A 119 1.61 0.45 -4.13
CA THR A 119 2.93 0.27 -3.53
C THR A 119 3.05 1.02 -2.19
N HIS A 120 2.44 2.21 -2.07
CA HIS A 120 2.38 2.97 -0.82
C HIS A 120 1.54 2.22 0.22
N GLU A 121 0.29 1.87 -0.11
CA GLU A 121 -0.61 1.23 0.86
C GLU A 121 -0.11 -0.17 1.26
N LEU A 122 0.40 -0.93 0.29
CA LEU A 122 0.98 -2.26 0.47
C LEU A 122 2.23 -2.22 1.38
N GLY A 123 3.00 -1.13 1.34
CA GLY A 123 4.09 -0.95 2.29
C GLY A 123 3.58 -0.99 3.72
N HIS A 124 2.46 -0.32 3.99
CA HIS A 124 1.85 -0.38 5.30
C HIS A 124 1.26 -1.75 5.60
N SER A 125 0.68 -2.42 4.60
CA SER A 125 0.17 -3.78 4.75
C SER A 125 1.28 -4.75 5.16
N LEU A 126 2.52 -4.51 4.71
CA LEU A 126 3.68 -5.27 5.14
C LEU A 126 4.03 -4.99 6.61
N GLY A 127 3.83 -3.78 7.12
CA GLY A 127 4.14 -3.47 8.53
C GLY A 127 4.50 -2.02 8.77
N MET A 128 3.64 -1.09 8.35
CA MET A 128 3.92 0.35 8.38
C MET A 128 5.19 0.69 7.58
N GLY A 129 5.59 1.97 7.60
CA GLY A 129 6.69 2.48 6.81
C GLY A 129 6.34 3.86 6.26
N HIS A 130 6.05 4.81 7.17
CA HIS A 130 5.84 6.19 6.80
C HIS A 130 7.13 6.99 6.97
N SER A 131 7.12 8.21 6.41
CA SER A 131 8.23 9.15 6.41
C SER A 131 7.73 10.57 6.13
N SER A 132 8.67 11.50 5.92
CA SER A 132 8.46 12.94 5.78
C SER A 132 9.45 13.52 4.76
N ASP A 133 9.85 12.72 3.76
CA ASP A 133 10.90 13.06 2.77
C ASP A 133 10.25 13.68 1.52
N PRO A 134 10.92 14.62 0.81
CA PRO A 134 10.32 15.37 -0.30
C PRO A 134 10.00 14.50 -1.52
N ASN A 135 10.66 13.34 -1.64
CA ASN A 135 10.50 12.36 -2.70
C ASN A 135 10.38 10.96 -2.06
N ALA A 136 9.85 10.84 -0.83
CA ALA A 136 9.62 9.52 -0.25
C ALA A 136 8.51 8.82 -1.03
N VAL A 137 8.74 7.57 -1.38
CA VAL A 137 7.76 6.65 -1.96
C VAL A 137 6.49 6.51 -1.10
N MET A 138 6.60 6.68 0.22
CA MET A 138 5.48 6.67 1.15
C MET A 138 5.28 8.06 1.76
N TYR A 139 5.67 9.13 1.05
CA TYR A 139 5.37 10.51 1.44
C TYR A 139 3.84 10.69 1.61
N PRO A 140 3.35 11.25 2.75
CA PRO A 140 1.98 11.71 2.87
C PRO A 140 1.77 13.00 2.05
N THR A 141 0.56 13.56 2.02
CA THR A 141 0.20 14.80 1.32
C THR A 141 0.20 14.66 -0.22
N TYR A 142 1.16 13.95 -0.81
CA TYR A 142 1.27 13.61 -2.24
C TYR A 142 1.24 14.84 -3.17
N GLY A 143 2.42 15.38 -3.52
CA GLY A 143 2.54 16.51 -4.44
C GLY A 143 3.75 17.36 -4.09
N ASN A 144 4.82 17.27 -4.90
CA ASN A 144 6.07 18.03 -4.74
C ASN A 144 6.99 17.80 -5.94
N GLY A 145 7.21 16.52 -6.27
CA GLY A 145 8.14 16.06 -7.30
C GLY A 145 7.33 15.41 -8.41
N ASP A 146 7.52 14.10 -8.56
CA ASP A 146 6.76 13.28 -9.48
C ASP A 146 6.71 11.86 -8.87
N PRO A 147 5.53 11.19 -8.85
CA PRO A 147 5.41 9.79 -8.48
C PRO A 147 5.61 8.83 -9.67
N GLN A 148 5.69 9.29 -10.92
CA GLN A 148 5.91 8.41 -12.05
C GLN A 148 7.34 7.83 -12.05
N ASN A 149 8.32 8.55 -11.49
CA ASN A 149 9.74 8.17 -11.48
C ASN A 149 10.18 7.70 -10.08
N PHE A 150 9.53 6.62 -9.61
CA PHE A 150 9.69 6.07 -8.28
C PHE A 150 10.05 4.59 -8.34
N LYS A 151 10.94 4.15 -7.46
CA LYS A 151 11.45 2.78 -7.41
C LYS A 151 12.18 2.50 -6.10
N LEU A 152 11.53 2.81 -4.97
CA LEU A 152 12.01 2.50 -3.61
C LEU A 152 13.24 3.36 -3.26
N SER A 153 13.04 4.65 -2.94
CA SER A 153 14.12 5.63 -2.72
C SER A 153 14.91 5.34 -1.43
N GLN A 154 14.56 5.96 -0.30
CA GLN A 154 15.29 5.86 0.96
C GLN A 154 14.33 5.55 2.09
N ASP A 155 13.19 6.24 2.14
CA ASP A 155 12.05 5.89 2.98
C ASP A 155 11.70 4.41 2.80
N ASP A 156 11.63 3.92 1.55
CA ASP A 156 11.32 2.52 1.31
C ASP A 156 12.37 1.63 1.94
N ILE A 157 13.66 1.81 1.60
CA ILE A 157 14.74 0.98 2.12
C ILE A 157 14.76 1.07 3.65
N LYS A 158 14.60 2.27 4.21
CA LYS A 158 14.62 2.49 5.65
C LYS A 158 13.44 1.78 6.32
N GLY A 159 12.27 1.79 5.69
CA GLY A 159 11.09 1.05 6.14
C GLY A 159 11.31 -0.45 5.99
N ILE A 160 11.75 -0.92 4.82
CA ILE A 160 12.04 -2.32 4.51
C ILE A 160 13.05 -2.88 5.50
N GLN A 161 14.22 -2.27 5.62
CA GLN A 161 15.27 -2.77 6.49
C GLN A 161 14.81 -2.73 7.95
N LYS A 162 13.81 -1.92 8.28
CA LYS A 162 13.24 -1.86 9.62
C LYS A 162 12.12 -2.89 9.80
N LEU A 163 11.40 -3.23 8.72
CA LEU A 163 10.39 -4.29 8.66
C LEU A 163 11.06 -5.64 8.93
N TYR A 164 12.05 -6.02 8.13
CA TYR A 164 12.71 -7.31 8.25
C TYR A 164 13.95 -7.28 9.16
N GLY A 165 14.29 -6.11 9.71
CA GLY A 165 15.54 -5.91 10.44
C GLY A 165 15.45 -6.47 11.84
N LYS A 166 14.86 -5.69 12.76
CA LYS A 166 14.72 -6.13 14.15
C LYS A 166 13.63 -5.37 14.88
N ARG A 167 13.77 -4.03 14.90
CA ARG A 167 12.97 -3.11 15.69
C ARG A 167 12.95 -3.45 17.20
N SER A 168 12.27 -2.62 17.98
CA SER A 168 12.11 -2.80 19.42
C SER A 168 10.73 -2.21 19.75
N ASN A 169 9.71 -3.08 19.74
CA ASN A 169 8.35 -2.81 20.19
C ASN A 169 7.72 -4.19 20.38
N SER A 170 7.06 -4.41 21.53
CA SER A 170 6.29 -5.63 21.76
C SER A 170 5.01 -5.57 20.91
N ARG A 171 4.64 -6.69 20.28
CA ARG A 171 3.40 -6.79 19.53
C ARG A 171 2.19 -6.62 20.47
N LYS A 172 1.17 -5.91 20.00
CA LYS A 172 -0.11 -5.74 20.67
C LYS A 172 -1.20 -5.61 19.62
N LYS A 173 -2.35 -6.22 19.91
CA LYS A 173 -3.53 -6.27 19.06
CA TYR A 1 5.43 3.38 15.16
C TYR A 1 6.54 3.95 14.30
N SER A 2 6.92 3.29 13.18
CA SER A 2 7.99 3.75 12.28
C SER A 2 9.34 3.95 13.00
N LEU A 3 9.64 3.05 13.96
CA LEU A 3 10.87 3.11 14.73
C LEU A 3 11.20 1.72 15.28
N PHE A 4 10.39 1.23 16.22
CA PHE A 4 10.51 -0.07 16.88
C PHE A 4 9.12 -0.45 17.41
N PRO A 5 8.22 -1.02 16.57
CA PRO A 5 6.97 -1.63 17.01
C PRO A 5 7.21 -2.97 17.72
N ASN A 6 6.11 -3.68 18.00
CA ASN A 6 6.12 -4.97 18.69
C ASN A 6 6.79 -6.07 17.85
N SER A 7 6.22 -6.29 16.66
CA SER A 7 6.68 -7.21 15.62
C SER A 7 5.88 -6.85 14.37
N PRO A 8 6.44 -6.06 13.44
CA PRO A 8 5.85 -5.85 12.13
C PRO A 8 6.07 -7.09 11.25
N LYS A 9 5.42 -7.11 10.08
CA LYS A 9 5.22 -8.27 9.21
C LYS A 9 4.30 -9.30 9.87
N TRP A 10 3.44 -9.91 9.06
CA TRP A 10 2.56 -10.99 9.48
C TRP A 10 3.38 -12.15 10.06
N THR A 11 2.80 -12.89 11.01
CA THR A 11 3.48 -13.97 11.72
C THR A 11 3.92 -15.13 10.79
N SER A 12 3.29 -15.22 9.61
CA SER A 12 3.63 -16.12 8.53
C SER A 12 4.51 -15.38 7.50
N LYS A 13 5.50 -16.10 6.96
CA LYS A 13 6.32 -15.63 5.84
C LYS A 13 5.56 -15.64 4.50
N VAL A 14 4.41 -16.33 4.44
CA VAL A 14 3.55 -16.38 3.27
C VAL A 14 2.26 -15.67 3.68
N VAL A 15 1.94 -14.59 2.97
CA VAL A 15 0.77 -13.76 3.26
C VAL A 15 -0.20 -13.94 2.11
N THR A 16 -1.50 -13.71 2.34
CA THR A 16 -2.48 -13.82 1.29
C THR A 16 -2.95 -12.43 0.87
N TYR A 17 -3.21 -12.24 -0.43
CA TYR A 17 -3.80 -11.01 -0.95
C TYR A 17 -5.03 -11.34 -1.77
N ARG A 18 -6.04 -10.45 -1.73
CA ARG A 18 -7.24 -10.63 -2.56
C ARG A 18 -7.96 -9.31 -2.80
N ILE A 19 -8.00 -8.90 -4.06
CA ILE A 19 -8.65 -7.66 -4.45
C ILE A 19 -10.13 -8.01 -4.65
N VAL A 20 -10.97 -7.81 -3.61
CA VAL A 20 -12.39 -8.14 -3.63
C VAL A 20 -13.18 -7.28 -4.61
N SER A 21 -12.82 -6.00 -4.67
CA SER A 21 -13.39 -4.96 -5.51
C SER A 21 -12.18 -4.31 -6.16
N TYR A 22 -12.37 -3.75 -7.35
CA TYR A 22 -11.32 -3.19 -8.19
C TYR A 22 -11.73 -1.76 -8.55
N THR A 23 -10.78 -0.98 -9.10
CA THR A 23 -11.08 0.34 -9.62
C THR A 23 -12.03 0.27 -10.82
N ARG A 24 -12.36 1.44 -11.37
CA ARG A 24 -13.32 1.57 -12.46
C ARG A 24 -12.66 2.12 -13.73
N ASP A 25 -11.74 3.09 -13.61
CA ASP A 25 -11.07 3.72 -14.77
C ASP A 25 -10.13 2.74 -15.47
N LEU A 26 -9.39 1.97 -14.66
CA LEU A 26 -8.40 0.98 -15.08
C LEU A 26 -9.01 -0.42 -14.91
N PRO A 27 -8.59 -1.43 -15.70
CA PRO A 27 -9.15 -2.76 -15.61
C PRO A 27 -8.69 -3.52 -14.36
N HIS A 28 -9.54 -4.41 -13.84
CA HIS A 28 -9.27 -5.25 -12.67
C HIS A 28 -8.04 -6.14 -12.84
N ILE A 29 -7.83 -6.68 -14.05
CA ILE A 29 -6.66 -7.48 -14.36
C ILE A 29 -5.40 -6.64 -14.20
N THR A 30 -5.41 -5.39 -14.67
CA THR A 30 -4.29 -4.47 -14.53
C THR A 30 -4.10 -4.11 -13.06
N VAL A 31 -5.17 -3.91 -12.29
CA VAL A 31 -5.05 -3.72 -10.84
C VAL A 31 -4.36 -4.93 -10.19
N ASP A 32 -4.79 -6.17 -10.44
CA ASP A 32 -4.17 -7.37 -9.86
C ASP A 32 -2.71 -7.51 -10.33
N ARG A 33 -2.46 -7.29 -11.63
CA ARG A 33 -1.10 -7.35 -12.19
C ARG A 33 -0.19 -6.30 -11.56
N LEU A 34 -0.65 -5.05 -11.45
CA LEU A 34 0.11 -3.97 -10.82
C LEU A 34 0.28 -4.25 -9.34
N VAL A 35 -0.72 -4.80 -8.62
CA VAL A 35 -0.56 -5.27 -7.26
C VAL A 35 0.52 -6.37 -7.21
N SER A 36 0.48 -7.35 -8.12
CA SER A 36 1.42 -8.46 -8.11
C SER A 36 2.85 -7.92 -8.30
N LYS A 37 3.02 -6.95 -9.21
CA LYS A 37 4.30 -6.29 -9.43
C LYS A 37 4.69 -5.40 -8.24
N ALA A 38 3.76 -4.65 -7.65
CA ALA A 38 4.00 -3.80 -6.48
C ALA A 38 4.44 -4.63 -5.26
N LEU A 39 3.72 -5.73 -5.00
CA LEU A 39 4.04 -6.66 -3.94
C LEU A 39 5.33 -7.41 -4.26
N ASN A 40 5.57 -7.75 -5.54
CA ASN A 40 6.87 -8.29 -5.94
C ASN A 40 7.97 -7.31 -5.62
N MET A 41 7.75 -6.00 -5.83
CA MET A 41 8.71 -4.96 -5.49
C MET A 41 8.99 -4.92 -3.99
N TRP A 42 7.96 -5.01 -3.13
CA TRP A 42 8.16 -5.14 -1.69
C TRP A 42 8.93 -6.43 -1.35
N GLY A 43 8.52 -7.57 -1.92
CA GLY A 43 9.18 -8.86 -1.69
C GLY A 43 10.50 -9.02 -2.45
N LYS A 44 10.91 -8.04 -3.25
CA LYS A 44 12.25 -7.98 -3.84
C LYS A 44 13.25 -7.40 -2.83
N GLU A 45 12.76 -6.85 -1.72
CA GLU A 45 13.61 -6.19 -0.73
C GLU A 45 13.71 -7.03 0.56
N ILE A 46 12.73 -7.92 0.81
CA ILE A 46 12.70 -8.80 1.98
C ILE A 46 12.29 -10.21 1.56
N PRO A 47 12.82 -11.27 2.22
CA PRO A 47 12.57 -12.67 1.88
C PRO A 47 11.17 -13.13 2.36
N LEU A 48 10.14 -12.44 1.87
CA LEU A 48 8.73 -12.60 2.24
C LEU A 48 7.97 -12.87 0.95
N HIS A 49 7.02 -13.81 1.00
CA HIS A 49 6.33 -14.32 -0.17
C HIS A 49 4.83 -14.12 0.04
N PHE A 50 4.06 -14.15 -1.04
CA PHE A 50 2.65 -13.81 -1.00
C PHE A 50 1.92 -14.73 -1.97
N ARG A 51 0.66 -15.03 -1.66
CA ARG A 51 -0.17 -15.97 -2.42
C ARG A 51 -1.54 -15.35 -2.64
N LYS A 52 -2.25 -15.82 -3.67
CA LYS A 52 -3.53 -15.24 -4.07
C LYS A 52 -4.61 -16.28 -3.86
N VAL A 53 -5.46 -16.06 -2.86
CA VAL A 53 -6.57 -16.96 -2.59
C VAL A 53 -7.66 -16.68 -3.63
N VAL A 54 -8.22 -17.74 -4.22
CA VAL A 54 -9.35 -17.61 -5.14
C VAL A 54 -10.61 -17.20 -4.38
N TRP A 55 -10.80 -17.73 -3.17
CA TRP A 55 -11.98 -17.53 -2.36
C TRP A 55 -11.60 -17.52 -0.88
N GLY A 56 -12.50 -16.98 -0.05
CA GLY A 56 -12.21 -16.59 1.30
C GLY A 56 -11.55 -15.20 1.31
N THR A 57 -11.66 -14.51 2.44
CA THR A 57 -10.90 -13.30 2.70
C THR A 57 -9.39 -13.61 2.75
N ALA A 58 -8.58 -12.55 2.74
CA ALA A 58 -7.13 -12.61 2.75
C ALA A 58 -6.58 -11.62 3.77
N ASP A 59 -5.27 -11.76 4.02
CA ASP A 59 -4.58 -10.90 4.96
C ASP A 59 -4.51 -9.47 4.39
N ILE A 60 -4.20 -9.33 3.10
CA ILE A 60 -4.04 -8.06 2.38
C ILE A 60 -5.12 -7.99 1.30
N MET A 61 -6.34 -7.68 1.70
CA MET A 61 -7.44 -7.39 0.80
C MET A 61 -7.27 -5.99 0.22
N ILE A 62 -7.85 -5.79 -0.97
CA ILE A 62 -7.91 -4.50 -1.64
C ILE A 62 -9.37 -4.34 -2.10
N GLY A 63 -9.96 -3.18 -1.89
CA GLY A 63 -11.32 -2.88 -2.32
C GLY A 63 -11.49 -1.40 -2.61
N PHE A 64 -12.58 -1.01 -3.28
CA PHE A 64 -12.77 0.35 -3.75
C PHE A 64 -14.22 0.76 -3.50
N ALA A 65 -14.43 2.06 -3.28
CA ALA A 65 -15.72 2.67 -2.99
C ALA A 65 -15.76 4.10 -3.53
N ARG A 66 -16.92 4.76 -3.41
CA ARG A 66 -17.21 6.06 -4.03
C ARG A 66 -18.02 6.93 -3.06
N GLY A 67 -17.42 7.26 -1.91
CA GLY A 67 -18.03 8.13 -0.91
C GLY A 67 -18.30 7.39 0.40
N ALA A 68 -19.27 6.47 0.43
CA ALA A 68 -19.47 5.62 1.61
C ALA A 68 -18.37 4.55 1.69
N HIS A 69 -18.36 3.77 2.77
CA HIS A 69 -17.39 2.70 2.97
C HIS A 69 -18.03 1.59 3.79
N GLY A 70 -17.79 0.33 3.41
CA GLY A 70 -18.42 -0.86 4.01
C GLY A 70 -17.55 -1.46 5.10
N ASP A 71 -16.87 -0.62 5.89
CA ASP A 71 -15.85 -1.02 6.87
C ASP A 71 -16.09 -0.22 8.14
N SER A 72 -15.80 1.07 8.14
CA SER A 72 -15.97 1.92 9.32
C SER A 72 -15.73 3.40 9.00
N TYR A 73 -14.76 3.71 8.12
CA TYR A 73 -14.32 5.07 7.87
C TYR A 73 -14.92 5.55 6.56
N PRO A 74 -15.99 6.37 6.58
CA PRO A 74 -16.58 6.88 5.35
C PRO A 74 -15.52 7.69 4.61
N PHE A 75 -15.37 7.36 3.33
CA PHE A 75 -14.66 8.17 2.36
C PHE A 75 -15.42 9.51 2.17
N ASP A 76 -15.00 10.21 1.13
CA ASP A 76 -15.23 11.61 0.81
C ASP A 76 -15.59 11.68 -0.68
N GLY A 77 -14.87 11.00 -1.57
CA GLY A 77 -15.10 11.05 -3.01
C GLY A 77 -13.99 11.87 -3.70
N PRO A 78 -14.27 12.61 -4.78
CA PRO A 78 -13.26 13.29 -5.60
C PRO A 78 -12.71 14.56 -4.91
N GLY A 79 -11.72 14.39 -4.02
CA GLY A 79 -11.01 15.43 -3.27
C GLY A 79 -10.49 14.85 -1.94
N ASN A 80 -9.62 15.58 -1.22
CA ASN A 80 -9.01 15.16 0.06
C ASN A 80 -8.30 13.79 -0.04
N THR A 81 -8.31 12.94 1.00
CA THR A 81 -7.71 11.60 1.08
C THR A 81 -8.06 10.76 -0.16
N LEU A 82 -7.13 10.02 -0.77
CA LEU A 82 -7.37 9.25 -2.00
C LEU A 82 -7.57 7.76 -1.72
N ALA A 83 -6.89 7.20 -0.71
CA ALA A 83 -6.98 5.80 -0.35
C ALA A 83 -6.47 5.63 1.11
N HIS A 84 -6.84 4.56 1.80
CA HIS A 84 -6.30 4.27 3.13
C HIS A 84 -6.07 2.77 3.32
N ALA A 85 -5.29 2.43 4.35
CA ALA A 85 -4.98 1.05 4.70
C ALA A 85 -4.92 0.88 6.21
N PHE A 86 -5.13 -0.36 6.64
CA PHE A 86 -5.19 -0.72 8.05
C PHE A 86 -3.92 -1.49 8.42
N ALA A 87 -3.52 -1.43 9.69
CA ALA A 87 -2.34 -2.15 10.16
C ALA A 87 -2.62 -3.66 10.19
N PRO A 88 -1.61 -4.53 9.95
CA PRO A 88 -1.80 -5.98 9.90
C PRO A 88 -2.12 -6.56 11.29
N GLY A 89 -2.90 -7.65 11.33
CA GLY A 89 -3.10 -8.45 12.53
C GLY A 89 -4.48 -9.10 12.56
N THR A 90 -5.52 -8.28 12.74
CA THR A 90 -6.92 -8.71 12.73
C THR A 90 -7.38 -8.97 11.29
N GLY A 91 -8.53 -9.63 11.11
CA GLY A 91 -9.11 -9.95 9.80
C GLY A 91 -9.24 -8.76 8.84
N LEU A 92 -9.77 -7.61 9.29
CA LEU A 92 -9.78 -6.35 8.51
C LEU A 92 -8.38 -5.72 8.48
N GLY A 93 -7.56 -5.97 9.49
CA GLY A 93 -6.18 -5.50 9.51
C GLY A 93 -5.47 -5.85 8.20
N GLY A 94 -4.51 -4.99 7.82
CA GLY A 94 -3.76 -5.07 6.59
C GLY A 94 -4.52 -4.60 5.36
N ASP A 95 -5.85 -4.72 5.36
CA ASP A 95 -6.64 -4.48 4.16
C ASP A 95 -6.56 -3.00 3.80
N ALA A 96 -6.71 -2.71 2.51
CA ALA A 96 -6.59 -1.36 1.98
C ALA A 96 -7.81 -1.05 1.11
N HIS A 97 -8.18 0.22 1.08
CA HIS A 97 -9.33 0.67 0.31
C HIS A 97 -9.05 2.00 -0.37
N PHE A 98 -9.71 2.23 -1.50
CA PHE A 98 -9.36 3.29 -2.45
C PHE A 98 -10.66 3.94 -2.95
N ASP A 99 -10.65 5.25 -3.21
CA ASP A 99 -11.78 5.93 -3.85
C ASP A 99 -11.75 5.55 -5.34
N GLU A 100 -12.65 4.70 -5.84
CA GLU A 100 -12.80 4.53 -7.30
C GLU A 100 -13.24 5.83 -7.99
N ASP A 101 -13.79 6.78 -7.22
CA ASP A 101 -14.27 8.08 -7.68
C ASP A 101 -13.13 8.97 -8.20
N GLU A 102 -12.04 9.00 -7.42
CA GLU A 102 -10.82 9.72 -7.74
C GLU A 102 -10.21 9.02 -8.96
N ARG A 103 -9.99 9.73 -10.06
CA ARG A 103 -9.49 9.12 -11.28
C ARG A 103 -8.08 8.57 -11.05
N TRP A 104 -7.83 7.30 -11.40
CA TRP A 104 -6.53 6.64 -11.24
C TRP A 104 -5.87 6.48 -12.61
N THR A 105 -4.53 6.42 -12.67
CA THR A 105 -3.78 6.23 -13.92
C THR A 105 -2.81 5.06 -13.75
N ASP A 106 -2.64 4.23 -14.79
CA ASP A 106 -1.71 3.09 -14.82
C ASP A 106 -0.33 3.56 -15.30
N GLY A 107 0.13 4.70 -14.80
CA GLY A 107 1.40 5.30 -15.20
C GLY A 107 1.27 5.98 -16.56
N SER A 108 0.62 7.15 -16.61
CA SER A 108 0.40 7.92 -17.83
C SER A 108 0.57 9.42 -17.50
N SER A 109 0.45 10.28 -18.52
CA SER A 109 0.49 11.72 -18.37
C SER A 109 -0.59 12.19 -17.39
N LEU A 110 -0.20 12.90 -16.32
CA LEU A 110 -1.07 13.36 -15.24
C LEU A 110 -1.82 12.21 -14.54
N GLY A 111 -2.50 12.56 -13.45
CA GLY A 111 -3.18 11.60 -12.58
C GLY A 111 -2.20 10.94 -11.61
N ILE A 112 -2.74 10.20 -10.64
CA ILE A 112 -1.96 9.54 -9.61
C ILE A 112 -1.75 8.07 -10.02
N ASN A 113 -0.49 7.66 -10.09
CA ASN A 113 -0.13 6.30 -10.50
C ASN A 113 -0.65 5.29 -9.48
N PHE A 114 -1.51 4.38 -9.94
CA PHE A 114 -2.03 3.28 -9.16
C PHE A 114 -0.92 2.46 -8.51
N LEU A 115 0.17 2.16 -9.22
CA LEU A 115 1.26 1.32 -8.73
C LEU A 115 1.95 2.01 -7.54
N TYR A 116 2.26 3.30 -7.66
CA TYR A 116 2.80 4.09 -6.55
C TYR A 116 1.82 4.03 -5.36
N ALA A 117 0.53 4.28 -5.61
CA ALA A 117 -0.49 4.27 -4.57
C ALA A 117 -0.53 2.92 -3.86
N ALA A 118 -0.53 1.84 -4.64
CA ALA A 118 -0.51 0.49 -4.11
C ALA A 118 0.74 0.29 -3.27
N THR A 119 1.94 0.58 -3.76
CA THR A 119 3.18 0.43 -2.98
C THR A 119 3.09 1.18 -1.64
N HIS A 120 2.51 2.39 -1.63
CA HIS A 120 2.28 3.15 -0.39
C HIS A 120 1.37 2.36 0.56
N GLU A 121 0.18 1.98 0.10
CA GLU A 121 -0.86 1.38 0.93
C GLU A 121 -0.45 -0.02 1.41
N LEU A 122 0.11 -0.81 0.50
CA LEU A 122 0.65 -2.15 0.74
C LEU A 122 1.85 -2.09 1.68
N GLY A 123 2.56 -0.95 1.72
CA GLY A 123 3.58 -0.75 2.74
C GLY A 123 2.96 -0.83 4.13
N HIS A 124 1.88 -0.08 4.37
CA HIS A 124 1.18 -0.18 5.65
C HIS A 124 0.61 -1.57 5.87
N SER A 125 0.09 -2.23 4.82
CA SER A 125 -0.43 -3.59 4.92
C SER A 125 0.63 -4.58 5.42
N LEU A 126 1.91 -4.33 5.08
CA LEU A 126 3.00 -5.16 5.55
C LEU A 126 3.27 -4.97 7.04
N GLY A 127 3.13 -3.74 7.54
CA GLY A 127 3.33 -3.42 8.95
C GLY A 127 4.07 -2.10 9.17
N MET A 128 3.71 -1.05 8.43
CA MET A 128 4.42 0.24 8.49
C MET A 128 3.49 1.34 8.99
N GLY A 129 4.07 2.33 9.66
CA GLY A 129 3.33 3.46 10.22
C GLY A 129 3.25 4.62 9.24
N HIS A 130 4.37 4.98 8.60
CA HIS A 130 4.64 6.14 7.74
C HIS A 130 6.15 6.46 7.73
N SER A 131 6.55 7.41 6.87
CA SER A 131 7.91 7.90 6.73
C SER A 131 8.01 9.40 7.10
N SER A 132 9.22 9.96 7.07
CA SER A 132 9.49 11.36 7.39
C SER A 132 10.57 11.92 6.43
N ASP A 133 10.28 11.89 5.12
CA ASP A 133 11.21 12.30 4.07
C ASP A 133 10.42 13.18 3.08
N PRO A 134 10.99 14.24 2.50
CA PRO A 134 10.24 15.12 1.60
C PRO A 134 9.85 14.40 0.32
N ASN A 135 10.70 13.49 -0.17
CA ASN A 135 10.48 12.71 -1.38
C ASN A 135 10.11 11.26 -1.02
N ALA A 136 9.58 11.03 0.21
CA ALA A 136 9.18 9.70 0.64
C ALA A 136 8.13 9.16 -0.33
N VAL A 137 8.33 7.92 -0.80
CA VAL A 137 7.28 7.26 -1.59
C VAL A 137 6.07 6.97 -0.69
N MET A 138 6.28 6.86 0.63
CA MET A 138 5.20 6.69 1.59
C MET A 138 4.74 8.03 2.19
N TYR A 139 5.08 9.20 1.61
CA TYR A 139 4.67 10.48 2.18
C TYR A 139 3.16 10.73 2.01
N PRO A 140 2.48 11.37 2.99
CA PRO A 140 1.13 11.87 2.79
C PRO A 140 1.12 13.14 1.92
N THR A 141 -0.06 13.50 1.39
CA THR A 141 -0.27 14.62 0.47
C THR A 141 0.62 14.53 -0.77
N TYR A 142 0.04 13.94 -1.83
CA TYR A 142 0.69 13.67 -3.11
C TYR A 142 1.40 14.90 -3.68
N GLY A 143 2.72 14.89 -3.61
CA GLY A 143 3.57 16.00 -4.02
C GLY A 143 5.02 15.63 -3.69
N ASN A 144 5.96 16.40 -4.26
CA ASN A 144 7.42 16.25 -4.17
C ASN A 144 7.96 14.95 -4.78
N GLY A 145 7.36 13.81 -4.44
CA GLY A 145 7.65 12.51 -5.01
C GLY A 145 7.38 12.45 -6.52
N ASP A 146 7.72 11.31 -7.12
CA ASP A 146 7.60 11.08 -8.56
C ASP A 146 6.68 9.88 -8.77
N PRO A 147 5.40 10.09 -9.12
CA PRO A 147 4.44 9.02 -9.40
C PRO A 147 4.65 8.38 -10.77
N GLN A 148 5.89 8.15 -11.19
CA GLN A 148 6.24 7.58 -12.50
C GLN A 148 7.43 6.62 -12.30
N ASN A 149 8.52 7.11 -11.69
CA ASN A 149 9.76 6.38 -11.48
C ASN A 149 10.23 6.59 -10.04
N PHE A 150 9.76 5.71 -9.16
CA PHE A 150 10.04 5.76 -7.73
C PHE A 150 10.72 4.46 -7.28
N LYS A 151 10.18 3.30 -7.71
CA LYS A 151 10.62 1.93 -7.40
C LYS A 151 11.28 1.79 -6.04
N LEU A 152 10.54 2.21 -5.00
CA LEU A 152 10.96 2.29 -3.60
C LEU A 152 12.11 3.30 -3.45
N SER A 153 11.83 4.54 -2.99
CA SER A 153 12.79 5.64 -3.02
C SER A 153 13.94 5.47 -2.01
N GLN A 154 13.75 5.93 -0.77
CA GLN A 154 14.77 5.88 0.28
C GLN A 154 14.10 5.60 1.61
N ASP A 155 12.96 6.24 1.90
CA ASP A 155 12.17 5.96 3.08
C ASP A 155 11.69 4.50 3.11
N ASP A 156 11.30 3.99 1.94
CA ASP A 156 10.82 2.64 1.76
C ASP A 156 11.95 1.66 2.05
N ILE A 157 13.09 1.85 1.37
CA ILE A 157 14.33 1.11 1.58
C ILE A 157 14.74 1.24 3.04
N LYS A 158 14.71 2.44 3.63
CA LYS A 158 15.17 2.68 4.98
C LYS A 158 14.33 1.89 5.93
N GLY A 159 12.99 1.93 5.79
CA GLY A 159 12.09 1.13 6.58
C GLY A 159 12.46 -0.33 6.41
N ILE A 160 12.39 -0.87 5.20
CA ILE A 160 12.65 -2.29 4.97
C ILE A 160 14.03 -2.74 5.46
N GLN A 161 15.08 -1.97 5.18
CA GLN A 161 16.44 -2.30 5.58
C GLN A 161 16.64 -2.18 7.09
N LYS A 162 15.88 -1.31 7.75
CA LYS A 162 15.80 -1.23 9.20
C LYS A 162 15.02 -2.41 9.76
N LEU A 163 13.98 -2.89 9.06
CA LEU A 163 13.22 -4.07 9.45
C LEU A 163 14.11 -5.32 9.40
N TYR A 164 14.66 -5.70 8.23
CA TYR A 164 15.36 -6.99 8.07
C TYR A 164 16.59 -6.93 7.15
N GLY A 165 17.14 -5.73 6.90
CA GLY A 165 18.26 -5.53 5.98
C GLY A 165 19.59 -5.55 6.72
N LYS A 166 20.03 -4.39 7.24
CA LYS A 166 21.32 -4.25 7.93
C LYS A 166 21.31 -3.02 8.85
N ARG A 167 21.31 -1.81 8.26
CA ARG A 167 21.33 -0.54 8.95
C ARG A 167 21.14 0.57 7.92
N SER A 168 20.62 1.71 8.36
CA SER A 168 20.55 2.94 7.59
C SER A 168 20.22 4.06 8.60
N ASN A 169 20.17 5.30 8.14
CA ASN A 169 19.78 6.48 8.93
C ASN A 169 18.78 7.26 8.07
N SER A 170 18.06 8.19 8.69
CA SER A 170 17.20 9.15 7.98
C SER A 170 17.59 10.56 8.41
N ARG A 171 17.07 11.55 7.68
CA ARG A 171 17.25 12.97 7.94
C ARG A 171 16.00 13.68 7.40
N LYS A 172 15.58 14.77 8.02
CA LYS A 172 14.43 15.56 7.54
C LYS A 172 14.93 16.85 6.88
N LYS A 173 14.04 17.62 6.23
CA LYS A 173 14.38 18.93 5.66
CA TYR A 1 9.91 3.88 14.26
C TYR A 1 9.24 4.72 13.18
N SER A 2 8.15 4.20 12.60
CA SER A 2 7.39 4.83 11.54
C SER A 2 6.09 5.38 12.12
N LEU A 3 5.29 4.50 12.72
CA LEU A 3 4.03 4.77 13.41
C LEU A 3 3.63 3.44 14.03
N PHE A 4 3.44 3.37 15.36
CA PHE A 4 2.90 2.20 16.06
C PHE A 4 3.60 0.86 15.69
N PRO A 5 4.78 0.54 16.26
CA PRO A 5 5.49 -0.68 15.93
C PRO A 5 4.72 -1.91 16.44
N ASN A 6 4.14 -2.69 15.53
CA ASN A 6 3.40 -3.90 15.85
C ASN A 6 3.66 -4.91 14.74
N SER A 7 4.48 -5.93 15.02
CA SER A 7 4.87 -6.98 14.07
C SER A 7 5.04 -6.46 12.63
N PRO A 8 6.09 -5.68 12.34
CA PRO A 8 6.30 -5.01 11.05
C PRO A 8 6.59 -5.96 9.86
N LYS A 9 6.05 -7.18 9.87
CA LYS A 9 6.31 -8.23 8.88
C LYS A 9 5.21 -9.31 8.95
N TRP A 10 3.98 -8.94 9.31
CA TRP A 10 2.92 -9.90 9.66
C TRP A 10 3.42 -10.90 10.72
N THR A 11 3.58 -12.17 10.35
CA THR A 11 4.08 -13.24 11.21
C THR A 11 4.71 -14.32 10.32
N SER A 12 4.09 -14.63 9.17
CA SER A 12 4.61 -15.60 8.21
C SER A 12 5.38 -14.85 7.12
N LYS A 13 6.36 -15.55 6.51
CA LYS A 13 7.06 -15.09 5.31
C LYS A 13 6.14 -14.96 4.09
N VAL A 14 4.91 -15.44 4.17
CA VAL A 14 3.93 -15.32 3.12
C VAL A 14 2.67 -14.75 3.75
N VAL A 15 1.94 -13.96 2.97
CA VAL A 15 0.74 -13.30 3.42
C VAL A 15 -0.37 -13.63 2.42
N THR A 16 -1.62 -13.46 2.81
CA THR A 16 -2.74 -13.75 1.94
C THR A 16 -3.34 -12.40 1.50
N TYR A 17 -3.73 -12.27 0.22
CA TYR A 17 -4.37 -11.05 -0.26
C TYR A 17 -5.69 -11.41 -0.93
N ARG A 18 -6.65 -10.48 -0.90
CA ARG A 18 -7.92 -10.66 -1.60
C ARG A 18 -8.52 -9.32 -1.96
N ILE A 19 -8.68 -9.09 -3.26
CA ILE A 19 -9.27 -7.87 -3.77
C ILE A 19 -10.80 -8.07 -3.69
N VAL A 20 -11.39 -7.74 -2.52
CA VAL A 20 -12.82 -7.90 -2.25
C VAL A 20 -13.70 -7.17 -3.27
N SER A 21 -13.38 -5.89 -3.50
CA SER A 21 -14.02 -5.02 -4.45
C SER A 21 -12.93 -4.68 -5.45
N TYR A 22 -13.34 -4.37 -6.68
CA TYR A 22 -12.45 -3.96 -7.75
C TYR A 22 -12.99 -2.65 -8.26
N THR A 23 -12.06 -1.82 -8.76
CA THR A 23 -12.33 -0.58 -9.47
C THR A 23 -13.04 -0.85 -10.81
N ARG A 24 -12.96 0.13 -11.72
CA ARG A 24 -13.59 0.06 -13.03
C ARG A 24 -12.82 0.79 -14.13
N ASP A 25 -12.07 1.86 -13.77
CA ASP A 25 -11.35 2.70 -14.73
C ASP A 25 -10.47 1.87 -15.65
N LEU A 26 -9.56 1.11 -15.01
CA LEU A 26 -8.61 0.21 -15.66
C LEU A 26 -9.05 -1.25 -15.45
N PRO A 27 -8.51 -2.21 -16.21
CA PRO A 27 -8.91 -3.60 -16.11
C PRO A 27 -8.30 -4.31 -14.89
N HIS A 28 -9.04 -5.30 -14.35
CA HIS A 28 -8.63 -6.08 -13.17
C HIS A 28 -7.32 -6.84 -13.39
N ILE A 29 -7.11 -7.33 -14.62
CA ILE A 29 -5.86 -7.99 -14.99
C ILE A 29 -4.68 -7.03 -14.87
N THR A 30 -4.88 -5.75 -15.26
CA THR A 30 -3.88 -4.72 -15.07
C THR A 30 -3.74 -4.42 -13.57
N VAL A 31 -4.83 -4.34 -12.79
CA VAL A 31 -4.74 -4.17 -11.32
C VAL A 31 -3.85 -5.25 -10.73
N ASP A 32 -4.14 -6.53 -11.00
CA ASP A 32 -3.36 -7.65 -10.48
C ASP A 32 -1.94 -7.60 -11.02
N ARG A 33 -1.71 -7.17 -12.27
CA ARG A 33 -0.37 -7.00 -12.81
C ARG A 33 0.41 -5.91 -12.09
N LEU A 34 -0.22 -4.76 -11.87
CA LEU A 34 0.38 -3.62 -11.18
C LEU A 34 0.66 -4.02 -9.74
N VAL A 35 -0.29 -4.67 -9.06
CA VAL A 35 -0.07 -5.20 -7.73
C VAL A 35 1.01 -6.27 -7.73
N SER A 36 1.01 -7.21 -8.68
CA SER A 36 2.00 -8.28 -8.76
C SER A 36 3.39 -7.70 -8.93
N LYS A 37 3.58 -6.72 -9.83
CA LYS A 37 4.89 -6.09 -10.01
C LYS A 37 5.23 -5.17 -8.83
N ALA A 38 4.25 -4.45 -8.25
CA ALA A 38 4.44 -3.56 -7.11
C ALA A 38 4.85 -4.35 -5.86
N LEU A 39 4.19 -5.48 -5.62
CA LEU A 39 4.50 -6.39 -4.54
C LEU A 39 5.81 -7.13 -4.84
N ASN A 40 6.07 -7.48 -6.11
CA ASN A 40 7.37 -8.01 -6.49
C ASN A 40 8.46 -7.00 -6.15
N MET A 41 8.25 -5.70 -6.41
CA MET A 41 9.19 -4.64 -6.06
C MET A 41 9.41 -4.58 -4.54
N TRP A 42 8.39 -4.81 -3.71
CA TRP A 42 8.57 -4.91 -2.25
C TRP A 42 9.36 -6.17 -1.87
N GLY A 43 8.98 -7.33 -2.44
CA GLY A 43 9.65 -8.60 -2.21
C GLY A 43 11.01 -8.70 -2.90
N LYS A 44 11.42 -7.69 -3.67
CA LYS A 44 12.71 -7.62 -4.33
C LYS A 44 13.83 -7.41 -3.31
N GLU A 45 13.47 -6.91 -2.12
CA GLU A 45 14.38 -6.66 -1.01
C GLU A 45 14.12 -7.64 0.14
N ILE A 46 12.86 -8.05 0.39
CA ILE A 46 12.53 -9.01 1.47
C ILE A 46 12.02 -10.32 0.89
N PRO A 47 12.35 -11.49 1.49
CA PRO A 47 11.83 -12.79 1.05
C PRO A 47 10.33 -12.97 1.42
N LEU A 48 9.62 -11.87 1.65
CA LEU A 48 8.23 -11.85 2.04
C LEU A 48 7.41 -11.87 0.75
N HIS A 49 6.49 -12.83 0.64
CA HIS A 49 5.70 -13.07 -0.56
C HIS A 49 4.21 -13.07 -0.20
N PHE A 50 3.34 -13.31 -1.19
CA PHE A 50 1.91 -13.14 -1.03
C PHE A 50 1.20 -14.17 -1.90
N ARG A 51 0.04 -14.63 -1.44
CA ARG A 51 -0.77 -15.63 -2.11
C ARG A 51 -2.23 -15.21 -2.08
N LYS A 52 -3.02 -15.80 -2.98
CA LYS A 52 -4.42 -15.47 -3.13
C LYS A 52 -5.21 -16.68 -2.64
N VAL A 53 -5.97 -16.48 -1.57
CA VAL A 53 -6.80 -17.52 -0.98
C VAL A 53 -8.25 -17.27 -1.36
N VAL A 54 -9.09 -18.31 -1.25
CA VAL A 54 -10.49 -18.28 -1.67
C VAL A 54 -11.39 -18.89 -0.58
N TRP A 55 -11.07 -18.57 0.69
CA TRP A 55 -11.83 -19.03 1.84
C TRP A 55 -12.92 -18.03 2.18
N GLY A 56 -12.54 -16.82 2.60
CA GLY A 56 -13.48 -15.76 2.93
C GLY A 56 -12.74 -14.43 2.94
N THR A 57 -11.88 -14.22 3.93
CA THR A 57 -11.16 -12.97 4.14
C THR A 57 -9.68 -13.31 4.19
N ALA A 58 -8.86 -12.46 3.57
CA ALA A 58 -7.42 -12.58 3.53
C ALA A 58 -6.78 -11.56 4.48
N ASP A 59 -5.48 -11.71 4.66
CA ASP A 59 -4.68 -10.82 5.49
C ASP A 59 -4.73 -9.42 4.88
N ILE A 60 -4.46 -9.28 3.58
CA ILE A 60 -4.39 -8.01 2.87
C ILE A 60 -5.62 -7.93 1.97
N MET A 61 -6.74 -7.53 2.56
CA MET A 61 -7.95 -7.28 1.79
C MET A 61 -7.81 -5.91 1.13
N ILE A 62 -7.89 -5.85 -0.21
CA ILE A 62 -7.85 -4.61 -0.97
C ILE A 62 -9.28 -4.35 -1.45
N GLY A 63 -9.82 -3.16 -1.18
CA GLY A 63 -11.16 -2.79 -1.64
C GLY A 63 -11.18 -1.35 -2.12
N PHE A 64 -12.23 -1.02 -2.85
CA PHE A 64 -12.46 0.30 -3.41
C PHE A 64 -13.91 0.66 -3.07
N ALA A 65 -14.12 1.91 -2.65
CA ALA A 65 -15.42 2.49 -2.31
C ALA A 65 -15.52 3.85 -3.01
N ARG A 66 -16.71 4.39 -3.19
CA ARG A 66 -16.96 5.63 -3.96
C ARG A 66 -17.52 6.72 -3.04
N GLY A 67 -16.85 6.95 -1.90
CA GLY A 67 -17.34 7.85 -0.87
C GLY A 67 -17.40 7.10 0.45
N ALA A 68 -18.57 7.12 1.11
CA ALA A 68 -18.81 6.51 2.42
C ALA A 68 -18.12 5.16 2.58
N HIS A 69 -17.56 4.92 3.76
CA HIS A 69 -16.74 3.75 4.04
C HIS A 69 -17.36 2.95 5.17
N GLY A 70 -17.45 3.55 6.37
CA GLY A 70 -17.98 2.89 7.56
C GLY A 70 -16.89 2.17 8.36
N ASP A 71 -15.68 2.03 7.80
CA ASP A 71 -14.51 1.49 8.48
C ASP A 71 -13.61 2.64 8.90
N SER A 72 -13.36 2.73 10.21
CA SER A 72 -12.60 3.80 10.84
C SER A 72 -13.26 5.17 10.63
N TYR A 73 -13.19 5.74 9.42
CA TYR A 73 -13.64 7.08 9.10
C TYR A 73 -14.12 7.11 7.65
N PRO A 74 -15.18 7.88 7.33
CA PRO A 74 -15.61 8.04 5.95
C PRO A 74 -14.57 8.82 5.14
N PHE A 75 -14.51 8.49 3.84
CA PHE A 75 -13.74 9.23 2.84
C PHE A 75 -14.37 10.61 2.57
N ASP A 76 -13.81 11.29 1.59
CA ASP A 76 -14.14 12.64 1.13
C ASP A 76 -14.61 12.62 -0.33
N GLY A 77 -14.09 11.71 -1.19
CA GLY A 77 -14.39 11.65 -2.61
C GLY A 77 -13.18 12.03 -3.49
N PRO A 78 -13.35 12.78 -4.59
CA PRO A 78 -12.27 13.17 -5.50
C PRO A 78 -11.42 14.34 -4.94
N GLY A 79 -10.40 14.04 -4.12
CA GLY A 79 -9.48 15.01 -3.54
C GLY A 79 -8.83 14.45 -2.25
N ASN A 80 -8.04 15.25 -1.53
CA ASN A 80 -7.55 14.91 -0.18
C ASN A 80 -7.02 13.46 -0.09
N THR A 81 -7.37 12.70 0.96
CA THR A 81 -7.05 11.29 1.17
C THR A 81 -7.60 10.41 0.03
N LEU A 82 -6.72 9.72 -0.69
CA LEU A 82 -7.05 8.91 -1.86
C LEU A 82 -7.28 7.44 -1.51
N ALA A 83 -6.52 6.92 -0.53
CA ALA A 83 -6.59 5.55 -0.08
C ALA A 83 -6.03 5.46 1.33
N HIS A 84 -6.39 4.44 2.08
CA HIS A 84 -5.90 4.23 3.43
C HIS A 84 -5.71 2.74 3.67
N ALA A 85 -4.93 2.41 4.70
CA ALA A 85 -4.61 1.05 5.07
C ALA A 85 -4.41 0.98 6.58
N PHE A 86 -4.43 -0.24 7.10
CA PHE A 86 -4.30 -0.48 8.52
C PHE A 86 -3.04 -1.31 8.75
N ALA A 87 -2.43 -1.20 9.95
CA ALA A 87 -1.27 -1.99 10.32
C ALA A 87 -1.65 -3.48 10.39
N PRO A 88 -0.74 -4.42 10.10
CA PRO A 88 -1.04 -5.84 10.19
C PRO A 88 -1.28 -6.28 11.62
N GLY A 89 -1.94 -7.42 11.77
CA GLY A 89 -2.24 -8.01 13.05
C GLY A 89 -3.09 -9.25 12.82
N THR A 90 -4.40 -9.15 13.13
CA THR A 90 -5.28 -10.31 13.27
C THR A 90 -6.74 -9.93 12.94
N GLY A 91 -7.03 -9.63 11.66
CA GLY A 91 -8.38 -9.31 11.21
C GLY A 91 -8.35 -8.25 10.12
N LEU A 92 -9.02 -7.12 10.36
CA LEU A 92 -8.95 -5.91 9.53
C LEU A 92 -7.53 -5.35 9.44
N GLY A 93 -6.63 -5.66 10.38
CA GLY A 93 -5.24 -5.23 10.31
C GLY A 93 -4.62 -5.65 8.97
N GLY A 94 -3.96 -4.71 8.28
CA GLY A 94 -3.29 -4.88 6.99
C GLY A 94 -4.16 -4.44 5.82
N ASP A 95 -5.46 -4.71 5.92
CA ASP A 95 -6.48 -4.48 4.90
C ASP A 95 -6.41 -3.00 4.51
N ALA A 96 -6.68 -2.71 3.24
CA ALA A 96 -6.50 -1.39 2.68
C ALA A 96 -7.64 -1.10 1.73
N HIS A 97 -8.03 0.16 1.67
CA HIS A 97 -9.15 0.57 0.86
C HIS A 97 -8.85 1.89 0.17
N PHE A 98 -9.60 2.18 -0.88
CA PHE A 98 -9.27 3.18 -1.88
C PHE A 98 -10.57 3.88 -2.30
N ASP A 99 -10.48 5.16 -2.67
CA ASP A 99 -11.64 5.88 -3.21
C ASP A 99 -11.69 5.56 -4.72
N GLU A 100 -12.56 4.64 -5.17
CA GLU A 100 -12.83 4.37 -6.59
C GLU A 100 -13.26 5.64 -7.34
N ASP A 101 -13.82 6.62 -6.60
CA ASP A 101 -14.23 7.92 -7.13
C ASP A 101 -13.03 8.65 -7.75
N GLU A 102 -11.86 8.51 -7.10
CA GLU A 102 -10.62 9.12 -7.54
C GLU A 102 -10.14 8.34 -8.75
N ARG A 103 -10.00 9.01 -9.89
CA ARG A 103 -9.62 8.37 -11.14
C ARG A 103 -8.30 7.62 -10.98
N TRP A 104 -8.28 6.31 -11.26
CA TRP A 104 -7.11 5.48 -11.04
C TRP A 104 -6.54 5.09 -12.40
N THR A 105 -5.23 5.20 -12.58
CA THR A 105 -4.59 4.85 -13.85
C THR A 105 -3.30 4.08 -13.57
N ASP A 106 -2.95 3.17 -14.48
CA ASP A 106 -1.70 2.41 -14.45
C ASP A 106 -0.49 3.33 -14.65
N GLY A 107 -0.69 4.46 -15.32
CA GLY A 107 0.34 5.44 -15.63
C GLY A 107 0.21 6.65 -14.71
N SER A 108 0.43 7.86 -15.24
CA SER A 108 0.25 9.09 -14.47
C SER A 108 0.10 10.28 -15.43
N SER A 109 -1.13 10.79 -15.61
CA SER A 109 -1.43 11.95 -16.49
C SER A 109 -2.92 12.34 -16.45
N LEU A 110 -3.80 11.33 -16.35
CA LEU A 110 -5.25 11.55 -16.31
C LEU A 110 -5.75 11.38 -14.90
N GLY A 111 -5.52 10.19 -14.33
CA GLY A 111 -5.85 9.89 -12.95
C GLY A 111 -4.58 9.80 -12.12
N ILE A 112 -4.74 9.22 -10.94
CA ILE A 112 -3.68 8.99 -9.98
C ILE A 112 -2.98 7.68 -10.30
N ASN A 113 -1.67 7.68 -10.08
CA ASN A 113 -0.83 6.51 -10.26
C ASN A 113 -1.21 5.40 -9.26
N PHE A 114 -1.82 4.33 -9.78
CA PHE A 114 -2.15 3.13 -9.01
C PHE A 114 -0.91 2.48 -8.43
N LEU A 115 0.23 2.52 -9.15
CA LEU A 115 1.44 1.83 -8.73
C LEU A 115 1.90 2.47 -7.43
N TYR A 116 2.03 3.79 -7.41
CA TYR A 116 2.38 4.56 -6.22
C TYR A 116 1.39 4.29 -5.11
N ALA A 117 0.08 4.33 -5.42
CA ALA A 117 -0.95 4.07 -4.43
C ALA A 117 -0.79 2.68 -3.81
N ALA A 118 -0.76 1.64 -4.64
CA ALA A 118 -0.62 0.27 -4.18
C ALA A 118 0.68 0.12 -3.39
N THR A 119 1.84 0.47 -3.94
CA THR A 119 3.13 0.35 -3.26
C THR A 119 3.16 1.15 -1.96
N HIS A 120 2.48 2.31 -1.89
CA HIS A 120 2.31 3.09 -0.66
C HIS A 120 1.45 2.30 0.33
N GLU A 121 0.21 1.97 -0.02
CA GLU A 121 -0.76 1.35 0.90
C GLU A 121 -0.30 -0.06 1.32
N LEU A 122 0.14 -0.87 0.36
CA LEU A 122 0.70 -2.20 0.60
C LEU A 122 1.97 -2.14 1.44
N GLY A 123 2.74 -1.05 1.31
CA GLY A 123 3.85 -0.82 2.21
C GLY A 123 3.41 -0.84 3.66
N HIS A 124 2.26 -0.23 3.96
CA HIS A 124 1.69 -0.27 5.30
C HIS A 124 1.07 -1.62 5.61
N SER A 125 0.40 -2.26 4.63
CA SER A 125 -0.16 -3.60 4.83
C SER A 125 0.92 -4.55 5.32
N LEU A 126 2.15 -4.41 4.79
CA LEU A 126 3.29 -5.24 5.16
C LEU A 126 3.63 -5.11 6.65
N GLY A 127 3.61 -3.88 7.18
CA GLY A 127 4.01 -3.64 8.56
C GLY A 127 4.32 -2.18 8.86
N MET A 128 3.48 -1.25 8.38
CA MET A 128 3.73 0.19 8.43
C MET A 128 4.96 0.59 7.59
N GLY A 129 5.25 1.89 7.50
CA GLY A 129 6.44 2.36 6.77
C GLY A 129 6.21 3.72 6.13
N HIS A 130 6.00 4.77 6.93
CA HIS A 130 5.75 6.13 6.47
C HIS A 130 7.05 6.94 6.41
N SER A 131 6.94 8.17 5.89
CA SER A 131 8.04 9.10 5.81
C SER A 131 7.52 10.54 5.63
N SER A 132 8.47 11.46 5.48
CA SER A 132 8.31 12.90 5.31
C SER A 132 9.46 13.39 4.40
N ASP A 133 9.57 12.79 3.20
CA ASP A 133 10.58 13.14 2.19
C ASP A 133 9.86 13.70 0.95
N PRO A 134 10.47 14.61 0.17
CA PRO A 134 9.81 15.24 -0.96
C PRO A 134 9.46 14.23 -2.06
N ASN A 135 10.20 13.12 -2.15
CA ASN A 135 9.98 12.07 -3.14
C ASN A 135 9.86 10.73 -2.40
N ALA A 136 9.35 10.75 -1.16
CA ALA A 136 9.05 9.51 -0.46
C ALA A 136 7.94 8.81 -1.23
N VAL A 137 8.14 7.53 -1.51
CA VAL A 137 7.09 6.67 -2.04
C VAL A 137 5.91 6.60 -1.06
N MET A 138 6.20 6.69 0.24
CA MET A 138 5.17 6.74 1.27
C MET A 138 4.92 8.18 1.74
N TYR A 139 5.18 9.19 0.90
CA TYR A 139 4.86 10.57 1.26
C TYR A 139 3.33 10.76 1.40
N PRO A 140 2.84 11.38 2.49
CA PRO A 140 1.46 11.84 2.56
C PRO A 140 1.26 13.12 1.73
N THR A 141 0.01 13.58 1.57
CA THR A 141 -0.34 14.76 0.76
C THR A 141 0.27 14.66 -0.64
N TYR A 142 -0.37 13.82 -1.48
CA TYR A 142 0.01 13.60 -2.86
C TYR A 142 0.29 14.91 -3.62
N GLY A 143 1.48 15.00 -4.22
CA GLY A 143 1.92 16.16 -4.99
C GLY A 143 3.27 16.64 -4.48
N ASN A 144 4.32 16.54 -5.30
CA ASN A 144 5.66 17.02 -4.98
C ASN A 144 6.65 16.80 -6.14
N GLY A 145 6.59 15.60 -6.72
CA GLY A 145 7.47 15.12 -7.76
C GLY A 145 6.66 14.27 -8.72
N ASP A 146 7.20 13.13 -9.15
CA ASP A 146 6.54 12.27 -10.11
C ASP A 146 6.46 10.86 -9.51
N PRO A 147 5.25 10.39 -9.19
CA PRO A 147 5.04 9.05 -8.67
C PRO A 147 5.18 8.00 -9.75
N GLN A 148 5.17 8.31 -11.06
CA GLN A 148 5.27 7.30 -12.11
C GLN A 148 6.65 6.62 -12.05
N ASN A 149 7.70 7.44 -11.97
CA ASN A 149 9.08 6.98 -11.94
C ASN A 149 9.58 6.80 -10.50
N PHE A 150 9.06 5.77 -9.82
CA PHE A 150 9.33 5.53 -8.42
C PHE A 150 9.63 4.04 -8.20
N LYS A 151 10.79 3.72 -7.60
CA LYS A 151 11.17 2.34 -7.37
C LYS A 151 11.98 2.31 -6.07
N LEU A 152 11.25 2.28 -4.95
CA LEU A 152 11.79 2.18 -3.59
C LEU A 152 12.92 3.20 -3.35
N SER A 153 12.56 4.46 -3.06
CA SER A 153 13.51 5.57 -2.98
C SER A 153 14.47 5.43 -1.78
N GLN A 154 14.06 5.88 -0.59
CA GLN A 154 14.92 5.95 0.59
C GLN A 154 14.12 5.47 1.78
N ASP A 155 13.00 6.13 2.06
CA ASP A 155 11.99 5.67 3.01
C ASP A 155 11.57 4.24 2.78
N ASP A 156 11.44 3.85 1.51
CA ASP A 156 11.06 2.48 1.20
C ASP A 156 12.15 1.54 1.68
N ILE A 157 13.41 1.77 1.28
CA ILE A 157 14.55 0.94 1.70
C ILE A 157 14.72 1.02 3.22
N LYS A 158 14.73 2.23 3.79
CA LYS A 158 14.93 2.50 5.21
C LYS A 158 13.83 1.89 6.05
N GLY A 159 12.61 1.83 5.50
CA GLY A 159 11.47 1.15 6.07
C GLY A 159 11.69 -0.34 5.92
N ILE A 160 11.83 -0.86 4.70
CA ILE A 160 12.06 -2.27 4.41
C ILE A 160 13.15 -2.85 5.31
N GLN A 161 14.37 -2.30 5.28
CA GLN A 161 15.48 -2.77 6.09
C GLN A 161 15.16 -2.73 7.59
N LYS A 162 14.21 -1.91 8.02
CA LYS A 162 13.76 -1.80 9.40
C LYS A 162 12.64 -2.82 9.69
N LEU A 163 11.81 -3.15 8.68
CA LEU A 163 10.76 -4.16 8.77
C LEU A 163 11.38 -5.54 9.03
N TYR A 164 12.44 -5.91 8.30
CA TYR A 164 13.13 -7.20 8.45
C TYR A 164 14.47 -7.07 9.19
N GLY A 165 14.73 -5.92 9.80
CA GLY A 165 16.01 -5.61 10.41
C GLY A 165 16.03 -5.90 11.90
N LYS A 166 16.71 -5.00 12.62
CA LYS A 166 16.86 -5.07 14.07
C LYS A 166 16.84 -3.67 14.67
N ARG A 167 17.78 -2.81 14.30
CA ARG A 167 17.92 -1.46 14.83
C ARG A 167 18.24 -0.51 13.69
N SER A 168 18.00 0.79 13.93
CA SER A 168 18.23 1.88 12.99
C SER A 168 18.20 3.16 13.82
N ASN A 169 18.76 4.24 13.28
CA ASN A 169 18.67 5.55 13.90
C ASN A 169 17.32 6.17 13.58
N SER A 170 16.92 6.12 12.29
CA SER A 170 15.76 6.82 11.76
C SER A 170 15.83 8.35 12.01
N ARG A 171 14.88 9.06 11.39
CA ARG A 171 14.75 10.51 11.51
C ARG A 171 13.27 10.84 11.65
N LYS A 172 12.99 12.03 12.18
CA LYS A 172 11.66 12.53 12.49
C LYS A 172 11.72 14.05 12.37
N LYS A 173 10.53 14.67 12.44
CA LYS A 173 10.26 16.09 12.22
CA TYR A 1 9.41 5.36 15.53
C TYR A 1 8.64 6.27 14.56
N SER A 2 7.41 5.94 14.16
CA SER A 2 6.66 6.68 13.14
C SER A 2 5.19 6.82 13.58
N LEU A 3 4.53 5.72 13.95
CA LEU A 3 3.20 5.69 14.57
C LEU A 3 3.02 4.29 15.17
N PHE A 4 1.90 4.07 15.91
CA PHE A 4 1.52 2.83 16.59
C PHE A 4 2.00 1.55 15.86
N PRO A 5 3.14 0.95 16.26
CA PRO A 5 3.76 -0.16 15.56
C PRO A 5 3.07 -1.48 15.91
N ASN A 6 1.97 -1.75 15.22
CA ASN A 6 1.16 -2.94 15.40
C ASN A 6 1.81 -4.11 14.65
N SER A 7 2.58 -4.94 15.36
CA SER A 7 3.25 -6.15 14.85
C SER A 7 3.94 -5.94 13.48
N PRO A 8 5.04 -5.18 13.41
CA PRO A 8 5.68 -4.84 12.15
C PRO A 8 6.28 -6.10 11.48
N LYS A 9 5.62 -6.52 10.39
CA LYS A 9 5.83 -7.72 9.56
C LYS A 9 4.96 -8.87 10.10
N TRP A 10 4.27 -9.55 9.18
CA TRP A 10 3.43 -10.70 9.49
C TRP A 10 4.30 -11.86 10.01
N THR A 11 3.67 -12.81 10.72
CA THR A 11 4.37 -13.97 11.25
C THR A 11 4.68 -15.03 10.17
N SER A 12 3.90 -15.08 9.07
CA SER A 12 4.15 -15.92 7.92
C SER A 12 4.92 -15.12 6.86
N LYS A 13 5.85 -15.80 6.16
CA LYS A 13 6.52 -15.30 4.96
C LYS A 13 5.64 -15.39 3.70
N VAL A 14 4.51 -16.10 3.79
CA VAL A 14 3.52 -16.20 2.72
C VAL A 14 2.27 -15.57 3.30
N VAL A 15 1.92 -14.40 2.78
CA VAL A 15 0.76 -13.63 3.20
C VAL A 15 -0.31 -13.83 2.13
N THR A 16 -1.56 -13.49 2.45
CA THR A 16 -2.66 -13.67 1.53
C THR A 16 -3.25 -12.32 1.12
N TYR A 17 -3.75 -12.22 -0.12
CA TYR A 17 -4.45 -11.04 -0.62
C TYR A 17 -5.84 -11.41 -1.14
N ARG A 18 -6.78 -10.45 -1.15
CA ARG A 18 -8.06 -10.60 -1.84
C ARG A 18 -8.59 -9.24 -2.25
N ILE A 19 -8.76 -9.03 -3.55
CA ILE A 19 -9.28 -7.79 -4.08
C ILE A 19 -10.83 -7.92 -4.05
N VAL A 20 -11.54 -7.12 -3.23
CA VAL A 20 -12.99 -7.29 -2.99
C VAL A 20 -13.82 -6.47 -3.98
N SER A 21 -13.44 -5.22 -4.21
CA SER A 21 -13.99 -4.37 -5.26
C SER A 21 -12.82 -4.06 -6.22
N TYR A 22 -13.05 -3.32 -7.31
CA TYR A 22 -11.99 -2.95 -8.26
C TYR A 22 -12.24 -1.52 -8.76
N THR A 23 -11.30 -0.98 -9.54
CA THR A 23 -11.41 0.32 -10.20
C THR A 23 -12.04 0.17 -11.61
N ARG A 24 -12.11 1.29 -12.35
CA ARG A 24 -12.79 1.38 -13.65
C ARG A 24 -11.87 1.89 -14.78
N ASP A 25 -10.94 2.81 -14.48
CA ASP A 25 -10.05 3.46 -15.46
C ASP A 25 -9.15 2.43 -16.18
N LEU A 26 -8.86 1.32 -15.50
CA LEU A 26 -7.97 0.24 -15.90
C LEU A 26 -8.53 -1.09 -15.36
N PRO A 27 -8.39 -2.20 -16.11
CA PRO A 27 -9.12 -3.43 -15.83
C PRO A 27 -8.52 -4.22 -14.66
N HIS A 28 -9.27 -5.22 -14.18
CA HIS A 28 -8.93 -6.00 -12.98
C HIS A 28 -7.65 -6.80 -13.17
N ILE A 29 -7.43 -7.31 -14.39
CA ILE A 29 -6.21 -8.00 -14.77
C ILE A 29 -5.01 -7.05 -14.69
N THR A 30 -5.19 -5.77 -15.06
CA THR A 30 -4.18 -4.75 -14.85
C THR A 30 -4.04 -4.52 -13.35
N VAL A 31 -5.10 -4.32 -12.57
CA VAL A 31 -4.98 -4.14 -11.11
C VAL A 31 -4.14 -5.26 -10.50
N ASP A 32 -4.46 -6.53 -10.79
CA ASP A 32 -3.73 -7.69 -10.27
C ASP A 32 -2.28 -7.74 -10.79
N ARG A 33 -2.03 -7.43 -12.07
CA ARG A 33 -0.66 -7.34 -12.60
C ARG A 33 0.14 -6.22 -11.92
N LEU A 34 -0.45 -5.03 -11.75
CA LEU A 34 0.24 -3.90 -11.16
C LEU A 34 0.46 -4.16 -9.67
N VAL A 35 -0.48 -4.84 -8.99
CA VAL A 35 -0.29 -5.36 -7.63
C VAL A 35 0.86 -6.36 -7.61
N SER A 36 0.91 -7.35 -8.51
CA SER A 36 2.02 -8.31 -8.57
C SER A 36 3.35 -7.60 -8.82
N LYS A 37 3.40 -6.61 -9.73
CA LYS A 37 4.60 -5.82 -9.99
C LYS A 37 4.99 -4.99 -8.75
N ALA A 38 4.05 -4.27 -8.14
CA ALA A 38 4.29 -3.46 -6.94
C ALA A 38 4.72 -4.33 -5.74
N LEU A 39 4.09 -5.49 -5.53
CA LEU A 39 4.45 -6.42 -4.47
C LEU A 39 5.77 -7.13 -4.77
N ASN A 40 6.07 -7.43 -6.04
CA ASN A 40 7.39 -7.90 -6.45
C ASN A 40 8.44 -6.83 -6.17
N MET A 41 8.14 -5.55 -6.42
CA MET A 41 9.01 -4.45 -6.07
C MET A 41 9.24 -4.37 -4.55
N TRP A 42 8.23 -4.61 -3.70
CA TRP A 42 8.46 -4.82 -2.26
C TRP A 42 9.35 -6.05 -1.98
N GLY A 43 9.01 -7.20 -2.56
CA GLY A 43 9.73 -8.47 -2.39
C GLY A 43 11.15 -8.47 -2.99
N LYS A 44 11.51 -7.43 -3.76
CA LYS A 44 12.84 -7.25 -4.32
C LYS A 44 13.87 -6.99 -3.21
N GLU A 45 13.45 -6.48 -2.05
CA GLU A 45 14.34 -6.17 -0.94
C GLU A 45 14.10 -7.13 0.25
N ILE A 46 13.01 -7.94 0.27
CA ILE A 46 12.73 -8.91 1.33
C ILE A 46 12.16 -10.22 0.74
N PRO A 47 12.62 -11.43 1.17
CA PRO A 47 12.22 -12.72 0.60
C PRO A 47 10.80 -13.17 1.02
N LEU A 48 9.83 -12.27 0.89
CA LEU A 48 8.45 -12.42 1.35
C LEU A 48 7.56 -12.56 0.12
N HIS A 49 6.54 -13.42 0.20
CA HIS A 49 5.74 -13.84 -0.93
C HIS A 49 4.25 -13.74 -0.57
N PHE A 50 3.36 -13.77 -1.56
CA PHE A 50 1.96 -13.48 -1.37
C PHE A 50 1.14 -14.39 -2.29
N ARG A 51 -0.05 -14.82 -1.85
CA ARG A 51 -0.93 -15.72 -2.60
C ARG A 51 -2.39 -15.38 -2.33
N LYS A 52 -3.32 -16.05 -3.01
CA LYS A 52 -4.75 -15.76 -2.91
C LYS A 52 -5.45 -16.94 -2.22
N VAL A 53 -6.38 -16.62 -1.32
CA VAL A 53 -7.19 -17.60 -0.59
C VAL A 53 -8.16 -18.32 -1.54
N VAL A 54 -8.60 -17.66 -2.63
CA VAL A 54 -9.58 -18.14 -3.62
C VAL A 54 -10.81 -18.79 -2.96
N TRP A 55 -11.30 -18.18 -1.86
CA TRP A 55 -12.37 -18.77 -1.06
C TRP A 55 -13.17 -17.75 -0.22
N GLY A 56 -12.50 -16.73 0.34
CA GLY A 56 -13.09 -15.74 1.23
C GLY A 56 -12.21 -14.48 1.26
N THR A 57 -12.13 -13.79 2.42
CA THR A 57 -11.21 -12.68 2.63
C THR A 57 -9.74 -13.17 2.73
N ALA A 58 -8.83 -12.25 3.07
CA ALA A 58 -7.40 -12.51 3.16
C ALA A 58 -6.75 -11.49 4.12
N ASP A 59 -5.44 -11.65 4.34
CA ASP A 59 -4.64 -10.78 5.19
C ASP A 59 -4.61 -9.35 4.59
N ILE A 60 -4.57 -9.25 3.25
CA ILE A 60 -4.47 -8.02 2.48
C ILE A 60 -5.71 -7.93 1.57
N MET A 61 -6.84 -7.56 2.16
CA MET A 61 -8.02 -7.20 1.41
C MET A 61 -7.78 -5.83 0.76
N ILE A 62 -7.93 -5.74 -0.56
CA ILE A 62 -7.86 -4.48 -1.30
C ILE A 62 -9.29 -4.22 -1.76
N GLY A 63 -9.88 -3.13 -1.29
CA GLY A 63 -11.25 -2.76 -1.62
C GLY A 63 -11.31 -1.37 -2.21
N PHE A 64 -12.41 -1.09 -2.88
CA PHE A 64 -12.68 0.19 -3.49
C PHE A 64 -14.11 0.54 -3.10
N ALA A 65 -14.32 1.82 -2.85
CA ALA A 65 -15.53 2.44 -2.34
C ALA A 65 -15.85 3.63 -3.22
N ARG A 66 -17.05 4.21 -3.14
CA ARG A 66 -17.38 5.36 -3.98
C ARG A 66 -17.95 6.45 -3.08
N GLY A 67 -17.10 7.37 -2.61
CA GLY A 67 -17.51 8.42 -1.70
C GLY A 67 -17.66 7.89 -0.27
N ALA A 68 -18.39 6.78 -0.04
CA ALA A 68 -18.57 6.20 1.28
C ALA A 68 -18.72 4.68 1.19
N HIS A 69 -18.33 4.01 2.28
CA HIS A 69 -18.31 2.55 2.42
C HIS A 69 -18.50 2.18 3.89
N GLY A 70 -18.92 0.94 4.12
CA GLY A 70 -19.24 0.38 5.43
C GLY A 70 -17.98 -0.08 6.19
N ASP A 71 -16.94 0.75 6.19
CA ASP A 71 -15.68 0.54 6.90
C ASP A 71 -15.72 1.25 8.26
N SER A 72 -14.63 1.16 9.05
CA SER A 72 -14.34 2.00 10.20
C SER A 72 -14.71 3.45 9.94
N TYR A 73 -14.28 4.04 8.81
CA TYR A 73 -14.52 5.44 8.45
C TYR A 73 -14.81 5.55 6.94
N PRO A 74 -15.87 6.26 6.51
CA PRO A 74 -16.10 6.52 5.09
C PRO A 74 -15.08 7.52 4.53
N PHE A 75 -14.90 7.51 3.21
CA PHE A 75 -14.08 8.47 2.47
C PHE A 75 -14.85 9.79 2.22
N ASP A 76 -14.33 10.60 1.30
CA ASP A 76 -14.78 11.94 0.90
C ASP A 76 -15.13 12.02 -0.60
N GLY A 77 -14.74 11.03 -1.43
CA GLY A 77 -15.00 11.03 -2.86
C GLY A 77 -13.88 11.78 -3.62
N PRO A 78 -14.19 12.66 -4.57
CA PRO A 78 -13.17 13.33 -5.37
C PRO A 78 -12.42 14.40 -4.58
N GLY A 79 -11.20 14.08 -4.11
CA GLY A 79 -10.28 15.02 -3.45
C GLY A 79 -9.59 14.40 -2.22
N ASN A 80 -9.01 15.27 -1.37
CA ASN A 80 -8.50 14.94 -0.04
C ASN A 80 -7.66 13.64 0.02
N THR A 81 -8.03 12.69 0.90
CA THR A 81 -7.48 11.35 1.05
C THR A 81 -8.00 10.48 -0.11
N LEU A 82 -7.13 9.73 -0.80
CA LEU A 82 -7.46 8.93 -1.98
C LEU A 82 -7.63 7.45 -1.66
N ALA A 83 -6.90 6.95 -0.66
CA ALA A 83 -6.92 5.56 -0.22
C ALA A 83 -6.39 5.51 1.21
N HIS A 84 -6.66 4.43 1.95
CA HIS A 84 -6.08 4.21 3.26
C HIS A 84 -5.79 2.72 3.46
N ALA A 85 -4.91 2.43 4.42
CA ALA A 85 -4.50 1.08 4.77
C ALA A 85 -4.19 1.02 6.25
N PHE A 86 -4.52 -0.13 6.83
CA PHE A 86 -4.40 -0.36 8.26
C PHE A 86 -3.13 -1.20 8.49
N ALA A 87 -2.46 -0.97 9.63
CA ALA A 87 -1.27 -1.74 10.03
C ALA A 87 -1.58 -3.24 10.09
N PRO A 88 -0.60 -4.14 9.93
CA PRO A 88 -0.85 -5.57 9.89
C PRO A 88 -1.32 -6.12 11.25
N GLY A 89 -1.84 -7.34 11.21
CA GLY A 89 -2.31 -8.01 12.39
C GLY A 89 -2.75 -9.42 12.01
N THR A 90 -4.07 -9.58 11.89
CA THR A 90 -4.74 -10.88 11.82
C THR A 90 -6.04 -10.78 11.00
N GLY A 91 -6.93 -9.85 11.40
CA GLY A 91 -8.25 -9.66 10.81
C GLY A 91 -8.23 -8.43 9.89
N LEU A 92 -8.88 -7.33 10.31
CA LEU A 92 -8.91 -6.05 9.57
C LEU A 92 -7.49 -5.51 9.32
N GLY A 93 -6.54 -5.81 10.21
CA GLY A 93 -5.14 -5.45 10.01
C GLY A 93 -4.68 -5.82 8.59
N GLY A 94 -3.86 -4.95 8.01
CA GLY A 94 -3.34 -5.05 6.66
C GLY A 94 -4.32 -4.60 5.58
N ASP A 95 -5.62 -4.57 5.82
CA ASP A 95 -6.58 -4.32 4.75
C ASP A 95 -6.51 -2.85 4.34
N ALA A 96 -6.98 -2.56 3.12
CA ALA A 96 -6.83 -1.25 2.52
C ALA A 96 -8.02 -0.97 1.61
N HIS A 97 -8.43 0.31 1.56
CA HIS A 97 -9.56 0.75 0.75
C HIS A 97 -9.15 1.96 -0.07
N PHE A 98 -9.84 2.17 -1.19
CA PHE A 98 -9.51 3.15 -2.22
C PHE A 98 -10.81 3.84 -2.68
N ASP A 99 -10.76 5.12 -3.07
CA ASP A 99 -11.91 5.87 -3.58
C ASP A 99 -12.06 5.60 -5.10
N GLU A 100 -12.89 4.62 -5.50
CA GLU A 100 -13.23 4.30 -6.89
C GLU A 100 -13.77 5.52 -7.64
N ASP A 101 -14.30 6.53 -6.91
CA ASP A 101 -14.76 7.78 -7.51
C ASP A 101 -13.61 8.59 -8.11
N GLU A 102 -12.39 8.44 -7.55
CA GLU A 102 -11.21 9.15 -8.04
C GLU A 102 -10.62 8.45 -9.27
N ARG A 103 -9.70 9.15 -9.93
CA ARG A 103 -8.95 8.60 -11.05
C ARG A 103 -7.82 7.71 -10.54
N TRP A 104 -7.38 6.79 -11.40
CA TRP A 104 -6.38 5.77 -11.11
C TRP A 104 -5.70 5.46 -12.45
N THR A 105 -4.38 5.61 -12.60
CA THR A 105 -3.69 5.40 -13.88
C THR A 105 -2.40 4.61 -13.64
N ASP A 106 -2.03 3.73 -14.58
CA ASP A 106 -0.80 2.94 -14.48
C ASP A 106 0.44 3.84 -14.61
N GLY A 107 0.41 4.74 -15.60
CA GLY A 107 1.47 5.68 -15.92
C GLY A 107 1.41 6.11 -17.37
N SER A 108 0.20 6.32 -17.92
CA SER A 108 -0.05 6.67 -19.32
C SER A 108 -1.11 7.77 -19.42
N SER A 109 -2.36 7.47 -19.02
CA SER A 109 -3.46 8.42 -19.07
C SER A 109 -3.47 9.29 -17.81
N LEU A 110 -4.28 10.36 -17.81
CA LEU A 110 -4.45 11.26 -16.68
C LEU A 110 -4.95 10.51 -15.44
N GLY A 111 -4.59 11.00 -14.25
CA GLY A 111 -5.03 10.42 -12.99
C GLY A 111 -3.97 10.55 -11.91
N ILE A 112 -3.92 9.54 -11.03
CA ILE A 112 -2.89 9.37 -10.02
C ILE A 112 -2.23 8.00 -10.23
N ASN A 113 -0.91 7.93 -10.03
CA ASN A 113 -0.13 6.71 -10.21
C ASN A 113 -0.63 5.58 -9.30
N PHE A 114 -1.24 4.56 -9.91
CA PHE A 114 -1.78 3.37 -9.27
C PHE A 114 -0.69 2.47 -8.67
N LEU A 115 0.48 2.38 -9.30
CA LEU A 115 1.61 1.62 -8.78
C LEU A 115 2.15 2.28 -7.51
N TYR A 116 2.21 3.62 -7.51
CA TYR A 116 2.61 4.39 -6.34
C TYR A 116 1.56 4.21 -5.24
N ALA A 117 0.27 4.31 -5.60
CA ALA A 117 -0.84 4.11 -4.66
C ALA A 117 -0.77 2.74 -4.01
N ALA A 118 -0.75 1.68 -4.82
CA ALA A 118 -0.71 0.33 -4.31
C ALA A 118 0.57 0.11 -3.50
N THR A 119 1.77 0.46 -4.02
CA THR A 119 3.02 0.35 -3.27
C THR A 119 2.92 1.04 -1.90
N HIS A 120 2.36 2.25 -1.85
CA HIS A 120 2.21 3.03 -0.62
C HIS A 120 1.30 2.28 0.36
N GLU A 121 0.09 1.91 -0.06
CA GLU A 121 -0.87 1.28 0.85
C GLU A 121 -0.38 -0.11 1.29
N LEU A 122 0.19 -0.87 0.34
CA LEU A 122 0.75 -2.19 0.61
C LEU A 122 1.93 -2.13 1.59
N GLY A 123 2.65 -1.01 1.68
CA GLY A 123 3.72 -0.86 2.66
C GLY A 123 3.21 -0.84 4.09
N HIS A 124 2.14 -0.09 4.34
CA HIS A 124 1.48 -0.13 5.63
C HIS A 124 0.90 -1.52 5.89
N SER A 125 0.35 -2.15 4.84
CA SER A 125 -0.10 -3.53 4.90
C SER A 125 1.03 -4.51 5.27
N LEU A 126 2.26 -4.23 4.82
CA LEU A 126 3.44 -5.04 5.13
C LEU A 126 3.89 -4.84 6.58
N GLY A 127 3.82 -3.60 7.10
CA GLY A 127 4.20 -3.26 8.47
C GLY A 127 4.92 -1.91 8.63
N MET A 128 4.96 -1.08 7.58
CA MET A 128 5.78 0.13 7.55
C MET A 128 4.97 1.35 7.99
N GLY A 129 5.68 2.39 8.44
CA GLY A 129 5.12 3.68 8.81
C GLY A 129 5.46 4.73 7.77
N HIS A 130 4.96 5.95 7.97
CA HIS A 130 5.35 7.10 7.16
C HIS A 130 6.78 7.57 7.49
N SER A 131 7.30 8.44 6.63
CA SER A 131 8.66 8.98 6.64
C SER A 131 8.68 10.52 6.68
N SER A 132 7.87 11.18 5.83
CA SER A 132 7.74 12.65 5.74
C SER A 132 8.97 13.32 5.08
N ASP A 133 9.48 12.77 3.98
CA ASP A 133 10.70 13.23 3.29
C ASP A 133 10.33 13.71 1.85
N PRO A 134 11.10 14.61 1.22
CA PRO A 134 10.74 15.24 -0.05
C PRO A 134 10.76 14.29 -1.26
N ASN A 135 11.24 13.05 -1.07
CA ASN A 135 11.30 12.03 -2.10
C ASN A 135 10.85 10.66 -1.52
N ALA A 136 10.15 10.66 -0.37
CA ALA A 136 9.64 9.45 0.26
C ALA A 136 8.51 8.82 -0.57
N VAL A 137 8.61 7.51 -0.82
CA VAL A 137 7.63 6.74 -1.59
C VAL A 137 6.31 6.55 -0.81
N MET A 138 6.35 6.58 0.53
CA MET A 138 5.19 6.64 1.41
C MET A 138 4.90 8.07 1.88
N TYR A 139 5.38 9.11 1.18
CA TYR A 139 4.99 10.48 1.49
C TYR A 139 3.46 10.64 1.38
N PRO A 140 2.80 11.32 2.35
CA PRO A 140 1.40 11.76 2.22
C PRO A 140 1.24 12.91 1.19
N THR A 141 0.11 13.63 1.20
CA THR A 141 -0.12 14.90 0.47
C THR A 141 0.54 15.00 -0.92
N TYR A 142 -0.04 14.34 -1.94
CA TYR A 142 0.48 14.16 -3.30
C TYR A 142 1.19 15.42 -3.85
N GLY A 143 2.52 15.34 -3.98
CA GLY A 143 3.36 16.37 -4.60
C GLY A 143 4.60 16.64 -3.74
N ASN A 144 5.79 16.26 -4.23
CA ASN A 144 7.09 16.54 -3.59
C ASN A 144 8.27 15.99 -4.40
N GLY A 145 8.09 14.76 -4.90
CA GLY A 145 9.05 14.03 -5.70
C GLY A 145 8.43 13.64 -7.05
N ASP A 146 9.05 12.67 -7.72
CA ASP A 146 8.52 12.07 -8.93
C ASP A 146 7.89 10.72 -8.53
N PRO A 147 6.54 10.60 -8.54
CA PRO A 147 5.85 9.35 -8.30
C PRO A 147 5.73 8.47 -9.56
N GLN A 148 6.11 8.93 -10.75
CA GLN A 148 6.16 8.09 -11.97
C GLN A 148 7.33 7.10 -11.84
N ASN A 149 8.43 7.49 -11.18
CA ASN A 149 9.63 6.68 -10.99
C ASN A 149 10.16 6.74 -9.56
N PHE A 150 9.62 5.86 -8.71
CA PHE A 150 9.94 5.74 -7.28
C PHE A 150 10.85 4.54 -7.02
N LYS A 151 10.49 3.34 -7.53
CA LYS A 151 11.19 2.06 -7.37
C LYS A 151 11.89 1.87 -6.01
N LEU A 152 11.20 2.22 -4.92
CA LEU A 152 11.66 2.14 -3.54
C LEU A 152 12.84 3.12 -3.33
N SER A 153 12.53 4.41 -3.14
CA SER A 153 13.51 5.50 -3.11
C SER A 153 14.59 5.33 -2.02
N GLN A 154 14.28 5.74 -0.79
CA GLN A 154 15.17 5.71 0.37
C GLN A 154 14.31 5.34 1.57
N ASP A 155 13.18 6.03 1.75
CA ASP A 155 12.12 5.73 2.74
C ASP A 155 11.79 4.24 2.82
N ASP A 156 11.47 3.61 1.68
CA ASP A 156 11.15 2.18 1.63
C ASP A 156 12.32 1.34 2.16
N ILE A 157 13.52 1.59 1.61
CA ILE A 157 14.74 0.89 1.97
C ILE A 157 15.04 1.12 3.46
N LYS A 158 14.80 2.34 3.97
CA LYS A 158 15.05 2.71 5.35
C LYS A 158 14.10 1.91 6.23
N GLY A 159 12.80 1.87 5.92
CA GLY A 159 11.82 1.06 6.65
C GLY A 159 12.17 -0.42 6.59
N ILE A 160 12.39 -0.96 5.38
CA ILE A 160 12.70 -2.36 5.18
C ILE A 160 14.00 -2.75 5.88
N GLN A 161 15.11 -2.02 5.69
CA GLN A 161 16.37 -2.34 6.37
C GLN A 161 16.31 -2.01 7.88
N LYS A 162 15.32 -1.26 8.37
CA LYS A 162 15.06 -1.06 9.79
C LYS A 162 14.23 -2.21 10.39
N LEU A 163 13.43 -2.93 9.58
CA LEU A 163 12.66 -4.09 10.05
C LEU A 163 13.42 -5.40 9.84
N TYR A 164 14.16 -5.52 8.75
CA TYR A 164 14.87 -6.73 8.31
C TYR A 164 16.38 -6.51 8.38
N GLY A 165 16.78 -5.64 9.31
CA GLY A 165 18.15 -5.32 9.67
C GLY A 165 18.17 -4.92 11.15
N LYS A 166 18.92 -3.84 11.48
CA LYS A 166 19.31 -3.54 12.87
C LYS A 166 19.12 -2.07 13.20
N ARG A 167 19.68 -1.16 12.38
CA ARG A 167 19.53 0.29 12.52
C ARG A 167 19.49 0.92 11.13
N SER A 168 18.64 1.94 11.00
CA SER A 168 18.45 2.77 9.83
C SER A 168 17.69 4.01 10.33
N ASN A 169 18.22 5.21 10.08
CA ASN A 169 17.68 6.48 10.57
C ASN A 169 17.70 6.60 12.11
N SER A 170 17.13 7.70 12.63
CA SER A 170 16.80 7.90 14.03
C SER A 170 15.35 8.39 14.13
N ARG A 171 14.84 8.61 15.35
CA ARG A 171 13.56 9.28 15.57
C ARG A 171 13.81 10.78 15.54
N LYS A 172 13.01 11.55 14.78
CA LYS A 172 13.11 13.02 14.80
C LYS A 172 11.80 13.62 14.27
N LYS A 173 11.20 14.56 15.02
CA LYS A 173 9.84 15.06 14.76
CA TYR A 1 11.20 5.76 14.41
C TYR A 1 10.01 6.07 13.49
N SER A 2 9.27 5.04 13.06
CA SER A 2 8.15 5.17 12.12
C SER A 2 7.03 4.20 12.49
N LEU A 3 7.36 2.98 12.95
CA LEU A 3 6.40 2.06 13.53
C LEU A 3 5.74 2.69 14.78
N PHE A 4 4.54 3.21 14.55
CA PHE A 4 3.61 3.72 15.55
C PHE A 4 2.81 2.60 16.24
N PRO A 5 2.25 1.61 15.52
CA PRO A 5 1.51 0.50 16.13
C PRO A 5 2.46 -0.54 16.76
N ASN A 6 1.90 -1.70 17.15
CA ASN A 6 2.67 -2.87 17.58
C ASN A 6 3.68 -3.28 16.51
N SER A 7 4.63 -4.16 16.87
CA SER A 7 5.65 -4.67 15.98
C SER A 7 5.03 -5.09 14.64
N PRO A 8 5.39 -4.39 13.55
CA PRO A 8 4.91 -4.77 12.24
C PRO A 8 5.60 -6.05 11.78
N LYS A 9 5.17 -6.53 10.61
CA LYS A 9 5.62 -7.74 9.92
C LYS A 9 4.79 -8.92 10.46
N TRP A 10 4.27 -9.74 9.54
CA TRP A 10 3.51 -10.94 9.86
C TRP A 10 4.44 -12.02 10.44
N THR A 11 3.87 -13.15 10.88
CA THR A 11 4.62 -14.23 11.51
C THR A 11 4.98 -15.36 10.54
N SER A 12 4.38 -15.35 9.35
CA SER A 12 4.61 -16.30 8.27
C SER A 12 5.47 -15.62 7.20
N LYS A 13 6.25 -16.43 6.47
CA LYS A 13 7.03 -16.01 5.31
C LYS A 13 6.15 -15.76 4.07
N VAL A 14 4.86 -16.14 4.15
CA VAL A 14 3.85 -15.93 3.12
C VAL A 14 2.63 -15.26 3.74
N VAL A 15 1.97 -14.38 2.99
CA VAL A 15 0.83 -13.58 3.42
C VAL A 15 -0.28 -13.72 2.39
N THR A 16 -1.54 -13.55 2.80
CA THR A 16 -2.68 -13.74 1.90
C THR A 16 -3.22 -12.37 1.47
N TYR A 17 -3.69 -12.22 0.23
CA TYR A 17 -4.32 -10.96 -0.21
C TYR A 17 -5.62 -11.24 -0.95
N ARG A 18 -6.55 -10.28 -0.92
CA ARG A 18 -7.80 -10.37 -1.67
C ARG A 18 -8.27 -8.98 -2.03
N ILE A 19 -8.22 -8.70 -3.32
CA ILE A 19 -8.68 -7.44 -3.87
C ILE A 19 -10.20 -7.62 -4.01
N VAL A 20 -10.99 -7.05 -3.09
CA VAL A 20 -12.46 -7.25 -2.99
C VAL A 20 -13.21 -6.45 -4.05
N SER A 21 -12.82 -5.18 -4.23
CA SER A 21 -13.28 -4.29 -5.28
C SER A 21 -12.05 -3.90 -6.09
N TYR A 22 -12.23 -3.16 -7.18
CA TYR A 22 -11.15 -2.78 -8.08
C TYR A 22 -11.45 -1.39 -8.64
N THR A 23 -10.42 -0.71 -9.17
CA THR A 23 -10.57 0.55 -9.90
C THR A 23 -11.40 0.34 -11.18
N ARG A 24 -11.63 1.44 -11.90
CA ARG A 24 -12.40 1.48 -13.14
C ARG A 24 -11.57 1.93 -14.33
N ASP A 25 -10.69 2.94 -14.16
CA ASP A 25 -9.94 3.45 -15.32
C ASP A 25 -9.09 2.35 -15.93
N LEU A 26 -8.59 1.44 -15.08
CA LEU A 26 -7.78 0.27 -15.43
C LEU A 26 -8.55 -1.01 -15.05
N PRO A 27 -8.33 -2.13 -15.77
CA PRO A 27 -9.02 -3.38 -15.52
C PRO A 27 -8.48 -4.16 -14.29
N HIS A 28 -9.26 -5.13 -13.83
CA HIS A 28 -8.98 -5.95 -12.65
C HIS A 28 -7.70 -6.77 -12.81
N ILE A 29 -7.54 -7.41 -13.98
CA ILE A 29 -6.34 -8.16 -14.34
C ILE A 29 -5.12 -7.24 -14.28
N THR A 30 -5.23 -6.00 -14.77
CA THR A 30 -4.18 -5.00 -14.67
C THR A 30 -3.91 -4.69 -13.21
N VAL A 31 -4.93 -4.43 -12.37
CA VAL A 31 -4.68 -4.18 -10.94
C VAL A 31 -3.90 -5.35 -10.32
N ASP A 32 -4.31 -6.60 -10.53
CA ASP A 32 -3.64 -7.76 -9.96
C ASP A 32 -2.21 -7.91 -10.53
N ARG A 33 -2.02 -7.70 -11.84
CA ARG A 33 -0.71 -7.75 -12.50
C ARG A 33 0.23 -6.67 -12.00
N LEU A 34 -0.28 -5.44 -11.92
CA LEU A 34 0.48 -4.28 -11.48
C LEU A 34 0.77 -4.41 -9.97
N VAL A 35 -0.17 -4.96 -9.19
CA VAL A 35 0.09 -5.38 -7.81
C VAL A 35 1.25 -6.37 -7.82
N SER A 36 1.22 -7.44 -8.64
CA SER A 36 2.31 -8.40 -8.65
C SER A 36 3.64 -7.73 -8.99
N LYS A 37 3.70 -6.82 -9.98
CA LYS A 37 4.92 -6.07 -10.29
C LYS A 37 5.33 -5.09 -9.17
N ALA A 38 4.38 -4.42 -8.52
CA ALA A 38 4.63 -3.51 -7.40
C ALA A 38 5.15 -4.25 -6.17
N LEU A 39 4.51 -5.37 -5.83
CA LEU A 39 4.92 -6.22 -4.74
C LEU A 39 6.22 -6.93 -5.08
N ASN A 40 6.50 -7.23 -6.36
CA ASN A 40 7.82 -7.73 -6.77
C ASN A 40 8.91 -6.68 -6.50
N MET A 41 8.59 -5.38 -6.59
CA MET A 41 9.53 -4.32 -6.25
C MET A 41 9.71 -4.19 -4.72
N TRP A 42 8.67 -4.37 -3.90
CA TRP A 42 8.84 -4.48 -2.45
C TRP A 42 9.64 -5.75 -2.08
N GLY A 43 9.24 -6.91 -2.63
CA GLY A 43 9.88 -8.21 -2.42
C GLY A 43 11.25 -8.34 -3.09
N LYS A 44 11.66 -7.34 -3.85
CA LYS A 44 13.03 -7.22 -4.35
C LYS A 44 14.00 -7.05 -3.18
N GLU A 45 13.53 -6.52 -2.04
CA GLU A 45 14.38 -6.26 -0.88
C GLU A 45 14.05 -7.20 0.29
N ILE A 46 12.86 -7.82 0.32
CA ILE A 46 12.45 -8.75 1.37
C ILE A 46 12.00 -10.08 0.72
N PRO A 47 12.55 -11.24 1.10
CA PRO A 47 12.20 -12.54 0.50
C PRO A 47 10.79 -13.04 0.92
N LEU A 48 9.86 -12.12 1.14
CA LEU A 48 8.47 -12.41 1.47
C LEU A 48 7.72 -12.74 0.17
N HIS A 49 6.75 -13.65 0.27
CA HIS A 49 5.93 -14.12 -0.84
C HIS A 49 4.46 -13.96 -0.46
N PHE A 50 3.55 -14.06 -1.43
CA PHE A 50 2.14 -13.75 -1.20
C PHE A 50 1.30 -14.80 -1.91
N ARG A 51 0.05 -14.98 -1.45
CA ARG A 51 -0.91 -15.90 -2.03
C ARG A 51 -2.28 -15.24 -2.04
N LYS A 52 -3.18 -15.76 -2.88
CA LYS A 52 -4.54 -15.27 -2.98
C LYS A 52 -5.45 -16.30 -2.32
N VAL A 53 -6.53 -15.83 -1.71
CA VAL A 53 -7.50 -16.69 -1.03
C VAL A 53 -8.59 -17.11 -2.01
N VAL A 54 -9.42 -18.07 -1.59
CA VAL A 54 -10.54 -18.58 -2.38
C VAL A 54 -11.89 -18.20 -1.75
N TRP A 55 -11.88 -17.73 -0.49
CA TRP A 55 -13.08 -17.34 0.23
C TRP A 55 -13.31 -15.84 0.03
N GLY A 56 -12.42 -15.00 0.57
CA GLY A 56 -12.55 -13.55 0.49
C GLY A 56 -11.88 -12.82 1.66
N THR A 57 -11.79 -13.47 2.81
CA THR A 57 -11.06 -12.98 3.97
C THR A 57 -9.57 -13.25 3.73
N ALA A 58 -8.73 -12.22 3.83
CA ALA A 58 -7.30 -12.30 3.61
C ALA A 58 -6.57 -11.35 4.55
N ASP A 59 -5.26 -11.52 4.67
CA ASP A 59 -4.40 -10.66 5.46
C ASP A 59 -4.42 -9.25 4.85
N ILE A 60 -4.26 -9.16 3.54
CA ILE A 60 -4.17 -7.91 2.78
C ILE A 60 -5.44 -7.81 1.91
N MET A 61 -6.56 -7.39 2.50
CA MET A 61 -7.73 -7.05 1.69
C MET A 61 -7.46 -5.69 1.04
N ILE A 62 -7.75 -5.56 -0.26
CA ILE A 62 -7.61 -4.30 -1.00
C ILE A 62 -8.99 -3.99 -1.56
N GLY A 63 -9.58 -2.86 -1.18
CA GLY A 63 -10.92 -2.49 -1.64
C GLY A 63 -10.96 -1.07 -2.16
N PHE A 64 -12.02 -0.75 -2.89
CA PHE A 64 -12.22 0.54 -3.52
C PHE A 64 -13.68 0.90 -3.31
N ALA A 65 -13.95 2.13 -2.90
CA ALA A 65 -15.28 2.63 -2.56
C ALA A 65 -15.34 4.14 -2.81
N ARG A 66 -16.42 4.82 -2.45
CA ARG A 66 -16.59 6.27 -2.67
C ARG A 66 -16.90 7.03 -1.38
N GLY A 67 -16.93 6.32 -0.24
CA GLY A 67 -17.48 6.83 0.99
C GLY A 67 -17.61 5.69 2.00
N ALA A 68 -18.78 5.57 2.61
CA ALA A 68 -19.05 4.50 3.56
C ALA A 68 -19.03 3.14 2.85
N HIS A 69 -18.09 2.26 3.25
CA HIS A 69 -17.93 0.93 2.67
C HIS A 69 -18.30 -0.17 3.67
N GLY A 70 -17.81 -0.07 4.91
CA GLY A 70 -18.15 -0.97 6.02
C GLY A 70 -16.94 -1.43 6.84
N ASP A 71 -15.86 -0.65 6.81
CA ASP A 71 -14.54 -0.97 7.33
C ASP A 71 -14.39 -0.51 8.79
N SER A 72 -14.68 0.77 9.03
CA SER A 72 -14.63 1.44 10.32
C SER A 72 -15.09 2.88 10.10
N TYR A 73 -14.57 3.53 9.05
CA TYR A 73 -14.75 4.94 8.78
C TYR A 73 -15.18 5.13 7.34
N PRO A 74 -16.13 6.04 7.05
CA PRO A 74 -16.46 6.39 5.69
C PRO A 74 -15.30 7.16 5.05
N PHE A 75 -15.06 6.87 3.77
CA PHE A 75 -14.26 7.72 2.90
C PHE A 75 -14.96 9.06 2.64
N ASP A 76 -14.28 9.86 1.83
CA ASP A 76 -14.47 11.25 1.44
C ASP A 76 -14.77 11.33 -0.07
N GLY A 77 -14.23 10.42 -0.90
CA GLY A 77 -14.44 10.42 -2.33
C GLY A 77 -13.44 11.34 -3.03
N PRO A 78 -13.86 12.13 -4.04
CA PRO A 78 -12.98 12.93 -4.87
C PRO A 78 -12.41 14.14 -4.12
N GLY A 79 -11.13 14.05 -3.73
CA GLY A 79 -10.39 15.06 -2.97
C GLY A 79 -9.83 14.42 -1.70
N ASN A 80 -9.12 15.17 -0.84
CA ASN A 80 -8.55 14.73 0.44
C ASN A 80 -7.85 13.35 0.36
N THR A 81 -7.74 12.62 1.48
CA THR A 81 -7.13 11.29 1.63
C THR A 81 -7.56 10.34 0.51
N LEU A 82 -6.64 9.81 -0.28
CA LEU A 82 -6.92 9.05 -1.50
C LEU A 82 -7.09 7.55 -1.24
N ALA A 83 -6.49 7.04 -0.16
CA ALA A 83 -6.52 5.65 0.25
C ALA A 83 -6.08 5.57 1.72
N HIS A 84 -6.35 4.45 2.38
CA HIS A 84 -5.89 4.22 3.75
C HIS A 84 -5.63 2.73 3.97
N ALA A 85 -4.82 2.40 4.98
CA ALA A 85 -4.38 1.05 5.29
C ALA A 85 -4.10 0.93 6.79
N PHE A 86 -4.19 -0.30 7.30
CA PHE A 86 -3.95 -0.60 8.72
C PHE A 86 -2.61 -1.32 8.89
N ALA A 87 -2.19 -1.49 10.15
CA ALA A 87 -0.97 -2.20 10.48
C ALA A 87 -1.29 -3.68 10.69
N PRO A 88 -0.45 -4.60 10.20
CA PRO A 88 -0.69 -6.04 10.33
C PRO A 88 -0.61 -6.50 11.79
N GLY A 89 -1.22 -7.66 12.06
CA GLY A 89 -1.25 -8.26 13.40
C GLY A 89 -2.62 -8.20 14.09
N THR A 90 -3.69 -7.86 13.36
CA THR A 90 -5.02 -7.64 13.98
C THR A 90 -6.16 -7.92 12.99
N GLY A 91 -6.06 -9.01 12.22
CA GLY A 91 -7.09 -9.51 11.30
C GLY A 91 -7.45 -8.57 10.14
N LEU A 92 -8.14 -7.47 10.44
CA LEU A 92 -8.28 -6.28 9.60
C LEU A 92 -6.99 -5.44 9.58
N GLY A 93 -5.98 -5.83 10.36
CA GLY A 93 -4.66 -5.25 10.28
C GLY A 93 -4.02 -5.58 8.94
N GLY A 94 -3.54 -4.56 8.23
CA GLY A 94 -2.91 -4.64 6.93
C GLY A 94 -3.85 -4.12 5.83
N ASP A 95 -5.12 -4.53 5.92
CA ASP A 95 -6.17 -4.31 4.94
C ASP A 95 -6.25 -2.82 4.61
N ALA A 96 -6.54 -2.52 3.34
CA ALA A 96 -6.45 -1.19 2.80
C ALA A 96 -7.60 -0.95 1.85
N HIS A 97 -8.01 0.31 1.76
CA HIS A 97 -9.08 0.72 0.86
C HIS A 97 -8.67 1.99 0.14
N PHE A 98 -9.37 2.30 -0.96
CA PHE A 98 -9.07 3.37 -1.91
C PHE A 98 -10.37 4.06 -2.33
N ASP A 99 -10.28 5.30 -2.81
CA ASP A 99 -11.41 5.98 -3.42
C ASP A 99 -11.58 5.61 -4.89
N GLU A 100 -12.52 4.73 -5.26
CA GLU A 100 -12.88 4.47 -6.67
C GLU A 100 -13.34 5.76 -7.39
N ASP A 101 -13.90 6.70 -6.63
CA ASP A 101 -14.37 7.98 -7.16
C ASP A 101 -13.22 8.86 -7.64
N GLU A 102 -12.01 8.68 -7.08
CA GLU A 102 -10.84 9.38 -7.56
C GLU A 102 -10.42 8.79 -8.91
N ARG A 103 -10.04 9.68 -9.82
CA ARG A 103 -9.46 9.28 -11.09
C ARG A 103 -8.09 8.66 -10.82
N TRP A 104 -7.97 7.36 -11.05
CA TRP A 104 -6.69 6.66 -11.03
C TRP A 104 -6.17 6.59 -12.47
N THR A 105 -4.86 6.40 -12.64
CA THR A 105 -4.23 6.17 -13.94
C THR A 105 -3.13 5.11 -13.76
N ASP A 106 -2.79 4.37 -14.81
CA ASP A 106 -1.69 3.38 -14.79
C ASP A 106 -0.35 4.10 -14.75
N GLY A 107 -0.24 5.24 -15.46
CA GLY A 107 1.00 5.97 -15.61
C GLY A 107 0.83 7.39 -15.08
N SER A 108 0.56 8.35 -15.98
CA SER A 108 0.33 9.73 -15.63
C SER A 108 -0.46 10.38 -16.77
N SER A 109 -1.44 11.22 -16.43
CA SER A 109 -2.20 11.99 -17.40
C SER A 109 -2.95 13.13 -16.70
N LEU A 110 -3.71 12.82 -15.64
CA LEU A 110 -4.60 13.74 -14.91
C LEU A 110 -4.91 13.21 -13.50
N GLY A 111 -5.21 11.91 -13.41
CA GLY A 111 -5.42 11.23 -12.15
C GLY A 111 -4.09 10.86 -11.52
N ILE A 112 -4.13 10.34 -10.29
CA ILE A 112 -2.93 9.89 -9.61
C ILE A 112 -2.59 8.46 -10.05
N ASN A 113 -1.29 8.16 -10.07
CA ASN A 113 -0.79 6.86 -10.46
C ASN A 113 -1.26 5.80 -9.44
N PHE A 114 -2.10 4.86 -9.90
CA PHE A 114 -2.61 3.76 -9.09
C PHE A 114 -1.49 2.86 -8.59
N LEU A 115 -0.50 2.58 -9.45
CA LEU A 115 0.63 1.74 -9.14
C LEU A 115 1.38 2.32 -7.95
N TYR A 116 1.63 3.64 -7.97
CA TYR A 116 2.29 4.37 -6.88
C TYR A 116 1.46 4.26 -5.60
N ALA A 117 0.12 4.33 -5.74
CA ALA A 117 -0.81 4.26 -4.62
C ALA A 117 -0.90 2.89 -4.01
N ALA A 118 -1.07 1.85 -4.82
CA ALA A 118 -1.04 0.47 -4.38
C ALA A 118 0.27 0.24 -3.64
N THR A 119 1.40 0.59 -4.24
CA THR A 119 2.71 0.46 -3.62
C THR A 119 2.79 1.17 -2.27
N HIS A 120 2.21 2.37 -2.17
CA HIS A 120 2.14 3.08 -0.89
C HIS A 120 1.34 2.26 0.12
N GLU A 121 0.08 1.91 -0.17
CA GLU A 121 -0.77 1.26 0.83
C GLU A 121 -0.27 -0.16 1.15
N LEU A 122 0.17 -0.90 0.14
CA LEU A 122 0.68 -2.26 0.25
C LEU A 122 1.98 -2.27 1.07
N GLY A 123 2.79 -1.22 0.98
CA GLY A 123 3.92 -1.02 1.86
C GLY A 123 3.50 -1.12 3.32
N HIS A 124 2.41 -0.42 3.69
CA HIS A 124 1.90 -0.50 5.05
C HIS A 124 1.25 -1.83 5.36
N SER A 125 0.59 -2.44 4.38
CA SER A 125 0.02 -3.77 4.51
C SER A 125 1.09 -4.80 4.87
N LEU A 126 2.31 -4.63 4.32
CA LEU A 126 3.46 -5.45 4.65
C LEU A 126 3.82 -5.31 6.13
N GLY A 127 3.86 -4.08 6.65
CA GLY A 127 4.30 -3.81 8.01
C GLY A 127 4.51 -2.35 8.32
N MET A 128 3.56 -1.47 7.99
CA MET A 128 3.75 -0.01 8.13
C MET A 128 5.02 0.45 7.37
N GLY A 129 5.56 1.63 7.71
CA GLY A 129 6.84 2.09 7.16
C GLY A 129 6.82 3.53 6.66
N HIS A 130 6.06 4.42 7.31
CA HIS A 130 5.91 5.81 6.91
C HIS A 130 7.21 6.61 7.00
N SER A 131 7.24 7.82 6.42
CA SER A 131 8.37 8.74 6.45
C SER A 131 7.88 10.20 6.31
N SER A 132 8.80 11.16 6.19
CA SER A 132 8.51 12.57 6.01
C SER A 132 9.53 13.24 5.07
N ASP A 133 9.75 12.63 3.88
CA ASP A 133 10.76 13.06 2.89
C ASP A 133 10.07 13.72 1.69
N PRO A 134 10.63 14.76 1.04
CA PRO A 134 9.97 15.43 -0.09
C PRO A 134 9.93 14.59 -1.38
N ASN A 135 10.69 13.49 -1.43
CA ASN A 135 10.81 12.59 -2.58
C ASN A 135 10.79 11.15 -2.05
N ALA A 136 9.76 10.87 -1.24
CA ALA A 136 9.44 9.56 -0.70
C ALA A 136 8.10 9.12 -1.29
N VAL A 137 7.94 7.82 -1.56
CA VAL A 137 6.66 7.25 -1.95
C VAL A 137 5.74 7.20 -0.72
N MET A 138 6.31 7.08 0.49
CA MET A 138 5.62 7.07 1.78
C MET A 138 5.20 8.46 2.26
N TYR A 139 5.70 9.56 1.69
CA TYR A 139 5.37 10.90 2.17
C TYR A 139 3.85 11.14 2.10
N PRO A 140 3.20 11.58 3.19
CA PRO A 140 1.78 11.90 3.17
C PRO A 140 1.52 13.21 2.43
N THR A 141 0.30 13.39 1.92
CA THR A 141 -0.12 14.53 1.10
C THR A 141 0.70 14.61 -0.20
N TYR A 142 0.10 14.12 -1.30
CA TYR A 142 0.69 14.11 -2.65
C TYR A 142 1.43 15.41 -2.96
N GLY A 143 2.72 15.28 -3.32
CA GLY A 143 3.64 16.37 -3.54
C GLY A 143 4.51 16.06 -4.74
N ASN A 144 5.84 16.21 -4.61
CA ASN A 144 6.76 16.01 -5.73
C ASN A 144 6.76 14.55 -6.19
N GLY A 145 7.13 13.63 -5.28
CA GLY A 145 7.25 12.19 -5.52
C GLY A 145 7.86 11.86 -6.90
N ASP A 146 7.46 10.71 -7.44
CA ASP A 146 7.70 10.34 -8.83
C ASP A 146 6.63 9.30 -9.24
N PRO A 147 5.37 9.70 -9.48
CA PRO A 147 4.27 8.79 -9.88
C PRO A 147 4.45 8.23 -11.31
N GLN A 148 5.68 7.90 -11.69
CA GLN A 148 6.06 7.38 -13.00
C GLN A 148 7.19 6.35 -12.80
N ASN A 149 8.28 6.75 -12.13
CA ASN A 149 9.53 5.98 -12.03
C ASN A 149 9.75 5.62 -10.56
N PHE A 150 9.20 4.47 -10.14
CA PHE A 150 9.12 4.02 -8.74
C PHE A 150 10.40 4.22 -7.94
N LYS A 151 11.46 3.51 -8.37
CA LYS A 151 12.84 3.57 -7.90
C LYS A 151 12.95 3.91 -6.40
N LEU A 152 12.41 2.99 -5.58
CA LEU A 152 12.29 3.02 -4.11
C LEU A 152 13.39 3.89 -3.50
N SER A 153 13.01 5.01 -2.86
CA SER A 153 13.94 6.10 -2.57
C SER A 153 14.74 5.81 -1.30
N GLN A 154 14.18 6.08 -0.11
CA GLN A 154 14.90 5.94 1.16
C GLN A 154 13.94 5.55 2.27
N ASP A 155 12.78 6.19 2.32
CA ASP A 155 11.61 5.79 3.07
C ASP A 155 11.28 4.31 2.93
N ASP A 156 11.27 3.81 1.69
CA ASP A 156 10.97 2.42 1.38
C ASP A 156 12.07 1.52 1.95
N ILE A 157 13.33 1.80 1.58
CA ILE A 157 14.51 1.05 2.03
C ILE A 157 14.54 1.07 3.57
N LYS A 158 14.25 2.22 4.18
CA LYS A 158 14.21 2.40 5.63
C LYS A 158 13.16 1.47 6.19
N GLY A 159 11.90 1.57 5.73
CA GLY A 159 10.82 0.71 6.17
C GLY A 159 11.22 -0.75 6.05
N ILE A 160 11.66 -1.18 4.87
CA ILE A 160 12.16 -2.53 4.63
C ILE A 160 13.21 -2.93 5.68
N GLN A 161 14.24 -2.09 5.90
CA GLN A 161 15.29 -2.39 6.86
C GLN A 161 14.78 -2.39 8.31
N LYS A 162 13.76 -1.57 8.61
CA LYS A 162 13.10 -1.55 9.91
C LYS A 162 12.30 -2.84 10.13
N LEU A 163 11.87 -3.53 9.07
CA LEU A 163 11.07 -4.75 9.14
C LEU A 163 11.98 -5.98 9.12
N TYR A 164 12.92 -6.09 8.17
CA TYR A 164 13.76 -7.28 7.97
C TYR A 164 15.20 -6.92 7.54
N GLY A 165 15.71 -5.75 7.96
CA GLY A 165 17.08 -5.32 7.69
C GLY A 165 18.01 -5.86 8.75
N LYS A 166 18.75 -4.97 9.42
CA LYS A 166 19.70 -5.34 10.48
C LYS A 166 19.72 -4.30 11.59
N ARG A 167 20.03 -3.04 11.26
CA ARG A 167 20.12 -1.93 12.21
C ARG A 167 19.73 -0.66 11.44
N SER A 168 18.82 0.12 12.02
CA SER A 168 18.37 1.42 11.54
C SER A 168 17.73 2.13 12.74
N ASN A 169 18.54 2.74 13.62
CA ASN A 169 18.05 3.57 14.72
C ASN A 169 19.22 4.45 15.18
N SER A 170 18.96 5.71 15.53
CA SER A 170 19.96 6.65 16.04
C SER A 170 19.24 7.91 16.56
N ARG A 171 18.46 8.56 15.68
CA ARG A 171 17.84 9.88 15.86
C ARG A 171 18.88 10.98 16.16
N LYS A 172 18.49 12.26 16.19
CA LYS A 172 19.34 13.37 16.62
C LYS A 172 18.48 14.61 16.96
N LYS A 173 17.53 14.44 17.89
CA LYS A 173 16.54 15.45 18.30
CA TYR A 1 8.84 3.81 15.36
C TYR A 1 8.24 5.08 14.76
N SER A 2 7.48 4.93 13.67
CA SER A 2 6.66 5.98 13.08
C SER A 2 5.39 6.14 13.95
N LEU A 3 4.29 5.44 13.65
CA LEU A 3 3.01 5.65 14.35
C LEU A 3 2.08 4.43 14.32
N PHE A 4 2.64 3.23 14.14
CA PHE A 4 1.89 1.98 13.99
C PHE A 4 2.58 0.84 14.76
N PRO A 5 2.63 0.87 16.10
CA PRO A 5 3.20 -0.18 16.92
C PRO A 5 2.28 -1.42 16.97
N ASN A 6 2.08 -2.06 15.82
CA ASN A 6 1.20 -3.22 15.65
C ASN A 6 1.97 -4.30 14.89
N SER A 7 2.92 -4.94 15.60
CA SER A 7 3.73 -6.07 15.11
C SER A 7 4.20 -5.87 13.66
N PRO A 8 5.21 -5.01 13.46
CA PRO A 8 5.66 -4.64 12.13
C PRO A 8 6.30 -5.87 11.47
N LYS A 9 5.76 -6.22 10.28
CA LYS A 9 5.98 -7.44 9.50
C LYS A 9 5.14 -8.61 10.05
N TRP A 10 4.40 -9.26 9.16
CA TRP A 10 3.63 -10.47 9.47
C TRP A 10 4.57 -11.60 9.91
N THR A 11 4.03 -12.57 10.64
CA THR A 11 4.80 -13.69 11.17
C THR A 11 5.06 -14.74 10.08
N SER A 12 4.10 -14.93 9.16
CA SER A 12 4.24 -15.82 8.02
C SER A 12 4.99 -15.10 6.90
N LYS A 13 5.89 -15.82 6.23
CA LYS A 13 6.56 -15.34 5.02
C LYS A 13 5.67 -15.40 3.77
N VAL A 14 4.44 -15.91 3.92
CA VAL A 14 3.44 -16.01 2.89
C VAL A 14 2.23 -15.28 3.44
N VAL A 15 1.89 -14.16 2.81
CA VAL A 15 0.76 -13.34 3.20
C VAL A 15 -0.25 -13.40 2.05
N THR A 16 -1.55 -13.48 2.35
CA THR A 16 -2.55 -13.63 1.30
C THR A 16 -3.46 -12.41 1.21
N TYR A 17 -3.93 -12.14 0.00
CA TYR A 17 -4.72 -10.95 -0.29
C TYR A 17 -6.05 -11.34 -0.92
N ARG A 18 -7.05 -10.45 -0.80
CA ARG A 18 -8.30 -10.58 -1.54
C ARG A 18 -8.76 -9.21 -1.98
N ILE A 19 -8.87 -9.06 -3.30
CA ILE A 19 -9.34 -7.85 -3.93
C ILE A 19 -10.88 -7.99 -3.99
N VAL A 20 -11.60 -7.36 -3.05
CA VAL A 20 -13.08 -7.47 -2.92
C VAL A 20 -13.81 -6.69 -4.01
N SER A 21 -13.40 -5.43 -4.22
CA SER A 21 -13.86 -4.55 -5.29
C SER A 21 -12.65 -4.25 -6.16
N TYR A 22 -12.80 -3.52 -7.27
CA TYR A 22 -11.71 -3.19 -8.19
C TYR A 22 -11.95 -1.78 -8.75
N THR A 23 -10.92 -1.18 -9.36
CA THR A 23 -11.04 0.08 -10.08
C THR A 23 -11.89 -0.08 -11.36
N ARG A 24 -11.98 1.01 -12.15
CA ARG A 24 -12.75 1.07 -13.40
C ARG A 24 -11.94 1.58 -14.58
N ASP A 25 -11.07 2.57 -14.33
CA ASP A 25 -10.24 3.19 -15.36
C ASP A 25 -9.35 2.14 -16.03
N LEU A 26 -8.77 1.29 -15.18
CA LEU A 26 -7.82 0.24 -15.52
C LEU A 26 -8.52 -1.12 -15.35
N PRO A 27 -8.16 -2.16 -16.14
CA PRO A 27 -8.79 -3.48 -16.02
C PRO A 27 -8.30 -4.25 -14.79
N HIS A 28 -9.09 -5.25 -14.38
CA HIS A 28 -8.87 -6.03 -13.16
C HIS A 28 -7.61 -6.90 -13.24
N ILE A 29 -7.36 -7.47 -14.42
CA ILE A 29 -6.15 -8.24 -14.69
C ILE A 29 -4.90 -7.35 -14.56
N THR A 30 -5.01 -6.09 -15.03
CA THR A 30 -3.98 -5.10 -14.88
C THR A 30 -3.86 -4.71 -13.42
N VAL A 31 -4.96 -4.51 -12.66
CA VAL A 31 -4.85 -4.29 -11.20
C VAL A 31 -4.03 -5.40 -10.54
N ASP A 32 -4.33 -6.68 -10.79
CA ASP A 32 -3.56 -7.78 -10.20
C ASP A 32 -2.13 -7.80 -10.72
N ARG A 33 -1.89 -7.57 -12.03
CA ARG A 33 -0.52 -7.53 -12.59
C ARG A 33 0.30 -6.39 -12.01
N LEU A 34 -0.32 -5.21 -11.87
CA LEU A 34 0.26 -4.02 -11.30
C LEU A 34 0.57 -4.29 -9.83
N VAL A 35 -0.37 -4.86 -9.06
CA VAL A 35 -0.11 -5.32 -7.70
C VAL A 35 1.03 -6.34 -7.69
N SER A 36 1.08 -7.28 -8.65
CA SER A 36 2.13 -8.29 -8.71
C SER A 36 3.50 -7.61 -8.86
N LYS A 37 3.68 -6.72 -9.85
CA LYS A 37 4.96 -6.00 -10.01
C LYS A 37 5.24 -5.08 -8.81
N ALA A 38 4.22 -4.39 -8.28
CA ALA A 38 4.33 -3.47 -7.17
C ALA A 38 4.76 -4.17 -5.87
N LEU A 39 4.17 -5.33 -5.60
CA LEU A 39 4.59 -6.18 -4.49
C LEU A 39 5.94 -6.80 -4.79
N ASN A 40 6.25 -7.12 -6.05
CA ASN A 40 7.60 -7.55 -6.44
C ASN A 40 8.62 -6.47 -6.10
N MET A 41 8.29 -5.18 -6.24
CA MET A 41 9.16 -4.08 -5.88
C MET A 41 9.45 -4.04 -4.38
N TRP A 42 8.48 -4.38 -3.53
CA TRP A 42 8.70 -4.55 -2.09
C TRP A 42 9.49 -5.84 -1.80
N GLY A 43 9.08 -6.95 -2.42
CA GLY A 43 9.72 -8.26 -2.27
C GLY A 43 11.12 -8.33 -2.91
N LYS A 44 11.47 -7.33 -3.72
CA LYS A 44 12.81 -7.18 -4.29
C LYS A 44 13.86 -6.89 -3.22
N GLU A 45 13.44 -6.45 -2.03
CA GLU A 45 14.34 -6.29 -0.90
C GLU A 45 14.13 -7.39 0.15
N ILE A 46 12.91 -7.90 0.34
CA ILE A 46 12.63 -8.90 1.37
C ILE A 46 12.04 -10.16 0.74
N PRO A 47 12.50 -11.36 1.11
CA PRO A 47 12.00 -12.63 0.56
C PRO A 47 10.60 -13.00 1.08
N LEU A 48 9.72 -12.02 1.25
CA LEU A 48 8.31 -12.18 1.59
C LEU A 48 7.58 -12.54 0.29
N HIS A 49 6.73 -13.56 0.34
CA HIS A 49 5.97 -14.07 -0.80
C HIS A 49 4.48 -13.88 -0.52
N PHE A 50 3.64 -13.97 -1.55
CA PHE A 50 2.25 -13.60 -1.43
C PHE A 50 1.40 -14.61 -2.20
N ARG A 51 0.15 -14.75 -1.75
CA ARG A 51 -0.81 -15.69 -2.30
C ARG A 51 -2.18 -15.05 -2.36
N LYS A 52 -3.16 -15.81 -2.87
CA LYS A 52 -4.55 -15.38 -2.92
C LYS A 52 -5.40 -16.44 -2.24
N VAL A 53 -6.57 -16.03 -1.75
CA VAL A 53 -7.60 -16.90 -1.18
C VAL A 53 -8.77 -16.98 -2.13
N VAL A 54 -9.67 -17.93 -1.81
CA VAL A 54 -10.87 -18.23 -2.57
C VAL A 54 -12.12 -18.04 -1.70
N TRP A 55 -12.03 -18.23 -0.38
CA TRP A 55 -13.18 -18.12 0.52
C TRP A 55 -13.76 -16.71 0.52
N GLY A 56 -12.91 -15.71 0.74
CA GLY A 56 -13.31 -14.31 0.82
C GLY A 56 -12.17 -13.51 1.42
N THR A 57 -12.44 -12.76 2.50
CA THR A 57 -11.45 -11.93 3.20
C THR A 57 -10.12 -12.65 3.48
N ALA A 58 -9.03 -11.86 3.62
CA ALA A 58 -7.66 -12.34 3.69
C ALA A 58 -6.85 -11.50 4.67
N ASP A 59 -5.53 -11.76 4.72
CA ASP A 59 -4.59 -10.95 5.49
C ASP A 59 -4.62 -9.51 4.94
N ILE A 60 -4.66 -9.37 3.61
CA ILE A 60 -4.59 -8.10 2.87
C ILE A 60 -5.83 -8.01 1.95
N MET A 61 -6.94 -7.60 2.52
CA MET A 61 -8.18 -7.33 1.82
C MET A 61 -8.04 -5.95 1.18
N ILE A 62 -8.10 -5.89 -0.15
CA ILE A 62 -7.97 -4.65 -0.91
C ILE A 62 -9.37 -4.39 -1.47
N GLY A 63 -9.89 -3.18 -1.27
CA GLY A 63 -11.21 -2.83 -1.77
C GLY A 63 -11.28 -1.39 -2.22
N PHE A 64 -12.33 -1.09 -2.97
CA PHE A 64 -12.55 0.20 -3.56
C PHE A 64 -14.01 0.56 -3.26
N ALA A 65 -14.21 1.84 -2.96
CA ALA A 65 -15.49 2.43 -2.57
C ALA A 65 -15.56 3.83 -3.17
N ARG A 66 -16.75 4.44 -3.21
CA ARG A 66 -16.97 5.70 -3.94
C ARG A 66 -17.74 6.70 -3.08
N GLY A 67 -17.37 6.80 -1.80
CA GLY A 67 -17.97 7.73 -0.86
C GLY A 67 -17.93 7.20 0.56
N ALA A 68 -18.29 5.92 0.79
CA ALA A 68 -18.18 5.27 2.09
C ALA A 68 -18.23 3.74 1.93
N HIS A 69 -17.91 3.04 3.01
CA HIS A 69 -17.88 1.59 3.10
C HIS A 69 -17.97 1.18 4.58
N GLY A 70 -18.37 -0.07 4.83
CA GLY A 70 -18.61 -0.61 6.16
C GLY A 70 -17.36 -1.24 6.76
N ASP A 71 -16.31 -0.43 6.92
CA ASP A 71 -15.00 -0.88 7.40
C ASP A 71 -14.79 -0.43 8.85
N SER A 72 -14.78 0.89 9.08
CA SER A 72 -14.46 1.59 10.33
C SER A 72 -14.59 3.11 10.12
N TYR A 73 -14.23 3.65 8.93
CA TYR A 73 -14.16 5.08 8.69
C TYR A 73 -14.82 5.40 7.35
N PRO A 74 -15.85 6.27 7.30
CA PRO A 74 -16.42 6.67 6.04
C PRO A 74 -15.35 7.45 5.26
N PHE A 75 -15.22 7.09 3.97
CA PHE A 75 -14.49 7.85 2.97
C PHE A 75 -15.16 9.23 2.75
N ASP A 76 -14.73 9.86 1.67
CA ASP A 76 -14.95 11.24 1.25
C ASP A 76 -15.33 11.26 -0.24
N GLY A 77 -14.73 10.41 -1.09
CA GLY A 77 -14.96 10.40 -2.52
C GLY A 77 -13.94 11.32 -3.23
N PRO A 78 -14.35 12.09 -4.26
CA PRO A 78 -13.47 12.92 -5.08
C PRO A 78 -12.98 14.16 -4.29
N GLY A 79 -11.79 14.06 -3.68
CA GLY A 79 -11.16 15.10 -2.89
C GLY A 79 -10.61 14.49 -1.60
N ASN A 80 -9.82 15.24 -0.81
CA ASN A 80 -9.15 14.78 0.43
C ASN A 80 -8.40 13.44 0.23
N THR A 81 -8.09 12.66 1.29
CA THR A 81 -7.44 11.33 1.27
C THR A 81 -8.01 10.42 0.17
N LEU A 82 -7.17 9.82 -0.68
CA LEU A 82 -7.56 9.04 -1.84
C LEU A 82 -7.61 7.52 -1.57
N ALA A 83 -6.88 7.05 -0.56
CA ALA A 83 -6.86 5.66 -0.13
C ALA A 83 -6.33 5.62 1.29
N HIS A 84 -6.56 4.51 2.00
CA HIS A 84 -5.98 4.29 3.30
C HIS A 84 -5.70 2.80 3.48
N ALA A 85 -4.94 2.46 4.52
CA ALA A 85 -4.60 1.10 4.88
C ALA A 85 -4.48 1.02 6.39
N PHE A 86 -4.57 -0.20 6.91
CA PHE A 86 -4.50 -0.47 8.33
C PHE A 86 -3.20 -1.22 8.61
N ALA A 87 -2.59 -0.99 9.77
CA ALA A 87 -1.37 -1.70 10.18
C ALA A 87 -1.62 -3.21 10.21
N PRO A 88 -0.59 -4.06 9.98
CA PRO A 88 -0.79 -5.50 9.94
C PRO A 88 -1.22 -6.05 11.30
N GLY A 89 -1.71 -7.28 11.29
CA GLY A 89 -2.11 -7.97 12.50
C GLY A 89 -2.55 -9.38 12.15
N THR A 90 -3.86 -9.56 11.94
CA THR A 90 -4.51 -10.82 11.62
C THR A 90 -5.87 -10.54 10.94
N GLY A 91 -6.72 -9.69 11.54
CA GLY A 91 -8.08 -9.44 11.10
C GLY A 91 -8.13 -8.28 10.11
N LEU A 92 -8.85 -7.20 10.44
CA LEU A 92 -8.89 -5.97 9.64
C LEU A 92 -7.47 -5.42 9.38
N GLY A 93 -6.52 -5.62 10.29
CA GLY A 93 -5.14 -5.21 10.08
C GLY A 93 -4.61 -5.64 8.72
N GLY A 94 -3.80 -4.77 8.09
CA GLY A 94 -3.25 -4.91 6.76
C GLY A 94 -4.17 -4.36 5.69
N ASP A 95 -5.48 -4.58 5.85
CA ASP A 95 -6.48 -4.35 4.80
C ASP A 95 -6.44 -2.89 4.38
N ALA A 96 -6.77 -2.63 3.11
CA ALA A 96 -6.60 -1.33 2.52
C ALA A 96 -7.78 -1.04 1.62
N HIS A 97 -8.15 0.24 1.56
CA HIS A 97 -9.26 0.68 0.74
C HIS A 97 -8.88 1.93 -0.02
N PHE A 98 -9.59 2.15 -1.13
CA PHE A 98 -9.27 3.14 -2.13
C PHE A 98 -10.57 3.81 -2.56
N ASP A 99 -10.52 5.10 -2.88
CA ASP A 99 -11.64 5.81 -3.48
C ASP A 99 -11.68 5.48 -4.97
N GLU A 100 -12.57 4.59 -5.39
CA GLU A 100 -12.84 4.29 -6.78
C GLU A 100 -13.31 5.54 -7.57
N ASP A 101 -13.87 6.54 -6.86
CA ASP A 101 -14.29 7.81 -7.46
C ASP A 101 -13.08 8.64 -7.89
N GLU A 102 -11.99 8.59 -7.11
CA GLU A 102 -10.77 9.29 -7.47
C GLU A 102 -10.20 8.58 -8.69
N ARG A 103 -9.85 9.35 -9.70
CA ARG A 103 -9.25 8.85 -10.93
C ARG A 103 -7.99 8.05 -10.64
N TRP A 104 -7.80 6.93 -11.34
CA TRP A 104 -6.67 6.03 -11.13
C TRP A 104 -6.02 5.78 -12.49
N THR A 105 -4.75 6.16 -12.66
CA THR A 105 -4.03 6.02 -13.93
C THR A 105 -2.88 5.03 -13.73
N ASP A 106 -2.52 4.26 -14.75
CA ASP A 106 -1.40 3.30 -14.70
C ASP A 106 -0.07 3.97 -15.07
N GLY A 107 0.02 5.30 -14.94
CA GLY A 107 1.18 6.08 -15.31
C GLY A 107 1.10 6.48 -16.78
N SER A 108 0.16 7.37 -17.13
CA SER A 108 -0.07 7.78 -18.53
C SER A 108 0.33 9.23 -18.82
N SER A 109 0.04 10.17 -17.90
CA SER A 109 0.40 11.60 -17.96
C SER A 109 -0.22 12.36 -16.79
N LEU A 110 -1.53 12.14 -16.55
CA LEU A 110 -2.34 12.88 -15.58
C LEU A 110 -3.26 11.87 -14.88
N GLY A 111 -3.67 12.23 -13.66
CA GLY A 111 -4.44 11.40 -12.77
C GLY A 111 -3.62 11.09 -11.52
N ILE A 112 -4.01 10.05 -10.79
CA ILE A 112 -3.29 9.58 -9.62
C ILE A 112 -2.76 8.20 -9.98
N ASN A 113 -1.43 8.06 -9.92
CA ASN A 113 -0.74 6.82 -10.27
C ASN A 113 -1.22 5.70 -9.36
N PHE A 114 -2.08 4.82 -9.89
CA PHE A 114 -2.63 3.66 -9.22
C PHE A 114 -1.52 2.80 -8.65
N LEU A 115 -0.44 2.63 -9.41
CA LEU A 115 0.66 1.79 -8.97
C LEU A 115 1.26 2.43 -7.74
N TYR A 116 1.57 3.73 -7.81
CA TYR A 116 2.23 4.46 -6.72
C TYR A 116 1.35 4.40 -5.48
N ALA A 117 0.03 4.53 -5.67
CA ALA A 117 -0.97 4.35 -4.63
C ALA A 117 -0.87 2.95 -4.03
N ALA A 118 -1.07 1.91 -4.85
CA ALA A 118 -1.10 0.53 -4.39
C ALA A 118 0.19 0.21 -3.63
N THR A 119 1.36 0.48 -4.21
CA THR A 119 2.64 0.19 -3.60
C THR A 119 2.84 0.97 -2.28
N HIS A 120 2.39 2.22 -2.21
CA HIS A 120 2.38 3.00 -0.98
C HIS A 120 1.51 2.29 0.07
N GLU A 121 0.25 1.97 -0.26
CA GLU A 121 -0.68 1.37 0.68
C GLU A 121 -0.17 -0.02 1.12
N LEU A 122 0.36 -0.80 0.18
CA LEU A 122 0.93 -2.10 0.43
C LEU A 122 2.12 -2.01 1.38
N GLY A 123 2.85 -0.89 1.39
CA GLY A 123 3.86 -0.62 2.39
C GLY A 123 3.29 -0.67 3.80
N HIS A 124 2.21 0.05 4.06
CA HIS A 124 1.57 0.01 5.38
C HIS A 124 1.09 -1.40 5.70
N SER A 125 0.53 -2.09 4.70
CA SER A 125 0.16 -3.51 4.79
C SER A 125 1.34 -4.40 5.19
N LEU A 126 2.56 -4.04 4.75
CA LEU A 126 3.78 -4.77 5.09
C LEU A 126 4.14 -4.60 6.57
N GLY A 127 3.78 -3.47 7.18
CA GLY A 127 4.04 -3.20 8.60
C GLY A 127 5.26 -2.35 8.78
N MET A 128 5.22 -1.12 8.27
CA MET A 128 6.31 -0.16 8.29
C MET A 128 5.77 1.20 8.70
N GLY A 129 6.68 2.17 8.82
CA GLY A 129 6.34 3.52 9.18
C GLY A 129 6.18 4.41 7.95
N HIS A 130 5.29 5.40 8.07
CA HIS A 130 5.09 6.47 7.10
C HIS A 130 6.38 7.23 6.76
N SER A 131 6.28 8.16 5.80
CA SER A 131 7.39 8.92 5.27
C SER A 131 7.05 10.40 5.17
N SER A 132 8.03 11.19 4.72
CA SER A 132 8.01 12.64 4.67
C SER A 132 9.18 13.09 3.76
N ASP A 133 9.35 12.48 2.58
CA ASP A 133 10.44 12.79 1.64
C ASP A 133 9.85 13.21 0.29
N PRO A 134 10.44 14.19 -0.44
CA PRO A 134 9.84 14.78 -1.64
C PRO A 134 9.78 13.81 -2.84
N ASN A 135 10.20 12.55 -2.68
CA ASN A 135 10.12 11.52 -3.70
C ASN A 135 9.89 10.15 -3.05
N ALA A 136 9.38 10.12 -1.80
CA ALA A 136 9.13 8.89 -1.06
C ALA A 136 7.92 8.17 -1.64
N VAL A 137 8.00 6.84 -1.72
CA VAL A 137 6.84 6.02 -2.08
C VAL A 137 5.77 6.19 -0.99
N MET A 138 6.17 6.34 0.29
CA MET A 138 5.25 6.59 1.40
C MET A 138 4.90 8.07 1.62
N TYR A 139 5.20 8.98 0.68
CA TYR A 139 4.95 10.41 0.88
C TYR A 139 3.44 10.69 1.01
N PRO A 140 2.97 11.40 2.07
CA PRO A 140 1.55 11.69 2.22
C PRO A 140 1.10 12.83 1.29
N THR A 141 1.87 13.92 1.26
CA THR A 141 1.57 15.12 0.49
C THR A 141 1.98 14.93 -0.98
N TYR A 142 1.51 13.84 -1.60
CA TYR A 142 1.81 13.38 -2.95
C TYR A 142 1.86 14.53 -3.96
N GLY A 143 2.92 14.54 -4.78
CA GLY A 143 3.21 15.54 -5.79
C GLY A 143 4.53 16.23 -5.49
N ASN A 144 5.55 16.06 -6.34
CA ASN A 144 6.84 16.77 -6.28
C ASN A 144 7.73 16.29 -7.42
N GLY A 145 7.99 14.98 -7.45
CA GLY A 145 8.89 14.33 -8.37
C GLY A 145 8.10 13.58 -9.44
N ASP A 146 8.56 12.37 -9.79
CA ASP A 146 7.91 11.54 -10.80
C ASP A 146 7.65 10.16 -10.20
N PRO A 147 6.38 9.79 -9.97
CA PRO A 147 6.01 8.49 -9.41
C PRO A 147 6.17 7.34 -10.41
N GLN A 148 6.29 7.62 -11.72
CA GLN A 148 6.50 6.58 -12.72
C GLN A 148 7.84 5.87 -12.46
N ASN A 149 8.84 6.63 -12.02
CA ASN A 149 10.18 6.16 -11.72
C ASN A 149 10.23 5.73 -10.25
N PHE A 150 9.56 4.63 -9.93
CA PHE A 150 9.40 4.08 -8.58
C PHE A 150 10.67 4.11 -7.73
N LYS A 151 11.64 3.27 -8.13
CA LYS A 151 12.96 3.06 -7.52
C LYS A 151 13.01 3.48 -6.05
N LEU A 152 12.38 2.62 -5.22
CA LEU A 152 12.21 2.73 -3.78
C LEU A 152 13.41 3.48 -3.17
N SER A 153 13.17 4.65 -2.57
CA SER A 153 14.25 5.60 -2.29
C SER A 153 15.00 5.24 -1.00
N GLN A 154 14.52 5.74 0.14
CA GLN A 154 15.14 5.52 1.45
C GLN A 154 14.06 5.36 2.51
N ASP A 155 12.90 5.98 2.39
CA ASP A 155 11.73 5.71 3.21
C ASP A 155 11.43 4.21 3.22
N ASP A 156 11.47 3.62 2.02
CA ASP A 156 11.23 2.22 1.79
C ASP A 156 12.42 1.39 2.27
N ILE A 157 13.63 1.65 1.73
CA ILE A 157 14.82 0.85 2.02
C ILE A 157 15.09 0.90 3.52
N LYS A 158 15.03 2.09 4.14
CA LYS A 158 15.21 2.24 5.57
C LYS A 158 14.14 1.45 6.29
N GLY A 159 12.85 1.61 5.92
CA GLY A 159 11.78 0.86 6.54
C GLY A 159 12.07 -0.64 6.47
N ILE A 160 12.22 -1.18 5.27
CA ILE A 160 12.47 -2.58 5.02
C ILE A 160 13.72 -3.12 5.75
N GLN A 161 14.86 -2.44 5.63
CA GLN A 161 16.09 -2.82 6.32
C GLN A 161 15.99 -2.61 7.84
N LYS A 162 15.06 -1.78 8.30
CA LYS A 162 14.71 -1.64 9.72
C LYS A 162 13.76 -2.75 10.18
N LEU A 163 12.96 -3.34 9.27
CA LEU A 163 12.08 -4.47 9.57
C LEU A 163 12.86 -5.78 9.59
N TYR A 164 13.65 -6.04 8.55
CA TYR A 164 14.43 -7.28 8.39
C TYR A 164 15.91 -6.97 8.66
N GLY A 165 16.16 -6.16 9.70
CA GLY A 165 17.50 -5.80 10.12
C GLY A 165 17.45 -5.16 11.50
N LYS A 166 17.53 -3.82 11.58
CA LYS A 166 17.59 -3.13 12.88
C LYS A 166 17.24 -1.65 12.81
N ARG A 167 17.99 -0.87 12.01
CA ARG A 167 17.79 0.56 11.73
C ARG A 167 18.86 1.00 10.72
N SER A 168 18.68 2.15 10.08
CA SER A 168 19.71 2.80 9.28
C SER A 168 19.31 4.27 9.14
N ASN A 169 20.28 5.20 9.28
CA ASN A 169 20.07 6.65 9.31
C ASN A 169 19.16 7.11 10.47
N SER A 170 19.20 8.41 10.80
CA SER A 170 18.31 9.00 11.81
C SER A 170 18.30 10.53 11.62
N ARG A 171 17.39 11.04 10.79
CA ARG A 171 17.21 12.47 10.56
C ARG A 171 15.75 12.72 10.20
N LYS A 172 15.29 13.96 10.39
CA LYS A 172 13.97 14.40 9.97
C LYS A 172 14.04 15.93 9.87
N LYS A 173 13.41 16.47 8.82
CA LYS A 173 13.22 17.90 8.61
CA TYR A 1 9.03 -0.62 12.51
C TYR A 1 8.81 0.89 12.77
N SER A 2 7.60 1.42 12.52
CA SER A 2 7.35 2.86 12.71
C SER A 2 7.36 3.24 14.19
N LEU A 3 6.58 2.55 15.04
CA LEU A 3 6.46 2.86 16.47
C LEU A 3 6.28 1.57 17.27
N PHE A 4 5.20 0.82 17.01
CA PHE A 4 4.91 -0.44 17.70
C PHE A 4 5.94 -1.50 17.29
N PRO A 5 6.73 -2.07 18.22
CA PRO A 5 7.69 -3.12 17.90
C PRO A 5 7.02 -4.50 17.72
N ASN A 6 5.86 -4.71 18.35
CA ASN A 6 5.02 -5.88 18.21
C ASN A 6 3.70 -5.37 17.61
N SER A 7 3.30 -5.98 16.49
CA SER A 7 2.23 -5.67 15.54
C SER A 7 2.71 -5.81 14.08
N PRO A 8 3.77 -5.11 13.62
CA PRO A 8 4.21 -5.22 12.23
C PRO A 8 4.96 -6.54 11.99
N LYS A 9 5.11 -6.93 10.71
CA LYS A 9 5.63 -8.24 10.29
C LYS A 9 4.71 -9.36 10.78
N TRP A 10 3.81 -9.79 9.88
CA TRP A 10 2.93 -10.95 10.07
C TRP A 10 3.74 -12.14 10.60
N THR A 11 3.14 -12.94 11.49
CA THR A 11 3.76 -14.12 12.10
C THR A 11 4.13 -15.19 11.06
N SER A 12 3.49 -15.16 9.88
CA SER A 12 3.79 -16.02 8.75
C SER A 12 4.74 -15.29 7.80
N LYS A 13 5.67 -16.05 7.19
CA LYS A 13 6.58 -15.54 6.17
C LYS A 13 5.90 -15.38 4.79
N VAL A 14 4.61 -15.71 4.71
CA VAL A 14 3.78 -15.52 3.54
C VAL A 14 2.54 -14.75 3.98
N VAL A 15 2.05 -13.87 3.13
CA VAL A 15 0.86 -13.07 3.34
C VAL A 15 -0.07 -13.36 2.16
N THR A 16 -1.39 -13.38 2.36
CA THR A 16 -2.33 -13.55 1.24
C THR A 16 -3.06 -12.25 0.96
N TYR A 17 -3.26 -11.93 -0.33
CA TYR A 17 -3.98 -10.75 -0.75
C TYR A 17 -5.16 -11.13 -1.65
N ARG A 18 -6.13 -10.22 -1.71
CA ARG A 18 -7.29 -10.30 -2.58
C ARG A 18 -7.78 -8.90 -2.90
N ILE A 19 -8.52 -8.78 -4.00
CA ILE A 19 -9.09 -7.55 -4.49
C ILE A 19 -10.60 -7.81 -4.55
N VAL A 20 -11.33 -7.38 -3.52
CA VAL A 20 -12.77 -7.68 -3.37
C VAL A 20 -13.62 -6.79 -4.28
N SER A 21 -13.19 -5.55 -4.50
CA SER A 21 -13.86 -4.55 -5.30
C SER A 21 -12.77 -4.01 -6.23
N TYR A 22 -13.14 -3.75 -7.48
CA TYR A 22 -12.24 -3.36 -8.54
C TYR A 22 -12.78 -2.10 -9.23
N THR A 23 -11.85 -1.25 -9.68
CA THR A 23 -12.08 0.06 -10.29
C THR A 23 -12.60 -0.09 -11.73
N ARG A 24 -12.77 1.05 -12.42
CA ARG A 24 -13.36 1.11 -13.76
C ARG A 24 -12.49 1.88 -14.78
N ASP A 25 -11.67 2.86 -14.36
CA ASP A 25 -10.76 3.62 -15.25
C ASP A 25 -9.71 2.70 -15.91
N LEU A 26 -9.43 1.56 -15.27
CA LEU A 26 -8.43 0.58 -15.68
C LEU A 26 -8.89 -0.82 -15.28
N PRO A 27 -8.55 -1.87 -16.06
CA PRO A 27 -9.13 -3.20 -15.90
C PRO A 27 -8.56 -3.95 -14.69
N HIS A 28 -9.28 -4.98 -14.26
CA HIS A 28 -9.03 -5.69 -13.01
C HIS A 28 -7.74 -6.51 -13.11
N ILE A 29 -7.53 -7.11 -14.29
CA ILE A 29 -6.29 -7.77 -14.66
C ILE A 29 -5.11 -6.79 -14.60
N THR A 30 -5.28 -5.52 -14.98
CA THR A 30 -4.24 -4.52 -14.81
C THR A 30 -4.02 -4.29 -13.32
N VAL A 31 -5.06 -4.11 -12.49
CA VAL A 31 -4.87 -3.94 -11.06
C VAL A 31 -4.07 -5.10 -10.48
N ASP A 32 -4.47 -6.35 -10.77
CA ASP A 32 -3.77 -7.52 -10.25
C ASP A 32 -2.35 -7.64 -10.83
N ARG A 33 -2.14 -7.25 -12.09
CA ARG A 33 -0.79 -7.24 -12.67
C ARG A 33 0.11 -6.18 -12.05
N LEU A 34 -0.42 -4.97 -11.87
CA LEU A 34 0.30 -3.88 -11.23
C LEU A 34 0.58 -4.28 -9.78
N VAL A 35 -0.41 -4.80 -9.04
CA VAL A 35 -0.19 -5.33 -7.69
C VAL A 35 0.84 -6.46 -7.69
N SER A 36 0.79 -7.42 -8.62
CA SER A 36 1.80 -8.48 -8.73
C SER A 36 3.21 -7.90 -8.85
N LYS A 37 3.45 -6.94 -9.76
CA LYS A 37 4.79 -6.35 -9.90
C LYS A 37 5.13 -5.40 -8.75
N ALA A 38 4.15 -4.66 -8.19
CA ALA A 38 4.35 -3.75 -7.07
C ALA A 38 4.72 -4.51 -5.79
N LEU A 39 4.00 -5.60 -5.52
CA LEU A 39 4.33 -6.49 -4.41
C LEU A 39 5.66 -7.18 -4.70
N ASN A 40 5.91 -7.62 -5.95
CA ASN A 40 7.23 -8.14 -6.32
C ASN A 40 8.32 -7.14 -5.96
N MET A 41 8.15 -5.84 -6.21
CA MET A 41 9.13 -4.82 -5.79
C MET A 41 9.35 -4.80 -4.26
N TRP A 42 8.30 -4.97 -3.44
CA TRP A 42 8.45 -5.14 -1.99
C TRP A 42 9.19 -6.46 -1.66
N GLY A 43 8.86 -7.57 -2.33
CA GLY A 43 9.45 -8.89 -2.11
C GLY A 43 10.83 -9.06 -2.76
N LYS A 44 11.27 -8.07 -3.55
CA LYS A 44 12.62 -7.98 -4.09
C LYS A 44 13.59 -7.48 -3.01
N GLU A 45 13.08 -6.96 -1.87
CA GLU A 45 13.86 -6.35 -0.80
C GLU A 45 13.89 -7.23 0.45
N ILE A 46 12.94 -8.15 0.62
CA ILE A 46 12.82 -9.02 1.79
C ILE A 46 12.43 -10.43 1.35
N PRO A 47 12.79 -11.48 2.12
CA PRO A 47 12.44 -12.86 1.81
C PRO A 47 10.96 -13.19 2.12
N LEU A 48 10.12 -12.19 2.36
CA LEU A 48 8.69 -12.38 2.63
C LEU A 48 7.99 -12.54 1.28
N HIS A 49 7.10 -13.52 1.19
CA HIS A 49 6.45 -13.90 -0.06
C HIS A 49 4.95 -13.66 0.04
N PHE A 50 4.22 -13.77 -1.07
CA PHE A 50 2.81 -13.46 -1.10
C PHE A 50 2.05 -14.60 -1.76
N ARG A 51 0.75 -14.68 -1.46
CA ARG A 51 -0.18 -15.66 -2.00
C ARG A 51 -1.42 -14.93 -2.46
N LYS A 52 -2.23 -15.63 -3.25
CA LYS A 52 -3.47 -15.11 -3.79
C LYS A 52 -4.47 -16.26 -3.61
N VAL A 53 -5.49 -16.03 -2.80
CA VAL A 53 -6.57 -17.00 -2.54
C VAL A 53 -7.70 -16.74 -3.54
N VAL A 54 -8.61 -17.71 -3.67
CA VAL A 54 -9.81 -17.59 -4.51
C VAL A 54 -10.95 -16.89 -3.75
N TRP A 55 -11.09 -17.14 -2.44
CA TRP A 55 -12.14 -16.54 -1.62
C TRP A 55 -12.02 -15.01 -1.63
N GLY A 56 -13.15 -14.32 -1.43
CA GLY A 56 -13.23 -12.86 -1.40
C GLY A 56 -12.79 -12.26 -0.06
N THR A 57 -11.71 -12.79 0.54
CA THR A 57 -11.20 -12.36 1.84
C THR A 57 -9.78 -12.90 1.98
N ALA A 58 -8.88 -12.14 2.61
CA ALA A 58 -7.46 -12.44 2.72
C ALA A 58 -6.82 -11.57 3.81
N ASP A 59 -5.51 -11.73 4.05
CA ASP A 59 -4.78 -10.90 5.01
C ASP A 59 -4.79 -9.45 4.52
N ILE A 60 -4.78 -9.26 3.20
CA ILE A 60 -4.79 -7.99 2.50
C ILE A 60 -5.99 -7.98 1.55
N MET A 61 -7.09 -7.38 1.99
CA MET A 61 -8.36 -7.22 1.31
C MET A 61 -8.36 -5.79 0.78
N ILE A 62 -8.07 -5.66 -0.51
CA ILE A 62 -8.04 -4.40 -1.21
C ILE A 62 -9.43 -4.21 -1.81
N GLY A 63 -10.07 -3.07 -1.57
CA GLY A 63 -11.42 -2.83 -2.05
C GLY A 63 -11.72 -1.35 -2.17
N PHE A 64 -12.51 -0.97 -3.18
CA PHE A 64 -12.69 0.43 -3.53
C PHE A 64 -14.17 0.78 -3.33
N ALA A 65 -14.42 2.00 -2.84
CA ALA A 65 -15.74 2.51 -2.49
C ALA A 65 -15.82 3.96 -2.97
N ARG A 66 -17.03 4.55 -3.03
CA ARG A 66 -17.23 5.92 -3.51
C ARG A 66 -17.40 6.91 -2.36
N GLY A 67 -16.89 6.53 -1.18
CA GLY A 67 -17.19 7.14 0.12
C GLY A 67 -18.28 6.33 0.82
N ALA A 68 -18.32 6.45 2.16
CA ALA A 68 -19.19 5.71 3.08
C ALA A 68 -19.19 4.18 2.86
N HIS A 69 -18.47 3.47 3.74
CA HIS A 69 -18.33 2.02 3.71
C HIS A 69 -18.19 1.50 5.14
N GLY A 70 -18.51 0.23 5.36
CA GLY A 70 -18.53 -0.41 6.67
C GLY A 70 -17.16 -0.96 7.03
N ASP A 71 -16.15 -0.10 7.13
CA ASP A 71 -14.79 -0.51 7.45
C ASP A 71 -14.41 -0.12 8.88
N SER A 72 -14.56 1.17 9.21
CA SER A 72 -14.08 1.88 10.39
C SER A 72 -14.21 3.41 10.16
N TYR A 73 -13.84 3.94 8.97
CA TYR A 73 -13.78 5.39 8.73
C TYR A 73 -14.25 5.73 7.30
N PRO A 74 -15.28 6.57 7.11
CA PRO A 74 -15.72 6.96 5.78
C PRO A 74 -14.72 7.91 5.11
N PHE A 75 -14.50 7.72 3.80
CA PHE A 75 -13.76 8.64 2.94
C PHE A 75 -14.55 9.92 2.65
N ASP A 76 -13.87 10.86 1.99
CA ASP A 76 -14.37 12.16 1.56
C ASP A 76 -14.96 12.13 0.14
N GLY A 77 -14.46 11.29 -0.78
CA GLY A 77 -14.87 11.34 -2.19
C GLY A 77 -13.78 11.98 -3.08
N PRO A 78 -14.05 12.93 -3.97
CA PRO A 78 -13.05 13.58 -4.81
C PRO A 78 -12.30 14.70 -4.06
N GLY A 79 -11.06 14.45 -3.64
CA GLY A 79 -10.15 15.40 -2.98
C GLY A 79 -9.36 14.72 -1.85
N ASN A 80 -8.70 15.51 -0.99
CA ASN A 80 -8.18 15.05 0.31
C ASN A 80 -7.38 13.73 0.25
N THR A 81 -7.55 12.85 1.23
CA THR A 81 -7.13 11.45 1.24
C THR A 81 -7.64 10.73 -0.02
N LEU A 82 -6.79 9.89 -0.64
CA LEU A 82 -7.09 9.13 -1.86
C LEU A 82 -7.35 7.64 -1.53
N ALA A 83 -6.71 7.11 -0.48
CA ALA A 83 -6.84 5.73 -0.03
C ALA A 83 -6.35 5.64 1.42
N HIS A 84 -6.65 4.53 2.12
CA HIS A 84 -6.12 4.26 3.45
C HIS A 84 -5.88 2.77 3.68
N ALA A 85 -5.02 2.43 4.64
CA ALA A 85 -4.69 1.06 4.98
C ALA A 85 -4.52 0.92 6.50
N PHE A 86 -4.89 -0.26 7.00
CA PHE A 86 -4.88 -0.57 8.43
C PHE A 86 -3.61 -1.35 8.77
N ALA A 87 -3.12 -1.21 10.01
CA ALA A 87 -1.97 -1.96 10.50
C ALA A 87 -2.26 -3.47 10.48
N PRO A 88 -1.27 -4.36 10.30
CA PRO A 88 -1.48 -5.79 10.34
C PRO A 88 -1.81 -6.28 11.75
N GLY A 89 -2.37 -7.49 11.83
CA GLY A 89 -2.75 -8.13 13.09
C GLY A 89 -3.58 -9.36 12.79
N THR A 90 -4.92 -9.23 12.77
CA THR A 90 -5.82 -10.33 12.48
C THR A 90 -7.20 -9.81 12.07
N GLY A 91 -7.66 -10.19 10.87
CA GLY A 91 -8.95 -9.77 10.33
C GLY A 91 -8.77 -8.54 9.44
N LEU A 92 -9.48 -7.45 9.74
CA LEU A 92 -9.41 -6.17 9.01
C LEU A 92 -7.97 -5.61 8.95
N GLY A 93 -7.10 -5.99 9.89
CA GLY A 93 -5.70 -5.58 9.84
C GLY A 93 -5.08 -5.87 8.47
N GLY A 94 -4.21 -4.97 8.03
CA GLY A 94 -3.56 -4.99 6.73
C GLY A 94 -4.45 -4.53 5.59
N ASP A 95 -5.78 -4.56 5.71
CA ASP A 95 -6.65 -4.31 4.56
C ASP A 95 -6.57 -2.83 4.20
N ALA A 96 -6.94 -2.51 2.96
CA ALA A 96 -6.75 -1.18 2.43
C ALA A 96 -7.91 -0.84 1.50
N HIS A 97 -8.36 0.41 1.55
CA HIS A 97 -9.47 0.87 0.75
C HIS A 97 -9.11 2.16 0.04
N PHE A 98 -9.83 2.46 -1.05
CA PHE A 98 -9.48 3.52 -1.98
C PHE A 98 -10.78 4.19 -2.45
N ASP A 99 -10.75 5.49 -2.72
CA ASP A 99 -11.88 6.23 -3.27
C ASP A 99 -12.00 5.89 -4.77
N GLU A 100 -12.89 4.97 -5.15
CA GLU A 100 -13.18 4.65 -6.56
C GLU A 100 -13.80 5.85 -7.31
N ASP A 101 -14.30 6.84 -6.56
CA ASP A 101 -14.80 8.12 -7.07
C ASP A 101 -13.66 8.93 -7.72
N GLU A 102 -12.44 8.80 -7.18
CA GLU A 102 -11.28 9.55 -7.65
C GLU A 102 -10.77 8.93 -8.94
N ARG A 103 -10.04 9.73 -9.73
CA ARG A 103 -9.49 9.24 -10.98
C ARG A 103 -8.25 8.40 -10.67
N TRP A 104 -8.13 7.25 -11.34
CA TRP A 104 -7.02 6.31 -11.16
C TRP A 104 -6.43 6.02 -12.53
N THR A 105 -5.14 5.69 -12.61
CA THR A 105 -4.47 5.41 -13.88
C THR A 105 -3.26 4.48 -13.65
N ASP A 106 -2.71 3.92 -14.73
CA ASP A 106 -1.51 3.08 -14.70
C ASP A 106 -0.23 3.91 -14.59
N GLY A 107 -0.21 5.12 -15.16
CA GLY A 107 0.91 6.06 -15.04
C GLY A 107 1.44 6.52 -16.39
N SER A 108 0.85 7.59 -16.93
CA SER A 108 1.28 8.16 -18.22
C SER A 108 1.72 9.62 -18.10
N SER A 109 1.01 10.47 -17.34
CA SER A 109 1.33 11.89 -17.23
C SER A 109 0.48 12.58 -16.16
N LEU A 110 -0.82 12.29 -16.12
CA LEU A 110 -1.79 12.86 -15.19
C LEU A 110 -2.70 11.75 -14.67
N GLY A 111 -3.45 12.04 -13.61
CA GLY A 111 -4.24 11.06 -12.85
C GLY A 111 -3.45 10.56 -11.63
N ILE A 112 -4.06 9.67 -10.85
CA ILE A 112 -3.44 9.08 -9.66
C ILE A 112 -3.01 7.66 -10.02
N ASN A 113 -1.70 7.41 -9.94
CA ASN A 113 -1.10 6.14 -10.31
C ASN A 113 -1.46 5.02 -9.33
N PHE A 114 -2.09 3.95 -9.82
CA PHE A 114 -2.52 2.80 -9.03
C PHE A 114 -1.39 1.93 -8.50
N LEU A 115 -0.32 1.73 -9.29
CA LEU A 115 0.84 0.96 -8.86
C LEU A 115 1.47 1.64 -7.64
N TYR A 116 1.51 2.98 -7.68
CA TYR A 116 2.18 3.79 -6.68
C TYR A 116 1.31 3.82 -5.41
N ALA A 117 -0.01 3.95 -5.60
CA ALA A 117 -0.97 3.87 -4.52
C ALA A 117 -0.90 2.51 -3.86
N ALA A 118 -0.90 1.43 -4.65
CA ALA A 118 -0.75 0.09 -4.13
C ALA A 118 0.55 -0.02 -3.34
N THR A 119 1.72 0.30 -3.91
CA THR A 119 2.99 0.22 -3.19
C THR A 119 2.96 1.01 -1.88
N HIS A 120 2.39 2.22 -1.86
CA HIS A 120 2.26 3.02 -0.63
C HIS A 120 1.38 2.26 0.39
N GLU A 121 0.17 1.87 -0.01
CA GLU A 121 -0.83 1.28 0.88
C GLU A 121 -0.41 -0.11 1.38
N LEU A 122 0.07 -0.95 0.46
CA LEU A 122 0.59 -2.29 0.73
C LEU A 122 1.84 -2.22 1.61
N GLY A 123 2.64 -1.16 1.48
CA GLY A 123 3.74 -0.90 2.39
C GLY A 123 3.25 -0.89 3.83
N HIS A 124 2.22 -0.09 4.13
CA HIS A 124 1.63 -0.09 5.46
C HIS A 124 1.12 -1.46 5.86
N SER A 125 0.41 -2.12 4.94
CA SER A 125 -0.14 -3.45 5.13
C SER A 125 0.94 -4.47 5.56
N LEU A 126 2.14 -4.38 4.99
CA LEU A 126 3.26 -5.25 5.33
C LEU A 126 3.68 -5.09 6.81
N GLY A 127 3.44 -3.91 7.41
CA GLY A 127 3.81 -3.58 8.78
C GLY A 127 4.49 -2.21 8.91
N MET A 128 3.96 -1.17 8.26
CA MET A 128 4.55 0.17 8.29
C MET A 128 3.50 1.21 8.67
N GLY A 129 3.98 2.34 9.20
CA GLY A 129 3.14 3.40 9.74
C GLY A 129 3.41 4.80 9.17
N HIS A 130 4.55 4.99 8.46
CA HIS A 130 5.06 6.17 7.72
C HIS A 130 6.57 6.37 7.97
N SER A 131 7.14 7.37 7.26
CA SER A 131 8.53 7.82 7.29
C SER A 131 8.56 9.36 7.43
N SER A 132 9.74 10.00 7.33
CA SER A 132 9.93 11.42 7.61
C SER A 132 11.04 12.00 6.72
N ASP A 133 10.86 11.96 5.40
CA ASP A 133 11.85 12.42 4.41
C ASP A 133 11.14 13.28 3.36
N PRO A 134 11.81 14.29 2.76
CA PRO A 134 11.18 15.19 1.79
C PRO A 134 11.05 14.58 0.39
N ASN A 135 11.58 13.37 0.16
CA ASN A 135 11.48 12.64 -1.11
C ASN A 135 11.05 11.19 -0.83
N ALA A 136 10.32 11.02 0.27
CA ALA A 136 9.67 9.77 0.66
C ALA A 136 8.37 9.60 -0.09
N VAL A 137 8.16 8.42 -0.70
CA VAL A 137 6.82 8.05 -1.19
C VAL A 137 5.85 7.81 -0.02
N MET A 138 6.38 7.56 1.18
CA MET A 138 5.61 7.54 2.41
C MET A 138 5.07 8.92 2.81
N TYR A 139 5.56 10.04 2.24
CA TYR A 139 5.05 11.36 2.60
C TYR A 139 3.54 11.47 2.33
N PRO A 140 2.74 11.99 3.27
CA PRO A 140 1.32 12.23 3.06
C PRO A 140 1.10 13.48 2.20
N THR A 141 0.08 13.46 1.34
CA THR A 141 -0.22 14.47 0.32
C THR A 141 0.89 14.51 -0.75
N TYR A 142 0.54 14.17 -2.01
CA TYR A 142 1.49 14.20 -3.12
C TYR A 142 2.15 15.59 -3.24
N GLY A 143 3.47 15.60 -3.04
CA GLY A 143 4.33 16.79 -2.99
C GLY A 143 5.56 16.58 -3.86
N ASN A 144 6.76 16.65 -3.28
CA ASN A 144 8.06 16.41 -3.95
C ASN A 144 8.15 15.05 -4.65
N GLY A 145 7.38 14.05 -4.20
CA GLY A 145 7.28 12.76 -4.86
C GLY A 145 6.82 12.91 -6.31
N ASP A 146 7.22 11.98 -7.16
CA ASP A 146 6.93 11.97 -8.58
C ASP A 146 6.07 10.73 -8.83
N PRO A 147 4.77 10.88 -9.16
CA PRO A 147 3.89 9.78 -9.53
C PRO A 147 4.04 9.27 -10.98
N GLN A 148 5.22 9.38 -11.59
CA GLN A 148 5.47 9.11 -13.00
C GLN A 148 6.68 8.17 -13.19
N ASN A 149 7.65 8.18 -12.25
CA ASN A 149 8.87 7.35 -12.27
C ASN A 149 9.39 7.21 -10.82
N PHE A 150 9.01 6.12 -10.13
CA PHE A 150 9.46 5.79 -8.77
C PHE A 150 9.74 4.29 -8.68
N LYS A 151 10.38 3.84 -7.58
CA LYS A 151 10.60 2.42 -7.27
C LYS A 151 11.19 2.26 -5.86
N LEU A 152 10.50 2.77 -4.83
CA LEU A 152 10.91 2.71 -3.41
C LEU A 152 12.22 3.49 -3.20
N SER A 153 12.13 4.76 -2.78
CA SER A 153 13.23 5.73 -2.82
C SER A 153 14.36 5.37 -1.84
N GLN A 154 14.25 5.81 -0.57
CA GLN A 154 15.22 5.60 0.49
C GLN A 154 14.48 5.40 1.81
N ASP A 155 13.36 6.11 2.01
CA ASP A 155 12.42 5.94 3.10
C ASP A 155 11.90 4.51 3.17
N ASP A 156 11.48 3.97 2.03
CA ASP A 156 10.95 2.62 1.93
C ASP A 156 12.08 1.61 2.14
N ILE A 157 13.21 1.79 1.44
CA ILE A 157 14.38 0.92 1.55
C ILE A 157 14.84 0.86 3.01
N LYS A 158 14.93 2.03 3.66
CA LYS A 158 15.41 2.15 5.03
C LYS A 158 14.37 1.57 5.97
N GLY A 159 13.08 1.81 5.73
CA GLY A 159 11.99 1.16 6.44
C GLY A 159 12.20 -0.34 6.41
N ILE A 160 12.24 -0.95 5.23
CA ILE A 160 12.42 -2.38 5.08
C ILE A 160 13.71 -2.87 5.75
N GLN A 161 14.86 -2.24 5.49
CA GLN A 161 16.12 -2.64 6.10
C GLN A 161 16.16 -2.38 7.62
N LYS A 162 15.24 -1.60 8.17
CA LYS A 162 15.05 -1.42 9.61
C LYS A 162 14.02 -2.41 10.17
N LEU A 163 13.10 -2.92 9.35
CA LEU A 163 12.14 -3.97 9.71
C LEU A 163 12.80 -5.35 9.82
N TYR A 164 13.78 -5.65 8.97
CA TYR A 164 14.42 -6.97 8.85
C TYR A 164 15.95 -6.83 8.98
N GLY A 165 16.39 -5.81 9.72
CA GLY A 165 17.78 -5.44 9.89
C GLY A 165 17.90 -4.41 11.01
N LYS A 166 18.51 -3.23 10.76
CA LYS A 166 18.86 -2.28 11.82
C LYS A 166 18.81 -0.81 11.42
N ARG A 167 19.58 -0.41 10.38
CA ARG A 167 19.71 0.95 9.82
C ARG A 167 19.74 2.05 10.88
N SER A 168 20.93 2.44 11.36
CA SER A 168 21.04 3.52 12.34
C SER A 168 20.46 4.83 11.78
N ASN A 169 19.36 5.32 12.38
CA ASN A 169 18.66 6.55 11.98
C ASN A 169 17.76 6.94 13.15
N SER A 170 17.45 8.24 13.28
CA SER A 170 16.47 8.71 14.25
C SER A 170 15.04 8.27 13.85
N ARG A 171 14.06 8.66 14.66
CA ARG A 171 12.63 8.53 14.38
C ARG A 171 11.95 9.82 14.83
N LYS A 172 10.71 10.04 14.39
CA LYS A 172 9.91 11.19 14.80
C LYS A 172 8.42 10.87 14.70
N LYS A 173 7.96 10.60 13.47
CA LYS A 173 6.60 10.20 13.08
CA TYR A 1 9.08 6.51 14.09
C TYR A 1 7.87 6.73 13.20
N SER A 2 7.24 5.66 12.71
CA SER A 2 6.14 5.75 11.76
C SER A 2 4.92 6.36 12.45
N LEU A 3 4.38 5.66 13.47
CA LEU A 3 3.25 6.06 14.32
C LEU A 3 3.14 5.09 15.51
N PHE A 4 2.99 3.78 15.25
CA PHE A 4 2.84 2.76 16.29
C PHE A 4 3.32 1.40 15.75
N PRO A 5 4.03 0.58 16.55
CA PRO A 5 4.45 -0.78 16.18
C PRO A 5 3.26 -1.74 16.29
N ASN A 6 2.20 -1.49 15.52
CA ASN A 6 1.01 -2.34 15.46
C ASN A 6 1.38 -3.64 14.72
N SER A 7 1.82 -4.65 15.48
CA SER A 7 2.22 -5.97 15.00
C SER A 7 3.04 -5.92 13.70
N PRO A 8 4.23 -5.27 13.70
CA PRO A 8 5.00 -5.06 12.48
C PRO A 8 5.47 -6.41 11.95
N LYS A 9 5.02 -6.75 10.74
CA LYS A 9 5.17 -8.02 10.05
C LYS A 9 4.10 -9.03 10.49
N TRP A 10 3.50 -9.71 9.52
CA TRP A 10 2.58 -10.82 9.76
C TRP A 10 3.31 -12.02 10.39
N THR A 11 2.54 -12.99 10.84
CA THR A 11 3.05 -14.18 11.51
C THR A 11 3.57 -15.22 10.50
N SER A 12 2.93 -15.30 9.32
CA SER A 12 3.37 -16.13 8.22
C SER A 12 4.37 -15.35 7.37
N LYS A 13 5.36 -16.05 6.79
CA LYS A 13 6.26 -15.52 5.76
C LYS A 13 5.58 -15.39 4.41
N VAL A 14 4.40 -16.00 4.25
CA VAL A 14 3.61 -15.96 3.05
C VAL A 14 2.32 -15.24 3.40
N VAL A 15 2.17 -14.06 2.82
CA VAL A 15 1.07 -13.14 3.08
C VAL A 15 0.12 -13.22 1.90
N THR A 16 -1.18 -13.42 2.14
CA THR A 16 -2.11 -13.63 1.04
C THR A 16 -2.96 -12.36 0.83
N TYR A 17 -3.19 -11.99 -0.43
CA TYR A 17 -3.91 -10.76 -0.78
C TYR A 17 -5.10 -11.08 -1.70
N ARG A 18 -6.07 -10.16 -1.78
CA ARG A 18 -7.18 -10.25 -2.73
C ARG A 18 -7.70 -8.86 -3.07
N ILE A 19 -8.51 -8.77 -4.12
CA ILE A 19 -9.00 -7.52 -4.66
C ILE A 19 -10.50 -7.74 -4.78
N VAL A 20 -11.26 -7.32 -3.76
CA VAL A 20 -12.68 -7.64 -3.62
C VAL A 20 -13.52 -6.78 -4.57
N SER A 21 -13.18 -5.49 -4.59
CA SER A 21 -13.68 -4.50 -5.51
C SER A 21 -12.47 -4.11 -6.36
N TYR A 22 -12.72 -3.61 -7.56
CA TYR A 22 -11.71 -3.25 -8.54
C TYR A 22 -12.08 -1.87 -9.07
N THR A 23 -11.08 -1.12 -9.55
CA THR A 23 -11.30 0.17 -10.20
C THR A 23 -12.10 0.03 -11.50
N ARG A 24 -12.46 1.19 -12.06
CA ARG A 24 -13.19 1.31 -13.30
C ARG A 24 -12.31 1.78 -14.45
N ASP A 25 -11.36 2.68 -14.20
CA ASP A 25 -10.59 3.30 -15.29
C ASP A 25 -9.66 2.28 -15.95
N LEU A 26 -9.12 1.37 -15.13
CA LEU A 26 -8.20 0.29 -15.49
C LEU A 26 -8.92 -1.04 -15.25
N PRO A 27 -8.59 -2.11 -15.99
CA PRO A 27 -9.23 -3.40 -15.81
C PRO A 27 -8.70 -4.14 -14.58
N HIS A 28 -9.52 -5.04 -14.01
CA HIS A 28 -9.21 -5.83 -12.83
C HIS A 28 -7.95 -6.70 -13.00
N ILE A 29 -7.75 -7.27 -14.19
CA ILE A 29 -6.55 -8.03 -14.51
C ILE A 29 -5.31 -7.14 -14.35
N THR A 30 -5.37 -5.90 -14.83
CA THR A 30 -4.30 -4.93 -14.73
C THR A 30 -4.16 -4.49 -13.27
N VAL A 31 -5.26 -4.26 -12.54
CA VAL A 31 -5.21 -3.96 -11.11
C VAL A 31 -4.44 -5.07 -10.38
N ASP A 32 -4.79 -6.33 -10.57
CA ASP A 32 -4.12 -7.45 -9.91
C ASP A 32 -2.67 -7.58 -10.41
N ARG A 33 -2.43 -7.47 -11.72
CA ARG A 33 -1.08 -7.55 -12.27
C ARG A 33 -0.18 -6.44 -11.72
N LEU A 34 -0.71 -5.22 -11.59
CA LEU A 34 0.01 -4.10 -11.01
C LEU A 34 0.20 -4.37 -9.53
N VAL A 35 -0.83 -4.78 -8.77
CA VAL A 35 -0.65 -5.14 -7.37
C VAL A 35 0.42 -6.22 -7.19
N SER A 36 0.42 -7.27 -8.03
CA SER A 36 1.41 -8.34 -7.95
C SER A 36 2.81 -7.83 -8.28
N LYS A 37 2.96 -6.93 -9.26
CA LYS A 37 4.23 -6.26 -9.59
C LYS A 37 4.69 -5.32 -8.47
N ALA A 38 3.78 -4.52 -7.91
CA ALA A 38 4.06 -3.61 -6.79
C ALA A 38 4.48 -4.38 -5.54
N LEU A 39 3.76 -5.46 -5.24
CA LEU A 39 4.10 -6.36 -4.15
C LEU A 39 5.38 -7.14 -4.46
N ASN A 40 5.62 -7.47 -5.73
CA ASN A 40 6.89 -8.04 -6.15
C ASN A 40 8.01 -7.10 -5.78
N MET A 41 7.88 -5.80 -6.07
CA MET A 41 8.87 -4.82 -5.71
C MET A 41 9.14 -4.82 -4.20
N TRP A 42 8.12 -4.94 -3.34
CA TRP A 42 8.31 -5.09 -1.90
C TRP A 42 9.06 -6.39 -1.56
N GLY A 43 8.67 -7.52 -2.15
CA GLY A 43 9.34 -8.81 -1.98
C GLY A 43 10.71 -8.89 -2.65
N LYS A 44 11.07 -7.92 -3.48
CA LYS A 44 12.38 -7.84 -4.09
C LYS A 44 13.41 -7.25 -3.13
N GLU A 45 12.96 -6.80 -1.95
CA GLU A 45 13.81 -6.18 -0.95
C GLU A 45 13.92 -7.04 0.31
N ILE A 46 12.98 -7.95 0.53
CA ILE A 46 12.94 -8.83 1.70
C ILE A 46 12.59 -10.26 1.28
N PRO A 47 13.07 -11.29 2.00
CA PRO A 47 12.78 -12.69 1.68
C PRO A 47 11.32 -13.09 2.03
N LEU A 48 10.43 -12.12 2.21
CA LEU A 48 9.02 -12.32 2.51
C LEU A 48 8.31 -12.57 1.17
N HIS A 49 7.32 -13.46 1.18
CA HIS A 49 6.64 -13.91 -0.03
C HIS A 49 5.13 -13.70 0.13
N PHE A 50 4.39 -13.88 -0.96
CA PHE A 50 2.98 -13.56 -0.98
C PHE A 50 2.25 -14.63 -1.76
N ARG A 51 0.94 -14.68 -1.56
CA ARG A 51 0.04 -15.59 -2.24
C ARG A 51 -1.26 -14.87 -2.54
N LYS A 52 -2.17 -15.60 -3.16
CA LYS A 52 -3.46 -15.11 -3.55
C LYS A 52 -4.46 -16.18 -3.17
N VAL A 53 -5.56 -15.76 -2.55
CA VAL A 53 -6.67 -16.64 -2.25
C VAL A 53 -7.55 -16.82 -3.48
N VAL A 54 -8.37 -17.86 -3.44
CA VAL A 54 -9.36 -18.16 -4.46
C VAL A 54 -10.78 -17.95 -3.91
N TRP A 55 -10.99 -18.15 -2.60
CA TRP A 55 -12.30 -18.05 -1.94
C TRP A 55 -12.86 -16.63 -2.06
N GLY A 56 -12.13 -15.66 -1.51
CA GLY A 56 -12.52 -14.27 -1.57
C GLY A 56 -11.65 -13.45 -0.63
N THR A 57 -12.05 -13.24 0.63
CA THR A 57 -11.26 -12.43 1.55
C THR A 57 -9.86 -13.04 1.81
N ALA A 58 -8.88 -12.20 2.16
CA ALA A 58 -7.48 -12.56 2.36
C ALA A 58 -6.89 -11.78 3.53
N ASP A 59 -5.57 -11.84 3.75
CA ASP A 59 -4.93 -11.09 4.83
C ASP A 59 -4.95 -9.61 4.45
N ILE A 60 -4.73 -9.31 3.17
CA ILE A 60 -4.69 -7.96 2.61
C ILE A 60 -5.65 -7.91 1.42
N MET A 61 -6.88 -7.54 1.72
CA MET A 61 -7.83 -7.25 0.69
C MET A 61 -7.60 -5.81 0.18
N ILE A 62 -8.00 -5.57 -1.07
CA ILE A 62 -8.01 -4.27 -1.69
C ILE A 62 -9.45 -4.08 -2.20
N GLY A 63 -10.01 -2.88 -2.01
CA GLY A 63 -11.32 -2.52 -2.50
C GLY A 63 -11.40 -1.03 -2.81
N PHE A 64 -12.43 -0.62 -3.56
CA PHE A 64 -12.57 0.73 -4.06
C PHE A 64 -14.05 1.10 -3.88
N ALA A 65 -14.30 2.29 -3.36
CA ALA A 65 -15.66 2.81 -3.12
C ALA A 65 -15.66 4.33 -3.29
N ARG A 66 -16.81 4.98 -3.15
CA ARG A 66 -16.94 6.42 -3.36
C ARG A 66 -17.61 7.00 -2.12
N GLY A 67 -16.80 7.32 -1.10
CA GLY A 67 -17.34 7.83 0.16
C GLY A 67 -17.68 6.70 1.13
N ALA A 68 -18.81 6.84 1.82
CA ALA A 68 -19.28 5.85 2.78
C ALA A 68 -19.39 4.45 2.15
N HIS A 69 -18.67 3.47 2.72
CA HIS A 69 -18.57 2.11 2.20
C HIS A 69 -18.98 1.05 3.22
N GLY A 70 -18.60 1.25 4.49
CA GLY A 70 -19.02 0.36 5.58
C GLY A 70 -17.84 -0.41 6.16
N ASP A 71 -16.72 0.29 6.38
CA ASP A 71 -15.52 -0.23 7.01
C ASP A 71 -15.54 0.22 8.48
N SER A 72 -15.48 1.54 8.69
CA SER A 72 -15.42 2.22 9.99
C SER A 72 -15.53 3.74 9.80
N TYR A 73 -14.99 4.28 8.71
CA TYR A 73 -14.96 5.72 8.47
C TYR A 73 -15.45 5.98 7.04
N PRO A 74 -16.37 6.93 6.82
CA PRO A 74 -16.72 7.34 5.48
C PRO A 74 -15.53 8.07 4.86
N PHE A 75 -15.21 7.68 3.61
CA PHE A 75 -14.33 8.45 2.74
C PHE A 75 -14.97 9.82 2.42
N ASP A 76 -14.22 10.58 1.65
CA ASP A 76 -14.40 11.94 1.17
C ASP A 76 -14.95 11.94 -0.27
N GLY A 77 -14.42 11.08 -1.16
CA GLY A 77 -14.74 11.06 -2.59
C GLY A 77 -13.66 11.82 -3.37
N PRO A 78 -14.02 12.63 -4.40
CA PRO A 78 -13.08 13.26 -5.32
C PRO A 78 -12.28 14.39 -4.64
N GLY A 79 -11.06 14.09 -4.17
CA GLY A 79 -10.18 15.07 -3.53
C GLY A 79 -9.71 14.56 -2.18
N ASN A 80 -8.86 15.32 -1.47
CA ASN A 80 -8.33 14.99 -0.15
C ASN A 80 -7.54 13.66 -0.12
N THR A 81 -7.63 12.84 0.94
CA THR A 81 -7.10 11.47 1.02
C THR A 81 -7.46 10.69 -0.25
N LEU A 82 -6.63 9.79 -0.77
CA LEU A 82 -6.93 9.03 -2.00
C LEU A 82 -7.26 7.56 -1.71
N ALA A 83 -6.68 7.01 -0.63
CA ALA A 83 -6.89 5.65 -0.19
C ALA A 83 -6.44 5.54 1.26
N HIS A 84 -6.81 4.45 1.93
CA HIS A 84 -6.37 4.16 3.28
C HIS A 84 -6.17 2.66 3.46
N ALA A 85 -5.43 2.28 4.49
CA ALA A 85 -5.11 0.90 4.80
C ALA A 85 -4.91 0.77 6.29
N PHE A 86 -5.00 -0.46 6.78
CA PHE A 86 -4.89 -0.75 8.20
C PHE A 86 -3.60 -1.55 8.43
N ALA A 87 -3.03 -1.41 9.63
CA ALA A 87 -1.84 -2.13 10.05
C ALA A 87 -2.07 -3.64 9.98
N PRO A 88 -1.03 -4.48 9.86
CA PRO A 88 -1.20 -5.93 9.80
C PRO A 88 -1.67 -6.50 11.14
N GLY A 89 -2.46 -7.57 11.08
CA GLY A 89 -2.99 -8.28 12.24
C GLY A 89 -4.48 -8.58 12.04
N THR A 90 -5.07 -9.32 13.00
CA THR A 90 -6.50 -9.68 13.05
C THR A 90 -7.05 -10.11 11.66
N GLY A 91 -8.34 -9.84 11.42
CA GLY A 91 -8.99 -9.96 10.12
C GLY A 91 -8.94 -8.63 9.38
N LEU A 92 -9.47 -7.54 9.96
CA LEU A 92 -9.46 -6.20 9.34
C LEU A 92 -8.05 -5.75 8.96
N GLY A 93 -7.04 -5.93 9.82
CA GLY A 93 -5.70 -5.47 9.54
C GLY A 93 -5.21 -5.87 8.15
N GLY A 94 -4.33 -5.05 7.58
CA GLY A 94 -3.77 -5.22 6.24
C GLY A 94 -4.72 -4.83 5.11
N ASP A 95 -6.03 -4.89 5.33
CA ASP A 95 -7.02 -4.56 4.33
C ASP A 95 -6.90 -3.07 4.02
N ALA A 96 -7.23 -2.71 2.79
CA ALA A 96 -7.09 -1.35 2.30
C ALA A 96 -8.24 -1.04 1.36
N HIS A 97 -8.63 0.23 1.35
CA HIS A 97 -9.70 0.72 0.50
C HIS A 97 -9.23 2.00 -0.19
N PHE A 98 -9.89 2.34 -1.30
CA PHE A 98 -9.49 3.40 -2.22
C PHE A 98 -10.74 4.18 -2.64
N ASP A 99 -10.57 5.43 -3.05
CA ASP A 99 -11.63 6.24 -3.62
C ASP A 99 -11.77 5.95 -5.12
N GLU A 100 -12.70 5.08 -5.52
CA GLU A 100 -13.05 4.84 -6.93
C GLU A 100 -13.52 6.13 -7.63
N ASP A 101 -14.04 7.09 -6.86
CA ASP A 101 -14.52 8.37 -7.41
C ASP A 101 -13.39 9.09 -8.16
N GLU A 102 -12.17 8.95 -7.65
CA GLU A 102 -10.97 9.57 -8.16
C GLU A 102 -10.44 8.74 -9.33
N ARG A 103 -9.79 9.40 -10.29
CA ARG A 103 -9.18 8.70 -11.42
C ARG A 103 -7.96 7.91 -10.98
N TRP A 104 -7.71 6.78 -11.63
CA TRP A 104 -6.61 5.89 -11.33
C TRP A 104 -5.98 5.49 -12.65
N THR A 105 -4.64 5.52 -12.74
CA THR A 105 -3.93 5.18 -13.96
C THR A 105 -2.75 4.25 -13.64
N ASP A 106 -2.39 3.39 -14.60
CA ASP A 106 -1.21 2.52 -14.53
C ASP A 106 0.07 3.32 -14.67
N GLY A 107 0.02 4.43 -15.40
CA GLY A 107 1.21 5.19 -15.77
C GLY A 107 0.84 6.28 -16.77
N SER A 108 0.23 7.36 -16.26
CA SER A 108 -0.04 8.57 -17.03
C SER A 108 -0.07 9.74 -16.05
N SER A 109 0.18 10.95 -16.55
CA SER A 109 -0.01 12.18 -15.80
C SER A 109 -1.48 12.36 -15.43
N LEU A 110 -1.73 13.32 -14.53
CA LEU A 110 -3.05 13.75 -14.04
C LEU A 110 -3.67 12.69 -13.13
N GLY A 111 -3.97 11.52 -13.69
CA GLY A 111 -4.51 10.39 -12.95
C GLY A 111 -3.52 9.93 -11.89
N ILE A 112 -4.03 9.43 -10.77
CA ILE A 112 -3.20 8.96 -9.68
C ILE A 112 -2.62 7.59 -10.08
N ASN A 113 -1.30 7.43 -9.95
CA ASN A 113 -0.66 6.15 -10.24
C ASN A 113 -1.12 5.10 -9.23
N PHE A 114 -1.86 4.11 -9.72
CA PHE A 114 -2.33 2.98 -8.95
C PHE A 114 -1.18 2.20 -8.33
N LEU A 115 -0.12 1.92 -9.10
CA LEU A 115 1.01 1.10 -8.69
C LEU A 115 1.74 1.79 -7.53
N TYR A 116 1.92 3.11 -7.63
CA TYR A 116 2.48 3.93 -6.56
C TYR A 116 1.59 3.84 -5.32
N ALA A 117 0.27 3.95 -5.51
CA ALA A 117 -0.69 3.91 -4.42
C ALA A 117 -0.67 2.57 -3.73
N ALA A 118 -0.75 1.49 -4.50
CA ALA A 118 -0.65 0.15 -3.99
C ALA A 118 0.66 0.01 -3.22
N THR A 119 1.83 0.30 -3.81
CA THR A 119 3.11 0.21 -3.09
C THR A 119 3.08 1.00 -1.78
N HIS A 120 2.49 2.21 -1.76
CA HIS A 120 2.32 3.00 -0.55
C HIS A 120 1.48 2.24 0.48
N GLU A 121 0.22 1.89 0.15
CA GLU A 121 -0.72 1.29 1.09
C GLU A 121 -0.21 -0.08 1.55
N LEU A 122 0.28 -0.89 0.60
CA LEU A 122 0.84 -2.22 0.84
C LEU A 122 2.09 -2.16 1.70
N GLY A 123 2.83 -1.04 1.68
CA GLY A 123 3.91 -0.83 2.63
C GLY A 123 3.40 -0.90 4.06
N HIS A 124 2.27 -0.24 4.34
CA HIS A 124 1.67 -0.30 5.66
C HIS A 124 1.10 -1.69 5.95
N SER A 125 0.48 -2.32 4.96
CA SER A 125 0.03 -3.71 5.06
C SER A 125 1.18 -4.65 5.43
N LEU A 126 2.43 -4.37 5.04
CA LEU A 126 3.55 -5.20 5.41
C LEU A 126 3.91 -5.05 6.89
N GLY A 127 3.75 -3.84 7.46
CA GLY A 127 4.08 -3.57 8.85
C GLY A 127 4.40 -2.10 9.11
N MET A 128 3.49 -1.20 8.71
CA MET A 128 3.71 0.25 8.72
C MET A 128 4.88 0.67 7.80
N GLY A 129 5.06 1.98 7.62
CA GLY A 129 6.14 2.52 6.79
C GLY A 129 5.81 3.91 6.28
N HIS A 130 5.79 4.93 7.16
CA HIS A 130 5.54 6.32 6.78
C HIS A 130 6.84 7.14 6.90
N SER A 131 6.78 8.39 6.44
CA SER A 131 7.89 9.34 6.45
C SER A 131 7.35 10.75 6.20
N SER A 132 8.26 11.74 6.17
CA SER A 132 7.99 13.16 5.93
C SER A 132 9.07 13.72 4.99
N ASP A 133 9.25 13.10 3.81
CA ASP A 133 10.28 13.47 2.83
C ASP A 133 9.59 13.93 1.54
N PRO A 134 10.18 14.88 0.77
CA PRO A 134 9.53 15.48 -0.39
C PRO A 134 9.37 14.49 -1.56
N ASN A 135 10.14 13.40 -1.56
CA ASN A 135 10.16 12.36 -2.57
C ASN A 135 10.05 10.99 -1.89
N ALA A 136 9.40 10.94 -0.72
CA ALA A 136 9.11 9.68 -0.06
C ALA A 136 8.03 8.95 -0.84
N VAL A 137 8.28 7.68 -1.17
CA VAL A 137 7.29 6.82 -1.82
C VAL A 137 6.05 6.65 -0.92
N MET A 138 6.22 6.77 0.41
CA MET A 138 5.15 6.81 1.38
C MET A 138 4.92 8.24 1.92
N TYR A 139 5.20 9.29 1.14
CA TYR A 139 4.87 10.66 1.53
C TYR A 139 3.34 10.82 1.72
N PRO A 140 2.86 11.36 2.87
CA PRO A 140 1.48 11.80 3.03
C PRO A 140 1.23 13.13 2.28
N THR A 141 0.00 13.65 2.30
CA THR A 141 -0.42 14.88 1.62
C THR A 141 0.06 14.92 0.17
N TYR A 142 -0.65 14.18 -0.68
CA TYR A 142 -0.31 13.99 -2.07
C TYR A 142 -0.04 15.31 -2.81
N GLY A 143 1.14 15.36 -3.42
CA GLY A 143 1.67 16.51 -4.14
C GLY A 143 3.20 16.39 -4.17
N ASN A 144 3.86 17.18 -5.03
CA ASN A 144 5.31 17.30 -5.23
C ASN A 144 5.96 16.03 -5.82
N GLY A 145 5.69 14.87 -5.21
CA GLY A 145 6.14 13.57 -5.67
C GLY A 145 5.61 13.30 -7.08
N ASP A 146 6.40 12.60 -7.89
CA ASP A 146 6.04 12.21 -9.24
C ASP A 146 5.47 10.79 -9.14
N PRO A 147 4.16 10.60 -9.39
CA PRO A 147 3.57 9.27 -9.41
C PRO A 147 3.82 8.53 -10.71
N GLN A 148 3.93 9.20 -11.86
CA GLN A 148 4.21 8.55 -13.14
C GLN A 148 5.49 7.71 -13.05
N ASN A 149 6.52 8.28 -12.39
CA ASN A 149 7.85 7.71 -12.30
C ASN A 149 8.18 7.56 -10.81
N PHE A 150 7.84 6.40 -10.24
CA PHE A 150 8.11 6.09 -8.85
C PHE A 150 8.99 4.84 -8.76
N LYS A 151 9.65 4.71 -7.62
CA LYS A 151 10.47 3.59 -7.21
C LYS A 151 10.72 3.77 -5.71
N LEU A 152 11.00 2.65 -5.03
CA LEU A 152 11.38 2.62 -3.63
C LEU A 152 12.60 3.53 -3.45
N SER A 153 12.40 4.68 -2.79
CA SER A 153 13.42 5.72 -2.67
C SER A 153 14.30 5.40 -1.46
N GLN A 154 14.07 6.09 -0.34
CA GLN A 154 14.88 5.97 0.86
C GLN A 154 13.97 5.64 2.00
N ASP A 155 12.87 6.36 2.23
CA ASP A 155 11.87 6.02 3.25
C ASP A 155 11.46 4.54 3.19
N ASP A 156 11.32 4.01 1.97
CA ASP A 156 10.98 2.61 1.74
C ASP A 156 12.10 1.68 2.19
N ILE A 157 13.30 1.86 1.59
CA ILE A 157 14.46 1.02 1.90
C ILE A 157 14.79 1.20 3.37
N LYS A 158 14.70 2.41 3.93
CA LYS A 158 14.98 2.71 5.32
C LYS A 158 14.11 1.84 6.19
N GLY A 159 12.80 1.76 5.91
CA GLY A 159 11.91 0.85 6.61
C GLY A 159 12.37 -0.58 6.43
N ILE A 160 12.49 -1.06 5.18
CA ILE A 160 12.83 -2.45 4.90
C ILE A 160 14.18 -2.89 5.51
N GLN A 161 15.23 -2.10 5.32
CA GLN A 161 16.56 -2.35 5.86
C GLN A 161 16.53 -2.27 7.39
N LYS A 162 15.63 -1.46 7.98
CA LYS A 162 15.48 -1.39 9.42
C LYS A 162 14.68 -2.60 9.94
N LEU A 163 13.79 -3.16 9.11
CA LEU A 163 13.04 -4.37 9.43
C LEU A 163 13.93 -5.63 9.32
N TYR A 164 14.69 -5.82 8.24
CA TYR A 164 15.43 -7.09 7.99
C TYR A 164 16.79 -6.89 7.31
N GLY A 165 17.39 -5.72 7.47
CA GLY A 165 18.66 -5.35 6.86
C GLY A 165 19.57 -4.72 7.90
N LYS A 166 20.52 -3.89 7.45
CA LYS A 166 21.39 -3.09 8.32
C LYS A 166 22.32 -2.18 7.51
N ARG A 167 22.87 -2.73 6.42
CA ARG A 167 23.72 -1.97 5.51
C ARG A 167 22.85 -1.04 4.67
N SER A 168 23.47 -0.04 4.05
CA SER A 168 22.84 0.86 3.10
C SER A 168 23.81 1.02 1.93
N ASN A 169 23.30 1.52 0.80
CA ASN A 169 24.03 1.90 -0.40
C ASN A 169 23.01 2.45 -1.39
N SER A 170 23.48 3.19 -2.41
CA SER A 170 22.69 3.79 -3.48
C SER A 170 21.69 4.82 -2.95
N ARG A 171 22.06 6.11 -3.04
CA ARG A 171 21.22 7.21 -2.59
C ARG A 171 21.65 8.46 -3.37
N LYS A 172 20.96 8.75 -4.47
CA LYS A 172 21.22 9.97 -5.25
C LYS A 172 20.13 10.99 -4.95
N LYS A 173 18.88 10.66 -5.30
CA LYS A 173 17.66 11.44 -5.13
CA TYR A 1 9.77 5.11 12.53
C TYR A 1 8.44 5.03 13.28
N SER A 2 7.30 5.39 12.65
CA SER A 2 5.98 5.32 13.27
C SER A 2 5.44 3.89 13.29
N LEU A 3 6.11 3.02 14.06
CA LEU A 3 5.73 1.62 14.21
C LEU A 3 6.04 1.11 15.62
N PHE A 4 5.50 -0.08 15.91
CA PHE A 4 5.66 -0.78 17.18
C PHE A 4 6.79 -1.81 17.09
N PRO A 5 7.44 -2.15 18.22
CA PRO A 5 8.50 -3.15 18.28
C PRO A 5 7.99 -4.60 18.21
N ASN A 6 6.67 -4.82 18.26
CA ASN A 6 6.01 -6.12 18.19
C ASN A 6 4.56 -5.78 17.81
N SER A 7 4.18 -6.09 16.56
CA SER A 7 2.88 -5.87 15.90
C SER A 7 3.07 -5.93 14.38
N PRO A 8 3.85 -5.02 13.76
CA PRO A 8 4.01 -4.98 12.31
C PRO A 8 4.92 -6.11 11.82
N LYS A 9 4.86 -6.37 10.51
CA LYS A 9 5.44 -7.53 9.82
C LYS A 9 4.67 -8.80 10.22
N TRP A 10 4.05 -9.43 9.23
CA TRP A 10 3.34 -10.69 9.42
C TRP A 10 4.32 -11.77 9.87
N THR A 11 3.83 -12.74 10.65
CA THR A 11 4.64 -13.83 11.18
C THR A 11 4.68 -15.02 10.20
N SER A 12 4.55 -14.73 8.90
CA SER A 12 4.48 -15.68 7.79
C SER A 12 5.47 -15.26 6.71
N LYS A 13 5.83 -16.23 5.85
CA LYS A 13 6.69 -16.04 4.68
C LYS A 13 5.91 -15.70 3.41
N VAL A 14 4.58 -15.79 3.49
CA VAL A 14 3.65 -15.52 2.41
C VAL A 14 2.40 -14.92 3.05
N VAL A 15 1.77 -14.00 2.33
CA VAL A 15 0.59 -13.28 2.79
C VAL A 15 -0.42 -13.38 1.66
N THR A 16 -1.68 -13.70 1.98
CA THR A 16 -2.71 -13.87 0.98
C THR A 16 -3.58 -12.60 0.91
N TYR A 17 -4.08 -12.31 -0.29
CA TYR A 17 -4.81 -11.10 -0.58
C TYR A 17 -6.19 -11.38 -1.18
N ARG A 18 -7.15 -10.46 -0.98
CA ARG A 18 -8.50 -10.58 -1.53
C ARG A 18 -9.00 -9.24 -2.03
N ILE A 19 -9.10 -9.14 -3.35
CA ILE A 19 -9.76 -8.04 -4.03
C ILE A 19 -11.27 -8.26 -3.87
N VAL A 20 -11.89 -7.63 -2.86
CA VAL A 20 -13.32 -7.75 -2.59
C VAL A 20 -14.14 -6.94 -3.59
N SER A 21 -13.75 -5.70 -3.84
CA SER A 21 -14.35 -4.82 -4.81
C SER A 21 -13.31 -4.53 -5.89
N TYR A 22 -13.76 -4.08 -7.06
CA TYR A 22 -12.93 -3.92 -8.25
C TYR A 22 -13.10 -2.49 -8.78
N THR A 23 -12.41 -2.16 -9.87
CA THR A 23 -12.43 -0.86 -10.51
C THR A 23 -12.93 -1.00 -11.95
N ARG A 24 -12.97 0.14 -12.65
CA ARG A 24 -13.48 0.30 -14.00
C ARG A 24 -12.51 1.06 -14.89
N ASP A 25 -11.73 1.99 -14.32
CA ASP A 25 -10.69 2.75 -15.01
C ASP A 25 -9.60 1.84 -15.58
N LEU A 26 -9.36 0.72 -14.88
CA LEU A 26 -8.31 -0.26 -15.15
C LEU A 26 -8.97 -1.64 -15.07
N PRO A 27 -8.56 -2.63 -15.88
CA PRO A 27 -9.08 -3.98 -15.77
C PRO A 27 -8.54 -4.70 -14.52
N HIS A 28 -9.31 -5.66 -14.00
CA HIS A 28 -8.95 -6.47 -12.84
C HIS A 28 -7.65 -7.26 -13.03
N ILE A 29 -7.39 -7.74 -14.26
CA ILE A 29 -6.15 -8.42 -14.59
C ILE A 29 -4.96 -7.46 -14.45
N THR A 30 -5.14 -6.19 -14.86
CA THR A 30 -4.15 -5.14 -14.67
C THR A 30 -4.04 -4.79 -13.20
N VAL A 31 -5.15 -4.68 -12.44
CA VAL A 31 -5.06 -4.43 -11.01
C VAL A 31 -4.23 -5.52 -10.35
N ASP A 32 -4.55 -6.80 -10.60
CA ASP A 32 -3.84 -7.93 -10.01
C ASP A 32 -2.36 -7.91 -10.44
N ARG A 33 -2.08 -7.65 -11.73
CA ARG A 33 -0.71 -7.50 -12.22
C ARG A 33 0.02 -6.34 -11.57
N LEU A 34 -0.59 -5.16 -11.46
CA LEU A 34 0.00 -3.98 -10.84
C LEU A 34 0.23 -4.24 -9.35
N VAL A 35 -0.73 -4.86 -8.66
CA VAL A 35 -0.56 -5.30 -7.28
C VAL A 35 0.68 -6.21 -7.20
N SER A 36 0.79 -7.20 -8.08
CA SER A 36 1.90 -8.14 -8.05
C SER A 36 3.21 -7.45 -8.45
N LYS A 37 3.23 -6.55 -9.43
CA LYS A 37 4.41 -5.80 -9.85
C LYS A 37 4.89 -4.87 -8.72
N ALA A 38 3.97 -4.13 -8.08
CA ALA A 38 4.27 -3.29 -6.93
C ALA A 38 4.77 -4.12 -5.74
N LEU A 39 4.10 -5.25 -5.47
CA LEU A 39 4.50 -6.15 -4.40
C LEU A 39 5.82 -6.84 -4.71
N ASN A 40 6.11 -7.14 -5.99
CA ASN A 40 7.41 -7.67 -6.41
C ASN A 40 8.51 -6.63 -6.17
N MET A 41 8.21 -5.33 -6.31
CA MET A 41 9.16 -4.27 -5.98
C MET A 41 9.37 -4.14 -4.46
N TRP A 42 8.38 -4.49 -3.63
CA TRP A 42 8.57 -4.64 -2.18
C TRP A 42 9.37 -5.92 -1.88
N GLY A 43 8.98 -7.06 -2.46
CA GLY A 43 9.63 -8.36 -2.31
C GLY A 43 11.02 -8.44 -2.97
N LYS A 44 11.40 -7.43 -3.76
CA LYS A 44 12.75 -7.29 -4.30
C LYS A 44 13.78 -7.07 -3.19
N GLU A 45 13.36 -6.57 -2.01
CA GLU A 45 14.26 -6.36 -0.89
C GLU A 45 14.04 -7.36 0.25
N ILE A 46 12.87 -8.02 0.33
CA ILE A 46 12.54 -9.00 1.37
C ILE A 46 12.00 -10.28 0.75
N PRO A 47 12.44 -11.48 1.19
CA PRO A 47 11.97 -12.76 0.69
C PRO A 47 10.57 -13.08 1.24
N LEU A 48 9.60 -12.22 0.93
CA LEU A 48 8.20 -12.33 1.29
C LEU A 48 7.44 -12.43 -0.03
N HIS A 49 6.65 -13.50 -0.14
CA HIS A 49 5.86 -13.82 -1.32
C HIS A 49 4.38 -13.52 -1.02
N PHE A 50 3.50 -13.66 -2.02
CA PHE A 50 2.10 -13.32 -1.85
C PHE A 50 1.26 -14.38 -2.55
N ARG A 51 0.03 -14.57 -2.09
CA ARG A 51 -0.91 -15.56 -2.62
C ARG A 51 -2.28 -14.93 -2.73
N LYS A 52 -3.22 -15.68 -3.31
CA LYS A 52 -4.59 -15.25 -3.42
C LYS A 52 -5.48 -16.33 -2.80
N VAL A 53 -6.67 -15.90 -2.36
CA VAL A 53 -7.71 -16.79 -1.86
C VAL A 53 -8.62 -17.20 -3.02
N VAL A 54 -9.63 -17.99 -2.73
CA VAL A 54 -10.65 -18.38 -3.70
C VAL A 54 -12.01 -17.79 -3.32
N TRP A 55 -12.34 -17.76 -2.02
CA TRP A 55 -13.59 -17.25 -1.48
C TRP A 55 -13.52 -17.29 0.06
N GLY A 56 -13.10 -16.17 0.63
CA GLY A 56 -13.01 -15.90 2.06
C GLY A 56 -12.29 -14.57 2.25
N THR A 57 -12.22 -14.07 3.49
CA THR A 57 -11.36 -12.94 3.85
C THR A 57 -9.88 -13.35 3.76
N ALA A 58 -8.97 -12.37 3.80
CA ALA A 58 -7.55 -12.58 3.59
C ALA A 58 -6.74 -11.61 4.46
N ASP A 59 -5.42 -11.78 4.47
CA ASP A 59 -4.54 -10.97 5.27
C ASP A 59 -4.44 -9.56 4.64
N ILE A 60 -4.49 -9.45 3.28
CA ILE A 60 -4.44 -8.20 2.50
C ILE A 60 -5.73 -8.09 1.66
N MET A 61 -6.83 -7.73 2.29
CA MET A 61 -8.06 -7.33 1.60
C MET A 61 -7.80 -5.97 0.92
N ILE A 62 -8.20 -5.84 -0.35
CA ILE A 62 -8.09 -4.60 -1.11
C ILE A 62 -9.53 -4.15 -1.39
N GLY A 63 -9.97 -3.10 -0.67
CA GLY A 63 -11.36 -2.67 -0.56
C GLY A 63 -11.57 -1.29 -1.16
N PHE A 64 -11.55 -1.22 -2.49
CA PHE A 64 -11.65 0.02 -3.24
C PHE A 64 -13.00 0.11 -3.94
N ALA A 65 -13.68 1.25 -3.85
CA ALA A 65 -14.97 1.51 -4.50
C ALA A 65 -15.19 3.02 -4.54
N ARG A 66 -16.23 3.48 -5.24
CA ARG A 66 -16.48 4.90 -5.48
C ARG A 66 -17.39 5.46 -4.38
N GLY A 67 -16.88 6.36 -3.54
CA GLY A 67 -17.71 7.11 -2.61
C GLY A 67 -18.40 6.18 -1.60
N ALA A 68 -17.58 5.64 -0.69
CA ALA A 68 -17.88 4.61 0.32
C ALA A 68 -17.84 3.21 -0.29
N HIS A 69 -17.41 2.22 0.53
CA HIS A 69 -17.30 0.81 0.15
C HIS A 69 -18.01 -0.13 1.15
N GLY A 70 -18.42 0.39 2.32
CA GLY A 70 -19.14 -0.38 3.32
C GLY A 70 -18.22 -1.23 4.19
N ASP A 71 -17.22 -0.61 4.84
CA ASP A 71 -16.33 -1.27 5.80
C ASP A 71 -16.36 -0.56 7.15
N SER A 72 -16.05 0.75 7.15
CA SER A 72 -15.96 1.63 8.31
C SER A 72 -15.87 3.07 7.81
N TYR A 73 -15.06 3.33 6.77
CA TYR A 73 -14.84 4.67 6.23
C TYR A 73 -15.74 4.90 5.00
N PRO A 74 -16.63 5.91 5.00
CA PRO A 74 -17.40 6.26 3.82
C PRO A 74 -16.61 7.06 2.78
N PHE A 75 -15.30 7.28 2.98
CA PHE A 75 -14.46 8.07 2.08
C PHE A 75 -15.06 9.48 1.90
N ASP A 76 -14.73 10.13 0.78
CA ASP A 76 -14.92 11.52 0.44
C ASP A 76 -15.27 11.62 -1.07
N GLY A 77 -14.59 10.84 -1.93
CA GLY A 77 -14.76 10.85 -3.37
C GLY A 77 -13.55 11.51 -4.04
N PRO A 78 -13.73 12.17 -5.20
CA PRO A 78 -12.66 12.75 -6.01
C PRO A 78 -12.10 14.02 -5.37
N GLY A 79 -11.02 13.90 -4.59
CA GLY A 79 -10.37 15.00 -3.86
C GLY A 79 -10.05 14.54 -2.44
N ASN A 80 -9.23 15.28 -1.67
CA ASN A 80 -8.75 14.87 -0.33
C ASN A 80 -8.20 13.43 -0.32
N THR A 81 -8.27 12.69 0.79
CA THR A 81 -7.74 11.33 0.99
C THR A 81 -8.08 10.36 -0.16
N LEU A 82 -7.10 9.94 -0.95
CA LEU A 82 -7.29 9.09 -2.13
C LEU A 82 -7.42 7.60 -1.76
N ALA A 83 -6.75 7.16 -0.68
CA ALA A 83 -6.76 5.78 -0.22
C ALA A 83 -6.41 5.73 1.28
N HIS A 84 -6.74 4.65 1.97
CA HIS A 84 -6.40 4.43 3.37
C HIS A 84 -6.15 2.96 3.62
N ALA A 85 -5.20 2.65 4.51
CA ALA A 85 -4.83 1.29 4.86
C ALA A 85 -4.56 1.21 6.35
N PHE A 86 -4.53 -0.01 6.88
CA PHE A 86 -4.41 -0.26 8.32
C PHE A 86 -3.08 -0.96 8.60
N ALA A 87 -2.58 -0.84 9.84
CA ALA A 87 -1.36 -1.54 10.25
C ALA A 87 -1.61 -3.06 10.24
N PRO A 88 -0.62 -3.91 9.95
CA PRO A 88 -0.79 -5.35 9.94
C PRO A 88 -0.91 -5.89 11.37
N GLY A 89 -1.48 -7.09 11.48
CA GLY A 89 -1.64 -7.78 12.75
C GLY A 89 -2.52 -9.00 12.54
N THR A 90 -3.84 -8.81 12.58
CA THR A 90 -4.82 -9.87 12.34
C THR A 90 -6.15 -9.21 11.95
N GLY A 91 -6.93 -9.86 11.07
CA GLY A 91 -8.25 -9.39 10.70
C GLY A 91 -8.13 -8.20 9.74
N LEU A 92 -8.84 -7.10 10.00
CA LEU A 92 -8.81 -5.88 9.17
C LEU A 92 -7.39 -5.32 9.03
N GLY A 93 -6.50 -5.59 9.99
CA GLY A 93 -5.10 -5.16 9.90
C GLY A 93 -4.50 -5.46 8.53
N GLY A 94 -3.66 -4.54 8.04
CA GLY A 94 -2.97 -4.59 6.76
C GLY A 94 -3.82 -4.13 5.59
N ASP A 95 -5.15 -4.27 5.68
CA ASP A 95 -6.04 -4.14 4.53
C ASP A 95 -6.01 -2.70 4.04
N ALA A 96 -6.19 -2.52 2.73
CA ALA A 96 -5.97 -1.27 2.03
C ALA A 96 -7.18 -0.96 1.16
N HIS A 97 -7.57 0.31 1.10
CA HIS A 97 -8.90 0.71 0.66
C HIS A 97 -8.71 2.00 -0.11
N PHE A 98 -9.42 2.20 -1.22
CA PHE A 98 -9.10 3.27 -2.18
C PHE A 98 -10.40 3.83 -2.72
N ASP A 99 -10.44 5.13 -3.06
CA ASP A 99 -11.61 5.67 -3.74
C ASP A 99 -11.47 5.31 -5.21
N GLU A 100 -12.25 4.35 -5.70
CA GLU A 100 -12.33 4.03 -7.13
C GLU A 100 -12.74 5.28 -7.95
N ASP A 101 -13.35 6.28 -7.31
CA ASP A 101 -13.82 7.51 -7.96
C ASP A 101 -12.64 8.39 -8.40
N GLU A 102 -11.51 8.29 -7.70
CA GLU A 102 -10.29 9.02 -8.02
C GLU A 102 -9.68 8.32 -9.24
N ARG A 103 -9.68 8.95 -10.43
CA ARG A 103 -9.24 8.32 -11.68
C ARG A 103 -7.92 7.57 -11.49
N TRP A 104 -7.95 6.24 -11.56
CA TRP A 104 -6.75 5.43 -11.39
C TRP A 104 -6.14 5.22 -12.77
N THR A 105 -4.81 5.40 -12.89
CA THR A 105 -4.07 5.24 -14.14
C THR A 105 -2.97 4.20 -13.89
N ASP A 106 -2.68 3.36 -14.89
CA ASP A 106 -1.63 2.33 -14.85
C ASP A 106 -0.25 2.93 -15.18
N GLY A 107 -0.03 4.20 -14.79
CA GLY A 107 1.21 4.92 -15.03
C GLY A 107 1.30 5.35 -16.50
N SER A 108 0.46 6.30 -16.92
CA SER A 108 0.38 6.73 -18.31
C SER A 108 0.84 8.18 -18.46
N SER A 109 0.20 9.12 -17.75
CA SER A 109 0.55 10.55 -17.71
C SER A 109 -0.42 11.27 -16.77
N LEU A 110 -1.72 11.16 -17.06
CA LEU A 110 -2.80 11.84 -16.34
C LEU A 110 -3.56 10.82 -15.49
N GLY A 111 -4.27 11.32 -14.48
CA GLY A 111 -4.92 10.49 -13.47
C GLY A 111 -3.98 10.24 -12.30
N ILE A 112 -4.40 9.37 -11.39
CA ILE A 112 -3.70 9.03 -10.17
C ILE A 112 -3.04 7.66 -10.40
N ASN A 113 -1.70 7.60 -10.29
CA ASN A 113 -0.96 6.36 -10.49
C ASN A 113 -1.38 5.32 -9.44
N PHE A 114 -2.09 4.29 -9.89
CA PHE A 114 -2.54 3.19 -9.06
C PHE A 114 -1.34 2.45 -8.45
N LEU A 115 -0.24 2.30 -9.20
CA LEU A 115 0.95 1.61 -8.73
C LEU A 115 1.59 2.39 -7.59
N TYR A 116 1.75 3.72 -7.71
CA TYR A 116 2.31 4.55 -6.64
C TYR A 116 1.45 4.41 -5.38
N ALA A 117 0.12 4.56 -5.55
CA ALA A 117 -0.83 4.46 -4.45
C ALA A 117 -0.80 3.07 -3.81
N ALA A 118 -0.78 2.03 -4.63
CA ALA A 118 -0.71 0.65 -4.19
C ALA A 118 0.59 0.43 -3.43
N THR A 119 1.77 0.74 -4.01
CA THR A 119 3.05 0.56 -3.35
C THR A 119 3.12 1.30 -2.01
N HIS A 120 2.54 2.51 -1.94
CA HIS A 120 2.40 3.25 -0.68
C HIS A 120 1.55 2.44 0.31
N GLU A 121 0.31 2.11 -0.04
CA GLU A 121 -0.64 1.45 0.87
C GLU A 121 -0.12 0.06 1.29
N LEU A 122 0.43 -0.69 0.33
CA LEU A 122 1.04 -1.99 0.56
C LEU A 122 2.25 -1.89 1.49
N GLY A 123 2.93 -0.75 1.57
CA GLY A 123 3.98 -0.53 2.57
C GLY A 123 3.43 -0.60 3.99
N HIS A 124 2.24 -0.03 4.23
CA HIS A 124 1.57 -0.18 5.52
C HIS A 124 1.09 -1.61 5.69
N SER A 125 0.56 -2.23 4.63
CA SER A 125 0.15 -3.63 4.66
C SER A 125 1.31 -4.55 5.06
N LEU A 126 2.52 -4.28 4.57
CA LEU A 126 3.71 -5.06 4.92
C LEU A 126 4.07 -4.83 6.40
N GLY A 127 3.94 -3.58 6.87
CA GLY A 127 4.17 -3.21 8.26
C GLY A 127 5.38 -2.31 8.43
N MET A 128 5.48 -1.23 7.66
CA MET A 128 6.67 -0.38 7.68
C MET A 128 6.44 0.86 8.54
N GLY A 129 5.40 1.62 8.23
CA GLY A 129 5.08 2.89 8.88
C GLY A 129 5.38 4.05 7.94
N HIS A 130 4.90 5.25 8.31
CA HIS A 130 5.15 6.48 7.56
C HIS A 130 6.60 6.98 7.77
N SER A 131 6.93 8.09 7.09
CA SER A 131 8.21 8.75 7.11
C SER A 131 7.98 10.27 6.99
N SER A 132 9.08 11.01 6.86
CA SER A 132 9.11 12.46 6.75
C SER A 132 10.26 12.78 5.80
N ASP A 133 10.03 12.71 4.49
CA ASP A 133 11.01 13.08 3.48
C ASP A 133 10.26 13.57 2.22
N PRO A 134 10.78 14.55 1.47
CA PRO A 134 10.13 15.03 0.25
C PRO A 134 10.28 14.06 -0.94
N ASN A 135 11.11 13.01 -0.81
CA ASN A 135 11.29 11.97 -1.83
C ASN A 135 10.86 10.59 -1.27
N ALA A 136 10.23 10.58 -0.09
CA ALA A 136 9.64 9.38 0.50
C ALA A 136 8.34 9.05 -0.21
N VAL A 137 8.11 7.79 -0.57
CA VAL A 137 6.79 7.36 -1.04
C VAL A 137 5.77 7.53 0.08
N MET A 138 6.20 7.42 1.34
CA MET A 138 5.40 7.63 2.54
C MET A 138 4.92 9.07 2.71
N TYR A 139 5.46 10.04 1.95
CA TYR A 139 5.04 11.44 1.98
C TYR A 139 3.50 11.55 1.84
N PRO A 140 2.80 12.22 2.79
CA PRO A 140 1.36 12.43 2.71
C PRO A 140 1.02 13.43 1.60
N THR A 141 -0.29 13.63 1.36
CA THR A 141 -0.82 14.46 0.27
C THR A 141 -0.23 14.06 -1.10
N TYR A 142 -0.28 14.98 -2.08
CA TYR A 142 0.33 14.82 -3.39
C TYR A 142 1.10 16.11 -3.68
N GLY A 143 2.35 15.98 -4.10
CA GLY A 143 3.26 17.10 -4.33
C GLY A 143 4.34 16.66 -5.30
N ASN A 144 5.61 16.74 -4.88
CA ASN A 144 6.78 16.38 -5.69
C ASN A 144 6.64 14.96 -6.26
N GLY A 145 6.61 13.95 -5.36
CA GLY A 145 6.53 12.53 -5.65
C GLY A 145 7.26 12.13 -6.94
N ASP A 146 6.65 11.22 -7.70
CA ASP A 146 6.96 10.81 -9.07
C ASP A 146 5.96 9.70 -9.44
N PRO A 147 4.70 10.05 -9.77
CA PRO A 147 3.68 9.09 -10.18
C PRO A 147 3.92 8.49 -11.58
N GLN A 148 5.18 8.27 -11.97
CA GLN A 148 5.55 7.58 -13.20
C GLN A 148 6.60 6.51 -12.91
N ASN A 149 7.64 6.85 -12.16
CA ASN A 149 8.80 6.01 -11.93
C ASN A 149 9.59 6.46 -10.69
N PHE A 150 8.87 6.77 -9.60
CA PHE A 150 9.46 7.03 -8.28
C PHE A 150 10.59 6.07 -7.96
N LYS A 151 10.30 4.77 -8.05
CA LYS A 151 11.08 3.69 -7.46
C LYS A 151 11.26 3.91 -5.94
N LEU A 152 11.51 2.81 -5.22
CA LEU A 152 11.59 2.85 -3.77
C LEU A 152 12.83 3.68 -3.39
N SER A 153 12.64 4.82 -2.71
CA SER A 153 13.69 5.83 -2.52
C SER A 153 14.64 5.48 -1.37
N GLN A 154 14.33 5.95 -0.16
CA GLN A 154 15.12 5.79 1.04
C GLN A 154 14.17 5.39 2.16
N ASP A 155 13.08 6.11 2.42
CA ASP A 155 12.05 5.76 3.41
C ASP A 155 11.63 4.29 3.36
N ASP A 156 11.42 3.79 2.13
CA ASP A 156 11.06 2.42 1.80
C ASP A 156 12.15 1.44 2.22
N ILE A 157 13.35 1.58 1.62
CA ILE A 157 14.46 0.66 1.87
C ILE A 157 14.88 0.77 3.34
N LYS A 158 14.91 1.99 3.89
CA LYS A 158 15.21 2.27 5.28
C LYS A 158 14.20 1.55 6.15
N GLY A 159 12.91 1.62 5.81
CA GLY A 159 11.87 0.88 6.49
C GLY A 159 12.18 -0.61 6.43
N ILE A 160 12.35 -1.17 5.24
CA ILE A 160 12.63 -2.59 5.06
C ILE A 160 13.85 -3.04 5.85
N GLN A 161 14.97 -2.33 5.70
CA GLN A 161 16.22 -2.62 6.36
C GLN A 161 16.12 -2.36 7.87
N LYS A 162 15.14 -1.59 8.35
CA LYS A 162 14.87 -1.40 9.77
C LYS A 162 13.92 -2.48 10.32
N LEU A 163 13.14 -3.15 9.46
CA LEU A 163 12.21 -4.21 9.85
C LEU A 163 12.87 -5.60 9.79
N TYR A 164 13.62 -5.86 8.71
CA TYR A 164 14.27 -7.15 8.40
C TYR A 164 15.78 -7.09 8.63
N GLY A 165 16.25 -6.00 9.25
CA GLY A 165 17.64 -5.67 9.52
C GLY A 165 17.69 -4.79 10.75
N LYS A 166 18.49 -3.71 10.72
CA LYS A 166 18.49 -2.60 11.68
C LYS A 166 19.10 -1.33 11.09
N ARG A 167 20.25 -1.46 10.39
CA ARG A 167 21.05 -0.33 9.90
C ARG A 167 20.22 0.56 8.98
N SER A 168 20.39 1.87 9.10
CA SER A 168 19.65 2.87 8.34
C SER A 168 20.55 4.05 7.96
N ASN A 169 20.07 4.89 7.05
CA ASN A 169 20.74 6.12 6.62
C ASN A 169 20.14 7.26 7.45
N SER A 170 20.97 8.17 7.96
CA SER A 170 20.49 9.39 8.62
C SER A 170 19.75 10.31 7.65
N ARG A 171 18.97 11.24 8.21
CA ARG A 171 18.14 12.20 7.47
C ARG A 171 18.30 13.58 8.08
N LYS A 172 17.95 14.61 7.31
CA LYS A 172 17.96 16.00 7.78
C LYS A 172 16.52 16.47 8.01
N LYS A 173 16.28 17.02 9.20
CA LYS A 173 14.97 17.46 9.70
CA TYR A 1 8.40 2.95 15.98
C TYR A 1 8.45 3.53 14.57
N SER A 2 7.30 3.59 13.89
CA SER A 2 7.18 4.21 12.58
C SER A 2 6.29 5.47 12.70
N LEU A 3 5.08 5.34 13.27
CA LEU A 3 4.17 6.45 13.49
C LEU A 3 3.12 6.00 14.51
N PHE A 4 1.91 5.72 14.04
CA PHE A 4 0.80 5.17 14.80
C PHE A 4 1.05 3.69 15.10
N PRO A 5 1.27 2.83 14.07
CA PRO A 5 1.42 1.41 14.31
C PRO A 5 2.83 1.04 14.73
N ASN A 6 2.93 -0.17 15.29
CA ASN A 6 4.11 -0.75 15.89
C ASN A 6 3.86 -2.25 16.04
N SER A 7 4.12 -3.01 14.97
CA SER A 7 4.16 -4.48 14.89
C SER A 7 4.36 -4.88 13.42
N PRO A 8 5.52 -4.59 12.81
CA PRO A 8 5.83 -5.09 11.48
C PRO A 8 6.09 -6.60 11.52
N LYS A 9 6.01 -7.24 10.35
CA LYS A 9 6.20 -8.67 10.12
C LYS A 9 4.94 -9.43 10.59
N TRP A 10 4.16 -9.93 9.62
CA TRP A 10 2.88 -10.60 9.84
C TRP A 10 2.93 -11.75 10.87
N THR A 11 3.59 -12.86 10.52
CA THR A 11 3.86 -14.05 11.34
C THR A 11 4.51 -15.12 10.45
N SER A 12 4.00 -15.32 9.23
CA SER A 12 4.53 -16.30 8.27
C SER A 12 5.37 -15.59 7.21
N LYS A 13 6.20 -16.38 6.50
CA LYS A 13 6.91 -15.95 5.30
C LYS A 13 6.00 -15.83 4.07
N VAL A 14 4.73 -16.22 4.19
CA VAL A 14 3.72 -16.07 3.14
C VAL A 14 2.53 -15.34 3.77
N VAL A 15 1.89 -14.47 2.99
CA VAL A 15 0.75 -13.68 3.42
C VAL A 15 -0.35 -13.87 2.38
N THR A 16 -1.61 -13.85 2.82
CA THR A 16 -2.75 -14.01 1.94
C THR A 16 -3.26 -12.62 1.55
N TYR A 17 -3.59 -12.43 0.26
CA TYR A 17 -4.19 -11.18 -0.21
C TYR A 17 -5.49 -11.49 -0.94
N ARG A 18 -6.42 -10.54 -0.95
CA ARG A 18 -7.66 -10.66 -1.73
C ARG A 18 -8.21 -9.29 -2.07
N ILE A 19 -8.22 -8.93 -3.35
CA ILE A 19 -8.71 -7.65 -3.81
C ILE A 19 -10.25 -7.78 -3.96
N VAL A 20 -11.00 -7.64 -2.85
CA VAL A 20 -12.46 -7.85 -2.78
C VAL A 20 -13.23 -6.99 -3.78
N SER A 21 -12.83 -5.74 -3.93
CA SER A 21 -13.36 -4.75 -4.86
C SER A 21 -12.13 -4.30 -5.65
N TYR A 22 -12.34 -3.84 -6.87
CA TYR A 22 -11.31 -3.42 -7.79
C TYR A 22 -11.72 -2.05 -8.34
N THR A 23 -10.75 -1.28 -8.83
CA THR A 23 -11.03 0.00 -9.49
C THR A 23 -11.90 -0.18 -10.75
N ARG A 24 -12.31 0.95 -11.31
CA ARG A 24 -13.17 1.02 -12.49
C ARG A 24 -12.48 1.66 -13.68
N ASP A 25 -11.58 2.64 -13.45
CA ASP A 25 -10.87 3.32 -14.54
C ASP A 25 -9.95 2.33 -15.26
N LEU A 26 -9.38 1.36 -14.52
CA LEU A 26 -8.55 0.26 -15.02
C LEU A 26 -9.16 -1.09 -14.62
N PRO A 27 -8.90 -2.18 -15.37
CA PRO A 27 -9.46 -3.50 -15.08
C PRO A 27 -8.72 -4.23 -13.95
N HIS A 28 -9.39 -5.24 -13.38
CA HIS A 28 -8.88 -6.03 -12.26
C HIS A 28 -7.56 -6.73 -12.56
N ILE A 29 -7.41 -7.27 -13.77
CA ILE A 29 -6.18 -7.93 -14.20
C ILE A 29 -5.01 -6.93 -14.21
N THR A 30 -5.28 -5.66 -14.55
CA THR A 30 -4.28 -4.61 -14.51
C THR A 30 -3.95 -4.27 -13.06
N VAL A 31 -4.94 -4.15 -12.18
CA VAL A 31 -4.67 -3.93 -10.75
C VAL A 31 -3.81 -5.07 -10.20
N ASP A 32 -4.14 -6.35 -10.46
CA ASP A 32 -3.31 -7.47 -9.98
C ASP A 32 -1.93 -7.48 -10.65
N ARG A 33 -1.81 -7.08 -11.92
CA ARG A 33 -0.51 -6.92 -12.57
C ARG A 33 0.34 -5.87 -11.87
N LEU A 34 -0.25 -4.68 -11.64
CA LEU A 34 0.42 -3.57 -10.99
C LEU A 34 0.78 -3.97 -9.57
N VAL A 35 -0.14 -4.59 -8.82
CA VAL A 35 0.13 -5.14 -7.49
C VAL A 35 1.22 -6.21 -7.56
N SER A 36 1.18 -7.15 -8.51
CA SER A 36 2.19 -8.19 -8.65
C SER A 36 3.57 -7.57 -8.84
N LYS A 37 3.69 -6.58 -9.74
CA LYS A 37 4.98 -5.92 -10.00
C LYS A 37 5.39 -5.03 -8.80
N ALA A 38 4.43 -4.35 -8.15
CA ALA A 38 4.66 -3.54 -6.96
C ALA A 38 5.16 -4.40 -5.78
N LEU A 39 4.50 -5.53 -5.53
CA LEU A 39 4.88 -6.47 -4.49
C LEU A 39 6.19 -7.15 -4.88
N ASN A 40 6.45 -7.37 -6.17
CA ASN A 40 7.75 -7.85 -6.62
C ASN A 40 8.84 -6.82 -6.32
N MET A 41 8.55 -5.51 -6.37
CA MET A 41 9.49 -4.47 -5.98
C MET A 41 9.75 -4.51 -4.46
N TRP A 42 8.72 -4.67 -3.62
CA TRP A 42 8.92 -4.86 -2.18
C TRP A 42 9.70 -6.15 -1.92
N GLY A 43 9.24 -7.27 -2.49
CA GLY A 43 9.82 -8.60 -2.36
C GLY A 43 11.19 -8.75 -3.03
N LYS A 44 11.61 -7.78 -3.84
CA LYS A 44 12.97 -7.72 -4.38
C LYS A 44 13.98 -7.60 -3.24
N GLU A 45 13.60 -6.95 -2.13
CA GLU A 45 14.47 -6.72 -0.98
C GLU A 45 14.17 -7.72 0.15
N ILE A 46 12.91 -8.17 0.30
CA ILE A 46 12.51 -9.11 1.37
C ILE A 46 12.04 -10.44 0.76
N PRO A 47 12.59 -11.59 1.17
CA PRO A 47 12.25 -12.91 0.61
C PRO A 47 10.86 -13.42 1.09
N LEU A 48 9.85 -12.55 1.04
CA LEU A 48 8.49 -12.77 1.51
C LEU A 48 7.62 -13.01 0.26
N HIS A 49 6.66 -13.93 0.36
CA HIS A 49 5.85 -14.38 -0.76
C HIS A 49 4.37 -14.17 -0.42
N PHE A 50 3.47 -14.32 -1.40
CA PHE A 50 2.07 -14.00 -1.22
C PHE A 50 1.22 -15.01 -1.98
N ARG A 51 0.01 -15.27 -1.48
CA ARG A 51 -0.94 -16.22 -2.07
C ARG A 51 -2.33 -15.58 -2.08
N LYS A 52 -3.23 -16.11 -2.92
CA LYS A 52 -4.56 -15.57 -3.12
C LYS A 52 -5.57 -16.68 -2.82
N VAL A 53 -6.14 -16.67 -1.62
CA VAL A 53 -7.12 -17.66 -1.19
C VAL A 53 -8.49 -17.30 -1.76
N VAL A 54 -9.38 -18.30 -1.86
CA VAL A 54 -10.71 -18.14 -2.44
C VAL A 54 -11.78 -18.76 -1.53
N TRP A 55 -11.48 -18.87 -0.22
CA TRP A 55 -12.33 -19.47 0.79
C TRP A 55 -12.12 -18.75 2.13
N GLY A 56 -12.68 -17.54 2.24
CA GLY A 56 -12.52 -16.68 3.40
C GLY A 56 -11.74 -15.40 3.05
N THR A 57 -11.75 -14.46 3.98
CA THR A 57 -11.00 -13.22 3.91
C THR A 57 -9.49 -13.53 3.94
N ALA A 58 -8.68 -12.49 3.71
CA ALA A 58 -7.24 -12.61 3.63
C ALA A 58 -6.58 -11.61 4.57
N ASP A 59 -5.26 -11.69 4.67
CA ASP A 59 -4.48 -10.79 5.51
C ASP A 59 -4.53 -9.37 4.91
N ILE A 60 -4.42 -9.27 3.58
CA ILE A 60 -4.39 -8.00 2.85
C ILE A 60 -5.61 -7.98 1.89
N MET A 61 -6.73 -7.52 2.40
CA MET A 61 -7.93 -7.22 1.64
C MET A 61 -7.79 -5.82 1.06
N ILE A 62 -7.83 -5.71 -0.27
CA ILE A 62 -7.81 -4.43 -0.98
C ILE A 62 -9.24 -4.20 -1.49
N GLY A 63 -9.83 -3.03 -1.23
CA GLY A 63 -11.15 -2.69 -1.72
C GLY A 63 -11.24 -1.23 -2.15
N PHE A 64 -12.26 -0.89 -2.93
CA PHE A 64 -12.45 0.45 -3.46
C PHE A 64 -13.94 0.77 -3.25
N ALA A 65 -14.22 2.03 -2.90
CA ALA A 65 -15.55 2.55 -2.58
C ALA A 65 -15.62 4.04 -2.96
N ARG A 66 -16.71 4.73 -2.63
CA ARG A 66 -16.95 6.12 -3.02
C ARG A 66 -17.45 6.95 -1.82
N GLY A 67 -16.70 6.87 -0.73
CA GLY A 67 -17.05 7.47 0.54
C GLY A 67 -17.18 6.39 1.61
N ALA A 68 -18.36 6.28 2.21
CA ALA A 68 -18.65 5.26 3.21
C ALA A 68 -18.69 3.88 2.56
N HIS A 69 -18.10 2.89 3.24
CA HIS A 69 -18.02 1.52 2.78
C HIS A 69 -18.45 0.55 3.89
N GLY A 70 -17.74 0.50 5.02
CA GLY A 70 -18.14 -0.36 6.13
C GLY A 70 -16.95 -0.96 6.87
N ASP A 71 -16.07 -0.09 7.38
CA ASP A 71 -14.82 -0.46 8.02
C ASP A 71 -14.75 0.17 9.41
N SER A 72 -14.66 1.51 9.48
CA SER A 72 -14.48 2.35 10.66
C SER A 72 -14.34 3.83 10.24
N TYR A 73 -13.78 4.13 9.05
CA TYR A 73 -13.48 5.48 8.61
C TYR A 73 -14.04 5.67 7.19
N PRO A 74 -15.23 6.28 7.03
CA PRO A 74 -15.76 6.55 5.70
C PRO A 74 -14.86 7.58 5.00
N PHE A 75 -14.62 7.37 3.70
CA PHE A 75 -13.94 8.34 2.85
C PHE A 75 -14.87 9.53 2.56
N ASP A 76 -14.30 10.53 1.89
CA ASP A 76 -14.96 11.74 1.41
C ASP A 76 -15.42 11.61 -0.06
N GLY A 77 -14.63 11.01 -0.97
CA GLY A 77 -14.87 11.06 -2.42
C GLY A 77 -13.70 11.70 -3.18
N PRO A 78 -13.91 12.54 -4.20
CA PRO A 78 -12.84 13.14 -4.99
C PRO A 78 -12.24 14.35 -4.26
N GLY A 79 -11.16 14.17 -3.49
CA GLY A 79 -10.40 15.20 -2.79
C GLY A 79 -9.72 14.65 -1.52
N ASN A 80 -8.90 15.47 -0.84
CA ASN A 80 -8.28 15.09 0.44
C ASN A 80 -7.64 13.68 0.42
N THR A 81 -7.78 12.88 1.48
CA THR A 81 -7.37 11.47 1.58
C THR A 81 -7.91 10.65 0.39
N LEU A 82 -7.03 9.96 -0.34
CA LEU A 82 -7.38 9.20 -1.55
C LEU A 82 -7.53 7.69 -1.29
N ALA A 83 -6.77 7.15 -0.32
CA ALA A 83 -6.80 5.74 0.05
C ALA A 83 -6.23 5.62 1.47
N HIS A 84 -6.52 4.53 2.17
CA HIS A 84 -5.93 4.27 3.47
C HIS A 84 -5.71 2.78 3.69
N ALA A 85 -4.75 2.46 4.55
CA ALA A 85 -4.31 1.11 4.81
C ALA A 85 -4.11 0.96 6.31
N PHE A 86 -4.35 -0.26 6.80
CA PHE A 86 -4.26 -0.58 8.21
C PHE A 86 -2.99 -1.38 8.43
N ALA A 87 -2.40 -1.26 9.62
CA ALA A 87 -1.20 -2.02 9.95
C ALA A 87 -1.54 -3.49 10.17
N PRO A 88 -0.60 -4.43 9.96
CA PRO A 88 -0.89 -5.84 10.17
C PRO A 88 -1.09 -6.18 11.65
N GLY A 89 -1.65 -7.36 11.87
CA GLY A 89 -1.78 -7.96 13.19
C GLY A 89 -2.70 -9.17 13.08
N THR A 90 -3.99 -8.89 12.87
CA THR A 90 -5.06 -9.89 12.78
C THR A 90 -6.34 -9.15 12.37
N GLY A 91 -7.17 -9.80 11.55
CA GLY A 91 -8.46 -9.29 11.10
C GLY A 91 -8.29 -8.11 10.16
N LEU A 92 -9.01 -7.01 10.42
CA LEU A 92 -8.97 -5.77 9.62
C LEU A 92 -7.54 -5.26 9.39
N GLY A 93 -6.60 -5.57 10.30
CA GLY A 93 -5.20 -5.24 10.10
C GLY A 93 -4.71 -5.67 8.72
N GLY A 94 -3.83 -4.86 8.14
CA GLY A 94 -3.25 -5.01 6.81
C GLY A 94 -4.20 -4.63 5.66
N ASP A 95 -5.51 -4.64 5.89
CA ASP A 95 -6.47 -4.39 4.82
C ASP A 95 -6.38 -2.91 4.45
N ALA A 96 -6.81 -2.56 3.24
CA ALA A 96 -6.69 -1.22 2.72
C ALA A 96 -7.88 -0.92 1.81
N HIS A 97 -8.28 0.35 1.78
CA HIS A 97 -9.38 0.81 0.96
C HIS A 97 -8.97 2.05 0.20
N PHE A 98 -9.71 2.35 -0.87
CA PHE A 98 -9.37 3.39 -1.85
C PHE A 98 -10.68 4.08 -2.26
N ASP A 99 -10.63 5.39 -2.55
CA ASP A 99 -11.74 6.11 -3.18
C ASP A 99 -11.70 5.80 -4.69
N GLU A 100 -12.59 4.94 -5.18
CA GLU A 100 -12.85 4.70 -6.61
C GLU A 100 -13.35 5.97 -7.31
N ASP A 101 -13.92 6.91 -6.55
CA ASP A 101 -14.39 8.22 -7.01
C ASP A 101 -13.22 9.08 -7.50
N GLU A 102 -12.07 8.98 -6.83
CA GLU A 102 -10.83 9.62 -7.27
C GLU A 102 -10.41 8.91 -8.56
N ARG A 103 -10.04 9.66 -9.61
CA ARG A 103 -9.52 9.05 -10.84
C ARG A 103 -8.34 8.14 -10.51
N TRP A 104 -8.09 7.12 -11.31
CA TRP A 104 -6.95 6.23 -11.12
C TRP A 104 -6.30 6.03 -12.50
N THR A 105 -4.98 6.11 -12.59
CA THR A 105 -4.24 5.91 -13.86
C THR A 105 -3.10 4.95 -13.57
N ASP A 106 -2.81 4.03 -14.50
CA ASP A 106 -1.65 3.13 -14.43
C ASP A 106 -0.37 3.96 -14.31
N GLY A 107 -0.19 4.92 -15.21
CA GLY A 107 1.01 5.74 -15.30
C GLY A 107 1.16 6.30 -16.70
N SER A 108 0.14 7.03 -17.16
CA SER A 108 0.16 7.74 -18.43
C SER A 108 -0.82 8.91 -18.36
N SER A 109 -0.67 9.84 -19.29
CA SER A 109 -1.45 11.07 -19.46
C SER A 109 -1.33 12.01 -18.27
N LEU A 110 -2.03 11.72 -17.16
CA LEU A 110 -2.14 12.50 -15.94
C LEU A 110 -3.02 11.73 -14.96
N GLY A 111 -3.11 12.21 -13.71
CA GLY A 111 -3.91 11.60 -12.67
C GLY A 111 -3.05 11.28 -11.45
N ILE A 112 -3.42 10.18 -10.78
CA ILE A 112 -2.69 9.58 -9.68
C ILE A 112 -2.24 8.18 -10.09
N ASN A 113 -0.92 7.98 -10.08
CA ASN A 113 -0.31 6.72 -10.46
C ASN A 113 -0.77 5.61 -9.51
N PHE A 114 -1.46 4.61 -10.05
CA PHE A 114 -1.97 3.45 -9.34
C PHE A 114 -0.84 2.64 -8.75
N LEU A 115 0.27 2.46 -9.48
CA LEU A 115 1.45 1.76 -8.99
C LEU A 115 1.91 2.45 -7.71
N TYR A 116 1.92 3.80 -7.65
CA TYR A 116 2.30 4.52 -6.43
C TYR A 116 1.29 4.27 -5.34
N ALA A 117 -0.01 4.40 -5.65
CA ALA A 117 -1.06 4.15 -4.69
C ALA A 117 -0.93 2.75 -4.10
N ALA A 118 -0.78 1.74 -4.95
CA ALA A 118 -0.63 0.37 -4.54
C ALA A 118 0.64 0.22 -3.71
N THR A 119 1.83 0.56 -4.23
CA THR A 119 3.08 0.40 -3.49
C THR A 119 3.03 1.15 -2.14
N HIS A 120 2.39 2.33 -2.10
CA HIS A 120 2.16 3.09 -0.86
C HIS A 120 1.33 2.27 0.12
N GLU A 121 0.14 1.83 -0.30
CA GLU A 121 -0.83 1.20 0.59
C GLU A 121 -0.39 -0.21 0.98
N LEU A 122 0.09 -0.98 0.00
CA LEU A 122 0.62 -2.33 0.18
C LEU A 122 1.92 -2.31 0.97
N GLY A 123 2.69 -1.22 0.89
CA GLY A 123 3.83 -1.05 1.77
C GLY A 123 3.40 -1.10 3.23
N HIS A 124 2.33 -0.37 3.56
CA HIS A 124 1.81 -0.42 4.91
C HIS A 124 1.14 -1.76 5.22
N SER A 125 0.47 -2.38 4.24
CA SER A 125 -0.13 -3.69 4.42
C SER A 125 0.93 -4.73 4.82
N LEU A 126 2.17 -4.58 4.32
CA LEU A 126 3.27 -5.48 4.66
C LEU A 126 3.70 -5.33 6.12
N GLY A 127 3.67 -4.12 6.66
CA GLY A 127 4.16 -3.84 8.01
C GLY A 127 4.43 -2.37 8.26
N MET A 128 3.49 -1.49 7.94
CA MET A 128 3.62 -0.02 8.03
C MET A 128 4.94 0.46 7.37
N GLY A 129 5.40 1.66 7.75
CA GLY A 129 6.68 2.19 7.30
C GLY A 129 6.44 3.52 6.61
N HIS A 130 5.93 4.51 7.35
CA HIS A 130 5.79 5.85 6.81
C HIS A 130 7.14 6.57 6.88
N SER A 131 7.21 7.74 6.24
CA SER A 131 8.35 8.62 6.24
C SER A 131 7.86 10.03 5.90
N SER A 132 8.81 10.98 5.87
CA SER A 132 8.56 12.37 5.58
C SER A 132 9.76 12.88 4.78
N ASP A 133 9.80 12.55 3.48
CA ASP A 133 10.90 12.86 2.57
C ASP A 133 10.27 13.50 1.32
N PRO A 134 10.93 14.46 0.63
CA PRO A 134 10.30 15.21 -0.45
C PRO A 134 9.91 14.30 -1.63
N ASN A 135 10.64 13.18 -1.78
CA ASN A 135 10.46 12.20 -2.83
C ASN A 135 10.25 10.81 -2.21
N ALA A 136 9.69 10.73 -0.99
CA ALA A 136 9.32 9.45 -0.40
C ALA A 136 8.27 8.77 -1.28
N VAL A 137 8.51 7.51 -1.63
CA VAL A 137 7.57 6.66 -2.36
C VAL A 137 6.29 6.37 -1.53
N MET A 138 6.36 6.59 -0.22
CA MET A 138 5.27 6.50 0.72
C MET A 138 4.95 7.88 1.31
N TYR A 139 5.31 9.00 0.64
CA TYR A 139 5.08 10.33 1.17
C TYR A 139 3.57 10.57 1.38
N PRO A 140 3.10 10.92 2.58
CA PRO A 140 1.70 11.19 2.86
C PRO A 140 1.25 12.58 2.35
N THR A 141 1.58 12.90 1.09
CA THR A 141 1.25 14.15 0.41
C THR A 141 1.06 13.91 -1.10
N TYR A 142 1.96 13.15 -1.77
CA TYR A 142 1.97 12.90 -3.21
C TYR A 142 2.03 14.22 -4.04
N GLY A 143 3.24 14.67 -4.45
CA GLY A 143 3.35 15.92 -5.19
C GLY A 143 4.69 16.17 -5.88
N ASN A 144 5.74 16.50 -5.13
CA ASN A 144 7.09 16.71 -5.69
C ASN A 144 7.77 15.41 -6.06
N GLY A 145 7.54 14.36 -5.25
CA GLY A 145 8.00 13.03 -5.55
C GLY A 145 7.52 12.59 -6.93
N ASP A 146 8.30 11.70 -7.55
CA ASP A 146 8.06 11.20 -8.88
C ASP A 146 7.51 9.78 -8.75
N PRO A 147 6.21 9.57 -8.97
CA PRO A 147 5.57 8.27 -8.87
C PRO A 147 5.80 7.47 -10.15
N GLN A 148 7.06 7.26 -10.54
CA GLN A 148 7.42 6.44 -11.70
C GLN A 148 8.82 5.84 -11.53
N ASN A 149 9.80 6.67 -11.16
CA ASN A 149 11.18 6.28 -10.88
C ASN A 149 11.30 5.61 -9.50
N PHE A 150 10.45 4.62 -9.21
CA PHE A 150 10.36 3.90 -7.94
C PHE A 150 11.73 3.58 -7.35
N LYS A 151 12.31 2.47 -7.84
CA LYS A 151 13.61 1.90 -7.50
C LYS A 151 13.87 1.86 -5.97
N LEU A 152 12.80 1.89 -5.16
CA LEU A 152 12.75 2.04 -3.71
C LEU A 152 13.74 3.13 -3.23
N SER A 153 13.29 4.39 -3.13
CA SER A 153 14.13 5.58 -2.88
C SER A 153 14.99 5.49 -1.58
N GLN A 154 14.45 5.91 -0.43
CA GLN A 154 15.10 5.80 0.87
C GLN A 154 14.05 5.47 1.92
N ASP A 155 12.91 6.17 1.92
CA ASP A 155 11.74 5.84 2.72
C ASP A 155 11.41 4.34 2.66
N ASP A 156 11.32 3.78 1.45
CA ASP A 156 11.05 2.36 1.23
C ASP A 156 12.17 1.47 1.75
N ILE A 157 13.43 1.80 1.41
CA ILE A 157 14.62 1.01 1.80
C ILE A 157 14.74 1.01 3.32
N LYS A 158 14.60 2.18 3.94
CA LYS A 158 14.65 2.38 5.37
C LYS A 158 13.49 1.64 6.01
N GLY A 159 12.28 1.73 5.44
CA GLY A 159 11.12 0.98 5.88
C GLY A 159 11.42 -0.52 5.87
N ILE A 160 11.72 -1.09 4.71
CA ILE A 160 12.05 -2.51 4.55
C ILE A 160 13.19 -2.93 5.50
N GLN A 161 14.29 -2.17 5.57
CA GLN A 161 15.38 -2.49 6.48
C GLN A 161 14.96 -2.35 7.95
N LYS A 162 13.99 -1.49 8.29
CA LYS A 162 13.47 -1.36 9.66
C LYS A 162 12.39 -2.42 9.95
N LEU A 163 11.77 -3.00 8.92
CA LEU A 163 10.85 -4.12 9.05
C LEU A 163 11.61 -5.44 9.27
N TYR A 164 12.69 -5.72 8.50
CA TYR A 164 13.37 -7.03 8.50
C TYR A 164 14.89 -6.97 8.47
N GLY A 165 15.47 -5.87 7.99
CA GLY A 165 16.91 -5.69 7.87
C GLY A 165 17.55 -5.68 9.26
N LYS A 166 17.50 -4.50 9.91
CA LYS A 166 17.92 -4.30 11.30
C LYS A 166 17.23 -3.10 11.94
N ARG A 167 17.54 -1.85 11.54
CA ARG A 167 17.01 -0.62 12.11
C ARG A 167 17.45 0.60 11.28
N SER A 168 17.06 1.80 11.70
CA SER A 168 17.62 3.04 11.20
C SER A 168 17.74 4.05 12.34
N ASN A 169 18.93 4.65 12.46
CA ASN A 169 19.26 5.66 13.45
C ASN A 169 18.85 7.01 12.89
N SER A 170 17.62 7.45 13.19
CA SER A 170 17.12 8.78 12.85
C SER A 170 17.40 9.72 14.01
N ARG A 171 17.62 11.01 13.69
CA ARG A 171 17.74 12.09 14.68
C ARG A 171 16.94 13.29 14.17
N LYS A 172 16.52 14.14 15.11
CA LYS A 172 15.76 15.37 14.87
C LYS A 172 14.36 15.06 14.30
N LYS A 173 13.63 16.10 13.90
CA LYS A 173 12.34 16.07 13.23
CA TYR A 1 8.85 0.32 13.60
C TYR A 1 9.09 1.72 13.04
N SER A 2 8.47 2.08 11.91
CA SER A 2 8.64 3.41 11.32
C SER A 2 7.54 4.37 11.79
N LEU A 3 6.32 3.88 12.03
CA LEU A 3 5.20 4.68 12.50
C LEU A 3 4.23 3.73 13.23
N PHE A 4 4.43 3.51 14.55
CA PHE A 4 3.57 2.70 15.41
C PHE A 4 3.48 1.21 14.98
N PRO A 5 4.35 0.31 15.49
CA PRO A 5 4.29 -1.12 15.17
C PRO A 5 3.02 -1.78 15.73
N ASN A 6 2.78 -3.05 15.35
CA ASN A 6 1.70 -3.85 15.92
C ASN A 6 2.02 -5.35 15.82
N SER A 7 2.17 -5.86 14.60
CA SER A 7 2.55 -7.24 14.29
C SER A 7 3.04 -7.32 12.83
N PRO A 8 4.16 -6.63 12.49
CA PRO A 8 4.70 -6.66 11.14
C PRO A 8 5.14 -8.07 10.75
N LYS A 9 5.38 -8.27 9.44
CA LYS A 9 5.69 -9.57 8.83
C LYS A 9 4.45 -10.44 8.65
N TRP A 10 3.30 -10.09 9.23
CA TRP A 10 2.13 -10.96 9.32
C TRP A 10 2.40 -12.26 10.08
N THR A 11 3.46 -12.28 10.91
CA THR A 11 3.92 -13.44 11.68
C THR A 11 4.50 -14.57 10.79
N SER A 12 3.85 -14.89 9.66
CA SER A 12 4.27 -15.83 8.62
C SER A 12 5.36 -15.21 7.73
N LYS A 13 5.82 -15.95 6.70
CA LYS A 13 6.69 -15.44 5.63
C LYS A 13 5.90 -15.17 4.35
N VAL A 14 4.64 -15.61 4.30
CA VAL A 14 3.75 -15.39 3.17
C VAL A 14 2.47 -14.77 3.73
N VAL A 15 1.87 -13.91 2.91
CA VAL A 15 0.69 -13.12 3.24
C VAL A 15 -0.35 -13.42 2.16
N THR A 16 -1.62 -13.21 2.46
CA THR A 16 -2.69 -13.45 1.52
C THR A 16 -3.25 -12.10 1.07
N TYR A 17 -3.55 -11.92 -0.22
CA TYR A 17 -4.15 -10.69 -0.72
C TYR A 17 -5.40 -11.04 -1.50
N ARG A 18 -6.43 -10.19 -1.39
CA ARG A 18 -7.68 -10.37 -2.10
C ARG A 18 -8.31 -9.02 -2.37
N ILE A 19 -8.33 -8.64 -3.62
CA ILE A 19 -8.97 -7.41 -4.04
C ILE A 19 -10.49 -7.74 -4.13
N VAL A 20 -11.24 -7.43 -3.05
CA VAL A 20 -12.68 -7.72 -2.91
C VAL A 20 -13.54 -6.86 -3.85
N SER A 21 -13.15 -5.61 -4.03
CA SER A 21 -13.77 -4.61 -4.87
C SER A 21 -12.61 -4.05 -5.70
N TYR A 22 -12.91 -3.45 -6.86
CA TYR A 22 -11.94 -2.91 -7.80
C TYR A 22 -12.40 -1.52 -8.21
N THR A 23 -11.58 -0.83 -9.02
CA THR A 23 -11.94 0.44 -9.65
C THR A 23 -12.65 0.16 -10.98
N ARG A 24 -12.59 1.11 -11.92
CA ARG A 24 -13.13 0.97 -13.27
C ARG A 24 -12.18 1.41 -14.39
N ASP A 25 -11.25 2.37 -14.18
CA ASP A 25 -10.44 2.96 -15.25
C ASP A 25 -9.59 1.89 -15.94
N LEU A 26 -8.91 1.08 -15.12
CA LEU A 26 -8.10 -0.05 -15.54
C LEU A 26 -8.82 -1.36 -15.12
N PRO A 27 -8.51 -2.50 -15.77
CA PRO A 27 -9.12 -3.78 -15.42
C PRO A 27 -8.51 -4.39 -14.14
N HIS A 28 -9.27 -5.26 -13.47
CA HIS A 28 -8.87 -5.97 -12.27
C HIS A 28 -7.64 -6.87 -12.47
N ILE A 29 -7.51 -7.48 -13.65
CA ILE A 29 -6.32 -8.26 -14.01
C ILE A 29 -5.10 -7.34 -14.07
N THR A 30 -5.26 -6.10 -14.55
CA THR A 30 -4.19 -5.11 -14.53
C THR A 30 -3.92 -4.67 -13.09
N VAL A 31 -4.93 -4.50 -12.22
CA VAL A 31 -4.70 -4.26 -10.79
C VAL A 31 -3.79 -5.34 -10.23
N ASP A 32 -4.17 -6.62 -10.35
CA ASP A 32 -3.38 -7.73 -9.80
C ASP A 32 -2.00 -7.79 -10.43
N ARG A 33 -1.89 -7.59 -11.75
CA ARG A 33 -0.60 -7.66 -12.44
C ARG A 33 0.35 -6.55 -12.01
N LEU A 34 -0.17 -5.32 -11.93
CA LEU A 34 0.58 -4.16 -11.50
C LEU A 34 0.95 -4.30 -10.03
N VAL A 35 0.01 -4.79 -9.20
CA VAL A 35 0.31 -5.20 -7.83
C VAL A 35 1.42 -6.25 -7.85
N SER A 36 1.36 -7.31 -8.65
CA SER A 36 2.42 -8.32 -8.68
C SER A 36 3.77 -7.67 -8.98
N LYS A 37 3.85 -6.78 -9.97
CA LYS A 37 5.09 -6.07 -10.30
C LYS A 37 5.52 -5.10 -9.19
N ALA A 38 4.58 -4.46 -8.49
CA ALA A 38 4.85 -3.57 -7.35
C ALA A 38 5.34 -4.34 -6.12
N LEU A 39 4.64 -5.42 -5.79
CA LEU A 39 4.95 -6.29 -4.67
C LEU A 39 6.23 -7.04 -4.94
N ASN A 40 6.54 -7.34 -6.22
CA ASN A 40 7.84 -7.84 -6.60
C ASN A 40 8.93 -6.83 -6.24
N MET A 41 8.71 -5.52 -6.39
CA MET A 41 9.69 -4.52 -5.97
C MET A 41 9.86 -4.48 -4.44
N TRP A 42 8.80 -4.71 -3.67
CA TRP A 42 8.91 -4.89 -2.22
C TRP A 42 9.69 -6.18 -1.89
N GLY A 43 9.23 -7.31 -2.43
CA GLY A 43 9.85 -8.62 -2.25
C GLY A 43 11.21 -8.76 -2.94
N LYS A 44 11.66 -7.75 -3.69
CA LYS A 44 13.00 -7.71 -4.27
C LYS A 44 14.05 -7.56 -3.18
N GLU A 45 13.68 -6.95 -2.03
CA GLU A 45 14.58 -6.67 -0.93
C GLU A 45 14.28 -7.55 0.30
N ILE A 46 13.11 -8.21 0.37
CA ILE A 46 12.73 -9.07 1.49
C ILE A 46 12.22 -10.41 0.94
N PRO A 47 12.54 -11.55 1.58
CA PRO A 47 12.08 -12.87 1.12
C PRO A 47 10.59 -13.10 1.39
N LEU A 48 9.86 -12.07 1.82
CA LEU A 48 8.44 -12.12 2.11
C LEU A 48 7.67 -12.25 0.80
N HIS A 49 6.69 -13.15 0.78
CA HIS A 49 5.94 -13.50 -0.42
C HIS A 49 4.44 -13.33 -0.16
N PHE A 50 3.62 -13.62 -1.17
CA PHE A 50 2.20 -13.33 -1.16
C PHE A 50 1.44 -14.46 -1.87
N ARG A 51 0.16 -14.63 -1.55
CA ARG A 51 -0.74 -15.62 -2.14
C ARG A 51 -2.10 -15.00 -2.43
N LYS A 52 -2.82 -15.56 -3.40
CA LYS A 52 -4.12 -15.08 -3.82
C LYS A 52 -5.15 -16.15 -3.48
N VAL A 53 -5.99 -15.86 -2.50
CA VAL A 53 -7.06 -16.76 -2.09
C VAL A 53 -8.20 -16.69 -3.12
N VAL A 54 -9.07 -17.72 -3.12
CA VAL A 54 -10.22 -17.76 -4.01
C VAL A 54 -11.16 -16.58 -3.73
N TRP A 55 -11.57 -16.42 -2.46
CA TRP A 55 -12.58 -15.47 -1.96
C TRP A 55 -13.02 -15.81 -0.52
N GLY A 56 -12.10 -15.85 0.45
CA GLY A 56 -12.41 -16.32 1.80
C GLY A 56 -11.80 -15.47 2.90
N THR A 57 -11.78 -14.14 2.69
CA THR A 57 -11.05 -13.14 3.49
C THR A 57 -9.53 -13.36 3.36
N ALA A 58 -8.77 -12.26 3.32
CA ALA A 58 -7.33 -12.29 3.16
C ALA A 58 -6.71 -11.28 4.10
N ASP A 59 -5.40 -11.39 4.23
CA ASP A 59 -4.59 -10.51 5.07
C ASP A 59 -4.64 -9.10 4.47
N ILE A 60 -4.48 -8.96 3.15
CA ILE A 60 -4.47 -7.71 2.41
C ILE A 60 -5.74 -7.69 1.52
N MET A 61 -6.86 -7.31 2.11
CA MET A 61 -8.08 -7.00 1.38
C MET A 61 -7.93 -5.60 0.78
N ILE A 62 -7.98 -5.50 -0.54
CA ILE A 62 -8.00 -4.22 -1.24
C ILE A 62 -9.44 -4.03 -1.71
N GLY A 63 -10.04 -2.86 -1.44
CA GLY A 63 -11.39 -2.56 -1.91
C GLY A 63 -11.56 -1.09 -2.23
N PHE A 64 -12.59 -0.76 -2.99
CA PHE A 64 -12.83 0.61 -3.46
C PHE A 64 -14.30 0.91 -3.19
N ALA A 65 -14.54 2.17 -2.82
CA ALA A 65 -15.84 2.70 -2.44
C ALA A 65 -15.97 4.13 -2.96
N ARG A 66 -17.10 4.78 -2.71
CA ARG A 66 -17.43 6.08 -3.29
C ARG A 66 -18.14 6.94 -2.25
N GLY A 67 -17.47 7.15 -1.10
CA GLY A 67 -17.91 8.06 -0.04
C GLY A 67 -18.01 7.35 1.31
N ALA A 68 -18.82 6.30 1.40
CA ALA A 68 -18.97 5.50 2.61
C ALA A 68 -18.79 4.02 2.27
N HIS A 69 -18.39 3.24 3.27
CA HIS A 69 -18.12 1.81 3.14
C HIS A 69 -18.24 1.16 4.50
N GLY A 70 -18.68 -0.10 4.51
CA GLY A 70 -18.83 -0.93 5.70
C GLY A 70 -17.45 -1.42 6.13
N ASP A 71 -16.69 -0.51 6.72
CA ASP A 71 -15.32 -0.70 7.16
C ASP A 71 -15.24 -0.27 8.63
N SER A 72 -14.89 0.99 8.87
CA SER A 72 -14.74 1.56 10.21
C SER A 72 -14.85 3.08 10.13
N TYR A 73 -14.31 3.71 9.08
CA TYR A 73 -14.30 5.15 8.94
C TYR A 73 -14.91 5.52 7.59
N PRO A 74 -15.88 6.48 7.55
CA PRO A 74 -16.36 6.99 6.29
C PRO A 74 -15.23 7.76 5.61
N PHE A 75 -15.12 7.52 4.32
CA PHE A 75 -14.24 8.24 3.42
C PHE A 75 -14.75 9.68 3.25
N ASP A 76 -14.33 10.29 2.15
CA ASP A 76 -14.44 11.68 1.76
C ASP A 76 -14.84 11.76 0.27
N GLY A 77 -14.60 10.70 -0.53
CA GLY A 77 -14.97 10.67 -1.93
C GLY A 77 -14.00 11.51 -2.76
N PRO A 78 -14.47 12.27 -3.77
CA PRO A 78 -13.62 12.97 -4.71
C PRO A 78 -12.95 14.19 -4.06
N GLY A 79 -11.71 13.99 -3.58
CA GLY A 79 -10.92 15.04 -2.93
C GLY A 79 -10.14 14.47 -1.75
N ASN A 80 -9.42 15.32 -1.01
CA ASN A 80 -8.72 14.99 0.25
C ASN A 80 -7.89 13.68 0.17
N THR A 81 -7.94 12.79 1.18
CA THR A 81 -7.24 11.49 1.26
C THR A 81 -7.69 10.55 0.13
N LEU A 82 -6.79 10.01 -0.70
CA LEU A 82 -7.18 9.16 -1.84
C LEU A 82 -7.46 7.70 -1.45
N ALA A 83 -6.80 7.18 -0.41
CA ALA A 83 -6.92 5.80 0.04
C ALA A 83 -6.40 5.69 1.46
N HIS A 84 -6.67 4.57 2.15
CA HIS A 84 -6.08 4.29 3.44
C HIS A 84 -5.80 2.80 3.57
N ALA A 85 -4.97 2.43 4.55
CA ALA A 85 -4.58 1.07 4.85
C ALA A 85 -4.30 0.94 6.33
N PHE A 86 -4.43 -0.28 6.85
CA PHE A 86 -4.26 -0.58 8.27
C PHE A 86 -2.96 -1.37 8.48
N ALA A 87 -2.48 -1.43 9.73
CA ALA A 87 -1.30 -2.21 10.08
C ALA A 87 -1.65 -3.70 10.15
N PRO A 88 -0.69 -4.63 9.94
CA PRO A 88 -0.96 -6.06 9.96
C PRO A 88 -1.34 -6.56 11.35
N GLY A 89 -2.07 -7.68 11.38
CA GLY A 89 -2.59 -8.29 12.59
C GLY A 89 -3.32 -9.57 12.20
N THR A 90 -4.62 -9.62 12.47
CA THR A 90 -5.52 -10.72 12.18
C THR A 90 -6.89 -10.06 12.01
N GLY A 91 -7.39 -9.96 10.78
CA GLY A 91 -8.70 -9.38 10.47
C GLY A 91 -8.52 -8.11 9.66
N LEU A 92 -9.21 -7.02 10.04
CA LEU A 92 -9.15 -5.70 9.38
C LEU A 92 -7.71 -5.21 9.16
N GLY A 93 -6.78 -5.57 10.04
CA GLY A 93 -5.37 -5.23 9.85
C GLY A 93 -4.91 -5.52 8.42
N GLY A 94 -4.02 -4.67 7.90
CA GLY A 94 -3.45 -4.70 6.56
C GLY A 94 -4.38 -4.37 5.42
N ASP A 95 -5.69 -4.43 5.63
CA ASP A 95 -6.68 -4.17 4.61
C ASP A 95 -6.61 -2.69 4.25
N ALA A 96 -7.04 -2.37 3.03
CA ALA A 96 -6.90 -1.05 2.48
C ALA A 96 -8.10 -0.75 1.62
N HIS A 97 -8.53 0.51 1.67
CA HIS A 97 -9.65 0.99 0.89
C HIS A 97 -9.24 2.23 0.13
N PHE A 98 -9.98 2.54 -0.93
CA PHE A 98 -9.67 3.57 -1.92
C PHE A 98 -10.99 4.21 -2.37
N ASP A 99 -10.94 5.46 -2.84
CA ASP A 99 -12.10 6.14 -3.40
C ASP A 99 -12.20 5.88 -4.92
N GLU A 100 -13.03 4.93 -5.35
CA GLU A 100 -13.33 4.69 -6.77
C GLU A 100 -13.84 5.96 -7.49
N ASP A 101 -14.48 6.86 -6.73
CA ASP A 101 -15.01 8.14 -7.19
C ASP A 101 -13.91 8.97 -7.89
N GLU A 102 -12.69 8.90 -7.34
CA GLU A 102 -11.52 9.58 -7.84
C GLU A 102 -10.98 8.85 -9.09
N ARG A 103 -10.33 9.55 -10.01
CA ARG A 103 -9.84 8.92 -11.23
C ARG A 103 -8.54 8.19 -10.95
N TRP A 104 -8.48 6.90 -11.27
CA TRP A 104 -7.27 6.09 -11.13
C TRP A 104 -6.70 5.81 -12.52
N THR A 105 -5.46 5.32 -12.61
CA THR A 105 -4.82 4.92 -13.86
C THR A 105 -3.67 3.95 -13.56
N ASP A 106 -3.18 3.24 -14.59
CA ASP A 106 -1.97 2.43 -14.50
C ASP A 106 -0.75 3.32 -14.26
N GLY A 107 -0.62 4.39 -15.05
CA GLY A 107 0.49 5.33 -14.98
C GLY A 107 0.63 6.18 -16.24
N SER A 108 -0.47 6.64 -16.85
CA SER A 108 -0.46 7.43 -18.08
C SER A 108 -0.07 8.92 -17.87
N SER A 109 0.82 9.21 -16.91
CA SER A 109 1.26 10.56 -16.52
C SER A 109 0.10 11.50 -16.19
N LEU A 110 -0.97 10.97 -15.59
CA LEU A 110 -2.22 11.66 -15.30
C LEU A 110 -2.98 10.89 -14.22
N GLY A 111 -4.21 11.32 -13.89
CA GLY A 111 -5.09 10.65 -12.95
C GLY A 111 -4.41 10.39 -11.60
N ILE A 112 -4.73 9.26 -10.98
CA ILE A 112 -4.10 8.79 -9.75
C ILE A 112 -3.49 7.43 -10.05
N ASN A 113 -2.17 7.38 -10.02
CA ASN A 113 -1.38 6.19 -10.29
C ASN A 113 -1.72 5.07 -9.29
N PHE A 114 -2.37 4.02 -9.79
CA PHE A 114 -2.72 2.83 -9.03
C PHE A 114 -1.48 2.10 -8.54
N LEU A 115 -0.47 1.96 -9.41
CA LEU A 115 0.79 1.29 -9.10
C LEU A 115 1.35 1.91 -7.81
N TYR A 116 1.51 3.24 -7.78
CA TYR A 116 2.05 3.94 -6.62
C TYR A 116 1.13 3.81 -5.43
N ALA A 117 -0.20 3.96 -5.64
CA ALA A 117 -1.20 3.83 -4.59
C ALA A 117 -1.08 2.48 -3.89
N ALA A 118 -1.04 1.40 -4.68
CA ALA A 118 -0.90 0.07 -4.17
C ALA A 118 0.40 -0.05 -3.38
N THR A 119 1.55 0.26 -3.98
CA THR A 119 2.86 0.18 -3.31
C THR A 119 2.86 0.96 -2.00
N HIS A 120 2.21 2.12 -1.99
CA HIS A 120 2.07 2.94 -0.81
C HIS A 120 1.26 2.19 0.25
N GLU A 121 0.02 1.81 -0.06
CA GLU A 121 -0.89 1.20 0.91
C GLU A 121 -0.35 -0.16 1.38
N LEU A 122 0.08 -1.01 0.44
CA LEU A 122 0.66 -2.31 0.72
C LEU A 122 1.95 -2.21 1.52
N GLY A 123 2.71 -1.14 1.35
CA GLY A 123 3.85 -0.87 2.20
C GLY A 123 3.45 -0.84 3.67
N HIS A 124 2.32 -0.21 3.98
CA HIS A 124 1.77 -0.23 5.32
C HIS A 124 1.20 -1.60 5.67
N SER A 125 0.57 -2.31 4.72
CA SER A 125 0.11 -3.67 4.98
C SER A 125 1.23 -4.59 5.45
N LEU A 126 2.46 -4.45 4.93
CA LEU A 126 3.59 -5.25 5.39
C LEU A 126 3.99 -4.95 6.85
N GLY A 127 3.59 -3.77 7.36
CA GLY A 127 3.86 -3.35 8.71
C GLY A 127 3.63 -1.85 8.87
N MET A 128 4.30 -1.07 8.02
CA MET A 128 4.37 0.39 8.03
C MET A 128 5.41 0.82 6.98
N GLY A 129 5.56 2.13 6.79
CA GLY A 129 6.48 2.72 5.84
C GLY A 129 6.01 4.14 5.59
N HIS A 130 6.16 5.04 6.56
CA HIS A 130 5.76 6.43 6.45
C HIS A 130 6.93 7.32 6.86
N SER A 131 6.85 8.59 6.47
CA SER A 131 7.88 9.60 6.69
C SER A 131 7.21 10.99 6.60
N SER A 132 8.04 12.02 6.40
CA SER A 132 7.65 13.42 6.29
C SER A 132 8.69 14.17 5.43
N ASP A 133 8.89 13.73 4.18
CA ASP A 133 9.79 14.37 3.22
C ASP A 133 9.17 14.29 1.82
N PRO A 134 9.16 15.36 1.00
CA PRO A 134 8.50 15.43 -0.32
C PRO A 134 9.20 14.62 -1.43
N ASN A 135 9.63 13.41 -1.07
CA ASN A 135 10.42 12.46 -1.86
C ASN A 135 10.18 11.02 -1.43
N ALA A 136 9.81 10.81 -0.16
CA ALA A 136 9.50 9.50 0.38
C ALA A 136 8.49 8.81 -0.56
N VAL A 137 8.74 7.55 -0.89
CA VAL A 137 7.84 6.78 -1.76
C VAL A 137 6.45 6.65 -1.12
N MET A 138 6.36 6.73 0.22
CA MET A 138 5.12 6.82 0.96
C MET A 138 4.93 8.22 1.58
N TYR A 139 5.48 9.28 0.96
CA TYR A 139 5.19 10.66 1.34
C TYR A 139 3.67 10.88 1.40
N PRO A 140 3.13 11.44 2.51
CA PRO A 140 1.74 11.90 2.58
C PRO A 140 1.55 13.17 1.73
N THR A 141 0.30 13.58 1.48
CA THR A 141 0.00 14.78 0.67
C THR A 141 0.51 14.59 -0.77
N TYR A 142 -0.14 13.71 -1.53
CA TYR A 142 0.17 13.37 -2.94
C TYR A 142 0.49 14.63 -3.76
N GLY A 143 1.67 14.66 -4.39
CA GLY A 143 2.17 15.85 -5.04
C GLY A 143 3.55 15.57 -5.63
N ASN A 144 4.60 16.19 -5.07
CA ASN A 144 5.98 16.06 -5.54
C ASN A 144 6.44 14.61 -5.74
N GLY A 145 6.05 13.71 -4.82
CA GLY A 145 6.39 12.29 -4.79
C GLY A 145 6.02 11.59 -6.11
N ASP A 146 6.95 11.58 -7.08
CA ASP A 146 6.69 11.16 -8.46
C ASP A 146 6.15 9.73 -8.49
N PRO A 147 4.85 9.55 -8.79
CA PRO A 147 4.23 8.25 -8.67
C PRO A 147 4.69 7.28 -9.76
N GLN A 148 5.13 7.81 -10.90
CA GLN A 148 5.59 7.03 -12.03
C GLN A 148 7.07 6.61 -11.85
N ASN A 149 7.72 6.97 -10.72
CA ASN A 149 9.14 6.74 -10.44
C ASN A 149 9.26 6.10 -9.06
N PHE A 150 8.94 4.80 -8.97
CA PHE A 150 8.92 4.03 -7.72
C PHE A 150 10.21 4.12 -6.93
N LYS A 151 11.27 3.58 -7.54
CA LYS A 151 12.68 3.58 -7.13
C LYS A 151 12.85 3.81 -5.63
N LEU A 152 12.61 2.73 -4.85
CA LEU A 152 12.63 2.67 -3.39
C LEU A 152 13.77 3.54 -2.84
N SER A 153 13.45 4.78 -2.43
CA SER A 153 14.45 5.85 -2.23
C SER A 153 15.29 5.64 -0.97
N GLN A 154 14.80 6.14 0.17
CA GLN A 154 15.32 5.86 1.50
C GLN A 154 14.17 5.63 2.47
N ASP A 155 12.96 6.21 2.28
CA ASP A 155 11.78 5.90 3.09
C ASP A 155 11.45 4.40 3.05
N ASP A 156 11.30 3.86 1.84
CA ASP A 156 10.98 2.44 1.65
C ASP A 156 12.10 1.59 2.21
N ILE A 157 13.33 1.88 1.75
CA ILE A 157 14.52 1.12 2.08
C ILE A 157 14.72 1.15 3.59
N LYS A 158 14.51 2.28 4.25
CA LYS A 158 14.64 2.41 5.69
C LYS A 158 13.60 1.57 6.40
N GLY A 159 12.34 1.57 5.93
CA GLY A 159 11.34 0.64 6.46
C GLY A 159 11.83 -0.78 6.25
N ILE A 160 12.03 -1.20 5.00
CA ILE A 160 12.40 -2.56 4.62
C ILE A 160 13.64 -3.07 5.35
N GLN A 161 14.71 -2.25 5.42
CA GLN A 161 15.94 -2.62 6.10
C GLN A 161 15.74 -2.66 7.62
N LYS A 162 14.85 -1.82 8.17
CA LYS A 162 14.49 -1.89 9.58
C LYS A 162 13.62 -3.12 9.87
N LEU A 163 12.83 -3.57 8.88
CA LEU A 163 12.03 -4.79 9.02
C LEU A 163 12.94 -6.01 9.06
N TYR A 164 13.71 -6.27 7.98
CA TYR A 164 14.48 -7.52 7.87
C TYR A 164 15.84 -7.30 7.18
N GLY A 165 16.39 -6.09 7.20
CA GLY A 165 17.69 -5.77 6.61
C GLY A 165 18.86 -6.11 7.53
N LYS A 166 19.97 -5.38 7.32
CA LYS A 166 21.28 -5.62 7.94
C LYS A 166 21.78 -4.43 8.76
N ARG A 167 21.66 -3.20 8.25
CA ARG A 167 22.03 -2.00 9.01
C ARG A 167 20.97 -1.75 10.08
N SER A 168 21.39 -1.68 11.34
CA SER A 168 20.53 -1.48 12.51
C SER A 168 21.03 -0.28 13.31
N ASN A 169 20.76 0.93 12.77
CA ASN A 169 21.11 2.21 13.37
C ASN A 169 20.37 3.31 12.60
N SER A 170 19.24 3.82 13.12
CA SER A 170 18.56 4.95 12.50
C SER A 170 17.53 5.49 13.50
N ARG A 171 17.77 6.69 14.04
CA ARG A 171 16.87 7.33 14.99
C ARG A 171 16.51 8.69 14.41
N LYS A 172 15.23 8.82 14.08
CA LYS A 172 14.66 10.04 13.53
C LYS A 172 13.26 10.24 14.13
N LYS A 173 12.60 11.31 13.71
CA LYS A 173 11.28 11.71 14.15
CA TYR A 1 5.11 1.60 12.61
C TYR A 1 5.18 3.14 12.77
N SER A 2 4.14 3.92 12.39
CA SER A 2 4.22 5.38 12.53
C SER A 2 4.16 5.83 14.00
N LEU A 3 3.04 5.57 14.69
CA LEU A 3 2.78 5.92 16.08
C LEU A 3 1.40 5.32 16.43
N PHE A 4 1.35 3.99 16.56
CA PHE A 4 0.16 3.17 16.89
C PHE A 4 0.43 1.69 16.59
N PRO A 5 0.88 1.30 15.37
CA PRO A 5 0.97 -0.11 15.00
C PRO A 5 2.32 -0.72 15.36
N ASN A 6 2.32 -2.04 15.65
CA ASN A 6 3.46 -2.74 16.21
C ASN A 6 3.47 -4.21 15.76
N SER A 7 3.88 -4.46 14.52
CA SER A 7 3.94 -5.80 13.94
C SER A 7 4.97 -5.79 12.80
N PRO A 8 6.27 -5.96 13.08
CA PRO A 8 7.32 -5.99 12.07
C PRO A 8 7.30 -7.35 11.36
N LYS A 9 6.43 -7.43 10.34
CA LYS A 9 6.11 -8.59 9.51
C LYS A 9 5.02 -9.42 10.21
N TRP A 10 4.23 -10.10 9.40
CA TRP A 10 3.18 -10.99 9.85
C TRP A 10 3.79 -12.19 10.59
N THR A 11 2.96 -13.01 11.24
CA THR A 11 3.48 -14.21 11.89
C THR A 11 4.12 -15.18 10.87
N SER A 12 3.63 -15.19 9.61
CA SER A 12 4.17 -16.00 8.52
C SER A 12 5.13 -15.20 7.62
N LYS A 13 6.02 -15.91 6.93
CA LYS A 13 6.88 -15.40 5.85
C LYS A 13 6.12 -15.17 4.54
N VAL A 14 4.84 -15.55 4.47
CA VAL A 14 3.97 -15.29 3.33
C VAL A 14 2.71 -14.63 3.82
N VAL A 15 2.09 -13.82 2.95
CA VAL A 15 0.89 -13.05 3.27
C VAL A 15 -0.15 -13.34 2.20
N THR A 16 -1.43 -13.26 2.56
CA THR A 16 -2.50 -13.51 1.63
C THR A 16 -3.14 -12.17 1.24
N TYR A 17 -3.43 -11.95 -0.04
CA TYR A 17 -4.15 -10.78 -0.52
C TYR A 17 -5.46 -11.19 -1.20
N ARG A 18 -6.36 -10.23 -1.36
CA ARG A 18 -7.56 -10.37 -2.17
C ARG A 18 -7.98 -8.99 -2.64
N ILE A 19 -8.79 -8.94 -3.70
CA ILE A 19 -9.33 -7.72 -4.26
C ILE A 19 -10.84 -7.93 -4.22
N VAL A 20 -11.50 -7.46 -3.15
CA VAL A 20 -12.93 -7.73 -2.90
C VAL A 20 -13.82 -6.94 -3.86
N SER A 21 -13.34 -5.76 -4.26
CA SER A 21 -14.04 -4.77 -5.04
C SER A 21 -12.98 -4.18 -5.97
N TYR A 22 -13.41 -3.79 -7.18
CA TYR A 22 -12.54 -3.47 -8.29
C TYR A 22 -12.97 -2.14 -8.91
N THR A 23 -12.03 -1.53 -9.64
CA THR A 23 -12.19 -0.24 -10.29
C THR A 23 -12.71 -0.45 -11.71
N ARG A 24 -12.82 0.66 -12.46
CA ARG A 24 -13.39 0.69 -13.80
C ARG A 24 -12.54 1.44 -14.82
N ASP A 25 -11.72 2.39 -14.38
CA ASP A 25 -10.85 3.18 -15.25
C ASP A 25 -9.88 2.25 -16.03
N LEU A 26 -9.35 1.24 -15.31
CA LEU A 26 -8.41 0.20 -15.74
C LEU A 26 -8.91 -1.19 -15.31
N PRO A 27 -8.55 -2.28 -16.02
CA PRO A 27 -9.10 -3.61 -15.79
C PRO A 27 -8.51 -4.34 -14.57
N HIS A 28 -9.25 -5.36 -14.11
CA HIS A 28 -8.95 -6.15 -12.92
C HIS A 28 -7.66 -6.95 -13.07
N ILE A 29 -7.40 -7.49 -14.27
CA ILE A 29 -6.16 -8.19 -14.59
C ILE A 29 -4.97 -7.22 -14.56
N THR A 30 -5.16 -5.97 -14.99
CA THR A 30 -4.15 -4.93 -14.88
C THR A 30 -3.92 -4.63 -13.40
N VAL A 31 -4.97 -4.44 -12.58
CA VAL A 31 -4.79 -4.29 -11.13
C VAL A 31 -3.97 -5.45 -10.59
N ASP A 32 -4.34 -6.70 -10.87
CA ASP A 32 -3.71 -7.90 -10.31
C ASP A 32 -2.24 -8.01 -10.77
N ARG A 33 -1.94 -7.72 -12.06
CA ARG A 33 -0.56 -7.64 -12.58
C ARG A 33 0.24 -6.52 -11.93
N LEU A 34 -0.35 -5.33 -11.83
CA LEU A 34 0.30 -4.17 -11.24
C LEU A 34 0.56 -4.45 -9.75
N VAL A 35 -0.40 -4.99 -9.01
CA VAL A 35 -0.22 -5.45 -7.63
C VAL A 35 0.93 -6.45 -7.58
N SER A 36 0.97 -7.44 -8.49
CA SER A 36 2.06 -8.42 -8.49
C SER A 36 3.40 -7.75 -8.76
N LYS A 37 3.52 -6.85 -9.75
CA LYS A 37 4.74 -6.10 -10.07
C LYS A 37 5.15 -5.16 -8.92
N ALA A 38 4.21 -4.45 -8.30
CA ALA A 38 4.43 -3.59 -7.13
C ALA A 38 4.92 -4.39 -5.94
N LEU A 39 4.23 -5.49 -5.63
CA LEU A 39 4.63 -6.40 -4.56
C LEU A 39 5.96 -7.05 -4.90
N ASN A 40 6.25 -7.34 -6.17
CA ASN A 40 7.56 -7.82 -6.61
C ASN A 40 8.64 -6.82 -6.25
N MET A 41 8.40 -5.51 -6.41
CA MET A 41 9.37 -4.51 -5.99
C MET A 41 9.59 -4.53 -4.47
N TRP A 42 8.54 -4.74 -3.66
CA TRP A 42 8.69 -4.95 -2.21
C TRP A 42 9.46 -6.24 -1.91
N GLY A 43 9.06 -7.36 -2.52
CA GLY A 43 9.66 -8.68 -2.35
C GLY A 43 11.05 -8.79 -2.98
N LYS A 44 11.50 -7.81 -3.77
CA LYS A 44 12.88 -7.75 -4.23
C LYS A 44 13.84 -7.42 -3.08
N GLU A 45 13.32 -6.79 -2.01
CA GLU A 45 14.11 -6.26 -0.90
C GLU A 45 13.96 -7.12 0.36
N ILE A 46 12.97 -8.04 0.43
CA ILE A 46 12.81 -9.01 1.53
C ILE A 46 12.40 -10.38 1.00
N PRO A 47 12.78 -11.50 1.68
CA PRO A 47 12.38 -12.85 1.28
C PRO A 47 10.90 -13.15 1.58
N LEU A 48 10.11 -12.13 1.94
CA LEU A 48 8.70 -12.21 2.27
C LEU A 48 7.91 -12.21 0.96
N HIS A 49 6.95 -13.12 0.84
CA HIS A 49 6.20 -13.34 -0.40
C HIS A 49 4.69 -13.19 -0.13
N PHE A 50 3.88 -13.18 -1.20
CA PHE A 50 2.46 -12.88 -1.11
C PHE A 50 1.71 -13.73 -2.12
N ARG A 51 0.49 -14.14 -1.79
CA ARG A 51 -0.35 -15.03 -2.60
C ARG A 51 -1.81 -14.60 -2.46
N LYS A 52 -2.68 -15.10 -3.34
CA LYS A 52 -4.09 -14.75 -3.32
C LYS A 52 -4.89 -15.92 -2.76
N VAL A 53 -5.94 -15.62 -1.99
CA VAL A 53 -6.82 -16.64 -1.40
C VAL A 53 -7.74 -17.25 -2.47
N VAL A 54 -8.22 -18.47 -2.22
CA VAL A 54 -9.07 -19.22 -3.14
C VAL A 54 -10.43 -18.54 -3.37
N TRP A 55 -11.04 -18.06 -2.28
CA TRP A 55 -12.30 -17.33 -2.18
C TRP A 55 -12.44 -16.99 -0.68
N GLY A 56 -13.04 -15.85 -0.34
CA GLY A 56 -13.33 -15.49 1.04
C GLY A 56 -12.70 -14.14 1.42
N THR A 57 -11.78 -14.17 2.37
CA THR A 57 -11.09 -13.02 2.96
C THR A 57 -9.58 -13.32 3.02
N ALA A 58 -8.75 -12.31 3.21
CA ALA A 58 -7.29 -12.42 3.18
C ALA A 58 -6.66 -11.43 4.16
N ASP A 59 -5.36 -11.59 4.41
CA ASP A 59 -4.58 -10.69 5.27
C ASP A 59 -4.57 -9.27 4.66
N ILE A 60 -4.58 -9.14 3.32
CA ILE A 60 -4.53 -7.88 2.56
C ILE A 60 -5.77 -7.85 1.63
N MET A 61 -6.94 -7.54 2.19
CA MET A 61 -8.16 -7.19 1.48
C MET A 61 -8.01 -5.79 0.91
N ILE A 62 -7.92 -5.71 -0.42
CA ILE A 62 -7.94 -4.48 -1.19
C ILE A 62 -9.38 -4.35 -1.67
N GLY A 63 -10.03 -3.21 -1.45
CA GLY A 63 -11.42 -3.01 -1.89
C GLY A 63 -11.72 -1.54 -2.02
N PHE A 64 -12.60 -1.16 -2.94
CA PHE A 64 -12.82 0.25 -3.23
C PHE A 64 -14.24 0.63 -2.79
N ALA A 65 -14.49 1.93 -2.75
CA ALA A 65 -15.75 2.52 -2.32
C ALA A 65 -16.01 3.75 -3.17
N ARG A 66 -17.27 4.18 -3.33
CA ARG A 66 -17.56 5.47 -3.94
C ARG A 66 -17.97 6.41 -2.84
N GLY A 67 -17.13 7.39 -2.53
CA GLY A 67 -17.44 8.47 -1.61
C GLY A 67 -17.38 8.06 -0.14
N ALA A 68 -17.99 6.92 0.25
CA ALA A 68 -18.00 6.42 1.64
C ALA A 68 -18.24 4.90 1.68
N HIS A 69 -17.96 4.27 2.84
CA HIS A 69 -18.10 2.83 3.05
C HIS A 69 -18.21 2.48 4.54
N GLY A 70 -18.69 1.26 4.80
CA GLY A 70 -19.00 0.73 6.12
C GLY A 70 -17.83 0.00 6.75
N ASP A 71 -16.69 0.70 6.92
CA ASP A 71 -15.49 0.15 7.54
C ASP A 71 -15.13 0.90 8.85
N SER A 72 -15.04 2.24 8.77
CA SER A 72 -14.47 3.12 9.79
C SER A 72 -14.42 4.57 9.28
N TYR A 73 -14.11 4.79 7.99
CA TYR A 73 -13.84 6.11 7.44
C TYR A 73 -14.79 6.39 6.28
N PRO A 74 -15.72 7.37 6.40
CA PRO A 74 -16.65 7.72 5.34
C PRO A 74 -15.98 8.52 4.20
N PHE A 75 -14.67 8.33 3.96
CA PHE A 75 -13.87 9.00 2.94
C PHE A 75 -14.20 10.51 2.88
N ASP A 76 -14.33 11.05 1.67
CA ASP A 76 -14.31 12.47 1.33
C ASP A 76 -14.93 12.64 -0.07
N GLY A 77 -14.60 11.72 -1.01
CA GLY A 77 -14.93 11.84 -2.41
C GLY A 77 -13.78 12.50 -3.16
N PRO A 78 -14.05 13.17 -4.30
CA PRO A 78 -13.04 13.63 -5.24
C PRO A 78 -12.12 14.73 -4.67
N GLY A 79 -10.90 14.35 -4.26
CA GLY A 79 -9.89 15.25 -3.74
C GLY A 79 -9.35 14.72 -2.41
N ASN A 80 -8.43 15.44 -1.76
CA ASN A 80 -7.84 15.05 -0.47
C ASN A 80 -7.37 13.59 -0.44
N THR A 81 -7.49 12.88 0.69
CA THR A 81 -7.15 11.49 0.92
C THR A 81 -7.66 10.57 -0.19
N LEU A 82 -6.77 10.00 -1.01
CA LEU A 82 -7.12 9.16 -2.14
C LEU A 82 -7.38 7.69 -1.74
N ALA A 83 -6.63 7.18 -0.76
CA ALA A 83 -6.76 5.82 -0.25
C ALA A 83 -6.25 5.76 1.19
N HIS A 84 -6.52 4.66 1.91
CA HIS A 84 -5.95 4.43 3.22
C HIS A 84 -5.81 2.93 3.47
N ALA A 85 -4.82 2.57 4.28
CA ALA A 85 -4.51 1.19 4.62
C ALA A 85 -4.20 1.09 6.11
N PHE A 86 -4.25 -0.14 6.63
CA PHE A 86 -4.04 -0.42 8.03
C PHE A 86 -2.79 -1.30 8.14
N ALA A 87 -1.97 -1.05 9.17
CA ALA A 87 -0.82 -1.87 9.49
C ALA A 87 -1.19 -3.36 9.71
N PRO A 88 -0.23 -4.30 9.62
CA PRO A 88 -0.53 -5.72 9.77
C PRO A 88 -0.93 -6.05 11.20
N GLY A 89 -1.73 -7.11 11.35
CA GLY A 89 -2.17 -7.58 12.65
C GLY A 89 -2.64 -9.02 12.56
N THR A 90 -3.86 -9.23 12.05
CA THR A 90 -4.51 -10.54 11.92
C THR A 90 -5.82 -10.39 11.12
N GLY A 91 -6.67 -9.43 11.50
CA GLY A 91 -8.03 -9.29 10.98
C GLY A 91 -8.09 -8.14 9.99
N LEU A 92 -8.62 -6.98 10.42
CA LEU A 92 -8.67 -5.74 9.61
C LEU A 92 -7.26 -5.25 9.25
N GLY A 93 -6.25 -5.55 10.06
CA GLY A 93 -4.87 -5.19 9.76
C GLY A 93 -4.47 -5.66 8.36
N GLY A 94 -3.60 -4.89 7.69
CA GLY A 94 -3.13 -5.08 6.33
C GLY A 94 -4.11 -4.64 5.24
N ASP A 95 -5.41 -4.53 5.55
CA ASP A 95 -6.42 -4.27 4.54
C ASP A 95 -6.34 -2.79 4.13
N ALA A 96 -6.89 -2.47 2.96
CA ALA A 96 -6.69 -1.17 2.34
C ALA A 96 -7.90 -0.81 1.48
N HIS A 97 -8.30 0.47 1.54
CA HIS A 97 -9.48 0.96 0.85
C HIS A 97 -9.15 2.25 0.10
N PHE A 98 -9.85 2.46 -1.02
CA PHE A 98 -9.53 3.47 -2.02
C PHE A 98 -10.85 4.06 -2.51
N ASP A 99 -10.87 5.34 -2.87
CA ASP A 99 -12.08 5.97 -3.38
C ASP A 99 -12.17 5.74 -4.90
N GLU A 100 -13.03 4.80 -5.32
CA GLU A 100 -13.33 4.50 -6.71
C GLU A 100 -14.03 5.67 -7.41
N ASP A 101 -14.56 6.67 -6.66
CA ASP A 101 -15.14 7.86 -7.29
C ASP A 101 -14.05 8.73 -7.93
N GLU A 102 -12.79 8.54 -7.48
CA GLU A 102 -11.64 9.27 -8.00
C GLU A 102 -11.09 8.56 -9.24
N ARG A 103 -10.35 9.32 -10.05
CA ARG A 103 -9.72 8.81 -11.26
C ARG A 103 -8.44 8.09 -10.86
N TRP A 104 -8.16 6.94 -11.48
CA TRP A 104 -7.03 6.09 -11.20
C TRP A 104 -6.39 5.76 -12.55
N THR A 105 -5.07 5.64 -12.62
CA THR A 105 -4.38 5.31 -13.87
C THR A 105 -3.26 4.30 -13.60
N ASP A 106 -2.94 3.53 -14.64
CA ASP A 106 -1.97 2.45 -14.68
C ASP A 106 -0.64 2.94 -15.26
N GLY A 107 -0.47 4.27 -15.40
CA GLY A 107 0.66 4.92 -16.07
C GLY A 107 1.09 6.20 -15.34
N SER A 108 1.32 7.29 -16.09
CA SER A 108 1.73 8.61 -15.58
C SER A 108 1.04 9.70 -16.41
N SER A 109 1.15 10.98 -15.99
CA SER A 109 0.64 12.15 -16.73
C SER A 109 -0.85 12.06 -17.15
N LEU A 110 -1.74 11.57 -16.27
CA LEU A 110 -3.14 11.32 -16.67
C LEU A 110 -4.13 11.37 -15.52
N GLY A 111 -3.72 10.85 -14.35
CA GLY A 111 -4.57 10.68 -13.19
C GLY A 111 -3.69 10.21 -12.03
N ILE A 112 -4.29 9.51 -11.05
CA ILE A 112 -3.60 9.04 -9.85
C ILE A 112 -2.97 7.69 -10.16
N ASN A 113 -1.65 7.58 -10.05
CA ASN A 113 -0.92 6.35 -10.32
C ASN A 113 -1.34 5.27 -9.32
N PHE A 114 -2.17 4.33 -9.78
CA PHE A 114 -2.66 3.20 -9.01
C PHE A 114 -1.50 2.39 -8.45
N LEU A 115 -0.39 2.27 -9.19
CA LEU A 115 0.75 1.50 -8.74
C LEU A 115 1.34 2.19 -7.52
N TYR A 116 1.57 3.51 -7.60
CA TYR A 116 2.20 4.28 -6.52
C TYR A 116 1.30 4.21 -5.29
N ALA A 117 -0.03 4.29 -5.49
CA ALA A 117 -1.02 4.13 -4.43
C ALA A 117 -0.91 2.74 -3.80
N ALA A 118 -1.01 1.68 -4.62
CA ALA A 118 -0.95 0.31 -4.15
C ALA A 118 0.34 0.08 -3.37
N THR A 119 1.51 0.40 -3.94
CA THR A 119 2.79 0.19 -3.29
C THR A 119 2.88 0.96 -1.97
N HIS A 120 2.44 2.22 -1.94
CA HIS A 120 2.39 3.01 -0.72
C HIS A 120 1.53 2.29 0.34
N GLU A 121 0.31 1.90 -0.03
CA GLU A 121 -0.66 1.30 0.87
C GLU A 121 -0.17 -0.06 1.39
N LEU A 122 0.29 -0.91 0.45
CA LEU A 122 0.82 -2.24 0.70
C LEU A 122 2.07 -2.20 1.58
N GLY A 123 2.83 -1.10 1.54
CA GLY A 123 3.94 -0.91 2.45
C GLY A 123 3.48 -0.84 3.89
N HIS A 124 2.41 -0.09 4.17
CA HIS A 124 1.80 -0.11 5.48
C HIS A 124 1.28 -1.51 5.79
N SER A 125 0.67 -2.23 4.82
CA SER A 125 0.26 -3.61 5.02
C SER A 125 1.42 -4.56 5.37
N LEU A 126 2.65 -4.29 4.91
CA LEU A 126 3.84 -5.05 5.32
C LEU A 126 4.31 -4.68 6.74
N GLY A 127 4.00 -3.46 7.22
CA GLY A 127 4.35 -2.98 8.56
C GLY A 127 4.94 -1.57 8.58
N MET A 128 5.12 -0.92 7.43
CA MET A 128 5.92 0.30 7.33
C MET A 128 5.30 1.51 8.04
N GLY A 129 6.13 2.53 8.26
CA GLY A 129 5.73 3.84 8.75
C GLY A 129 5.99 4.90 7.69
N HIS A 130 5.42 6.09 7.90
CA HIS A 130 5.65 7.25 7.05
C HIS A 130 7.08 7.79 7.15
N SER A 131 7.38 8.79 6.31
CA SER A 131 8.68 9.43 6.19
C SER A 131 8.46 10.87 5.71
N SER A 132 9.56 11.60 5.55
CA SER A 132 9.63 13.01 5.19
C SER A 132 10.68 13.14 4.08
N ASP A 133 10.34 12.65 2.87
CA ASP A 133 11.19 12.77 1.68
C ASP A 133 10.29 13.16 0.50
N PRO A 134 10.72 14.05 -0.40
CA PRO A 134 9.90 14.47 -1.53
C PRO A 134 9.65 13.34 -2.54
N ASN A 135 10.56 12.36 -2.60
CA ASN A 135 10.48 11.18 -3.46
C ASN A 135 10.26 9.92 -2.61
N ALA A 136 9.73 10.08 -1.38
CA ALA A 136 9.22 8.94 -0.63
C ALA A 136 8.03 8.36 -1.39
N VAL A 137 8.09 7.07 -1.72
CA VAL A 137 6.91 6.33 -2.17
C VAL A 137 5.82 6.35 -1.08
N MET A 138 6.20 6.40 0.20
CA MET A 138 5.27 6.62 1.31
C MET A 138 4.95 8.11 1.59
N TYR A 139 5.37 9.07 0.75
CA TYR A 139 5.09 10.50 0.94
C TYR A 139 3.57 10.73 1.04
N PRO A 140 3.08 11.47 2.05
CA PRO A 140 1.69 11.93 2.07
C PRO A 140 1.51 13.13 1.13
N THR A 141 0.30 13.28 0.56
CA THR A 141 -0.06 14.30 -0.44
C THR A 141 0.56 13.99 -1.82
N TYR A 142 -0.05 14.51 -2.91
CA TYR A 142 0.43 14.33 -4.28
C TYR A 142 0.97 15.67 -4.80
N GLY A 143 2.16 15.63 -5.41
CA GLY A 143 2.75 16.75 -6.14
C GLY A 143 4.25 16.81 -5.89
N ASN A 144 5.09 16.27 -6.79
CA ASN A 144 6.54 16.44 -6.72
C ASN A 144 7.26 16.18 -8.05
N GLY A 145 6.85 15.12 -8.76
CA GLY A 145 7.48 14.66 -9.99
C GLY A 145 6.76 13.40 -10.47
N ASP A 146 7.25 12.83 -11.57
CA ASP A 146 6.70 11.63 -12.22
C ASP A 146 6.52 10.49 -11.21
N PRO A 147 5.29 10.08 -10.87
CA PRO A 147 5.06 9.01 -9.90
C PRO A 147 5.50 7.65 -10.43
N GLN A 148 5.94 7.53 -11.70
CA GLN A 148 6.60 6.31 -12.16
C GLN A 148 8.04 6.15 -11.61
N ASN A 149 8.62 7.18 -10.95
CA ASN A 149 10.01 7.15 -10.46
C ASN A 149 10.32 6.08 -9.39
N PHE A 150 9.31 5.35 -8.88
CA PHE A 150 9.37 4.20 -7.97
C PHE A 150 10.66 4.02 -7.16
N LYS A 151 11.63 3.31 -7.73
CA LYS A 151 13.01 3.07 -7.30
C LYS A 151 13.20 3.33 -5.80
N LEU A 152 12.69 2.39 -4.98
CA LEU A 152 12.65 2.38 -3.51
C LEU A 152 13.80 3.23 -2.95
N SER A 153 13.47 4.44 -2.44
CA SER A 153 14.42 5.53 -2.26
C SER A 153 15.22 5.32 -0.97
N GLN A 154 14.69 5.82 0.15
CA GLN A 154 15.25 5.59 1.48
C GLN A 154 14.12 5.39 2.48
N ASP A 155 12.98 6.10 2.35
CA ASP A 155 11.79 5.83 3.16
C ASP A 155 11.46 4.33 3.15
N ASP A 156 11.44 3.76 1.94
CA ASP A 156 11.07 2.39 1.72
C ASP A 156 12.24 1.47 2.10
N ILE A 157 13.44 1.69 1.55
CA ILE A 157 14.61 0.84 1.82
C ILE A 157 14.93 0.80 3.31
N LYS A 158 14.92 1.95 4.01
CA LYS A 158 15.23 2.04 5.43
C LYS A 158 14.13 1.35 6.23
N GLY A 159 12.86 1.60 5.87
CA GLY A 159 11.72 0.96 6.51
C GLY A 159 11.85 -0.56 6.39
N ILE A 160 12.07 -1.05 5.17
CA ILE A 160 12.24 -2.47 4.88
C ILE A 160 13.45 -3.03 5.65
N GLN A 161 14.63 -2.39 5.54
CA GLN A 161 15.83 -2.83 6.25
C GLN A 161 15.65 -2.88 7.76
N LYS A 162 14.71 -2.08 8.30
CA LYS A 162 14.35 -2.16 9.70
C LYS A 162 13.38 -3.32 9.95
N LEU A 163 12.37 -3.49 9.08
CA LEU A 163 11.34 -4.54 9.10
C LEU A 163 11.95 -5.93 9.30
N TYR A 164 12.89 -6.32 8.43
CA TYR A 164 13.54 -7.64 8.53
C TYR A 164 14.85 -7.57 9.31
N GLY A 165 15.21 -6.39 9.81
CA GLY A 165 16.46 -6.13 10.52
C GLY A 165 16.17 -6.04 12.00
N LYS A 166 16.39 -4.85 12.59
CA LYS A 166 16.30 -4.67 14.03
C LYS A 166 14.91 -4.97 14.57
N ARG A 167 13.90 -4.20 14.14
CA ARG A 167 12.47 -4.35 14.47
C ARG A 167 11.69 -3.42 13.53
N SER A 168 11.64 -2.11 13.84
CA SER A 168 10.87 -1.13 13.08
C SER A 168 11.25 0.28 13.54
N ASN A 169 10.99 1.29 12.70
CA ASN A 169 11.21 2.70 12.99
C ASN A 169 10.29 3.55 12.12
N SER A 170 10.04 4.78 12.55
CA SER A 170 9.38 5.80 11.76
C SER A 170 9.64 7.16 12.41
N ARG A 171 9.11 8.21 11.78
CA ARG A 171 9.01 9.55 12.33
C ARG A 171 7.52 9.86 12.40
N LYS A 172 7.05 10.30 13.57
CA LYS A 172 5.67 10.74 13.79
C LYS A 172 5.21 11.69 12.68
N LYS A 173 3.95 11.54 12.25
CA LYS A 173 3.30 12.31 11.21
CA TYR A 1 11.31 3.91 14.32
C TYR A 1 9.95 4.48 13.95
N SER A 2 9.35 3.97 12.87
CA SER A 2 8.00 4.34 12.42
C SER A 2 6.94 3.98 13.47
N LEU A 3 6.93 2.71 13.88
CA LEU A 3 6.01 2.10 14.83
C LEU A 3 6.70 0.93 15.54
N PHE A 4 6.03 0.36 16.55
CA PHE A 4 6.52 -0.60 17.52
C PHE A 4 7.37 -1.72 16.87
N PRO A 5 8.50 -2.15 17.48
CA PRO A 5 9.37 -3.18 16.89
C PRO A 5 8.78 -4.60 16.99
N ASN A 6 7.63 -4.78 17.66
CA ASN A 6 6.90 -6.04 17.75
C ASN A 6 5.42 -5.74 17.50
N SER A 7 4.98 -6.04 16.28
CA SER A 7 3.65 -5.83 15.69
C SER A 7 3.80 -5.96 14.17
N PRO A 8 4.60 -5.10 13.49
CA PRO A 8 4.70 -5.15 12.05
C PRO A 8 5.43 -6.42 11.62
N LYS A 9 5.20 -6.82 10.35
CA LYS A 9 5.68 -8.04 9.72
C LYS A 9 4.91 -9.26 10.23
N TRP A 10 4.11 -9.86 9.35
CA TRP A 10 3.33 -11.07 9.63
C TRP A 10 4.25 -12.23 10.05
N THR A 11 3.71 -13.15 10.86
CA THR A 11 4.40 -14.30 11.43
C THR A 11 4.59 -15.43 10.43
N SER A 12 3.79 -15.47 9.35
CA SER A 12 3.95 -16.36 8.22
C SER A 12 4.77 -15.66 7.13
N LYS A 13 5.63 -16.44 6.45
CA LYS A 13 6.37 -16.04 5.25
C LYS A 13 5.49 -16.01 3.99
N VAL A 14 4.25 -16.53 4.11
CA VAL A 14 3.24 -16.55 3.08
C VAL A 14 2.02 -15.87 3.70
N VAL A 15 1.73 -14.68 3.21
CA VAL A 15 0.59 -13.85 3.63
C VAL A 15 -0.49 -14.02 2.57
N THR A 16 -1.74 -13.72 2.93
CA THR A 16 -2.85 -13.88 2.01
C THR A 16 -3.33 -12.51 1.55
N TYR A 17 -3.67 -12.37 0.26
CA TYR A 17 -4.25 -11.13 -0.29
C TYR A 17 -5.55 -11.45 -1.05
N ARG A 18 -6.43 -10.46 -1.21
CA ARG A 18 -7.59 -10.57 -2.11
C ARG A 18 -8.09 -9.19 -2.50
N ILE A 19 -8.01 -8.84 -3.79
CA ILE A 19 -8.45 -7.54 -4.26
C ILE A 19 -9.99 -7.63 -4.43
N VAL A 20 -10.79 -7.30 -3.39
CA VAL A 20 -12.25 -7.45 -3.38
C VAL A 20 -12.98 -6.58 -4.41
N SER A 21 -12.38 -5.46 -4.82
CA SER A 21 -12.87 -4.51 -5.80
C SER A 21 -11.59 -4.01 -6.47
N TYR A 22 -11.66 -3.52 -7.72
CA TYR A 22 -10.46 -3.33 -8.54
C TYR A 22 -10.54 -1.98 -9.25
N THR A 23 -10.93 -0.93 -8.53
CA THR A 23 -11.30 0.38 -9.07
C THR A 23 -12.26 0.21 -10.26
N ARG A 24 -12.26 1.18 -11.18
CA ARG A 24 -13.04 1.12 -12.42
C ARG A 24 -12.32 1.76 -13.60
N ASP A 25 -11.37 2.68 -13.36
CA ASP A 25 -10.60 3.36 -14.42
C ASP A 25 -9.73 2.36 -15.21
N LEU A 26 -9.13 1.39 -14.51
CA LEU A 26 -8.28 0.34 -15.08
C LEU A 26 -8.87 -1.04 -14.71
N PRO A 27 -8.67 -2.08 -15.55
CA PRO A 27 -9.30 -3.38 -15.35
C PRO A 27 -8.64 -4.19 -14.22
N HIS A 28 -9.38 -5.17 -13.69
CA HIS A 28 -8.95 -6.06 -12.59
C HIS A 28 -7.70 -6.86 -12.92
N ILE A 29 -7.54 -7.31 -14.17
CA ILE A 29 -6.32 -7.99 -14.61
C ILE A 29 -5.13 -7.03 -14.54
N THR A 30 -5.32 -5.76 -14.91
CA THR A 30 -4.29 -4.74 -14.77
C THR A 30 -4.06 -4.44 -13.30
N VAL A 31 -5.09 -4.24 -12.47
CA VAL A 31 -4.90 -4.02 -11.04
C VAL A 31 -4.08 -5.17 -10.43
N ASP A 32 -4.43 -6.44 -10.71
CA ASP A 32 -3.66 -7.59 -10.24
C ASP A 32 -2.24 -7.57 -10.81
N ARG A 33 -2.04 -7.32 -12.12
CA ARG A 33 -0.70 -7.24 -12.70
C ARG A 33 0.15 -6.13 -12.11
N LEU A 34 -0.45 -4.98 -11.86
CA LEU A 34 0.19 -3.82 -11.28
C LEU A 34 0.54 -4.10 -9.82
N VAL A 35 -0.40 -4.64 -9.02
CA VAL A 35 -0.09 -5.11 -7.67
C VAL A 35 0.99 -6.20 -7.72
N SER A 36 0.96 -7.10 -8.71
CA SER A 36 1.96 -8.15 -8.88
C SER A 36 3.35 -7.53 -9.09
N LYS A 37 3.56 -6.66 -10.10
CA LYS A 37 4.88 -6.03 -10.29
C LYS A 37 5.29 -5.16 -9.09
N ALA A 38 4.33 -4.51 -8.40
CA ALA A 38 4.59 -3.66 -7.24
C ALA A 38 4.97 -4.47 -5.99
N LEU A 39 4.26 -5.57 -5.71
CA LEU A 39 4.64 -6.48 -4.64
C LEU A 39 5.93 -7.19 -5.00
N ASN A 40 6.21 -7.45 -6.30
CA ASN A 40 7.50 -7.95 -6.72
C ASN A 40 8.61 -6.97 -6.33
N MET A 41 8.42 -5.65 -6.51
CA MET A 41 9.39 -4.65 -6.05
C MET A 41 9.56 -4.68 -4.52
N TRP A 42 8.49 -4.77 -3.72
CA TRP A 42 8.61 -4.95 -2.26
C TRP A 42 9.33 -6.27 -1.91
N GLY A 43 8.94 -7.38 -2.54
CA GLY A 43 9.55 -8.70 -2.36
C GLY A 43 10.98 -8.78 -2.90
N LYS A 44 11.38 -7.83 -3.76
CA LYS A 44 12.75 -7.71 -4.26
C LYS A 44 13.70 -7.40 -3.10
N GLU A 45 13.23 -6.72 -2.05
CA GLU A 45 14.07 -6.39 -0.90
C GLU A 45 13.93 -7.42 0.22
N ILE A 46 12.74 -8.04 0.40
CA ILE A 46 12.47 -8.98 1.49
C ILE A 46 11.90 -10.30 0.93
N PRO A 47 12.39 -11.47 1.36
CA PRO A 47 11.98 -12.77 0.82
C PRO A 47 10.57 -13.24 1.28
N LEU A 48 9.64 -12.29 1.43
CA LEU A 48 8.24 -12.52 1.73
C LEU A 48 7.53 -12.94 0.43
N HIS A 49 6.53 -13.81 0.55
CA HIS A 49 5.74 -14.33 -0.56
C HIS A 49 4.26 -14.19 -0.20
N PHE A 50 3.37 -14.22 -1.19
CA PHE A 50 1.96 -13.95 -0.96
C PHE A 50 1.14 -14.93 -1.80
N ARG A 51 -0.06 -15.28 -1.32
CA ARG A 51 -0.98 -16.19 -2.02
C ARG A 51 -2.40 -15.63 -1.93
N LYS A 52 -3.32 -16.23 -2.67
CA LYS A 52 -4.71 -15.81 -2.74
C LYS A 52 -5.59 -16.95 -2.22
N VAL A 53 -6.46 -16.60 -1.26
CA VAL A 53 -7.45 -17.50 -0.67
C VAL A 53 -8.48 -17.94 -1.72
N VAL A 54 -9.20 -19.02 -1.40
CA VAL A 54 -10.27 -19.55 -2.26
C VAL A 54 -11.43 -18.54 -2.33
N TRP A 55 -12.02 -18.23 -1.17
CA TRP A 55 -12.95 -17.15 -0.88
C TRP A 55 -12.98 -17.02 0.65
N GLY A 56 -13.31 -15.84 1.19
CA GLY A 56 -13.49 -15.64 2.65
C GLY A 56 -12.77 -14.44 3.27
N THR A 57 -12.32 -13.46 2.47
CA THR A 57 -11.41 -12.38 2.86
C THR A 57 -9.99 -12.91 3.16
N ALA A 58 -9.00 -12.04 3.10
CA ALA A 58 -7.58 -12.35 3.21
C ALA A 58 -6.92 -11.40 4.21
N ASP A 59 -5.63 -11.58 4.47
CA ASP A 59 -4.89 -10.77 5.41
C ASP A 59 -4.80 -9.34 4.90
N ILE A 60 -4.68 -9.17 3.58
CA ILE A 60 -4.60 -7.90 2.89
C ILE A 60 -5.70 -7.91 1.82
N MET A 61 -6.94 -7.61 2.19
CA MET A 61 -7.95 -7.29 1.19
C MET A 61 -7.66 -5.88 0.65
N ILE A 62 -7.83 -5.68 -0.66
CA ILE A 62 -7.68 -4.39 -1.32
C ILE A 62 -9.02 -4.10 -1.99
N GLY A 63 -9.67 -3.01 -1.63
CA GLY A 63 -10.99 -2.67 -2.19
C GLY A 63 -11.08 -1.21 -2.56
N PHE A 64 -12.04 -0.88 -3.41
CA PHE A 64 -12.27 0.47 -3.89
C PHE A 64 -13.77 0.71 -3.73
N ALA A 65 -14.11 1.85 -3.10
CA ALA A 65 -15.46 2.31 -2.83
C ALA A 65 -15.62 3.70 -3.44
N ARG A 66 -16.86 4.18 -3.57
CA ARG A 66 -17.16 5.38 -4.36
C ARG A 66 -17.26 6.66 -3.52
N GLY A 67 -17.37 6.55 -2.19
CA GLY A 67 -17.57 7.69 -1.32
C GLY A 67 -17.42 7.30 0.13
N ALA A 68 -17.99 6.16 0.54
CA ALA A 68 -17.71 5.50 1.81
C ALA A 68 -18.14 4.03 1.72
N HIS A 69 -17.53 3.19 2.57
CA HIS A 69 -17.74 1.75 2.65
C HIS A 69 -18.52 1.43 3.94
N GLY A 70 -17.85 1.47 5.10
CA GLY A 70 -18.49 1.29 6.40
C GLY A 70 -17.56 0.66 7.43
N ASP A 71 -16.32 1.17 7.52
CA ASP A 71 -15.24 0.66 8.39
C ASP A 71 -15.02 1.68 9.52
N SER A 72 -13.97 1.48 10.34
CA SER A 72 -13.55 2.40 11.40
C SER A 72 -13.57 3.87 10.98
N TYR A 73 -13.19 4.17 9.71
CA TYR A 73 -13.10 5.53 9.19
C TYR A 73 -13.61 5.52 7.75
N PRO A 74 -14.85 5.95 7.47
CA PRO A 74 -15.33 6.04 6.09
C PRO A 74 -14.53 7.08 5.29
N PHE A 75 -14.50 6.90 3.95
CA PHE A 75 -13.97 7.89 3.03
C PHE A 75 -14.87 9.14 2.95
N ASP A 76 -14.36 10.09 2.16
CA ASP A 76 -14.85 11.42 1.87
C ASP A 76 -15.32 11.55 0.41
N GLY A 77 -14.80 10.78 -0.56
CA GLY A 77 -15.13 10.93 -1.98
C GLY A 77 -14.10 11.76 -2.75
N PRO A 78 -14.48 12.56 -3.76
CA PRO A 78 -13.54 13.25 -4.64
C PRO A 78 -12.80 14.43 -3.96
N GLY A 79 -11.73 14.13 -3.21
CA GLY A 79 -10.88 15.08 -2.51
C GLY A 79 -10.03 14.40 -1.42
N ASN A 80 -9.47 15.22 -0.53
CA ASN A 80 -8.78 14.85 0.71
C ASN A 80 -7.92 13.56 0.66
N THR A 81 -8.08 12.61 1.59
CA THR A 81 -7.47 11.29 1.62
C THR A 81 -8.00 10.45 0.44
N LEU A 82 -7.12 9.81 -0.34
CA LEU A 82 -7.46 9.08 -1.56
C LEU A 82 -7.53 7.57 -1.37
N ALA A 83 -6.80 7.04 -0.40
CA ALA A 83 -6.77 5.63 -0.06
C ALA A 83 -6.24 5.52 1.36
N HIS A 84 -6.50 4.40 2.02
CA HIS A 84 -5.98 4.14 3.35
C HIS A 84 -5.77 2.64 3.54
N ALA A 85 -4.88 2.29 4.47
CA ALA A 85 -4.49 0.93 4.76
C ALA A 85 -4.25 0.78 6.24
N PHE A 86 -4.38 -0.45 6.74
CA PHE A 86 -4.29 -0.74 8.15
C PHE A 86 -3.03 -1.56 8.41
N ALA A 87 -2.36 -1.32 9.55
CA ALA A 87 -1.17 -2.06 9.95
C ALA A 87 -1.47 -3.57 10.03
N PRO A 88 -0.49 -4.47 9.83
CA PRO A 88 -0.76 -5.90 9.83
C PRO A 88 -1.10 -6.42 11.22
N GLY A 89 -1.83 -7.54 11.26
CA GLY A 89 -2.31 -8.17 12.49
C GLY A 89 -3.83 -8.33 12.44
N THR A 90 -4.39 -9.00 13.46
CA THR A 90 -5.82 -9.24 13.64
C THR A 90 -6.54 -9.67 12.34
N GLY A 91 -7.85 -9.42 12.23
CA GLY A 91 -8.60 -9.64 11.01
C GLY A 91 -8.57 -8.40 10.12
N LEU A 92 -8.93 -7.22 10.65
CA LEU A 92 -8.94 -5.94 9.94
C LEU A 92 -7.54 -5.49 9.50
N GLY A 93 -6.50 -5.76 10.30
CA GLY A 93 -5.17 -5.30 9.97
C GLY A 93 -4.72 -5.85 8.60
N GLY A 94 -3.83 -5.11 7.94
CA GLY A 94 -3.40 -5.35 6.57
C GLY A 94 -4.42 -4.93 5.52
N ASP A 95 -5.71 -4.80 5.85
CA ASP A 95 -6.70 -4.49 4.82
C ASP A 95 -6.57 -3.03 4.44
N ALA A 96 -7.00 -2.71 3.23
CA ALA A 96 -6.80 -1.40 2.64
C ALA A 96 -7.94 -1.11 1.68
N HIS A 97 -8.32 0.16 1.63
CA HIS A 97 -9.39 0.61 0.76
C HIS A 97 -8.94 1.87 0.03
N PHE A 98 -9.65 2.19 -1.05
CA PHE A 98 -9.32 3.22 -2.00
C PHE A 98 -10.60 3.90 -2.47
N ASP A 99 -10.48 5.14 -2.92
CA ASP A 99 -11.62 5.96 -3.35
C ASP A 99 -11.69 5.88 -4.89
N GLU A 100 -12.53 4.99 -5.43
CA GLU A 100 -12.72 4.73 -6.87
C GLU A 100 -13.13 6.00 -7.62
N ASP A 101 -13.89 6.89 -6.98
CA ASP A 101 -14.40 8.10 -7.65
C ASP A 101 -13.23 9.00 -8.05
N GLU A 102 -12.14 8.99 -7.25
CA GLU A 102 -10.90 9.69 -7.55
C GLU A 102 -10.18 8.99 -8.70
N ARG A 103 -9.89 9.75 -9.77
CA ARG A 103 -9.28 9.23 -10.99
C ARG A 103 -7.99 8.49 -10.67
N TRP A 104 -7.83 7.27 -11.19
CA TRP A 104 -6.66 6.43 -10.99
C TRP A 104 -5.99 6.24 -12.35
N THR A 105 -4.66 6.08 -12.39
CA THR A 105 -3.92 5.79 -13.63
C THR A 105 -2.74 4.86 -13.30
N ASP A 106 -2.34 4.00 -14.23
CA ASP A 106 -1.09 3.26 -14.12
C ASP A 106 0.11 4.22 -13.96
N GLY A 107 0.09 5.34 -14.69
CA GLY A 107 1.16 6.32 -14.66
C GLY A 107 0.95 7.47 -15.66
N SER A 108 0.37 7.18 -16.84
CA SER A 108 -0.01 8.17 -17.83
C SER A 108 -0.92 9.26 -17.25
N SER A 109 -0.69 10.53 -17.59
CA SER A 109 -1.42 11.69 -17.07
C SER A 109 -2.92 11.56 -17.30
N LEU A 110 -3.68 11.37 -16.21
CA LEU A 110 -5.14 11.20 -16.23
C LEU A 110 -5.76 11.39 -14.84
N GLY A 111 -5.02 11.02 -13.79
CA GLY A 111 -5.46 11.04 -12.41
C GLY A 111 -4.27 10.69 -11.54
N ILE A 112 -4.53 9.98 -10.44
CA ILE A 112 -3.56 9.65 -9.41
C ILE A 112 -2.92 8.30 -9.75
N ASN A 113 -1.60 8.24 -9.61
CA ASN A 113 -0.81 7.03 -9.86
C ASN A 113 -1.26 5.89 -8.93
N PHE A 114 -2.02 4.96 -9.50
CA PHE A 114 -2.51 3.74 -8.89
C PHE A 114 -1.35 2.91 -8.32
N LEU A 115 -0.25 2.82 -9.06
CA LEU A 115 0.87 1.98 -8.67
C LEU A 115 1.58 2.62 -7.48
N TYR A 116 1.74 3.95 -7.48
CA TYR A 116 2.27 4.71 -6.34
C TYR A 116 1.39 4.46 -5.12
N ALA A 117 0.07 4.59 -5.30
CA ALA A 117 -0.92 4.33 -4.26
C ALA A 117 -0.77 2.92 -3.71
N ALA A 118 -0.86 1.91 -4.58
CA ALA A 118 -0.80 0.51 -4.19
C ALA A 118 0.53 0.22 -3.49
N THR A 119 1.68 0.57 -4.09
CA THR A 119 2.98 0.35 -3.47
C THR A 119 3.07 1.02 -2.10
N HIS A 120 2.54 2.24 -1.95
CA HIS A 120 2.52 2.96 -0.68
C HIS A 120 1.61 2.26 0.33
N GLU A 121 0.35 1.97 -0.02
CA GLU A 121 -0.62 1.37 0.89
C GLU A 121 -0.21 -0.05 1.30
N LEU A 122 0.29 -0.84 0.34
CA LEU A 122 0.75 -2.20 0.59
C LEU A 122 2.03 -2.19 1.43
N GLY A 123 2.85 -1.13 1.36
CA GLY A 123 3.95 -0.94 2.28
C GLY A 123 3.48 -0.94 3.73
N HIS A 124 2.37 -0.24 4.00
CA HIS A 124 1.78 -0.23 5.33
C HIS A 124 1.18 -1.58 5.70
N SER A 125 0.53 -2.27 4.75
CA SER A 125 0.00 -3.60 5.00
C SER A 125 1.10 -4.63 5.27
N LEU A 126 2.31 -4.41 4.75
CA LEU A 126 3.49 -5.22 5.03
C LEU A 126 3.91 -5.09 6.51
N GLY A 127 3.91 -3.86 7.03
CA GLY A 127 4.43 -3.61 8.37
C GLY A 127 4.62 -2.14 8.73
N MET A 128 3.67 -1.27 8.37
CA MET A 128 3.82 0.18 8.53
C MET A 128 5.11 0.69 7.86
N GLY A 129 5.52 1.94 8.14
CA GLY A 129 6.77 2.51 7.62
C GLY A 129 6.70 3.96 7.16
N HIS A 130 5.75 4.76 7.66
CA HIS A 130 5.53 6.14 7.23
C HIS A 130 6.77 7.04 7.45
N SER A 131 6.79 8.20 6.79
CA SER A 131 7.85 9.20 6.87
C SER A 131 7.29 10.56 6.40
N SER A 132 8.13 11.60 6.43
CA SER A 132 7.81 12.98 6.08
C SER A 132 9.08 13.60 5.46
N ASP A 133 9.40 13.25 4.21
CA ASP A 133 10.58 13.74 3.51
C ASP A 133 10.19 14.12 2.08
N PRO A 134 10.75 15.19 1.46
CA PRO A 134 10.25 15.73 0.19
C PRO A 134 10.52 14.84 -1.04
N ASN A 135 11.10 13.65 -0.84
CA ASN A 135 11.41 12.69 -1.89
C ASN A 135 11.01 11.26 -1.47
N ALA A 136 10.50 11.09 -0.24
CA ALA A 136 10.03 9.85 0.35
C ALA A 136 8.63 9.54 -0.16
N VAL A 137 8.36 8.40 -0.81
CA VAL A 137 6.99 8.02 -1.21
C VAL A 137 6.01 8.04 -0.04
N MET A 138 6.51 7.79 1.18
CA MET A 138 5.73 7.84 2.39
C MET A 138 5.23 9.26 2.74
N TYR A 139 5.74 10.32 2.14
CA TYR A 139 5.29 11.68 2.46
C TYR A 139 3.78 11.79 2.17
N PRO A 140 2.95 12.23 3.14
CA PRO A 140 1.54 12.49 2.91
C PRO A 140 1.36 13.77 2.07
N THR A 141 0.16 14.34 1.99
CA THR A 141 -0.14 15.64 1.35
C THR A 141 -0.26 15.53 -0.17
N TYR A 142 0.47 14.60 -0.83
CA TYR A 142 0.40 14.33 -2.26
C TYR A 142 0.40 15.62 -3.10
N GLY A 143 1.59 16.20 -3.30
CA GLY A 143 1.79 17.49 -3.96
C GLY A 143 3.16 17.57 -4.65
N ASN A 144 4.19 18.08 -3.94
CA ASN A 144 5.52 18.41 -4.49
C ASN A 144 6.31 17.20 -4.98
N GLY A 145 6.38 16.15 -4.16
CA GLY A 145 7.14 14.94 -4.47
C GLY A 145 6.36 14.19 -5.55
N ASP A 146 6.91 14.19 -6.77
CA ASP A 146 6.24 13.79 -7.99
C ASP A 146 5.95 12.27 -8.04
N PRO A 147 4.67 11.86 -8.11
CA PRO A 147 4.27 10.46 -8.12
C PRO A 147 4.43 9.78 -9.49
N GLN A 148 4.89 10.48 -10.53
CA GLN A 148 5.20 9.90 -11.83
C GLN A 148 6.56 9.17 -11.78
N ASN A 149 7.49 9.63 -10.94
CA ASN A 149 8.87 9.11 -10.90
C ASN A 149 9.13 8.47 -9.53
N PHE A 150 8.57 7.27 -9.29
CA PHE A 150 8.71 6.58 -8.02
C PHE A 150 9.24 5.15 -8.23
N LYS A 151 10.05 4.66 -7.29
CA LYS A 151 10.65 3.32 -7.29
C LYS A 151 11.40 3.02 -5.98
N LEU A 152 10.71 3.22 -4.84
CA LEU A 152 11.23 2.93 -3.49
C LEU A 152 12.53 3.70 -3.21
N SER A 153 12.42 5.03 -2.98
CA SER A 153 13.54 5.97 -2.92
C SER A 153 14.56 5.66 -1.81
N GLN A 154 14.27 6.04 -0.57
CA GLN A 154 15.18 5.86 0.55
C GLN A 154 14.36 5.54 1.78
N ASP A 155 13.35 6.34 2.10
CA ASP A 155 12.31 6.06 3.10
C ASP A 155 11.81 4.62 3.05
N ASP A 156 11.48 4.13 1.86
CA ASP A 156 10.88 2.82 1.65
C ASP A 156 11.91 1.73 2.00
N ILE A 157 13.13 1.85 1.45
CA ILE A 157 14.24 0.98 1.81
C ILE A 157 14.51 1.13 3.31
N LYS A 158 14.46 2.35 3.88
CA LYS A 158 14.73 2.63 5.28
C LYS A 158 13.71 1.91 6.15
N GLY A 159 12.44 1.88 5.76
CA GLY A 159 11.42 1.06 6.38
C GLY A 159 11.80 -0.41 6.31
N ILE A 160 12.06 -0.93 5.10
CA ILE A 160 12.33 -2.36 4.93
C ILE A 160 13.60 -2.81 5.68
N GLN A 161 14.71 -2.08 5.54
CA GLN A 161 15.99 -2.37 6.18
C GLN A 161 15.97 -2.04 7.67
N LYS A 162 14.95 -1.32 8.17
CA LYS A 162 14.66 -1.25 9.60
C LYS A 162 13.89 -2.51 10.02
N LEU A 163 12.80 -2.86 9.32
CA LEU A 163 11.97 -4.02 9.62
C LEU A 163 12.77 -5.33 9.64
N TYR A 164 13.54 -5.60 8.58
CA TYR A 164 14.31 -6.82 8.41
C TYR A 164 15.81 -6.53 8.62
N GLY A 165 16.14 -5.52 9.43
CA GLY A 165 17.52 -5.05 9.59
C GLY A 165 18.28 -5.93 10.57
N LYS A 166 17.89 -5.82 11.85
CA LYS A 166 18.39 -6.65 12.94
C LYS A 166 17.23 -7.06 13.83
N ARG A 167 16.61 -6.10 14.56
CA ARG A 167 15.54 -6.39 15.54
C ARG A 167 14.92 -5.13 16.17
N SER A 168 15.75 -4.18 16.61
CA SER A 168 15.37 -2.89 17.20
C SER A 168 16.68 -2.12 17.38
N ASN A 169 16.64 -0.78 17.23
CA ASN A 169 17.75 0.14 17.48
C ASN A 169 17.22 1.58 17.40
N SER A 170 16.70 2.12 18.51
CA SER A 170 16.20 3.49 18.66
C SER A 170 16.11 3.80 20.17
N ARG A 171 15.79 5.03 20.53
CA ARG A 171 15.49 5.44 21.91
C ARG A 171 14.45 6.57 21.84
N LYS A 172 13.49 6.58 22.78
CA LYS A 172 12.35 7.51 22.81
C LYS A 172 11.45 7.36 21.57
N LYS A 173 10.40 8.19 21.47
CA LYS A 173 9.38 8.18 20.42
CA TYR A 1 9.45 3.45 13.74
C TYR A 1 8.50 4.57 13.32
N SER A 2 7.47 4.24 12.51
CA SER A 2 6.55 5.22 11.92
C SER A 2 5.66 5.85 12.99
N LEU A 3 4.92 4.99 13.71
CA LEU A 3 4.01 5.31 14.79
C LEU A 3 3.52 3.96 15.36
N PHE A 4 3.97 3.58 16.56
CA PHE A 4 3.56 2.35 17.27
C PHE A 4 3.64 1.06 16.43
N PRO A 5 4.83 0.45 16.28
CA PRO A 5 5.01 -0.77 15.48
C PRO A 5 4.29 -1.96 16.13
N ASN A 6 3.12 -2.34 15.60
CA ASN A 6 2.25 -3.33 16.23
C ASN A 6 2.82 -4.75 16.11
N SER A 7 3.20 -5.12 14.88
CA SER A 7 3.80 -6.41 14.49
C SER A 7 4.20 -6.33 12.98
N PRO A 8 5.17 -5.47 12.59
CA PRO A 8 5.56 -5.30 11.19
C PRO A 8 6.26 -6.56 10.68
N LYS A 9 6.00 -6.95 9.41
CA LYS A 9 6.43 -8.21 8.80
C LYS A 9 5.68 -9.37 9.47
N TRP A 10 4.66 -9.91 8.78
CA TRP A 10 3.90 -11.07 9.22
C TRP A 10 4.84 -12.22 9.61
N THR A 11 4.43 -13.04 10.59
CA THR A 11 5.19 -14.19 11.07
C THR A 11 5.48 -15.21 9.96
N SER A 12 4.55 -15.36 9.01
CA SER A 12 4.74 -16.21 7.84
C SER A 12 5.52 -15.44 6.78
N LYS A 13 6.34 -16.17 6.01
CA LYS A 13 7.03 -15.64 4.83
C LYS A 13 6.04 -15.43 3.66
N VAL A 14 4.88 -16.08 3.70
CA VAL A 14 3.85 -15.99 2.66
C VAL A 14 2.62 -15.34 3.26
N VAL A 15 2.06 -14.42 2.49
CA VAL A 15 0.92 -13.59 2.83
C VAL A 15 -0.22 -13.87 1.84
N THR A 16 -1.44 -13.58 2.24
CA THR A 16 -2.62 -13.80 1.42
C THR A 16 -3.21 -12.45 1.03
N TYR A 17 -3.63 -12.29 -0.22
CA TYR A 17 -4.29 -11.06 -0.68
C TYR A 17 -5.63 -11.38 -1.32
N ARG A 18 -6.55 -10.41 -1.30
CA ARG A 18 -7.84 -10.55 -1.97
C ARG A 18 -8.36 -9.16 -2.31
N ILE A 19 -8.56 -8.90 -3.60
CA ILE A 19 -9.08 -7.62 -4.05
C ILE A 19 -10.62 -7.79 -4.10
N VAL A 20 -11.31 -7.52 -2.98
CA VAL A 20 -12.75 -7.74 -2.82
C VAL A 20 -13.58 -6.90 -3.79
N SER A 21 -13.28 -5.61 -3.89
CA SER A 21 -13.93 -4.68 -4.79
C SER A 21 -12.86 -4.25 -5.79
N TYR A 22 -13.27 -4.03 -7.03
CA TYR A 22 -12.40 -3.71 -8.14
C TYR A 22 -12.89 -2.42 -8.80
N THR A 23 -11.91 -1.61 -9.25
CA THR A 23 -12.11 -0.32 -9.91
C THR A 23 -12.72 -0.52 -11.30
N ARG A 24 -12.81 0.57 -12.07
CA ARG A 24 -13.47 0.58 -13.38
C ARG A 24 -12.69 1.36 -14.45
N ASP A 25 -11.91 2.37 -14.04
CA ASP A 25 -11.02 3.12 -14.91
C ASP A 25 -10.06 2.17 -15.67
N LEU A 26 -9.63 1.10 -14.96
CA LEU A 26 -8.70 0.07 -15.38
C LEU A 26 -9.19 -1.32 -14.93
N PRO A 27 -8.79 -2.41 -15.62
CA PRO A 27 -9.28 -3.75 -15.33
C PRO A 27 -8.69 -4.34 -14.03
N HIS A 28 -9.46 -5.21 -13.39
CA HIS A 28 -9.12 -5.91 -12.17
C HIS A 28 -7.88 -6.79 -12.29
N ILE A 29 -7.73 -7.48 -13.43
CA ILE A 29 -6.53 -8.27 -13.70
C ILE A 29 -5.30 -7.37 -13.79
N THR A 30 -5.43 -6.16 -14.33
CA THR A 30 -4.36 -5.18 -14.36
C THR A 30 -4.07 -4.70 -12.95
N VAL A 31 -5.07 -4.49 -12.08
CA VAL A 31 -4.84 -4.18 -10.67
C VAL A 31 -4.01 -5.30 -10.03
N ASP A 32 -4.44 -6.56 -10.14
CA ASP A 32 -3.73 -7.67 -9.50
C ASP A 32 -2.30 -7.79 -10.05
N ARG A 33 -2.12 -7.59 -11.36
CA ARG A 33 -0.79 -7.54 -11.98
C ARG A 33 0.05 -6.39 -11.44
N LEU A 34 -0.51 -5.19 -11.36
CA LEU A 34 0.16 -4.01 -10.81
C LEU A 34 0.58 -4.26 -9.38
N VAL A 35 -0.25 -4.96 -8.61
CA VAL A 35 0.05 -5.29 -7.22
C VAL A 35 1.15 -6.36 -7.22
N SER A 36 1.06 -7.39 -8.07
CA SER A 36 2.10 -8.41 -8.16
C SER A 36 3.47 -7.77 -8.47
N LYS A 37 3.58 -6.87 -9.46
CA LYS A 37 4.86 -6.22 -9.73
C LYS A 37 5.26 -5.22 -8.63
N ALA A 38 4.32 -4.43 -8.08
CA ALA A 38 4.61 -3.49 -6.99
C ALA A 38 5.11 -4.21 -5.75
N LEU A 39 4.47 -5.33 -5.43
CA LEU A 39 4.87 -6.19 -4.33
C LEU A 39 6.14 -6.94 -4.64
N ASN A 40 6.42 -7.28 -5.91
CA ASN A 40 7.73 -7.80 -6.30
C ASN A 40 8.80 -6.74 -6.02
N MET A 41 8.52 -5.46 -6.29
CA MET A 41 9.46 -4.38 -5.98
C MET A 41 9.72 -4.23 -4.48
N TRP A 42 8.73 -4.49 -3.61
CA TRP A 42 8.94 -4.57 -2.16
C TRP A 42 9.71 -5.85 -1.79
N GLY A 43 9.29 -6.99 -2.31
CA GLY A 43 9.90 -8.30 -2.10
C GLY A 43 11.24 -8.48 -2.81
N LYS A 44 11.73 -7.43 -3.50
CA LYS A 44 13.06 -7.41 -4.09
C LYS A 44 14.14 -7.28 -3.02
N GLU A 45 13.78 -6.76 -1.83
CA GLU A 45 14.69 -6.67 -0.71
C GLU A 45 14.32 -7.71 0.37
N ILE A 46 13.02 -7.95 0.64
CA ILE A 46 12.60 -8.94 1.62
C ILE A 46 12.12 -10.22 0.92
N PRO A 47 12.52 -11.42 1.38
CA PRO A 47 12.10 -12.69 0.77
C PRO A 47 10.64 -13.05 1.08
N LEU A 48 9.73 -12.07 1.05
CA LEU A 48 8.33 -12.20 1.42
C LEU A 48 7.51 -12.30 0.14
N HIS A 49 6.58 -13.24 0.09
CA HIS A 49 5.80 -13.55 -1.10
C HIS A 49 4.31 -13.59 -0.75
N PHE A 50 3.45 -13.66 -1.77
CA PHE A 50 2.02 -13.45 -1.60
C PHE A 50 1.27 -14.51 -2.42
N ARG A 51 0.02 -14.77 -2.06
CA ARG A 51 -0.84 -15.76 -2.69
C ARG A 51 -2.30 -15.30 -2.67
N LYS A 52 -3.10 -15.87 -3.58
CA LYS A 52 -4.49 -15.50 -3.79
C LYS A 52 -5.36 -16.68 -3.36
N VAL A 53 -6.00 -16.52 -2.20
CA VAL A 53 -6.91 -17.49 -1.63
C VAL A 53 -8.25 -17.43 -2.36
N VAL A 54 -9.02 -18.52 -2.30
CA VAL A 54 -10.29 -18.69 -3.03
C VAL A 54 -11.48 -18.24 -2.16
N TRP A 55 -11.27 -17.25 -1.29
CA TRP A 55 -12.26 -16.78 -0.31
C TRP A 55 -12.17 -15.26 -0.19
N GLY A 56 -13.26 -14.62 0.24
CA GLY A 56 -13.38 -13.17 0.40
C GLY A 56 -12.76 -12.62 1.69
N THR A 57 -11.65 -13.22 2.14
CA THR A 57 -10.95 -12.90 3.38
C THR A 57 -9.48 -13.23 3.14
N ALA A 58 -8.57 -12.32 3.50
CA ALA A 58 -7.14 -12.49 3.35
C ALA A 58 -6.42 -11.49 4.26
N ASP A 59 -5.09 -11.59 4.35
CA ASP A 59 -4.27 -10.71 5.17
C ASP A 59 -4.20 -9.30 4.54
N ILE A 60 -4.26 -9.25 3.20
CA ILE A 60 -4.15 -8.05 2.37
C ILE A 60 -5.43 -7.96 1.51
N MET A 61 -6.55 -7.71 2.18
CA MET A 61 -7.81 -7.37 1.56
C MET A 61 -7.67 -5.96 0.98
N ILE A 62 -7.80 -5.85 -0.33
CA ILE A 62 -7.71 -4.59 -1.07
C ILE A 62 -9.15 -4.33 -1.52
N GLY A 63 -9.69 -3.14 -1.28
CA GLY A 63 -11.07 -2.85 -1.65
C GLY A 63 -11.28 -1.37 -1.92
N PHE A 64 -12.23 -1.05 -2.79
CA PHE A 64 -12.41 0.31 -3.26
C PHE A 64 -13.88 0.72 -3.07
N ALA A 65 -14.07 1.99 -2.72
CA ALA A 65 -15.36 2.56 -2.34
C ALA A 65 -15.46 4.00 -2.87
N ARG A 66 -16.66 4.58 -2.85
CA ARG A 66 -16.88 5.95 -3.36
C ARG A 66 -16.81 7.01 -2.25
N GLY A 67 -17.16 6.64 -1.01
CA GLY A 67 -17.26 7.62 0.07
C GLY A 67 -17.51 6.95 1.41
N ALA A 68 -18.34 5.90 1.47
CA ALA A 68 -18.51 5.10 2.68
C ALA A 68 -18.34 3.63 2.32
N HIS A 69 -17.91 2.84 3.30
CA HIS A 69 -17.66 1.41 3.16
C HIS A 69 -17.72 0.75 4.53
N GLY A 70 -18.03 -0.55 4.54
CA GLY A 70 -18.20 -1.38 5.73
C GLY A 70 -16.88 -1.75 6.39
N ASP A 71 -16.12 -0.73 6.76
CA ASP A 71 -14.77 -0.83 7.30
C ASP A 71 -14.77 -0.31 8.74
N SER A 72 -14.68 1.02 8.91
CA SER A 72 -14.50 1.68 10.20
C SER A 72 -14.47 3.19 10.03
N TYR A 73 -14.02 3.68 8.86
CA TYR A 73 -13.95 5.12 8.57
C TYR A 73 -14.44 5.32 7.13
N PRO A 74 -15.49 6.12 6.91
CA PRO A 74 -15.85 6.51 5.56
C PRO A 74 -14.73 7.39 4.99
N PHE A 75 -14.51 7.21 3.69
CA PHE A 75 -13.71 8.08 2.85
C PHE A 75 -14.35 9.47 2.72
N ASP A 76 -13.77 10.25 1.82
CA ASP A 76 -13.98 11.67 1.59
C ASP A 76 -14.51 11.90 0.17
N GLY A 77 -14.11 11.09 -0.83
CA GLY A 77 -14.49 11.24 -2.23
C GLY A 77 -13.41 11.99 -3.02
N PRO A 78 -13.78 12.73 -4.08
CA PRO A 78 -12.86 13.43 -4.98
C PRO A 78 -12.19 14.63 -4.29
N GLY A 79 -10.93 14.46 -3.89
CA GLY A 79 -10.10 15.46 -3.22
C GLY A 79 -9.69 14.94 -1.84
N ASN A 80 -8.70 15.56 -1.19
CA ASN A 80 -8.11 15.11 0.09
C ASN A 80 -7.55 13.68 -0.01
N THR A 81 -7.44 12.94 1.10
CA THR A 81 -6.93 11.57 1.23
C THR A 81 -7.38 10.64 0.08
N LEU A 82 -6.45 10.11 -0.73
CA LEU A 82 -6.77 9.29 -1.89
C LEU A 82 -7.04 7.82 -1.52
N ALA A 83 -6.35 7.29 -0.49
CA ALA A 83 -6.47 5.90 -0.05
C ALA A 83 -5.97 5.78 1.40
N HIS A 84 -6.23 4.67 2.07
CA HIS A 84 -5.69 4.38 3.39
C HIS A 84 -5.40 2.89 3.53
N ALA A 85 -4.60 2.52 4.53
CA ALA A 85 -4.28 1.14 4.83
C ALA A 85 -3.99 1.00 6.33
N PHE A 86 -4.03 -0.24 6.80
CA PHE A 86 -3.89 -0.56 8.22
C PHE A 86 -2.61 -1.37 8.42
N ALA A 87 -2.02 -1.27 9.63
CA ALA A 87 -0.81 -2.02 9.98
C ALA A 87 -1.13 -3.52 9.99
N PRO A 88 -0.17 -4.42 9.74
CA PRO A 88 -0.40 -5.85 9.80
C PRO A 88 -0.62 -6.31 11.24
N GLY A 89 -1.19 -7.52 11.37
CA GLY A 89 -1.51 -8.12 12.64
C GLY A 89 -2.29 -9.40 12.36
N THR A 90 -3.59 -9.38 12.67
CA THR A 90 -4.52 -10.49 12.47
C THR A 90 -5.91 -9.86 12.28
N GLY A 91 -6.54 -10.07 11.12
CA GLY A 91 -7.87 -9.56 10.82
C GLY A 91 -7.78 -8.35 9.88
N LEU A 92 -8.49 -7.26 10.20
CA LEU A 92 -8.47 -5.99 9.45
C LEU A 92 -7.04 -5.48 9.19
N GLY A 93 -6.08 -5.80 10.07
CA GLY A 93 -4.70 -5.42 9.85
C GLY A 93 -4.22 -5.80 8.44
N GLY A 94 -3.36 -4.97 7.87
CA GLY A 94 -2.80 -5.13 6.53
C GLY A 94 -3.75 -4.68 5.41
N ASP A 95 -5.06 -4.67 5.67
CA ASP A 95 -6.02 -4.40 4.60
C ASP A 95 -5.90 -2.94 4.19
N ALA A 96 -6.31 -2.64 2.96
CA ALA A 96 -6.13 -1.32 2.37
C ALA A 96 -7.36 -0.98 1.57
N HIS A 97 -7.77 0.29 1.65
CA HIS A 97 -8.93 0.78 0.93
C HIS A 97 -8.54 2.03 0.15
N PHE A 98 -9.26 2.27 -0.95
CA PHE A 98 -8.97 3.33 -1.89
C PHE A 98 -10.28 3.92 -2.35
N ASP A 99 -10.23 5.19 -2.76
CA ASP A 99 -11.42 5.91 -3.16
C ASP A 99 -11.60 5.78 -4.67
N GLU A 100 -12.49 4.90 -5.13
CA GLU A 100 -12.80 4.68 -6.54
C GLU A 100 -13.39 5.93 -7.21
N ASP A 101 -13.98 6.87 -6.44
CA ASP A 101 -14.52 8.11 -7.02
C ASP A 101 -13.37 9.00 -7.50
N GLU A 102 -12.16 8.82 -6.95
CA GLU A 102 -10.97 9.47 -7.45
C GLU A 102 -10.47 8.66 -8.65
N ARG A 103 -10.21 9.34 -9.78
CA ARG A 103 -9.63 8.76 -10.99
C ARG A 103 -8.38 7.94 -10.65
N TRP A 104 -8.11 6.86 -11.40
CA TRP A 104 -6.98 5.97 -11.15
C TRP A 104 -6.39 5.56 -12.50
N THR A 105 -5.08 5.33 -12.58
CA THR A 105 -4.42 4.90 -13.82
C THR A 105 -3.22 4.03 -13.46
N ASP A 106 -2.95 2.94 -14.17
CA ASP A 106 -1.73 2.13 -13.99
C ASP A 106 -0.53 2.74 -14.74
N GLY A 107 -0.66 3.99 -15.19
CA GLY A 107 0.39 4.79 -15.80
C GLY A 107 -0.24 5.62 -16.91
N SER A 108 -0.31 5.03 -18.11
CA SER A 108 -0.80 5.60 -19.36
C SER A 108 -0.03 6.85 -19.80
N SER A 109 -0.14 7.95 -19.05
CA SER A 109 0.53 9.22 -19.28
C SER A 109 0.24 10.21 -18.14
N LEU A 110 -1.03 10.37 -17.77
CA LEU A 110 -1.50 11.26 -16.71
C LEU A 110 -2.63 10.56 -15.94
N GLY A 111 -2.87 11.01 -14.70
CA GLY A 111 -3.86 10.46 -13.78
C GLY A 111 -3.16 10.00 -12.50
N ILE A 112 -3.94 9.50 -11.54
CA ILE A 112 -3.40 9.06 -10.26
C ILE A 112 -2.81 7.66 -10.45
N ASN A 113 -1.47 7.61 -10.54
CA ASN A 113 -0.66 6.40 -10.64
C ASN A 113 -1.05 5.40 -9.53
N PHE A 114 -1.88 4.43 -9.89
CA PHE A 114 -2.37 3.37 -9.04
C PHE A 114 -1.23 2.46 -8.60
N LEU A 115 -0.19 2.33 -9.42
CA LEU A 115 0.98 1.48 -9.15
C LEU A 115 1.71 2.10 -7.97
N TYR A 116 1.94 3.41 -8.01
CA TYR A 116 2.52 4.17 -6.92
C TYR A 116 1.62 4.12 -5.68
N ALA A 117 0.30 4.36 -5.86
CA ALA A 117 -0.65 4.33 -4.76
C ALA A 117 -0.64 2.98 -4.06
N ALA A 118 -0.72 1.89 -4.83
CA ALA A 118 -0.67 0.54 -4.30
C ALA A 118 0.64 0.35 -3.57
N THR A 119 1.79 0.64 -4.19
CA THR A 119 3.11 0.45 -3.57
C THR A 119 3.21 1.21 -2.25
N HIS A 120 2.65 2.42 -2.20
CA HIS A 120 2.53 3.19 -0.97
C HIS A 120 1.69 2.42 0.06
N GLU A 121 0.43 2.09 -0.25
CA GLU A 121 -0.47 1.48 0.73
C GLU A 121 0.02 0.09 1.17
N LEU A 122 0.48 -0.71 0.20
CA LEU A 122 1.01 -2.05 0.41
C LEU A 122 2.33 -2.01 1.20
N GLY A 123 3.08 -0.91 1.11
CA GLY A 123 4.20 -0.71 2.01
C GLY A 123 3.77 -0.76 3.47
N HIS A 124 2.62 -0.13 3.77
CA HIS A 124 2.07 -0.18 5.10
C HIS A 124 1.47 -1.54 5.42
N SER A 125 0.81 -2.20 4.46
CA SER A 125 0.24 -3.53 4.67
C SER A 125 1.31 -4.55 5.07
N LEU A 126 2.54 -4.35 4.58
CA LEU A 126 3.67 -5.19 4.93
C LEU A 126 4.09 -5.00 6.39
N GLY A 127 4.06 -3.76 6.90
CA GLY A 127 4.57 -3.45 8.24
C GLY A 127 4.90 -1.99 8.47
N MET A 128 4.02 -1.07 8.01
CA MET A 128 4.28 0.38 8.03
C MET A 128 5.53 0.75 7.19
N GLY A 129 5.83 2.05 7.05
CA GLY A 129 7.00 2.51 6.29
C GLY A 129 6.87 3.97 5.84
N HIS A 130 6.45 4.87 6.72
CA HIS A 130 6.23 6.28 6.37
C HIS A 130 7.55 7.06 6.46
N SER A 131 7.54 8.30 5.97
CA SER A 131 8.71 9.19 5.97
C SER A 131 8.26 10.65 5.77
N SER A 132 9.21 11.53 5.42
CA SER A 132 8.99 12.96 5.22
C SER A 132 10.06 13.56 4.29
N ASP A 133 10.18 13.00 3.07
CA ASP A 133 11.21 13.34 2.09
C ASP A 133 10.55 13.84 0.80
N PRO A 134 11.15 14.79 0.05
CA PRO A 134 10.50 15.44 -1.09
C PRO A 134 10.19 14.48 -2.24
N ASN A 135 10.91 13.35 -2.29
CA ASN A 135 10.79 12.29 -3.29
C ASN A 135 10.56 10.94 -2.57
N ALA A 136 9.96 10.94 -1.36
CA ALA A 136 9.57 9.70 -0.71
C ALA A 136 8.43 9.06 -1.48
N VAL A 137 8.58 7.80 -1.89
CA VAL A 137 7.51 7.01 -2.51
C VAL A 137 6.37 6.78 -1.50
N MET A 138 6.68 6.87 -0.20
CA MET A 138 5.74 6.81 0.91
C MET A 138 5.44 8.21 1.48
N TYR A 139 5.69 9.31 0.74
CA TYR A 139 5.38 10.67 1.23
C TYR A 139 3.88 10.84 1.50
N PRO A 140 3.44 11.55 2.57
CA PRO A 140 2.04 11.85 2.85
C PRO A 140 1.48 12.97 1.93
N THR A 141 1.76 12.87 0.62
CA THR A 141 1.25 13.69 -0.46
C THR A 141 1.62 12.96 -1.77
N TYR A 142 0.83 13.18 -2.82
CA TYR A 142 1.07 12.69 -4.18
C TYR A 142 2.53 12.96 -4.61
N GLY A 143 3.17 11.97 -5.26
CA GLY A 143 4.58 11.98 -5.67
C GLY A 143 5.01 13.28 -6.35
N ASN A 144 5.67 14.17 -5.57
CA ASN A 144 6.06 15.52 -6.00
C ASN A 144 6.98 15.50 -7.22
N GLY A 145 7.88 14.51 -7.26
CA GLY A 145 8.85 14.32 -8.34
C GLY A 145 8.23 13.55 -9.50
N ASP A 146 8.26 12.22 -9.43
CA ASP A 146 7.75 11.34 -10.48
C ASP A 146 7.36 9.98 -9.86
N PRO A 147 6.06 9.66 -9.75
CA PRO A 147 5.61 8.38 -9.20
C PRO A 147 5.77 7.20 -10.17
N GLN A 148 5.96 7.46 -11.47
CA GLN A 148 6.19 6.45 -12.51
C GLN A 148 7.62 5.91 -12.37
N ASN A 149 8.59 6.78 -12.06
CA ASN A 149 9.96 6.39 -11.71
C ASN A 149 10.03 5.86 -10.26
N PHE A 150 9.52 4.65 -10.04
CA PHE A 150 9.46 3.97 -8.75
C PHE A 150 10.74 4.07 -7.92
N LYS A 151 11.78 3.36 -8.41
CA LYS A 151 13.15 3.27 -7.91
C LYS A 151 13.25 3.56 -6.41
N LEU A 152 12.81 2.58 -5.61
CA LEU A 152 12.72 2.60 -4.14
C LEU A 152 13.81 3.48 -3.54
N SER A 153 13.44 4.61 -2.94
CA SER A 153 14.41 5.65 -2.60
C SER A 153 15.08 5.35 -1.25
N GLN A 154 14.64 5.98 -0.16
CA GLN A 154 15.22 5.78 1.16
C GLN A 154 14.13 5.45 2.14
N ASP A 155 13.05 6.21 2.21
CA ASP A 155 11.83 5.88 2.94
C ASP A 155 11.41 4.44 2.73
N ASP A 156 11.45 3.97 1.47
CA ASP A 156 11.04 2.63 1.10
C ASP A 156 12.00 1.61 1.72
N ILE A 157 13.31 1.73 1.47
CA ILE A 157 14.34 0.84 2.01
C ILE A 157 14.37 0.94 3.54
N LYS A 158 14.18 2.14 4.11
CA LYS A 158 14.21 2.41 5.55
C LYS A 158 13.04 1.69 6.20
N GLY A 159 11.84 1.79 5.60
CA GLY A 159 10.67 1.04 6.01
C GLY A 159 10.94 -0.45 5.88
N ILE A 160 11.41 -0.91 4.72
CA ILE A 160 11.72 -2.32 4.44
C ILE A 160 12.71 -2.87 5.47
N GLN A 161 13.90 -2.27 5.63
CA GLN A 161 14.93 -2.72 6.55
C GLN A 161 14.45 -2.68 7.99
N LYS A 162 13.47 -1.83 8.31
CA LYS A 162 12.86 -1.77 9.62
C LYS A 162 11.84 -2.89 9.79
N LEU A 163 11.10 -3.21 8.74
CA LEU A 163 10.11 -4.29 8.70
C LEU A 163 10.74 -5.62 9.14
N TYR A 164 11.84 -6.02 8.48
CA TYR A 164 12.52 -7.30 8.72
C TYR A 164 13.74 -7.19 9.66
N GLY A 165 13.96 -6.01 10.23
CA GLY A 165 15.14 -5.68 11.01
C GLY A 165 14.78 -5.46 12.48
N LYS A 166 15.50 -4.52 13.13
CA LYS A 166 15.32 -4.19 14.55
C LYS A 166 15.36 -2.69 14.81
N ARG A 167 16.50 -2.04 14.53
CA ARG A 167 16.71 -0.60 14.63
C ARG A 167 17.94 -0.24 13.80
N SER A 168 18.00 1.01 13.32
CA SER A 168 19.15 1.61 12.64
C SER A 168 18.74 3.05 12.34
N ASN A 169 19.60 4.01 12.71
CA ASN A 169 19.38 5.45 12.65
C ASN A 169 18.19 5.92 13.50
N SER A 170 18.10 7.24 13.74
CA SER A 170 16.98 7.90 14.42
C SER A 170 17.17 9.42 14.24
N ARG A 171 16.36 10.08 13.40
CA ARG A 171 16.41 11.54 13.17
C ARG A 171 15.06 12.00 12.63
N LYS A 172 14.71 13.29 12.82
CA LYS A 172 13.41 13.86 12.44
C LYS A 172 13.42 15.40 12.47
N LYS A 173 14.33 16.01 11.72
CA LYS A 173 14.52 17.46 11.67
CA TYR A 1 9.32 1.08 14.60
C TYR A 1 8.77 2.43 14.16
N SER A 2 7.89 2.45 13.15
CA SER A 2 7.33 3.65 12.55
C SER A 2 6.68 4.60 13.56
N LEU A 3 6.12 4.06 14.65
CA LEU A 3 5.63 4.82 15.78
C LEU A 3 5.91 3.99 17.04
N PHE A 4 5.10 2.96 17.33
CA PHE A 4 5.21 2.07 18.49
C PHE A 4 4.01 1.11 18.59
N PRO A 5 2.74 1.58 18.58
CA PRO A 5 1.55 0.74 18.76
C PRO A 5 1.19 -0.04 17.48
N ASN A 6 2.17 -0.71 16.90
CA ASN A 6 2.08 -1.47 15.66
C ASN A 6 3.05 -2.65 15.77
N SER A 7 2.72 -3.77 15.13
CA SER A 7 3.57 -4.96 15.08
C SER A 7 3.93 -5.21 13.62
N PRO A 8 4.93 -4.48 13.08
CA PRO A 8 5.39 -4.68 11.72
C PRO A 8 5.96 -6.08 11.52
N LYS A 9 5.88 -6.59 10.29
CA LYS A 9 6.37 -7.91 9.88
C LYS A 9 5.46 -9.00 10.46
N TRP A 10 4.57 -9.53 9.62
CA TRP A 10 3.65 -10.62 9.98
C TRP A 10 4.40 -11.82 10.57
N THR A 11 3.68 -12.63 11.35
CA THR A 11 4.21 -13.80 12.05
C THR A 11 4.63 -14.93 11.07
N SER A 12 4.11 -14.87 9.84
CA SER A 12 4.39 -15.79 8.75
C SER A 12 5.22 -15.07 7.69
N LYS A 13 6.13 -15.83 7.07
CA LYS A 13 6.94 -15.41 5.92
C LYS A 13 6.13 -15.25 4.63
N VAL A 14 4.90 -15.75 4.61
CA VAL A 14 3.95 -15.66 3.51
C VAL A 14 2.70 -15.00 4.08
N VAL A 15 2.19 -14.02 3.34
CA VAL A 15 0.99 -13.27 3.68
C VAL A 15 -0.07 -13.51 2.60
N THR A 16 -1.35 -13.36 2.93
CA THR A 16 -2.43 -13.58 1.97
C THR A 16 -3.02 -12.23 1.54
N TYR A 17 -3.37 -12.07 0.25
CA TYR A 17 -4.06 -10.88 -0.25
C TYR A 17 -5.24 -11.27 -1.13
N ARG A 18 -6.20 -10.33 -1.28
CA ARG A 18 -7.32 -10.46 -2.21
C ARG A 18 -7.79 -9.06 -2.60
N ILE A 19 -8.56 -8.99 -3.68
CA ILE A 19 -9.07 -7.76 -4.23
C ILE A 19 -10.59 -7.98 -4.39
N VAL A 20 -11.41 -7.37 -3.50
CA VAL A 20 -12.86 -7.67 -3.38
C VAL A 20 -13.71 -6.92 -4.41
N SER A 21 -13.60 -5.59 -4.45
CA SER A 21 -14.07 -4.75 -5.55
C SER A 21 -12.88 -4.58 -6.50
N TYR A 22 -13.03 -3.80 -7.58
CA TYR A 22 -11.94 -3.44 -8.48
C TYR A 22 -12.18 -2.01 -8.95
N THR A 23 -11.10 -1.28 -9.30
CA THR A 23 -11.23 0.07 -9.82
C THR A 23 -11.99 0.07 -11.16
N ARG A 24 -12.42 1.27 -11.59
CA ARG A 24 -13.17 1.45 -12.83
C ARG A 24 -12.28 1.96 -13.96
N ASP A 25 -11.46 2.98 -13.69
CA ASP A 25 -10.73 3.71 -14.73
C ASP A 25 -9.73 2.77 -15.43
N LEU A 26 -9.20 1.79 -14.69
CA LEU A 26 -8.34 0.72 -15.17
C LEU A 26 -9.00 -0.64 -14.90
N PRO A 27 -8.68 -1.68 -15.70
CA PRO A 27 -9.28 -3.00 -15.50
C PRO A 27 -8.70 -3.76 -14.30
N HIS A 28 -9.44 -4.77 -13.86
CA HIS A 28 -9.10 -5.64 -12.74
C HIS A 28 -7.80 -6.41 -12.97
N ILE A 29 -7.59 -6.92 -14.20
CA ILE A 29 -6.35 -7.60 -14.56
C ILE A 29 -5.16 -6.64 -14.52
N THR A 30 -5.34 -5.37 -14.88
CA THR A 30 -4.31 -4.35 -14.75
C THR A 30 -4.04 -4.09 -13.27
N VAL A 31 -5.06 -3.95 -12.43
CA VAL A 31 -4.86 -3.81 -10.99
C VAL A 31 -4.08 -5.00 -10.44
N ASP A 32 -4.45 -6.26 -10.75
CA ASP A 32 -3.70 -7.41 -10.24
C ASP A 32 -2.29 -7.45 -10.82
N ARG A 33 -2.06 -7.06 -12.09
CA ARG A 33 -0.71 -6.96 -12.66
C ARG A 33 0.13 -5.88 -11.99
N LEU A 34 -0.46 -4.72 -11.75
CA LEU A 34 0.19 -3.60 -11.08
C LEU A 34 0.52 -4.04 -9.65
N VAL A 35 -0.43 -4.62 -8.91
CA VAL A 35 -0.16 -5.16 -7.59
C VAL A 35 0.87 -6.30 -7.67
N SER A 36 0.83 -7.20 -8.66
CA SER A 36 1.83 -8.25 -8.83
C SER A 36 3.22 -7.63 -9.00
N LYS A 37 3.42 -6.69 -9.94
CA LYS A 37 4.74 -6.09 -10.14
C LYS A 37 5.14 -5.22 -8.93
N ALA A 38 4.20 -4.50 -8.29
CA ALA A 38 4.46 -3.66 -7.12
C ALA A 38 4.84 -4.49 -5.90
N LEU A 39 4.11 -5.58 -5.64
CA LEU A 39 4.46 -6.55 -4.60
C LEU A 39 5.77 -7.24 -4.95
N ASN A 40 6.04 -7.52 -6.24
CA ASN A 40 7.35 -8.01 -6.66
C ASN A 40 8.41 -7.00 -6.25
N MET A 41 8.21 -5.71 -6.53
CA MET A 41 9.15 -4.64 -6.17
C MET A 41 9.32 -4.55 -4.64
N TRP A 42 8.28 -4.78 -3.84
CA TRP A 42 8.38 -4.87 -2.37
C TRP A 42 9.15 -6.13 -1.92
N GLY A 43 8.76 -7.31 -2.42
CA GLY A 43 9.39 -8.60 -2.11
C GLY A 43 10.77 -8.77 -2.75
N LYS A 44 11.18 -7.84 -3.63
CA LYS A 44 12.54 -7.78 -4.14
C LYS A 44 13.50 -7.21 -3.10
N GLU A 45 13.01 -6.71 -1.97
CA GLU A 45 13.86 -6.18 -0.91
C GLU A 45 13.87 -7.07 0.33
N ILE A 46 12.93 -8.02 0.47
CA ILE A 46 12.83 -8.93 1.62
C ILE A 46 12.40 -10.33 1.18
N PRO A 47 12.82 -11.39 1.87
CA PRO A 47 12.44 -12.77 1.56
C PRO A 47 10.98 -13.10 1.95
N LEU A 48 10.15 -12.06 2.14
CA LEU A 48 8.73 -12.15 2.46
C LEU A 48 7.99 -12.38 1.14
N HIS A 49 7.00 -13.27 1.17
CA HIS A 49 6.27 -13.69 -0.01
C HIS A 49 4.77 -13.49 0.22
N PHE A 50 3.98 -13.65 -0.84
CA PHE A 50 2.57 -13.29 -0.84
C PHE A 50 1.83 -14.40 -1.59
N ARG A 51 0.57 -14.62 -1.24
CA ARG A 51 -0.27 -15.61 -1.89
C ARG A 51 -1.67 -15.02 -2.09
N LYS A 52 -2.33 -15.46 -3.15
CA LYS A 52 -3.66 -15.00 -3.50
C LYS A 52 -4.63 -16.11 -3.18
N VAL A 53 -5.68 -15.77 -2.44
CA VAL A 53 -6.76 -16.68 -2.07
C VAL A 53 -7.65 -16.95 -3.29
N VAL A 54 -8.59 -17.89 -3.14
CA VAL A 54 -9.59 -18.21 -4.17
C VAL A 54 -11.00 -17.87 -3.67
N TRP A 55 -11.28 -18.13 -2.39
CA TRP A 55 -12.56 -17.89 -1.72
C TRP A 55 -12.32 -18.02 -0.22
N GLY A 56 -11.69 -17.00 0.37
CA GLY A 56 -11.54 -16.84 1.81
C GLY A 56 -11.05 -15.43 2.09
N THR A 57 -11.18 -14.96 3.32
CA THR A 57 -10.65 -13.67 3.75
C THR A 57 -9.11 -13.73 3.75
N ALA A 58 -8.50 -12.60 3.41
CA ALA A 58 -7.07 -12.47 3.21
C ALA A 58 -6.53 -11.42 4.17
N ASP A 59 -5.25 -11.55 4.52
CA ASP A 59 -4.58 -10.64 5.45
C ASP A 59 -4.61 -9.21 4.88
N ILE A 60 -4.52 -9.07 3.55
CA ILE A 60 -4.51 -7.83 2.78
C ILE A 60 -5.71 -7.86 1.81
N MET A 61 -6.91 -7.52 2.31
CA MET A 61 -8.09 -7.26 1.50
C MET A 61 -7.96 -5.85 0.92
N ILE A 62 -7.79 -5.76 -0.39
CA ILE A 62 -7.83 -4.50 -1.12
C ILE A 62 -9.26 -4.34 -1.64
N GLY A 63 -9.88 -3.20 -1.36
CA GLY A 63 -11.21 -2.92 -1.86
C GLY A 63 -11.32 -1.49 -2.35
N PHE A 64 -12.37 -1.25 -3.13
CA PHE A 64 -12.68 0.04 -3.71
C PHE A 64 -14.12 0.34 -3.33
N ALA A 65 -14.38 1.60 -3.01
CA ALA A 65 -15.65 2.18 -2.60
C ALA A 65 -15.72 3.58 -3.17
N ARG A 66 -16.87 4.24 -3.12
CA ARG A 66 -17.07 5.58 -3.69
C ARG A 66 -17.27 6.66 -2.62
N GLY A 67 -17.27 6.29 -1.35
CA GLY A 67 -17.74 7.09 -0.24
C GLY A 67 -17.78 6.22 1.01
N ALA A 68 -18.77 6.46 1.89
CA ALA A 68 -18.96 5.64 3.07
C ALA A 68 -19.02 4.14 2.72
N HIS A 69 -18.44 3.34 3.60
CA HIS A 69 -18.33 1.90 3.50
C HIS A 69 -18.26 1.37 4.95
N GLY A 70 -18.71 0.14 5.16
CA GLY A 70 -18.75 -0.47 6.49
C GLY A 70 -17.41 -1.08 6.82
N ASP A 71 -16.45 -0.26 7.25
CA ASP A 71 -15.11 -0.70 7.63
C ASP A 71 -14.74 -0.24 9.05
N SER A 72 -14.81 1.07 9.31
CA SER A 72 -14.30 1.78 10.48
C SER A 72 -14.42 3.30 10.26
N TYR A 73 -14.20 3.83 9.04
CA TYR A 73 -14.17 5.28 8.79
C TYR A 73 -14.69 5.61 7.40
N PRO A 74 -15.74 6.45 7.26
CA PRO A 74 -16.23 6.83 5.96
C PRO A 74 -15.18 7.67 5.22
N PHE A 75 -15.06 7.39 3.91
CA PHE A 75 -14.33 8.23 2.97
C PHE A 75 -14.97 9.62 2.84
N ASP A 76 -14.39 10.37 1.94
CA ASP A 76 -14.56 11.78 1.61
C ASP A 76 -15.13 11.92 0.19
N GLY A 77 -14.76 11.05 -0.77
CA GLY A 77 -15.23 11.12 -2.14
C GLY A 77 -14.22 11.88 -3.02
N PRO A 78 -14.64 12.61 -4.08
CA PRO A 78 -13.78 13.24 -5.09
C PRO A 78 -13.07 14.53 -4.61
N GLY A 79 -12.10 14.37 -3.70
CA GLY A 79 -11.24 15.40 -3.10
C GLY A 79 -10.63 14.87 -1.80
N ASN A 80 -9.62 15.53 -1.21
CA ASN A 80 -8.90 15.13 0.02
C ASN A 80 -8.11 13.81 -0.13
N THR A 81 -8.03 12.94 0.90
CA THR A 81 -7.42 11.60 0.92
C THR A 81 -7.88 10.76 -0.31
N LEU A 82 -7.13 9.78 -0.81
CA LEU A 82 -7.50 8.99 -2.00
C LEU A 82 -7.68 7.50 -1.69
N ALA A 83 -7.00 6.99 -0.68
CA ALA A 83 -7.07 5.61 -0.22
C ALA A 83 -6.52 5.55 1.20
N HIS A 84 -6.87 4.52 1.98
CA HIS A 84 -6.27 4.29 3.29
C HIS A 84 -6.03 2.79 3.47
N ALA A 85 -5.12 2.46 4.39
CA ALA A 85 -4.74 1.10 4.73
C ALA A 85 -4.53 1.01 6.23
N PHE A 86 -4.54 -0.23 6.75
CA PHE A 86 -4.40 -0.50 8.17
C PHE A 86 -3.10 -1.28 8.41
N ALA A 87 -2.46 -1.06 9.56
CA ALA A 87 -1.26 -1.79 9.97
C ALA A 87 -1.56 -3.29 10.18
N PRO A 88 -0.57 -4.19 10.12
CA PRO A 88 -0.80 -5.62 10.30
C PRO A 88 -1.20 -5.97 11.75
N GLY A 89 -1.90 -7.10 11.92
CA GLY A 89 -2.26 -7.65 13.22
C GLY A 89 -3.63 -8.34 13.16
N THR A 90 -4.63 -7.74 13.83
CA THR A 90 -6.04 -8.11 13.83
C THR A 90 -6.55 -8.36 12.40
N GLY A 91 -7.63 -9.16 12.24
CA GLY A 91 -8.23 -9.50 10.95
C GLY A 91 -8.40 -8.31 9.98
N LEU A 92 -8.84 -7.13 10.45
CA LEU A 92 -8.94 -5.89 9.66
C LEU A 92 -7.55 -5.33 9.28
N GLY A 93 -6.55 -5.51 10.14
CA GLY A 93 -5.19 -5.06 9.87
C GLY A 93 -4.69 -5.55 8.52
N GLY A 94 -3.87 -4.74 7.85
CA GLY A 94 -3.36 -4.99 6.52
C GLY A 94 -4.34 -4.70 5.39
N ASP A 95 -5.65 -4.61 5.67
CA ASP A 95 -6.66 -4.36 4.66
C ASP A 95 -6.59 -2.88 4.28
N ALA A 96 -7.06 -2.56 3.07
CA ALA A 96 -6.94 -1.24 2.50
C ALA A 96 -8.12 -0.96 1.59
N HIS A 97 -8.54 0.30 1.55
CA HIS A 97 -9.66 0.76 0.76
C HIS A 97 -9.23 1.96 -0.04
N PHE A 98 -9.88 2.14 -1.19
CA PHE A 98 -9.52 3.12 -2.21
C PHE A 98 -10.80 3.77 -2.70
N ASP A 99 -10.72 5.05 -3.03
CA ASP A 99 -11.87 5.77 -3.53
C ASP A 99 -11.97 5.59 -5.05
N GLU A 100 -12.82 4.67 -5.51
CA GLU A 100 -13.08 4.39 -6.92
C GLU A 100 -13.63 5.61 -7.66
N ASP A 101 -14.29 6.53 -6.94
CA ASP A 101 -14.86 7.73 -7.54
C ASP A 101 -13.75 8.67 -8.01
N GLU A 102 -12.67 8.77 -7.23
CA GLU A 102 -11.48 9.52 -7.61
C GLU A 102 -10.87 8.80 -8.81
N ARG A 103 -10.62 9.50 -9.92
CA ARG A 103 -10.06 8.92 -11.14
C ARG A 103 -8.69 8.30 -10.82
N TRP A 104 -8.31 7.20 -11.49
CA TRP A 104 -7.03 6.51 -11.27
C TRP A 104 -6.28 6.43 -12.60
N THR A 105 -4.95 6.26 -12.58
CA THR A 105 -4.18 6.05 -13.81
C THR A 105 -3.21 4.88 -13.62
N ASP A 106 -3.03 4.08 -14.68
CA ASP A 106 -2.06 2.98 -14.75
C ASP A 106 -0.64 3.56 -14.72
N GLY A 107 -0.44 4.59 -15.54
CA GLY A 107 0.88 5.13 -15.84
C GLY A 107 0.80 6.16 -16.95
N SER A 108 -0.11 7.14 -16.83
CA SER A 108 -0.26 8.24 -17.78
C SER A 108 -0.85 9.46 -17.07
N SER A 109 -0.52 10.68 -17.53
CA SER A 109 -1.00 11.92 -16.95
C SER A 109 -2.54 11.97 -17.01
N LEU A 110 -3.19 11.82 -15.85
CA LEU A 110 -4.64 11.92 -15.72
C LEU A 110 -5.03 12.17 -14.26
N GLY A 111 -4.69 11.23 -13.36
CA GLY A 111 -5.06 11.26 -11.95
C GLY A 111 -3.84 10.91 -11.10
N ILE A 112 -3.89 9.74 -10.44
CA ILE A 112 -2.82 9.27 -9.56
C ILE A 112 -2.43 7.83 -9.92
N ASN A 113 -1.12 7.61 -9.98
CA ASN A 113 -0.55 6.36 -10.43
C ASN A 113 -0.92 5.24 -9.44
N PHE A 114 -1.69 4.25 -9.91
CA PHE A 114 -2.16 3.16 -9.08
C PHE A 114 -0.98 2.34 -8.54
N LEU A 115 0.09 2.14 -9.32
CA LEU A 115 1.25 1.37 -8.88
C LEU A 115 1.84 2.02 -7.62
N TYR A 116 1.99 3.35 -7.65
CA TYR A 116 2.46 4.13 -6.51
C TYR A 116 1.48 4.02 -5.34
N ALA A 117 0.16 4.10 -5.62
CA ALA A 117 -0.87 3.99 -4.60
C ALA A 117 -0.77 2.65 -3.88
N ALA A 118 -0.72 1.55 -4.64
CA ALA A 118 -0.59 0.21 -4.10
C ALA A 118 0.71 0.08 -3.32
N THR A 119 1.86 0.42 -3.91
CA THR A 119 3.15 0.34 -3.22
C THR A 119 3.13 1.10 -1.89
N HIS A 120 2.52 2.30 -1.86
CA HIS A 120 2.36 3.07 -0.65
C HIS A 120 1.52 2.28 0.37
N GLU A 121 0.30 1.88 0.00
CA GLU A 121 -0.67 1.27 0.90
C GLU A 121 -0.17 -0.09 1.40
N LEU A 122 0.30 -0.93 0.49
CA LEU A 122 0.86 -2.26 0.76
C LEU A 122 2.09 -2.15 1.66
N GLY A 123 2.86 -1.06 1.55
CA GLY A 123 3.93 -0.76 2.48
C GLY A 123 3.43 -0.77 3.91
N HIS A 124 2.29 -0.10 4.17
CA HIS A 124 1.69 -0.13 5.49
C HIS A 124 1.19 -1.52 5.85
N SER A 125 0.60 -2.24 4.89
CA SER A 125 0.17 -3.60 5.13
C SER A 125 1.32 -4.51 5.57
N LEU A 126 2.54 -4.37 5.05
CA LEU A 126 3.70 -5.12 5.52
C LEU A 126 4.08 -4.77 6.97
N GLY A 127 3.77 -3.55 7.41
CA GLY A 127 4.11 -3.07 8.73
C GLY A 127 4.50 -1.59 8.78
N MET A 128 4.76 -0.95 7.64
CA MET A 128 5.20 0.44 7.63
C MET A 128 4.13 1.34 8.23
N GLY A 129 4.51 2.47 8.82
CA GLY A 129 3.55 3.37 9.44
C GLY A 129 3.49 4.76 8.81
N HIS A 130 4.57 5.22 8.15
CA HIS A 130 4.81 6.49 7.43
C HIS A 130 6.30 6.87 7.51
N SER A 131 6.69 7.93 6.79
CA SER A 131 8.03 8.53 6.72
C SER A 131 7.90 10.06 6.55
N SER A 132 9.02 10.76 6.34
CA SER A 132 9.11 12.22 6.21
C SER A 132 10.22 12.62 5.21
N ASP A 133 10.06 12.31 3.92
CA ASP A 133 11.02 12.61 2.85
C ASP A 133 10.25 13.21 1.67
N PRO A 134 10.81 14.11 0.83
CA PRO A 134 10.04 14.77 -0.22
C PRO A 134 9.55 13.77 -1.26
N ASN A 135 10.35 12.74 -1.55
CA ASN A 135 10.06 11.72 -2.55
C ASN A 135 10.01 10.36 -1.83
N ALA A 136 9.52 10.34 -0.58
CA ALA A 136 9.26 9.09 0.11
C ALA A 136 8.18 8.33 -0.64
N VAL A 137 8.40 7.05 -0.90
CA VAL A 137 7.40 6.19 -1.51
C VAL A 137 6.11 6.15 -0.65
N MET A 138 6.27 6.30 0.68
CA MET A 138 5.17 6.38 1.65
C MET A 138 5.00 7.84 2.13
N TYR A 139 5.21 8.85 1.28
CA TYR A 139 4.92 10.23 1.66
C TYR A 139 3.41 10.49 1.66
N PRO A 140 2.81 11.07 2.73
CA PRO A 140 1.45 11.59 2.66
C PRO A 140 1.38 12.86 1.81
N THR A 141 0.17 13.32 1.47
CA THR A 141 -0.06 14.49 0.60
C THR A 141 0.61 14.29 -0.77
N TYR A 142 0.03 13.42 -1.58
CA TYR A 142 0.47 13.09 -2.94
C TYR A 142 0.83 14.33 -3.77
N GLY A 143 2.05 14.36 -4.32
CA GLY A 143 2.51 15.37 -5.27
C GLY A 143 3.83 15.98 -4.82
N ASN A 144 4.95 15.49 -5.35
CA ASN A 144 6.29 16.00 -5.04
C ASN A 144 7.28 15.66 -6.15
N GLY A 145 7.30 14.39 -6.55
CA GLY A 145 8.20 13.84 -7.56
C GLY A 145 7.37 13.12 -8.62
N ASP A 146 8.06 12.40 -9.52
CA ASP A 146 7.41 11.67 -10.59
C ASP A 146 6.66 10.45 -10.02
N PRO A 147 5.32 10.38 -10.14
CA PRO A 147 4.55 9.25 -9.64
C PRO A 147 4.43 8.11 -10.67
N GLN A 148 4.71 8.36 -11.96
CA GLN A 148 4.66 7.34 -13.00
C GLN A 148 5.76 6.31 -12.77
N ASN A 149 6.91 6.77 -12.30
CA ASN A 149 8.08 5.95 -12.08
C ASN A 149 8.84 6.44 -10.85
N PHE A 150 8.22 6.28 -9.67
CA PHE A 150 8.83 6.59 -8.39
C PHE A 150 10.11 5.77 -8.19
N LYS A 151 9.99 4.44 -8.35
CA LYS A 151 10.86 3.38 -7.84
C LYS A 151 11.16 3.52 -6.34
N LEU A 152 11.55 2.42 -5.71
CA LEU A 152 11.92 2.40 -4.30
C LEU A 152 13.08 3.39 -4.11
N SER A 153 12.90 4.41 -3.25
CA SER A 153 13.82 5.51 -3.04
C SER A 153 14.73 5.23 -1.83
N GLN A 154 14.37 5.72 -0.62
CA GLN A 154 15.20 5.64 0.56
C GLN A 154 14.36 5.27 1.77
N ASP A 155 13.20 5.92 1.97
CA ASP A 155 12.22 5.54 2.99
C ASP A 155 11.80 4.08 2.80
N ASP A 156 11.73 3.63 1.55
CA ASP A 156 11.41 2.27 1.18
C ASP A 156 12.47 1.31 1.70
N ILE A 157 13.73 1.49 1.29
CA ILE A 157 14.83 0.63 1.69
C ILE A 157 14.98 0.72 3.20
N LYS A 158 15.06 1.94 3.77
CA LYS A 158 15.23 2.17 5.20
C LYS A 158 14.10 1.55 6.01
N GLY A 159 12.86 1.68 5.52
CA GLY A 159 11.70 1.09 6.11
C GLY A 159 11.82 -0.43 6.06
N ILE A 160 12.10 -0.99 4.87
CA ILE A 160 12.30 -2.42 4.68
C ILE A 160 13.36 -2.94 5.63
N GLN A 161 14.54 -2.32 5.63
CA GLN A 161 15.68 -2.75 6.44
C GLN A 161 15.27 -2.74 7.92
N LYS A 162 14.32 -1.89 8.31
CA LYS A 162 13.75 -1.91 9.64
C LYS A 162 12.66 -2.99 9.80
N LEU A 163 11.79 -3.23 8.80
CA LEU A 163 10.76 -4.28 8.81
C LEU A 163 11.34 -5.66 9.12
N TYR A 164 12.37 -6.10 8.39
CA TYR A 164 12.99 -7.41 8.64
C TYR A 164 14.14 -7.34 9.66
N GLY A 165 14.37 -6.15 10.22
CA GLY A 165 15.53 -5.81 11.02
C GLY A 165 16.80 -5.79 10.17
N LYS A 166 17.81 -5.04 10.63
CA LYS A 166 19.05 -4.86 9.87
C LYS A 166 20.25 -5.15 10.76
N ARG A 167 20.50 -4.28 11.74
CA ARG A 167 21.62 -4.38 12.67
C ARG A 167 21.28 -3.63 13.96
N SER A 168 20.91 -2.36 13.82
CA SER A 168 20.63 -1.47 14.93
C SER A 168 19.28 -0.79 14.72
N ASN A 169 18.71 -0.31 15.82
CA ASN A 169 17.51 0.50 15.80
C ASN A 169 17.78 1.86 15.14
N SER A 170 16.72 2.62 14.92
CA SER A 170 16.74 3.96 14.34
C SER A 170 15.92 4.85 15.26
N ARG A 171 14.64 4.47 15.49
CA ARG A 171 13.64 5.28 16.18
C ARG A 171 13.41 6.61 15.42
N LYS A 172 12.52 7.47 15.93
CA LYS A 172 12.14 8.78 15.39
C LYS A 172 11.35 8.66 14.07
N LYS A 173 10.45 9.62 13.81
CA LYS A 173 9.65 9.74 12.59
CA TYR A 1 10.81 7.40 14.56
C TYR A 1 9.57 6.51 14.59
N SER A 2 8.90 6.42 13.45
CA SER A 2 7.84 5.49 13.10
C SER A 2 8.32 4.02 13.19
N LEU A 3 8.51 3.53 14.43
CA LEU A 3 8.93 2.17 14.76
C LEU A 3 7.87 1.44 15.59
N PHE A 4 7.69 1.83 16.87
CA PHE A 4 6.78 1.25 17.88
C PHE A 4 6.81 -0.30 17.99
N PRO A 5 6.27 -0.90 19.07
CA PRO A 5 6.07 -2.35 19.10
C PRO A 5 4.86 -2.72 18.23
N ASN A 6 4.98 -3.80 17.44
CA ASN A 6 3.92 -4.42 16.61
C ASN A 6 4.42 -5.70 15.92
N SER A 7 5.74 -5.75 15.62
CA SER A 7 6.37 -6.81 14.83
C SER A 7 5.73 -6.91 13.44
N PRO A 8 6.14 -6.04 12.48
CA PRO A 8 5.70 -6.12 11.10
C PRO A 8 6.26 -7.37 10.42
N LYS A 9 5.83 -7.60 9.17
CA LYS A 9 6.11 -8.78 8.33
C LYS A 9 5.10 -9.91 8.57
N TRP A 10 4.01 -9.63 9.28
CA TRP A 10 3.06 -10.63 9.77
C TRP A 10 3.78 -11.68 10.63
N THR A 11 3.11 -12.80 10.91
CA THR A 11 3.67 -13.92 11.67
C THR A 11 4.11 -15.07 10.74
N SER A 12 3.73 -15.00 9.44
CA SER A 12 4.12 -15.96 8.41
C SER A 12 4.90 -15.23 7.34
N LYS A 13 5.83 -15.94 6.68
CA LYS A 13 6.58 -15.44 5.52
C LYS A 13 5.71 -15.34 4.26
N VAL A 14 4.51 -15.93 4.29
CA VAL A 14 3.58 -15.95 3.18
C VAL A 14 2.29 -15.32 3.70
N VAL A 15 1.91 -14.18 3.10
CA VAL A 15 0.72 -13.42 3.49
C VAL A 15 -0.32 -13.56 2.38
N THR A 16 -1.61 -13.69 2.71
CA THR A 16 -2.64 -13.87 1.69
C THR A 16 -3.41 -12.58 1.43
N TYR A 17 -3.86 -12.35 0.19
CA TYR A 17 -4.57 -11.14 -0.21
C TYR A 17 -5.88 -11.47 -0.93
N ARG A 18 -6.83 -10.51 -0.92
CA ARG A 18 -8.08 -10.61 -1.66
C ARG A 18 -8.56 -9.24 -2.09
N ILE A 19 -8.53 -9.01 -3.39
CA ILE A 19 -9.09 -7.81 -4.00
C ILE A 19 -10.62 -8.00 -4.04
N VAL A 20 -11.34 -7.72 -2.94
CA VAL A 20 -12.80 -7.95 -2.77
C VAL A 20 -13.66 -7.06 -3.67
N SER A 21 -13.12 -5.89 -4.01
CA SER A 21 -13.68 -4.83 -4.84
C SER A 21 -12.48 -4.36 -5.67
N TYR A 22 -12.74 -3.80 -6.85
CA TYR A 22 -11.74 -3.40 -7.84
C TYR A 22 -12.08 -1.98 -8.30
N THR A 23 -11.21 -1.39 -9.13
CA THR A 23 -11.42 -0.09 -9.75
C THR A 23 -12.13 -0.21 -11.12
N ARG A 24 -12.30 0.94 -11.78
CA ARG A 24 -12.95 1.11 -13.09
C ARG A 24 -12.11 1.90 -14.09
N ASP A 25 -11.23 2.80 -13.62
CA ASP A 25 -10.37 3.63 -14.47
C ASP A 25 -9.37 2.75 -15.24
N LEU A 26 -9.09 1.55 -14.72
CA LEU A 26 -8.21 0.51 -15.27
C LEU A 26 -8.86 -0.86 -15.01
N PRO A 27 -8.55 -1.88 -15.84
CA PRO A 27 -9.12 -3.22 -15.70
C PRO A 27 -8.51 -4.01 -14.53
N HIS A 28 -9.26 -5.02 -14.07
CA HIS A 28 -8.92 -5.85 -12.92
C HIS A 28 -7.62 -6.64 -13.12
N ILE A 29 -7.36 -7.07 -14.35
CA ILE A 29 -6.12 -7.75 -14.71
C ILE A 29 -4.94 -6.79 -14.61
N THR A 30 -5.12 -5.52 -14.99
CA THR A 30 -4.12 -4.46 -14.81
C THR A 30 -3.95 -4.19 -13.32
N VAL A 31 -5.01 -4.17 -12.51
CA VAL A 31 -4.89 -4.06 -11.05
C VAL A 31 -4.01 -5.19 -10.51
N ASP A 32 -4.33 -6.47 -10.77
CA ASP A 32 -3.54 -7.62 -10.28
C ASP A 32 -2.12 -7.60 -10.85
N ARG A 33 -1.94 -7.15 -12.10
CA ARG A 33 -0.60 -7.04 -12.71
C ARG A 33 0.24 -5.95 -12.05
N LEU A 34 -0.32 -4.75 -11.88
CA LEU A 34 0.35 -3.64 -11.25
C LEU A 34 0.63 -4.00 -9.79
N VAL A 35 -0.33 -4.59 -9.07
CA VAL A 35 -0.09 -5.13 -7.74
C VAL A 35 1.00 -6.20 -7.76
N SER A 36 1.01 -7.13 -8.72
CA SER A 36 2.06 -8.15 -8.82
C SER A 36 3.43 -7.51 -8.93
N LYS A 37 3.64 -6.55 -9.86
CA LYS A 37 4.94 -5.89 -9.99
C LYS A 37 5.25 -4.97 -8.80
N ALA A 38 4.26 -4.29 -8.20
CA ALA A 38 4.46 -3.43 -7.03
C ALA A 38 4.84 -4.25 -5.80
N LEU A 39 4.17 -5.39 -5.59
CA LEU A 39 4.51 -6.33 -4.54
C LEU A 39 5.85 -7.00 -4.84
N ASN A 40 6.14 -7.30 -6.11
CA ASN A 40 7.46 -7.79 -6.50
C ASN A 40 8.54 -6.75 -6.19
N MET A 41 8.26 -5.45 -6.36
CA MET A 41 9.16 -4.38 -5.97
C MET A 41 9.37 -4.32 -4.44
N TRP A 42 8.33 -4.60 -3.64
CA TRP A 42 8.49 -4.71 -2.18
C TRP A 42 9.28 -5.98 -1.81
N GLY A 43 8.89 -7.13 -2.38
CA GLY A 43 9.53 -8.42 -2.16
C GLY A 43 10.89 -8.55 -2.86
N LYS A 44 11.31 -7.56 -3.65
CA LYS A 44 12.64 -7.52 -4.24
C LYS A 44 13.70 -7.30 -3.17
N GLU A 45 13.32 -6.68 -2.06
CA GLU A 45 14.21 -6.38 -0.95
C GLU A 45 14.04 -7.40 0.19
N ILE A 46 12.80 -7.86 0.45
CA ILE A 46 12.53 -8.82 1.51
C ILE A 46 12.05 -10.15 0.93
N PRO A 47 12.53 -11.31 1.43
CA PRO A 47 12.09 -12.64 0.98
C PRO A 47 10.68 -12.98 1.52
N LEU A 48 9.81 -11.98 1.65
CA LEU A 48 8.43 -12.13 2.06
C LEU A 48 7.65 -12.46 0.80
N HIS A 49 6.80 -13.48 0.88
CA HIS A 49 6.07 -14.05 -0.24
C HIS A 49 4.57 -13.84 0.01
N PHE A 50 3.74 -14.13 -0.99
CA PHE A 50 2.33 -13.78 -0.93
C PHE A 50 1.51 -14.91 -1.57
N ARG A 51 0.25 -15.03 -1.20
CA ARG A 51 -0.67 -16.04 -1.70
C ARG A 51 -2.05 -15.44 -1.86
N LYS A 52 -2.98 -16.22 -2.40
CA LYS A 52 -4.35 -15.80 -2.59
C LYS A 52 -5.26 -16.80 -1.91
N VAL A 53 -6.51 -16.40 -1.76
CA VAL A 53 -7.58 -17.21 -1.21
C VAL A 53 -8.42 -17.79 -2.35
N VAL A 54 -9.13 -18.88 -2.07
CA VAL A 54 -10.06 -19.49 -3.01
C VAL A 54 -11.30 -18.62 -3.21
N TRP A 55 -11.85 -18.04 -2.13
CA TRP A 55 -13.13 -17.33 -2.18
C TRP A 55 -12.90 -15.87 -1.79
N GLY A 56 -12.52 -15.66 -0.53
CA GLY A 56 -12.27 -14.36 0.03
C GLY A 56 -11.62 -14.54 1.40
N THR A 57 -11.77 -13.52 2.25
CA THR A 57 -11.35 -13.51 3.65
C THR A 57 -9.84 -13.73 3.81
N ALA A 58 -9.06 -12.70 3.45
CA ALA A 58 -7.61 -12.74 3.41
C ALA A 58 -6.97 -11.79 4.42
N ASP A 59 -5.65 -11.89 4.54
CA ASP A 59 -4.85 -11.08 5.45
C ASP A 59 -4.80 -9.63 4.89
N ILE A 60 -4.68 -9.46 3.57
CA ILE A 60 -4.63 -8.17 2.85
C ILE A 60 -5.83 -8.10 1.89
N MET A 61 -6.99 -7.68 2.40
CA MET A 61 -8.16 -7.35 1.61
C MET A 61 -7.95 -5.98 0.97
N ILE A 62 -8.06 -5.90 -0.36
CA ILE A 62 -7.99 -4.65 -1.12
C ILE A 62 -9.41 -4.38 -1.61
N GLY A 63 -9.93 -3.18 -1.36
CA GLY A 63 -11.27 -2.81 -1.81
C GLY A 63 -11.34 -1.34 -2.20
N PHE A 64 -12.40 -0.95 -2.91
CA PHE A 64 -12.58 0.39 -3.44
C PHE A 64 -14.01 0.82 -3.18
N ALA A 65 -14.21 2.13 -3.02
CA ALA A 65 -15.50 2.76 -2.76
C ALA A 65 -15.59 4.11 -3.45
N ARG A 66 -16.80 4.59 -3.71
CA ARG A 66 -17.07 5.85 -4.40
C ARG A 66 -17.47 7.00 -3.45
N GLY A 67 -17.64 6.69 -2.16
CA GLY A 67 -18.09 7.63 -1.15
C GLY A 67 -18.91 6.89 -0.13
N ALA A 68 -18.31 6.70 1.05
CA ALA A 68 -18.76 5.91 2.20
C ALA A 68 -18.82 4.41 1.91
N HIS A 69 -18.15 3.61 2.75
CA HIS A 69 -18.09 2.16 2.66
C HIS A 69 -18.29 1.50 4.02
N GLY A 70 -18.59 0.20 4.01
CA GLY A 70 -18.67 -0.63 5.19
C GLY A 70 -17.27 -0.93 5.74
N ASP A 71 -16.68 0.05 6.41
CA ASP A 71 -15.36 -0.02 7.02
C ASP A 71 -15.41 0.59 8.44
N SER A 72 -14.26 0.55 9.16
CA SER A 72 -14.07 1.28 10.41
C SER A 72 -14.55 2.73 10.31
N TYR A 73 -14.23 3.44 9.23
CA TYR A 73 -14.61 4.83 9.02
C TYR A 73 -15.04 5.04 7.57
N PRO A 74 -16.01 5.92 7.29
CA PRO A 74 -16.36 6.25 5.92
C PRO A 74 -15.21 7.01 5.24
N PHE A 75 -15.07 6.76 3.94
CA PHE A 75 -14.32 7.61 3.04
C PHE A 75 -14.98 8.98 2.85
N ASP A 76 -14.33 9.77 2.01
CA ASP A 76 -14.52 11.17 1.67
C ASP A 76 -14.87 11.28 0.17
N GLY A 77 -14.31 10.43 -0.71
CA GLY A 77 -14.55 10.48 -2.14
C GLY A 77 -13.50 11.38 -2.83
N PRO A 78 -13.89 12.18 -3.84
CA PRO A 78 -12.98 12.95 -4.69
C PRO A 78 -12.39 14.18 -3.97
N GLY A 79 -11.27 13.99 -3.25
CA GLY A 79 -10.53 15.01 -2.50
C GLY A 79 -10.05 14.41 -1.17
N ASN A 80 -9.22 15.13 -0.39
CA ASN A 80 -8.58 14.65 0.86
C ASN A 80 -7.91 13.26 0.66
N THR A 81 -7.75 12.42 1.70
CA THR A 81 -7.12 11.08 1.70
C THR A 81 -7.64 10.18 0.55
N LEU A 82 -6.77 9.60 -0.29
CA LEU A 82 -7.14 8.83 -1.48
C LEU A 82 -7.27 7.32 -1.22
N ALA A 83 -6.54 6.80 -0.23
CA ALA A 83 -6.57 5.40 0.17
C ALA A 83 -6.12 5.32 1.63
N HIS A 84 -6.42 4.20 2.31
CA HIS A 84 -5.94 3.96 3.66
C HIS A 84 -5.74 2.46 3.87
N ALA A 85 -4.99 2.10 4.92
CA ALA A 85 -4.68 0.72 5.28
C ALA A 85 -4.54 0.58 6.79
N PHE A 86 -4.62 -0.67 7.26
CA PHE A 86 -4.55 -1.02 8.68
C PHE A 86 -3.32 -1.86 8.97
N ALA A 87 -2.93 -1.92 10.25
CA ALA A 87 -1.73 -2.62 10.68
C ALA A 87 -2.03 -4.12 10.81
N PRO A 88 -1.09 -5.02 10.46
CA PRO A 88 -1.30 -6.44 10.65
C PRO A 88 -1.36 -6.78 12.15
N GLY A 89 -2.01 -7.92 12.47
CA GLY A 89 -2.17 -8.40 13.85
C GLY A 89 -3.63 -8.53 14.29
N THR A 90 -4.59 -8.40 13.37
CA THR A 90 -6.03 -8.58 13.59
C THR A 90 -6.70 -8.81 12.23
N GLY A 91 -7.97 -9.22 12.22
CA GLY A 91 -8.75 -9.55 11.03
C GLY A 91 -8.80 -8.40 10.02
N LEU A 92 -9.29 -7.21 10.42
CA LEU A 92 -9.26 -5.99 9.61
C LEU A 92 -7.81 -5.51 9.36
N GLY A 93 -6.86 -5.99 10.17
CA GLY A 93 -5.47 -5.64 10.04
C GLY A 93 -4.95 -5.96 8.64
N GLY A 94 -4.01 -5.15 8.16
CA GLY A 94 -3.43 -5.22 6.82
C GLY A 94 -4.36 -4.80 5.70
N ASP A 95 -5.69 -4.83 5.90
CA ASP A 95 -6.64 -4.55 4.85
C ASP A 95 -6.55 -3.08 4.50
N ALA A 96 -6.92 -2.77 3.26
CA ALA A 96 -6.72 -1.45 2.70
C ALA A 96 -7.85 -1.14 1.74
N HIS A 97 -8.24 0.12 1.71
CA HIS A 97 -9.30 0.58 0.84
C HIS A 97 -8.85 1.82 0.10
N PHE A 98 -9.53 2.10 -1.02
CA PHE A 98 -9.18 3.12 -2.00
C PHE A 98 -10.47 3.85 -2.43
N ASP A 99 -10.37 5.14 -2.74
CA ASP A 99 -11.46 5.89 -3.34
C ASP A 99 -11.49 5.61 -4.85
N GLU A 100 -12.44 4.81 -5.35
CA GLU A 100 -12.68 4.61 -6.78
C GLU A 100 -13.00 5.95 -7.48
N ASP A 101 -13.56 6.91 -6.75
CA ASP A 101 -13.96 8.22 -7.29
C ASP A 101 -12.72 9.05 -7.70
N GLU A 102 -11.62 8.89 -6.97
CA GLU A 102 -10.36 9.59 -7.27
C GLU A 102 -9.75 8.89 -8.48
N ARG A 103 -9.52 9.62 -9.59
CA ARG A 103 -9.05 8.99 -10.84
C ARG A 103 -7.75 8.24 -10.60
N TRP A 104 -7.69 7.00 -11.07
CA TRP A 104 -6.50 6.16 -10.94
C TRP A 104 -5.88 5.98 -12.32
N THR A 105 -4.57 5.80 -12.38
CA THR A 105 -3.86 5.61 -13.64
C THR A 105 -2.71 4.64 -13.43
N ASP A 106 -2.38 3.82 -14.41
CA ASP A 106 -1.27 2.87 -14.37
C ASP A 106 0.08 3.58 -14.29
N GLY A 107 0.24 4.68 -15.04
CA GLY A 107 1.43 5.51 -15.04
C GLY A 107 1.48 6.33 -16.31
N SER A 108 2.46 7.26 -16.39
CA SER A 108 2.72 8.09 -17.57
C SER A 108 1.49 8.82 -18.13
N SER A 109 0.54 9.15 -17.24
CA SER A 109 -0.75 9.75 -17.57
C SER A 109 -1.26 10.55 -16.36
N LEU A 110 -2.31 11.34 -16.60
CA LEU A 110 -3.06 12.08 -15.57
C LEU A 110 -3.79 11.12 -14.61
N GLY A 111 -4.27 11.68 -13.50
CA GLY A 111 -4.89 10.93 -12.41
C GLY A 111 -3.85 10.65 -11.33
N ILE A 112 -4.15 9.66 -10.48
CA ILE A 112 -3.26 9.25 -9.40
C ILE A 112 -2.67 7.90 -9.76
N ASN A 113 -1.33 7.86 -9.80
CA ASN A 113 -0.53 6.67 -10.11
C ASN A 113 -0.92 5.53 -9.15
N PHE A 114 -1.66 4.56 -9.67
CA PHE A 114 -2.12 3.36 -9.00
C PHE A 114 -0.95 2.54 -8.51
N LEU A 115 0.16 2.49 -9.25
CA LEU A 115 1.32 1.70 -8.87
C LEU A 115 2.02 2.36 -7.67
N TYR A 116 2.12 3.70 -7.67
CA TYR A 116 2.63 4.47 -6.54
C TYR A 116 1.72 4.27 -5.34
N ALA A 117 0.40 4.32 -5.56
CA ALA A 117 -0.60 4.12 -4.53
C ALA A 117 -0.46 2.73 -3.92
N ALA A 118 -0.48 1.71 -4.76
CA ALA A 118 -0.36 0.33 -4.34
C ALA A 118 0.96 0.14 -3.60
N THR A 119 2.11 0.54 -4.16
CA THR A 119 3.39 0.44 -3.47
C THR A 119 3.34 1.14 -2.08
N HIS A 120 2.75 2.34 -1.97
CA HIS A 120 2.62 3.00 -0.68
C HIS A 120 1.71 2.19 0.27
N GLU A 121 0.48 1.87 -0.15
CA GLU A 121 -0.51 1.24 0.73
C GLU A 121 -0.10 -0.19 1.11
N LEU A 122 0.48 -0.95 0.16
CA LEU A 122 0.98 -2.29 0.40
C LEU A 122 2.16 -2.25 1.37
N GLY A 123 2.95 -1.18 1.38
CA GLY A 123 3.96 -0.98 2.42
C GLY A 123 3.36 -1.10 3.81
N HIS A 124 2.19 -0.48 4.03
CA HIS A 124 1.49 -0.59 5.29
C HIS A 124 0.81 -1.94 5.46
N SER A 125 0.33 -2.57 4.39
CA SER A 125 -0.22 -3.92 4.47
C SER A 125 0.85 -4.95 4.90
N LEU A 126 2.12 -4.73 4.50
CA LEU A 126 3.24 -5.57 4.92
C LEU A 126 3.52 -5.44 6.42
N GLY A 127 3.21 -4.28 7.01
CA GLY A 127 3.52 -4.03 8.40
C GLY A 127 3.72 -2.58 8.72
N MET A 128 2.74 -1.73 8.42
CA MET A 128 2.80 -0.29 8.67
C MET A 128 4.13 0.32 8.17
N GLY A 129 4.54 1.45 8.75
CA GLY A 129 5.82 2.08 8.47
C GLY A 129 5.57 3.36 7.70
N HIS A 130 5.21 4.45 8.39
CA HIS A 130 5.09 5.78 7.78
C HIS A 130 6.39 6.55 7.97
N SER A 131 6.50 7.73 7.33
CA SER A 131 7.65 8.64 7.35
C SER A 131 7.14 10.04 6.95
N SER A 132 8.06 11.00 6.87
CA SER A 132 7.86 12.37 6.38
C SER A 132 9.19 12.76 5.72
N ASP A 133 9.31 12.67 4.40
CA ASP A 133 10.47 13.21 3.65
C ASP A 133 9.95 13.75 2.31
N PRO A 134 10.45 14.87 1.78
CA PRO A 134 9.97 15.46 0.53
C PRO A 134 10.34 14.64 -0.72
N ASN A 135 11.13 13.58 -0.55
CA ASN A 135 11.71 12.74 -1.61
C ASN A 135 11.37 11.25 -1.39
N ALA A 136 10.42 10.96 -0.50
CA ALA A 136 10.01 9.63 -0.07
C ALA A 136 8.63 9.30 -0.63
N VAL A 137 8.39 8.05 -1.06
CA VAL A 137 7.04 7.61 -1.44
C VAL A 137 6.11 7.67 -0.23
N MET A 138 6.67 7.49 0.98
CA MET A 138 5.94 7.40 2.22
C MET A 138 5.41 8.74 2.70
N TYR A 139 5.84 9.85 2.09
CA TYR A 139 5.33 11.17 2.43
C TYR A 139 3.79 11.15 2.35
N PRO A 140 3.09 11.76 3.32
CA PRO A 140 1.66 12.00 3.21
C PRO A 140 1.42 13.16 2.22
N THR A 141 0.20 13.67 2.16
CA THR A 141 -0.19 14.88 1.39
C THR A 141 0.30 14.89 -0.07
N TYR A 142 -0.43 14.18 -0.94
CA TYR A 142 -0.09 13.95 -2.35
C TYR A 142 0.10 15.25 -3.15
N GLY A 143 1.35 15.71 -3.23
CA GLY A 143 1.77 16.93 -3.89
C GLY A 143 3.04 17.46 -3.24
N ASN A 144 4.18 17.40 -3.93
CA ASN A 144 5.46 18.04 -3.56
C ASN A 144 6.42 17.91 -4.75
N GLY A 145 6.57 16.70 -5.26
CA GLY A 145 7.47 16.33 -6.36
C GLY A 145 6.65 15.81 -7.53
N ASP A 146 6.93 14.57 -7.97
CA ASP A 146 6.20 13.92 -9.05
C ASP A 146 6.17 12.41 -8.77
N PRO A 147 4.98 11.77 -8.70
CA PRO A 147 4.84 10.33 -8.50
C PRO A 147 5.03 9.49 -9.76
N GLN A 148 5.15 10.09 -10.94
CA GLN A 148 5.47 9.36 -12.17
C GLN A 148 6.89 8.80 -12.11
N ASN A 149 7.80 9.44 -11.36
CA ASN A 149 9.21 9.07 -11.23
C ASN A 149 9.54 8.59 -9.81
N PHE A 150 9.19 7.33 -9.54
CA PHE A 150 9.34 6.66 -8.25
C PHE A 150 9.78 5.21 -8.46
N LYS A 151 10.56 4.66 -7.53
CA LYS A 151 11.10 3.29 -7.59
C LYS A 151 11.84 2.92 -6.30
N LEU A 152 11.23 3.20 -5.13
CA LEU A 152 11.78 2.94 -3.81
C LEU A 152 13.09 3.72 -3.56
N SER A 153 12.98 5.03 -3.23
CA SER A 153 14.11 5.97 -3.11
C SER A 153 15.10 5.61 -1.97
N GLN A 154 14.84 6.07 -0.73
CA GLN A 154 15.69 5.83 0.44
C GLN A 154 14.81 5.52 1.65
N ASP A 155 13.76 6.31 1.88
CA ASP A 155 12.75 6.05 2.90
C ASP A 155 12.19 4.64 2.76
N ASP A 156 11.88 4.23 1.53
CA ASP A 156 11.39 2.88 1.25
C ASP A 156 12.43 1.86 1.69
N ILE A 157 13.68 1.99 1.22
CA ILE A 157 14.77 1.08 1.55
C ILE A 157 14.98 1.02 3.07
N LYS A 158 14.99 2.18 3.73
CA LYS A 158 15.21 2.32 5.16
C LYS A 158 14.06 1.67 5.91
N GLY A 159 12.82 1.97 5.51
CA GLY A 159 11.62 1.44 6.09
C GLY A 159 11.57 -0.07 5.91
N ILE A 160 11.90 -0.58 4.72
CA ILE A 160 12.00 -2.01 4.44
C ILE A 160 13.03 -2.66 5.36
N GLN A 161 14.24 -2.09 5.43
CA GLN A 161 15.30 -2.61 6.29
C GLN A 161 14.84 -2.62 7.75
N LYS A 162 14.09 -1.60 8.17
CA LYS A 162 13.53 -1.56 9.51
C LYS A 162 12.40 -2.59 9.68
N LEU A 163 11.54 -2.80 8.67
CA LEU A 163 10.43 -3.74 8.63
C LEU A 163 10.92 -5.14 8.98
N TYR A 164 11.88 -5.67 8.20
CA TYR A 164 12.34 -7.04 8.42
C TYR A 164 13.45 -7.09 9.46
N GLY A 165 14.10 -5.97 9.77
CA GLY A 165 15.24 -5.87 10.66
C GLY A 165 14.83 -5.74 12.12
N LYS A 166 13.69 -5.11 12.43
CA LYS A 166 13.23 -4.96 13.82
C LYS A 166 11.72 -4.67 13.90
N ARG A 167 11.29 -3.47 13.51
CA ARG A 167 9.91 -2.99 13.59
C ARG A 167 9.79 -1.66 12.86
N SER A 168 8.57 -1.30 12.43
CA SER A 168 8.24 -0.06 11.73
C SER A 168 6.72 0.09 11.83
N ASN A 169 6.21 1.18 12.43
CA ASN A 169 4.79 1.55 12.49
C ASN A 169 4.62 2.90 13.20
N SER A 170 3.46 3.55 13.03
CA SER A 170 3.14 4.80 13.74
C SER A 170 1.64 4.99 13.91
N ARG A 171 1.01 4.20 14.79
CA ARG A 171 -0.43 4.29 15.05
C ARG A 171 -0.81 5.54 15.87
N LYS A 172 -0.78 6.72 15.25
CA LYS A 172 -1.10 8.01 15.86
C LYS A 172 -1.76 8.94 14.84
N LYS A 173 -2.98 8.57 14.42
CA LYS A 173 -3.86 9.25 13.47
CA TYR A 1 5.25 6.45 15.97
C TYR A 1 5.49 6.27 14.48
N SER A 2 4.47 5.83 13.74
CA SER A 2 4.53 5.59 12.32
C SER A 2 3.07 5.49 11.84
N LEU A 3 2.23 4.69 12.52
CA LEU A 3 0.80 4.59 12.19
C LEU A 3 -0.08 4.55 13.44
N PHE A 4 0.22 3.66 14.41
CA PHE A 4 -0.54 3.41 15.64
C PHE A 4 0.00 2.20 16.43
N PRO A 5 0.15 1.01 15.81
CA PRO A 5 0.68 -0.19 16.46
C PRO A 5 2.22 -0.22 16.43
N ASN A 6 2.80 -1.23 17.08
CA ASN A 6 4.24 -1.36 17.31
C ASN A 6 4.64 -2.85 17.24
N SER A 7 4.20 -3.55 16.18
CA SER A 7 4.56 -4.93 15.87
C SER A 7 4.34 -5.15 14.37
N PRO A 8 5.11 -4.49 13.49
CA PRO A 8 5.05 -4.79 12.07
C PRO A 8 5.72 -6.12 11.77
N LYS A 9 5.64 -6.53 10.49
CA LYS A 9 6.15 -7.77 9.92
C LYS A 9 5.14 -8.89 10.24
N TRP A 10 4.53 -9.46 9.19
CA TRP A 10 3.63 -10.59 9.35
C TRP A 10 4.32 -11.79 10.02
N THR A 11 3.49 -12.73 10.52
CA THR A 11 3.96 -13.89 11.28
C THR A 11 4.74 -14.87 10.41
N SER A 12 4.35 -14.95 9.12
CA SER A 12 4.92 -15.78 8.08
C SER A 12 5.35 -14.86 6.94
N LYS A 13 6.38 -15.27 6.20
CA LYS A 13 6.80 -14.60 4.97
C LYS A 13 5.82 -14.84 3.82
N VAL A 14 4.70 -15.56 4.06
CA VAL A 14 3.69 -15.85 3.05
C VAL A 14 2.38 -15.28 3.56
N VAL A 15 1.93 -14.20 2.92
CA VAL A 15 0.79 -13.41 3.35
C VAL A 15 -0.30 -13.53 2.28
N THR A 16 -1.57 -13.57 2.66
CA THR A 16 -2.65 -13.75 1.70
C THR A 16 -3.27 -12.39 1.32
N TYR A 17 -3.82 -12.27 0.12
CA TYR A 17 -4.51 -11.05 -0.31
C TYR A 17 -5.88 -11.40 -0.91
N ARG A 18 -6.80 -10.42 -0.92
CA ARG A 18 -8.10 -10.55 -1.57
C ARG A 18 -8.50 -9.21 -2.17
N ILE A 19 -8.68 -9.16 -3.49
CA ILE A 19 -9.14 -7.95 -4.13
C ILE A 19 -10.69 -7.99 -4.04
N VAL A 20 -11.22 -7.51 -2.90
CA VAL A 20 -12.65 -7.40 -2.58
C VAL A 20 -13.40 -6.65 -3.67
N SER A 21 -12.76 -5.62 -4.22
CA SER A 21 -13.28 -4.74 -5.25
C SER A 21 -12.06 -4.23 -6.00
N TYR A 22 -12.28 -3.66 -7.18
CA TYR A 22 -11.25 -3.25 -8.13
C TYR A 22 -11.61 -1.82 -8.57
N THR A 23 -10.69 -1.14 -9.26
CA THR A 23 -10.95 0.15 -9.89
C THR A 23 -11.88 -0.01 -11.12
N ARG A 24 -11.99 1.07 -11.91
CA ARG A 24 -12.81 1.15 -13.11
C ARG A 24 -12.04 1.62 -14.35
N ASP A 25 -11.19 2.65 -14.23
CA ASP A 25 -10.43 3.21 -15.37
C ASP A 25 -9.52 2.11 -15.95
N LEU A 26 -8.88 1.32 -15.07
CA LEU A 26 -8.01 0.21 -15.45
C LEU A 26 -8.70 -1.14 -15.21
N PRO A 27 -8.35 -2.16 -16.01
CA PRO A 27 -8.97 -3.48 -15.91
C PRO A 27 -8.46 -4.27 -14.69
N HIS A 28 -9.26 -5.25 -14.25
CA HIS A 28 -8.99 -6.07 -13.06
C HIS A 28 -7.69 -6.87 -13.19
N ILE A 29 -7.42 -7.40 -14.39
CA ILE A 29 -6.16 -8.08 -14.67
C ILE A 29 -4.98 -7.12 -14.46
N THR A 30 -5.13 -5.86 -14.88
CA THR A 30 -4.12 -4.83 -14.67
C THR A 30 -4.05 -4.49 -13.18
N VAL A 31 -5.15 -4.43 -12.44
CA VAL A 31 -5.12 -4.22 -10.99
C VAL A 31 -4.25 -5.29 -10.33
N ASP A 32 -4.52 -6.59 -10.58
CA ASP A 32 -3.74 -7.68 -9.99
C ASP A 32 -2.30 -7.67 -10.50
N ARG A 33 -2.08 -7.41 -11.80
CA ARG A 33 -0.74 -7.34 -12.37
C ARG A 33 0.06 -6.21 -11.76
N LEU A 34 -0.53 -5.02 -11.66
CA LEU A 34 0.08 -3.87 -11.03
C LEU A 34 0.31 -4.21 -9.57
N VAL A 35 -0.65 -4.82 -8.85
CA VAL A 35 -0.41 -5.26 -7.47
C VAL A 35 0.80 -6.21 -7.40
N SER A 36 0.89 -7.20 -8.29
CA SER A 36 1.99 -8.16 -8.27
C SER A 36 3.31 -7.44 -8.55
N LYS A 37 3.37 -6.59 -9.58
CA LYS A 37 4.57 -5.87 -9.98
C LYS A 37 4.96 -4.80 -8.96
N ALA A 38 3.98 -4.12 -8.36
CA ALA A 38 4.13 -3.12 -7.29
C ALA A 38 4.67 -3.79 -6.05
N LEU A 39 4.08 -4.93 -5.65
CA LEU A 39 4.58 -5.72 -4.54
C LEU A 39 5.92 -6.33 -4.87
N ASN A 40 6.18 -6.68 -6.13
CA ASN A 40 7.49 -7.15 -6.54
C ASN A 40 8.52 -6.06 -6.28
N MET A 41 8.17 -4.77 -6.42
CA MET A 41 9.08 -3.68 -6.09
C MET A 41 9.35 -3.55 -4.60
N TRP A 42 8.48 -4.02 -3.70
CA TRP A 42 8.76 -4.15 -2.26
C TRP A 42 9.49 -5.46 -1.95
N GLY A 43 9.16 -6.54 -2.68
CA GLY A 43 9.81 -7.83 -2.54
C GLY A 43 11.20 -7.86 -3.19
N LYS A 44 11.52 -6.87 -4.02
CA LYS A 44 12.86 -6.70 -4.56
C LYS A 44 13.89 -6.49 -3.45
N GLU A 45 13.48 -5.95 -2.29
CA GLU A 45 14.37 -5.78 -1.15
C GLU A 45 14.17 -6.89 -0.11
N ILE A 46 12.97 -7.48 0.02
CA ILE A 46 12.69 -8.57 0.97
C ILE A 46 12.16 -9.81 0.27
N PRO A 47 12.70 -11.02 0.53
CA PRO A 47 12.23 -12.26 -0.08
C PRO A 47 10.89 -12.73 0.52
N LEU A 48 9.95 -11.80 0.70
CA LEU A 48 8.59 -12.06 1.15
C LEU A 48 7.75 -12.48 -0.04
N HIS A 49 6.81 -13.38 0.21
CA HIS A 49 5.97 -13.99 -0.81
C HIS A 49 4.50 -13.80 -0.40
N PHE A 50 3.59 -13.97 -1.35
CA PHE A 50 2.20 -13.62 -1.14
C PHE A 50 1.36 -14.66 -1.88
N ARG A 51 0.14 -14.87 -1.40
CA ARG A 51 -0.80 -15.84 -1.96
C ARG A 51 -2.17 -15.20 -2.03
N LYS A 52 -3.11 -15.89 -2.68
CA LYS A 52 -4.49 -15.46 -2.80
C LYS A 52 -5.38 -16.44 -2.06
N VAL A 53 -6.61 -16.03 -1.79
CA VAL A 53 -7.64 -16.83 -1.13
C VAL A 53 -8.64 -17.34 -2.16
N VAL A 54 -9.54 -18.23 -1.73
CA VAL A 54 -10.46 -18.96 -2.62
C VAL A 54 -11.93 -18.59 -2.32
N TRP A 55 -12.13 -17.30 -1.99
CA TRP A 55 -13.38 -16.64 -1.60
C TRP A 55 -13.53 -16.69 -0.09
N GLY A 56 -13.34 -15.54 0.58
CA GLY A 56 -13.32 -15.49 2.03
C GLY A 56 -12.56 -14.25 2.47
N THR A 57 -11.53 -14.45 3.29
CA THR A 57 -10.81 -13.37 3.95
C THR A 57 -9.32 -13.65 3.92
N ALA A 58 -8.52 -12.59 3.74
CA ALA A 58 -7.07 -12.60 3.61
C ALA A 58 -6.48 -11.49 4.48
N ASP A 59 -5.15 -11.36 4.42
CA ASP A 59 -4.40 -10.41 5.20
C ASP A 59 -4.40 -9.02 4.54
N ILE A 60 -4.27 -8.99 3.21
CA ILE A 60 -4.17 -7.77 2.40
C ILE A 60 -5.39 -7.72 1.50
N MET A 61 -6.52 -7.28 2.03
CA MET A 61 -7.71 -7.02 1.25
C MET A 61 -7.54 -5.68 0.56
N ILE A 62 -7.71 -5.65 -0.77
CA ILE A 62 -7.73 -4.41 -1.53
C ILE A 62 -9.19 -4.22 -1.98
N GLY A 63 -9.79 -3.09 -1.67
CA GLY A 63 -11.17 -2.80 -2.07
C GLY A 63 -11.33 -1.33 -2.44
N PHE A 64 -12.42 -1.01 -3.14
CA PHE A 64 -12.65 0.34 -3.63
C PHE A 64 -14.11 0.69 -3.38
N ALA A 65 -14.37 1.98 -3.15
CA ALA A 65 -15.66 2.54 -2.79
C ALA A 65 -15.84 3.90 -3.48
N ARG A 66 -17.00 4.55 -3.25
CA ARG A 66 -17.39 5.79 -3.93
C ARG A 66 -18.00 6.72 -2.88
N GLY A 67 -17.13 7.24 -2.02
CA GLY A 67 -17.51 8.12 -0.93
C GLY A 67 -17.62 7.33 0.37
N ALA A 68 -18.57 6.40 0.50
CA ALA A 68 -18.74 5.67 1.76
C ALA A 68 -18.72 4.17 1.51
N HIS A 69 -18.45 3.42 2.59
CA HIS A 69 -18.34 1.98 2.59
C HIS A 69 -18.56 1.47 4.01
N GLY A 70 -19.00 0.20 4.09
CA GLY A 70 -19.35 -0.49 5.33
C GLY A 70 -18.11 -1.00 6.08
N ASP A 71 -17.16 -0.10 6.33
CA ASP A 71 -15.89 -0.40 6.97
C ASP A 71 -15.89 0.22 8.36
N SER A 72 -15.68 1.54 8.43
CA SER A 72 -15.55 2.29 9.67
C SER A 72 -15.37 3.78 9.37
N TYR A 73 -14.64 4.10 8.29
CA TYR A 73 -14.28 5.47 7.93
C TYR A 73 -14.63 5.69 6.46
N PRO A 74 -15.78 6.32 6.16
CA PRO A 74 -16.10 6.66 4.79
C PRO A 74 -15.08 7.69 4.27
N PHE A 75 -14.70 7.53 3.00
CA PHE A 75 -13.95 8.52 2.23
C PHE A 75 -14.75 9.83 2.09
N ASP A 76 -14.10 10.79 1.45
CA ASP A 76 -14.60 12.13 1.17
C ASP A 76 -15.12 12.22 -0.28
N GLY A 77 -14.49 11.58 -1.28
CA GLY A 77 -14.82 11.74 -2.69
C GLY A 77 -13.63 12.30 -3.50
N PRO A 78 -13.86 13.06 -4.60
CA PRO A 78 -12.82 13.59 -5.48
C PRO A 78 -12.01 14.74 -4.84
N GLY A 79 -11.02 14.42 -4.00
CA GLY A 79 -10.11 15.37 -3.36
C GLY A 79 -9.39 14.70 -2.17
N ASN A 80 -8.71 15.48 -1.32
CA ASN A 80 -8.18 15.05 -0.01
C ASN A 80 -7.56 13.63 -0.02
N THR A 81 -7.84 12.80 1.00
CA THR A 81 -7.46 11.39 1.13
C THR A 81 -8.02 10.56 -0.04
N LEU A 82 -7.19 9.86 -0.81
CA LEU A 82 -7.57 9.09 -1.98
C LEU A 82 -7.73 7.58 -1.70
N ALA A 83 -6.99 7.06 -0.72
CA ALA A 83 -7.03 5.66 -0.32
C ALA A 83 -6.50 5.58 1.13
N HIS A 84 -6.83 4.52 1.85
CA HIS A 84 -6.33 4.31 3.21
C HIS A 84 -6.08 2.83 3.43
N ALA A 85 -5.20 2.52 4.38
CA ALA A 85 -4.83 1.16 4.72
C ALA A 85 -4.55 1.06 6.20
N PHE A 86 -4.54 -0.17 6.70
CA PHE A 86 -4.36 -0.46 8.11
C PHE A 86 -3.06 -1.27 8.29
N ALA A 87 -2.44 -1.16 9.47
CA ALA A 87 -1.24 -1.91 9.82
C ALA A 87 -1.53 -3.42 9.84
N PRO A 88 -0.52 -4.30 9.73
CA PRO A 88 -0.74 -5.74 9.78
C PRO A 88 -1.13 -6.21 11.19
N GLY A 89 -1.70 -7.41 11.25
CA GLY A 89 -2.18 -8.01 12.48
C GLY A 89 -2.91 -9.30 12.13
N THR A 90 -4.15 -9.44 12.60
CA THR A 90 -4.98 -10.62 12.41
C THR A 90 -6.40 -10.09 12.19
N GLY A 91 -6.84 -10.01 10.93
CA GLY A 91 -8.19 -9.60 10.58
C GLY A 91 -8.13 -8.37 9.70
N LEU A 92 -8.83 -7.30 10.09
CA LEU A 92 -8.86 -6.02 9.37
C LEU A 92 -7.44 -5.50 9.08
N GLY A 93 -6.48 -5.71 9.99
CA GLY A 93 -5.10 -5.32 9.78
C GLY A 93 -4.59 -5.71 8.38
N GLY A 94 -3.87 -4.81 7.73
CA GLY A 94 -3.30 -4.94 6.40
C GLY A 94 -4.25 -4.61 5.26
N ASP A 95 -5.57 -4.68 5.53
CA ASP A 95 -6.60 -4.41 4.52
C ASP A 95 -6.53 -2.92 4.19
N ALA A 96 -6.93 -2.59 2.96
CA ALA A 96 -6.80 -1.27 2.39
C ALA A 96 -8.00 -1.01 1.49
N HIS A 97 -8.39 0.26 1.44
CA HIS A 97 -9.52 0.71 0.68
C HIS A 97 -9.11 1.92 -0.14
N PHE A 98 -9.82 2.14 -1.24
CA PHE A 98 -9.49 3.12 -2.24
C PHE A 98 -10.79 3.81 -2.66
N ASP A 99 -10.67 5.07 -3.09
CA ASP A 99 -11.82 5.81 -3.57
C ASP A 99 -11.89 5.61 -5.10
N GLU A 100 -12.70 4.64 -5.55
CA GLU A 100 -12.97 4.36 -6.97
C GLU A 100 -13.47 5.61 -7.70
N ASP A 101 -14.14 6.53 -6.99
CA ASP A 101 -14.69 7.75 -7.57
C ASP A 101 -13.57 8.68 -8.06
N GLU A 102 -12.47 8.70 -7.30
CA GLU A 102 -11.27 9.41 -7.67
C GLU A 102 -10.65 8.72 -8.86
N ARG A 103 -10.31 9.48 -9.91
CA ARG A 103 -9.69 8.92 -11.09
C ARG A 103 -8.39 8.20 -10.73
N TRP A 104 -8.15 7.07 -11.38
CA TRP A 104 -6.96 6.25 -11.22
C TRP A 104 -6.33 6.10 -12.59
N THR A 105 -5.00 5.96 -12.65
CA THR A 105 -4.26 5.72 -13.88
C THR A 105 -3.19 4.65 -13.60
N ASP A 106 -2.84 3.79 -14.57
CA ASP A 106 -1.74 2.83 -14.43
C ASP A 106 -0.44 3.59 -14.20
N GLY A 107 -0.15 4.53 -15.11
CA GLY A 107 1.13 5.20 -15.21
C GLY A 107 1.10 6.20 -16.35
N SER A 108 0.38 7.30 -16.19
CA SER A 108 0.35 8.41 -17.14
C SER A 108 -0.13 9.69 -16.45
N SER A 109 0.32 10.85 -16.92
CA SER A 109 -0.14 12.16 -16.45
C SER A 109 -1.61 12.39 -16.83
N LEU A 110 -2.53 11.93 -15.97
CA LEU A 110 -3.98 12.03 -16.14
C LEU A 110 -4.71 11.85 -14.79
N GLY A 111 -4.45 10.73 -14.11
CA GLY A 111 -5.09 10.36 -12.85
C GLY A 111 -4.05 10.13 -11.77
N ILE A 112 -4.36 9.20 -10.86
CA ILE A 112 -3.49 8.89 -9.72
C ILE A 112 -2.86 7.53 -9.99
N ASN A 113 -1.53 7.47 -9.96
CA ASN A 113 -0.74 6.28 -10.28
C ASN A 113 -1.15 5.13 -9.36
N PHE A 114 -1.86 4.15 -9.93
CA PHE A 114 -2.35 2.96 -9.25
C PHE A 114 -1.18 2.17 -8.68
N LEU A 115 -0.14 1.94 -9.49
CA LEU A 115 1.03 1.14 -9.09
C LEU A 115 1.62 1.77 -7.82
N TYR A 116 1.75 3.10 -7.80
CA TYR A 116 2.36 3.83 -6.69
C TYR A 116 1.40 3.86 -5.51
N ALA A 117 0.10 4.06 -5.75
CA ALA A 117 -0.92 4.03 -4.72
C ALA A 117 -0.89 2.70 -3.98
N ALA A 118 -0.88 1.61 -4.74
CA ALA A 118 -0.77 0.27 -4.20
C ALA A 118 0.55 0.15 -3.43
N THR A 119 1.71 0.42 -4.04
CA THR A 119 3.02 0.34 -3.38
C THR A 119 3.07 1.14 -2.07
N HIS A 120 2.39 2.29 -2.03
CA HIS A 120 2.27 3.06 -0.82
C HIS A 120 1.47 2.25 0.21
N GLU A 121 0.21 1.91 -0.10
CA GLU A 121 -0.71 1.29 0.86
C GLU A 121 -0.18 -0.07 1.32
N LEU A 122 0.34 -0.86 0.38
CA LEU A 122 0.94 -2.17 0.61
C LEU A 122 2.17 -2.08 1.50
N GLY A 123 2.92 -0.98 1.44
CA GLY A 123 3.99 -0.72 2.37
C GLY A 123 3.48 -0.77 3.80
N HIS A 124 2.32 -0.14 4.06
CA HIS A 124 1.71 -0.21 5.37
C HIS A 124 1.23 -1.61 5.69
N SER A 125 0.57 -2.27 4.73
CA SER A 125 0.13 -3.64 4.92
C SER A 125 1.30 -4.54 5.35
N LEU A 126 2.49 -4.33 4.79
CA LEU A 126 3.69 -5.08 5.16
C LEU A 126 4.07 -4.88 6.63
N GLY A 127 3.90 -3.66 7.12
CA GLY A 127 4.28 -3.27 8.46
C GLY A 127 4.61 -1.79 8.58
N MET A 128 4.97 -1.13 7.47
CA MET A 128 5.33 0.28 7.53
C MET A 128 4.20 1.11 8.15
N GLY A 129 4.52 2.30 8.66
CA GLY A 129 3.50 3.17 9.20
C GLY A 129 3.47 4.52 8.52
N HIS A 130 4.62 5.12 8.24
CA HIS A 130 4.83 6.37 7.51
C HIS A 130 6.29 6.79 7.72
N SER A 131 6.69 7.89 7.10
CA SER A 131 8.00 8.50 7.23
C SER A 131 7.82 9.99 7.01
N SER A 132 8.94 10.73 7.01
CA SER A 132 8.98 12.17 6.91
C SER A 132 10.06 12.58 5.91
N ASP A 133 9.89 12.19 4.63
CA ASP A 133 10.85 12.46 3.58
C ASP A 133 10.15 13.10 2.37
N PRO A 134 10.84 13.98 1.62
CA PRO A 134 10.22 14.72 0.51
C PRO A 134 9.94 13.80 -0.69
N ASN A 135 10.71 12.72 -0.84
CA ASN A 135 10.61 11.75 -1.93
C ASN A 135 10.38 10.36 -1.33
N ALA A 136 9.66 10.28 -0.21
CA ALA A 136 9.28 9.02 0.41
C ALA A 136 8.28 8.26 -0.45
N VAL A 137 8.39 6.93 -0.52
CA VAL A 137 7.32 6.12 -1.11
C VAL A 137 6.03 6.21 -0.27
N MET A 138 6.17 6.52 1.03
CA MET A 138 5.08 6.71 1.99
C MET A 138 4.71 8.19 2.16
N TYR A 139 5.20 9.11 1.31
CA TYR A 139 4.82 10.52 1.34
C TYR A 139 3.29 10.72 1.41
N PRO A 140 2.77 11.65 2.24
CA PRO A 140 1.33 11.88 2.34
C PRO A 140 0.81 12.76 1.20
N THR A 141 1.22 14.04 1.16
CA THR A 141 0.79 15.02 0.16
C THR A 141 1.10 14.51 -1.26
N TYR A 142 0.18 14.73 -2.22
CA TYR A 142 0.32 14.24 -3.58
C TYR A 142 0.94 15.35 -4.45
N GLY A 143 2.27 15.55 -4.32
CA GLY A 143 3.00 16.46 -5.21
C GLY A 143 4.33 17.00 -4.65
N ASN A 144 5.47 16.38 -4.99
CA ASN A 144 6.81 16.80 -4.52
C ASN A 144 7.94 16.28 -5.41
N GLY A 145 7.88 14.99 -5.75
CA GLY A 145 8.83 14.29 -6.60
C GLY A 145 8.11 13.84 -7.86
N ASP A 146 8.23 12.56 -8.22
CA ASP A 146 7.60 12.02 -9.43
C ASP A 146 7.22 10.55 -9.17
N PRO A 147 5.92 10.19 -9.14
CA PRO A 147 5.51 8.81 -8.93
C PRO A 147 5.74 7.92 -10.18
N GLN A 148 6.02 8.52 -11.35
CA GLN A 148 6.23 7.76 -12.58
C GLN A 148 7.58 7.01 -12.55
N ASN A 149 8.54 7.51 -11.77
CA ASN A 149 9.84 6.89 -11.53
C ASN A 149 9.92 6.49 -10.05
N PHE A 150 9.54 5.23 -9.78
CA PHE A 150 9.48 4.66 -8.44
C PHE A 150 10.77 4.81 -7.65
N LYS A 151 11.78 4.01 -8.02
CA LYS A 151 13.14 3.99 -7.50
C LYS A 151 13.15 4.33 -6.01
N LEU A 152 12.56 3.42 -5.22
CA LEU A 152 12.35 3.54 -3.78
C LEU A 152 13.59 4.19 -3.14
N SER A 153 13.38 5.32 -2.46
CA SER A 153 14.46 6.19 -1.99
C SER A 153 15.11 5.58 -0.76
N GLN A 154 14.76 6.10 0.42
CA GLN A 154 15.12 5.57 1.72
C GLN A 154 13.89 5.26 2.54
N ASP A 155 12.68 5.64 2.14
CA ASP A 155 11.48 5.33 2.92
C ASP A 155 11.32 3.83 3.12
N ASP A 156 11.14 3.12 2.00
CA ASP A 156 11.07 1.67 2.00
C ASP A 156 12.43 1.12 2.38
N ILE A 157 13.52 1.56 1.74
CA ILE A 157 14.85 1.00 1.97
C ILE A 157 15.18 0.99 3.47
N LYS A 158 14.97 2.12 4.17
CA LYS A 158 15.25 2.23 5.60
C LYS A 158 14.28 1.35 6.36
N GLY A 159 12.98 1.46 6.07
CA GLY A 159 11.95 0.67 6.72
C GLY A 159 12.26 -0.81 6.59
N ILE A 160 12.38 -1.33 5.37
CA ILE A 160 12.77 -2.69 5.04
C ILE A 160 14.04 -3.11 5.77
N GLN A 161 15.10 -2.29 5.73
CA GLN A 161 16.33 -2.61 6.44
C GLN A 161 16.10 -2.70 7.95
N LYS A 162 15.19 -1.90 8.49
CA LYS A 162 14.83 -1.92 9.89
C LYS A 162 13.90 -3.11 10.21
N LEU A 163 13.09 -3.54 9.25
CA LEU A 163 12.17 -4.67 9.36
C LEU A 163 12.95 -5.98 9.34
N TYR A 164 13.81 -6.21 8.34
CA TYR A 164 14.52 -7.48 8.15
C TYR A 164 16.02 -7.23 8.11
N GLY A 165 16.44 -6.33 7.21
CA GLY A 165 17.85 -6.03 6.98
C GLY A 165 18.33 -6.73 5.72
N LYS A 166 18.70 -5.96 4.68
CA LYS A 166 19.31 -6.52 3.48
C LYS A 166 20.45 -5.62 3.02
N ARG A 167 20.15 -4.47 2.41
CA ARG A 167 21.11 -3.49 1.91
C ARG A 167 20.41 -2.12 1.82
N SER A 168 21.19 -1.06 1.62
CA SER A 168 20.71 0.30 1.44
C SER A 168 21.62 0.94 0.40
N ASN A 169 21.01 1.49 -0.66
CA ASN A 169 21.68 2.30 -1.66
C ASN A 169 20.57 3.01 -2.45
N SER A 170 20.76 4.27 -2.83
CA SER A 170 19.88 4.99 -3.72
C SER A 170 20.63 6.24 -4.20
N ARG A 171 20.32 6.73 -5.42
CA ARG A 171 20.92 7.94 -5.97
C ARG A 171 20.24 8.27 -7.31
N LYS A 172 19.22 9.13 -7.28
CA LYS A 172 18.53 9.61 -8.48
C LYS A 172 17.68 10.83 -8.11
N LYS A 173 17.07 11.43 -9.12
CA LYS A 173 16.08 12.50 -9.06
CA TYR A 1 7.52 1.26 15.94
C TYR A 1 6.82 2.54 15.49
N SER A 2 6.05 2.49 14.39
CA SER A 2 5.33 3.65 13.88
C SER A 2 4.15 4.02 14.79
N LEU A 3 3.41 5.05 14.38
CA LEU A 3 2.35 5.67 15.16
C LEU A 3 0.99 5.32 14.55
N PHE A 4 0.63 4.02 14.58
CA PHE A 4 -0.56 3.40 14.00
C PHE A 4 -0.54 1.87 14.20
N PRO A 5 0.55 1.15 13.84
CA PRO A 5 0.62 -0.30 13.99
C PRO A 5 0.94 -0.72 15.43
N ASN A 6 0.68 -2.00 15.73
CA ASN A 6 0.83 -2.59 17.06
C ASN A 6 1.73 -3.84 16.96
N SER A 7 1.33 -4.79 16.11
CA SER A 7 2.06 -6.03 15.86
C SER A 7 2.26 -6.22 14.35
N PRO A 8 3.00 -5.30 13.68
CA PRO A 8 3.30 -5.42 12.27
C PRO A 8 4.25 -6.60 12.02
N LYS A 9 4.38 -7.00 10.75
CA LYS A 9 5.22 -8.10 10.27
C LYS A 9 4.54 -9.43 10.61
N TRP A 10 3.86 -10.01 9.61
CA TRP A 10 3.14 -11.27 9.77
C TRP A 10 4.06 -12.38 10.33
N THR A 11 3.44 -13.36 11.01
CA THR A 11 4.15 -14.45 11.67
C THR A 11 4.73 -15.45 10.66
N SER A 12 4.05 -15.62 9.52
CA SER A 12 4.45 -16.42 8.37
C SER A 12 5.23 -15.57 7.35
N LYS A 13 6.06 -16.24 6.53
CA LYS A 13 6.78 -15.65 5.38
C LYS A 13 5.88 -15.51 4.16
N VAL A 14 4.68 -16.11 4.17
CA VAL A 14 3.71 -15.96 3.09
C VAL A 14 2.47 -15.30 3.69
N VAL A 15 1.83 -14.44 2.88
CA VAL A 15 0.65 -13.68 3.29
C VAL A 15 -0.41 -13.85 2.20
N THR A 16 -1.70 -13.78 2.58
CA THR A 16 -2.78 -14.03 1.62
C THR A 16 -3.42 -12.70 1.18
N TYR A 17 -3.93 -12.59 -0.06
CA TYR A 17 -4.61 -11.38 -0.54
C TYR A 17 -6.00 -11.69 -1.12
N ARG A 18 -6.88 -10.69 -1.16
CA ARG A 18 -8.17 -10.80 -1.84
C ARG A 18 -8.65 -9.43 -2.32
N ILE A 19 -8.78 -9.24 -3.63
CA ILE A 19 -9.31 -8.00 -4.16
C ILE A 19 -10.85 -8.06 -4.01
N VAL A 20 -11.39 -7.47 -2.94
CA VAL A 20 -12.81 -7.48 -2.54
C VAL A 20 -13.70 -6.77 -3.55
N SER A 21 -13.14 -5.73 -4.15
CA SER A 21 -13.73 -4.82 -5.12
C SER A 21 -12.55 -4.40 -5.98
N TYR A 22 -12.80 -3.85 -7.16
CA TYR A 22 -11.80 -3.51 -8.16
C TYR A 22 -12.15 -2.11 -8.69
N THR A 23 -11.18 -1.43 -9.31
CA THR A 23 -11.41 -0.12 -9.92
C THR A 23 -12.24 -0.25 -11.23
N ARG A 24 -12.65 0.88 -11.83
CA ARG A 24 -13.41 0.92 -13.08
C ARG A 24 -12.60 1.54 -14.20
N ASP A 25 -11.84 2.61 -13.92
CA ASP A 25 -11.07 3.32 -14.95
C ASP A 25 -10.04 2.39 -15.61
N LEU A 26 -9.48 1.47 -14.81
CA LEU A 26 -8.44 0.51 -15.18
C LEU A 26 -8.99 -0.91 -14.98
N PRO A 27 -8.52 -1.91 -15.73
CA PRO A 27 -9.01 -3.27 -15.58
C PRO A 27 -8.49 -3.94 -14.30
N HIS A 28 -9.24 -4.95 -13.83
CA HIS A 28 -8.92 -5.74 -12.65
C HIS A 28 -7.58 -6.46 -12.79
N ILE A 29 -7.26 -6.96 -13.99
CA ILE A 29 -5.97 -7.56 -14.27
C ILE A 29 -4.87 -6.51 -14.12
N THR A 30 -5.07 -5.27 -14.57
CA THR A 30 -4.10 -4.20 -14.32
C THR A 30 -3.98 -3.95 -12.82
N VAL A 31 -5.07 -3.94 -12.04
CA VAL A 31 -4.96 -3.80 -10.59
C VAL A 31 -4.18 -4.96 -9.96
N ASP A 32 -4.56 -6.22 -10.22
CA ASP A 32 -3.88 -7.41 -9.67
C ASP A 32 -2.41 -7.43 -10.11
N ARG A 33 -2.12 -7.18 -11.39
CA ARG A 33 -0.76 -7.08 -11.93
C ARG A 33 0.02 -5.95 -11.30
N LEU A 34 -0.58 -4.76 -11.14
CA LEU A 34 0.09 -3.63 -10.50
C LEU A 34 0.37 -3.99 -9.03
N VAL A 35 -0.60 -4.55 -8.31
CA VAL A 35 -0.39 -5.09 -6.96
C VAL A 35 0.79 -6.07 -6.97
N SER A 36 0.81 -7.05 -7.90
CA SER A 36 1.88 -8.02 -8.00
C SER A 36 3.22 -7.36 -8.31
N LYS A 37 3.32 -6.45 -9.28
CA LYS A 37 4.56 -5.75 -9.61
C LYS A 37 5.03 -4.85 -8.45
N ALA A 38 4.13 -4.12 -7.82
CA ALA A 38 4.42 -3.28 -6.67
C ALA A 38 4.93 -4.13 -5.50
N LEU A 39 4.26 -5.25 -5.24
CA LEU A 39 4.72 -6.22 -4.24
C LEU A 39 6.03 -6.89 -4.66
N ASN A 40 6.26 -7.09 -5.96
CA ASN A 40 7.52 -7.58 -6.48
C ASN A 40 8.64 -6.60 -6.13
N MET A 41 8.38 -5.29 -6.29
CA MET A 41 9.32 -4.24 -5.91
C MET A 41 9.53 -4.16 -4.40
N TRP A 42 8.50 -4.37 -3.58
CA TRP A 42 8.66 -4.44 -2.11
C TRP A 42 9.42 -5.71 -1.69
N GLY A 43 9.08 -6.87 -2.27
CA GLY A 43 9.73 -8.15 -2.02
C GLY A 43 11.10 -8.28 -2.72
N LYS A 44 11.52 -7.25 -3.45
CA LYS A 44 12.85 -7.17 -4.01
C LYS A 44 13.90 -7.02 -2.90
N GLU A 45 13.49 -6.50 -1.73
CA GLU A 45 14.36 -6.32 -0.57
C GLU A 45 14.09 -7.36 0.52
N ILE A 46 12.85 -7.84 0.69
CA ILE A 46 12.51 -8.87 1.68
C ILE A 46 12.00 -10.14 0.99
N PRO A 47 12.51 -11.32 1.38
CA PRO A 47 12.11 -12.61 0.80
C PRO A 47 10.76 -13.08 1.36
N LEU A 48 9.75 -12.19 1.33
CA LEU A 48 8.36 -12.43 1.71
C LEU A 48 7.56 -12.68 0.43
N HIS A 49 6.60 -13.60 0.49
CA HIS A 49 5.86 -14.09 -0.67
C HIS A 49 4.36 -13.91 -0.42
N PHE A 50 3.52 -13.99 -1.46
CA PHE A 50 2.12 -13.64 -1.37
C PHE A 50 1.32 -14.71 -2.12
N ARG A 51 0.10 -15.00 -1.68
CA ARG A 51 -0.77 -16.03 -2.24
C ARG A 51 -2.22 -15.56 -2.18
N LYS A 52 -3.14 -16.26 -2.85
CA LYS A 52 -4.56 -15.91 -2.85
C LYS A 52 -5.32 -16.96 -2.06
N VAL A 53 -6.43 -16.54 -1.45
CA VAL A 53 -7.36 -17.41 -0.75
C VAL A 53 -8.27 -18.12 -1.77
N VAL A 54 -9.03 -19.10 -1.29
CA VAL A 54 -10.00 -19.85 -2.10
C VAL A 54 -11.42 -19.42 -1.68
N TRP A 55 -11.69 -19.40 -0.37
CA TRP A 55 -12.93 -18.91 0.22
C TRP A 55 -12.57 -18.29 1.58
N GLY A 56 -13.19 -17.15 1.90
CA GLY A 56 -12.92 -16.41 3.14
C GLY A 56 -12.11 -15.13 2.89
N THR A 57 -12.05 -14.25 3.90
CA THR A 57 -11.23 -13.05 3.83
C THR A 57 -9.73 -13.42 3.86
N ALA A 58 -8.89 -12.46 3.47
CA ALA A 58 -7.45 -12.62 3.36
C ALA A 58 -6.71 -11.57 4.21
N ASP A 59 -5.40 -11.71 4.26
CA ASP A 59 -4.53 -10.85 5.05
C ASP A 59 -4.40 -9.47 4.38
N ILE A 60 -4.37 -9.40 3.03
CA ILE A 60 -4.23 -8.22 2.18
C ILE A 60 -5.47 -8.12 1.28
N MET A 61 -6.61 -7.78 1.88
CA MET A 61 -7.84 -7.51 1.17
C MET A 61 -7.77 -6.10 0.59
N ILE A 62 -7.90 -5.96 -0.74
CA ILE A 62 -7.87 -4.68 -1.41
C ILE A 62 -9.30 -4.40 -1.87
N GLY A 63 -9.83 -3.18 -1.68
CA GLY A 63 -11.15 -2.82 -2.14
C GLY A 63 -11.24 -1.37 -2.57
N PHE A 64 -12.32 -1.03 -3.27
CA PHE A 64 -12.52 0.29 -3.85
C PHE A 64 -13.99 0.62 -3.64
N ALA A 65 -14.24 1.87 -3.24
CA ALA A 65 -15.56 2.39 -2.90
C ALA A 65 -15.69 3.82 -3.43
N ARG A 66 -16.88 4.41 -3.27
CA ARG A 66 -17.17 5.76 -3.75
C ARG A 66 -17.89 6.51 -2.62
N GLY A 67 -17.08 7.15 -1.75
CA GLY A 67 -17.54 8.09 -0.73
C GLY A 67 -17.60 7.46 0.66
N ALA A 68 -18.04 6.22 0.78
CA ALA A 68 -18.06 5.48 2.05
C ALA A 68 -18.17 3.98 1.77
N HIS A 69 -17.96 3.15 2.80
CA HIS A 69 -18.00 1.70 2.73
C HIS A 69 -18.16 1.12 4.14
N GLY A 70 -18.63 -0.14 4.22
CA GLY A 70 -18.87 -0.90 5.44
C GLY A 70 -17.59 -1.49 6.01
N ASP A 71 -16.62 -0.61 6.26
CA ASP A 71 -15.28 -0.95 6.71
C ASP A 71 -15.16 -0.61 8.20
N SER A 72 -14.97 0.68 8.47
CA SER A 72 -14.74 1.26 9.79
C SER A 72 -14.79 2.79 9.60
N TYR A 73 -14.02 3.30 8.63
CA TYR A 73 -13.85 4.74 8.44
C TYR A 73 -14.59 5.16 7.17
N PRO A 74 -15.50 6.16 7.22
CA PRO A 74 -16.06 6.74 6.02
C PRO A 74 -14.97 7.54 5.30
N PHE A 75 -14.89 7.31 3.99
CA PHE A 75 -14.13 8.14 3.06
C PHE A 75 -14.80 9.54 2.92
N ASP A 76 -14.40 10.25 1.87
CA ASP A 76 -14.51 11.68 1.58
C ASP A 76 -15.05 11.87 0.15
N GLY A 77 -14.66 10.99 -0.79
CA GLY A 77 -15.03 11.02 -2.19
C GLY A 77 -13.93 11.67 -3.05
N PRO A 78 -14.31 12.35 -4.17
CA PRO A 78 -13.41 12.85 -5.23
C PRO A 78 -12.54 14.07 -4.82
N GLY A 79 -11.71 13.89 -3.79
CA GLY A 79 -10.82 14.90 -3.23
C GLY A 79 -10.03 14.32 -2.05
N ASN A 80 -9.30 15.16 -1.31
CA ASN A 80 -8.60 14.83 -0.06
C ASN A 80 -7.82 13.48 -0.14
N THR A 81 -7.83 12.67 0.94
CA THR A 81 -7.23 11.34 1.08
C THR A 81 -7.61 10.41 -0.09
N LEU A 82 -6.66 10.02 -0.95
CA LEU A 82 -6.95 9.18 -2.12
C LEU A 82 -7.21 7.69 -1.79
N ALA A 83 -6.57 7.14 -0.75
CA ALA A 83 -6.72 5.74 -0.35
C ALA A 83 -6.25 5.57 1.10
N HIS A 84 -6.54 4.45 1.75
CA HIS A 84 -6.04 4.17 3.10
C HIS A 84 -5.84 2.66 3.30
N ALA A 85 -4.96 2.31 4.25
CA ALA A 85 -4.64 0.93 4.58
C ALA A 85 -4.49 0.78 6.09
N PHE A 86 -4.65 -0.46 6.58
CA PHE A 86 -4.64 -0.75 8.01
C PHE A 86 -3.37 -1.52 8.36
N ALA A 87 -2.90 -1.31 9.59
CA ALA A 87 -1.72 -2.00 10.09
C ALA A 87 -1.98 -3.51 10.13
N PRO A 88 -0.98 -4.36 9.79
CA PRO A 88 -1.12 -5.79 9.88
C PRO A 88 -1.16 -6.25 11.35
N GLY A 89 -1.73 -7.44 11.55
CA GLY A 89 -1.76 -8.12 12.84
C GLY A 89 -3.08 -8.87 13.04
N THR A 90 -4.20 -8.16 12.90
CA THR A 90 -5.55 -8.73 13.01
C THR A 90 -6.10 -9.07 11.61
N GLY A 91 -7.31 -9.66 11.57
CA GLY A 91 -7.96 -10.10 10.35
C GLY A 91 -8.30 -8.94 9.41
N LEU A 92 -8.78 -7.81 9.94
CA LEU A 92 -8.91 -6.56 9.18
C LEU A 92 -7.53 -5.96 8.87
N GLY A 93 -6.53 -6.19 9.73
CA GLY A 93 -5.20 -5.65 9.52
C GLY A 93 -4.67 -6.04 8.13
N GLY A 94 -3.78 -5.19 7.59
CA GLY A 94 -3.20 -5.36 6.27
C GLY A 94 -4.13 -4.92 5.14
N ASP A 95 -5.44 -4.85 5.38
CA ASP A 95 -6.39 -4.60 4.31
C ASP A 95 -6.32 -3.11 3.94
N ALA A 96 -6.75 -2.79 2.71
CA ALA A 96 -6.62 -1.46 2.15
C ALA A 96 -7.82 -1.14 1.27
N HIS A 97 -8.14 0.17 1.21
CA HIS A 97 -9.29 0.68 0.50
C HIS A 97 -8.90 1.94 -0.25
N PHE A 98 -9.58 2.20 -1.36
CA PHE A 98 -9.27 3.25 -2.31
C PHE A 98 -10.58 3.92 -2.74
N ASP A 99 -10.52 5.21 -3.07
CA ASP A 99 -11.69 5.90 -3.64
C ASP A 99 -11.71 5.67 -5.14
N GLU A 100 -12.59 4.80 -5.64
CA GLU A 100 -12.76 4.58 -7.08
C GLU A 100 -13.33 5.82 -7.77
N ASP A 101 -14.01 6.68 -7.01
CA ASP A 101 -14.60 7.92 -7.53
C ASP A 101 -13.53 8.82 -8.19
N GLU A 102 -12.29 8.70 -7.69
CA GLU A 102 -11.13 9.41 -8.16
C GLU A 102 -10.55 8.69 -9.39
N ARG A 103 -10.21 9.44 -10.43
CA ARG A 103 -9.68 8.87 -11.67
C ARG A 103 -8.31 8.25 -11.40
N TRP A 104 -8.16 6.95 -11.66
CA TRP A 104 -6.92 6.21 -11.47
C TRP A 104 -6.29 5.98 -12.85
N THR A 105 -4.97 6.12 -12.98
CA THR A 105 -4.26 5.95 -14.27
C THR A 105 -3.18 4.88 -14.07
N ASP A 106 -2.86 4.08 -15.09
CA ASP A 106 -1.82 3.01 -15.01
C ASP A 106 -0.41 3.55 -15.36
N GLY A 107 -0.23 4.87 -15.24
CA GLY A 107 1.00 5.59 -15.57
C GLY A 107 1.10 5.97 -17.05
N SER A 108 -0.07 6.12 -17.70
CA SER A 108 -0.21 6.33 -19.14
C SER A 108 0.40 7.67 -19.61
N SER A 109 -0.06 8.80 -19.02
CA SER A 109 0.36 10.15 -19.42
C SER A 109 0.28 11.15 -18.26
N LEU A 110 -0.81 11.10 -17.49
CA LEU A 110 -1.12 11.96 -16.35
C LEU A 110 -2.31 11.34 -15.61
N GLY A 111 -2.55 11.83 -14.39
CA GLY A 111 -3.55 11.34 -13.46
C GLY A 111 -2.88 10.94 -12.15
N ILE A 112 -3.47 9.98 -11.44
CA ILE A 112 -2.96 9.43 -10.19
C ILE A 112 -2.49 8.00 -10.49
N ASN A 113 -1.18 7.77 -10.44
CA ASN A 113 -0.60 6.46 -10.77
C ASN A 113 -1.06 5.44 -9.73
N PHE A 114 -1.90 4.51 -10.17
CA PHE A 114 -2.39 3.42 -9.35
C PHE A 114 -1.25 2.61 -8.74
N LEU A 115 -0.21 2.29 -9.52
CA LEU A 115 0.90 1.46 -9.05
C LEU A 115 1.54 2.14 -7.84
N TYR A 116 1.70 3.48 -7.88
CA TYR A 116 2.34 4.25 -6.83
C TYR A 116 1.50 4.20 -5.57
N ALA A 117 0.18 4.38 -5.73
CA ALA A 117 -0.79 4.29 -4.65
C ALA A 117 -0.72 2.91 -4.00
N ALA A 118 -0.77 1.85 -4.81
CA ALA A 118 -0.67 0.49 -4.34
C ALA A 118 0.65 0.29 -3.61
N THR A 119 1.81 0.65 -4.19
CA THR A 119 3.11 0.57 -3.51
C THR A 119 3.08 1.23 -2.13
N HIS A 120 2.52 2.44 -2.03
CA HIS A 120 2.41 3.13 -0.74
C HIS A 120 1.56 2.32 0.24
N GLU A 121 0.35 1.93 -0.18
CA GLU A 121 -0.65 1.28 0.67
C GLU A 121 -0.17 -0.11 1.10
N LEU A 122 0.40 -0.86 0.17
CA LEU A 122 0.98 -2.18 0.37
C LEU A 122 2.20 -2.11 1.31
N GLY A 123 2.92 -0.97 1.32
CA GLY A 123 3.93 -0.73 2.31
C GLY A 123 3.38 -0.86 3.73
N HIS A 124 2.22 -0.25 3.99
CA HIS A 124 1.57 -0.40 5.28
C HIS A 124 1.05 -1.83 5.46
N SER A 125 0.48 -2.46 4.42
CA SER A 125 -0.02 -3.83 4.54
C SER A 125 1.07 -4.84 4.93
N LEU A 126 2.32 -4.53 4.57
CA LEU A 126 3.49 -5.29 4.98
C LEU A 126 3.76 -5.18 6.49
N GLY A 127 3.61 -3.96 7.03
CA GLY A 127 3.85 -3.66 8.44
C GLY A 127 4.81 -2.50 8.67
N MET A 128 4.92 -1.59 7.70
CA MET A 128 5.88 -0.50 7.77
C MET A 128 5.33 0.67 8.57
N GLY A 129 6.11 1.75 8.63
CA GLY A 129 5.75 2.95 9.33
C GLY A 129 5.70 4.14 8.39
N HIS A 130 4.77 5.05 8.69
CA HIS A 130 4.76 6.37 8.09
C HIS A 130 6.09 7.11 8.35
N SER A 131 6.28 8.18 7.55
CA SER A 131 7.46 9.03 7.53
C SER A 131 7.07 10.33 6.82
N SER A 132 8.03 11.25 6.69
CA SER A 132 7.87 12.50 5.95
C SER A 132 9.28 12.87 5.47
N ASP A 133 9.61 12.54 4.21
CA ASP A 133 10.92 12.81 3.63
C ASP A 133 10.62 13.46 2.26
N PRO A 134 11.34 14.53 1.86
CA PRO A 134 11.10 15.25 0.63
C PRO A 134 11.62 14.48 -0.60
N ASN A 135 11.47 13.14 -0.62
CA ASN A 135 11.72 12.26 -1.76
C ASN A 135 11.24 10.81 -1.48
N ALA A 136 10.17 10.65 -0.70
CA ALA A 136 9.75 9.34 -0.18
C ALA A 136 8.33 9.03 -0.64
N VAL A 137 8.05 7.75 -0.94
CA VAL A 137 6.69 7.37 -1.33
C VAL A 137 5.74 7.53 -0.15
N MET A 138 6.26 7.36 1.08
CA MET A 138 5.57 7.60 2.35
C MET A 138 5.12 9.04 2.56
N TYR A 139 5.67 10.01 1.81
CA TYR A 139 5.33 11.43 1.95
C TYR A 139 3.81 11.61 1.80
N PRO A 140 3.14 12.30 2.73
CA PRO A 140 1.70 12.50 2.65
C PRO A 140 1.39 13.51 1.54
N THR A 141 0.38 13.18 0.72
CA THR A 141 -0.02 13.91 -0.49
C THR A 141 1.06 13.83 -1.60
N TYR A 142 0.63 13.87 -2.87
CA TYR A 142 1.56 13.94 -4.00
C TYR A 142 2.35 15.25 -3.93
N GLY A 143 3.68 15.16 -4.08
CA GLY A 143 4.56 16.32 -4.04
C GLY A 143 5.96 15.93 -4.50
N ASN A 144 6.91 15.79 -3.57
CA ASN A 144 8.29 15.45 -3.89
C ASN A 144 8.43 14.05 -4.52
N GLY A 145 7.60 13.08 -4.11
CA GLY A 145 7.64 11.73 -4.68
C GLY A 145 7.12 11.73 -6.13
N ASP A 146 7.73 10.92 -7.00
CA ASP A 146 7.49 10.97 -8.44
C ASP A 146 6.71 9.72 -8.88
N PRO A 147 5.44 9.85 -9.30
CA PRO A 147 4.63 8.72 -9.73
C PRO A 147 5.16 8.04 -10.99
N GLN A 148 6.05 8.66 -11.76
CA GLN A 148 6.66 8.09 -12.94
C GLN A 148 8.10 7.64 -12.65
N ASN A 149 8.62 7.83 -11.43
CA ASN A 149 9.98 7.41 -11.08
C ASN A 149 10.00 6.88 -9.66
N PHE A 150 9.51 5.64 -9.49
CA PHE A 150 9.36 5.00 -8.18
C PHE A 150 10.61 5.08 -7.35
N LYS A 151 11.68 4.45 -7.85
CA LYS A 151 13.00 4.29 -7.24
C LYS A 151 12.92 4.39 -5.72
N LEU A 152 12.38 3.32 -5.11
CA LEU A 152 12.20 3.11 -3.67
C LEU A 152 13.38 3.78 -2.94
N SER A 153 13.10 4.80 -2.12
CA SER A 153 14.16 5.74 -1.74
C SER A 153 14.81 5.31 -0.42
N GLN A 154 14.08 5.54 0.67
CA GLN A 154 14.49 5.18 2.02
C GLN A 154 13.28 4.71 2.80
N ASP A 155 12.16 5.44 2.80
CA ASP A 155 10.96 5.00 3.51
C ASP A 155 10.55 3.57 3.14
N ASP A 156 10.80 3.19 1.89
CA ASP A 156 10.72 1.85 1.38
C ASP A 156 11.96 1.03 1.80
N ILE A 157 13.09 1.15 1.07
CA ILE A 157 14.27 0.26 1.21
C ILE A 157 14.84 0.36 2.62
N LYS A 158 15.07 1.59 3.12
CA LYS A 158 15.61 1.81 4.46
C LYS A 158 14.57 1.43 5.50
N GLY A 159 13.27 1.65 5.28
CA GLY A 159 12.21 1.23 6.19
C GLY A 159 12.19 -0.28 6.34
N ILE A 160 12.27 -1.01 5.22
CA ILE A 160 12.41 -2.45 5.20
C ILE A 160 13.71 -2.87 5.91
N GLN A 161 14.84 -2.24 5.60
CA GLN A 161 16.12 -2.53 6.24
C GLN A 161 16.14 -2.11 7.73
N LYS A 162 15.20 -1.25 8.18
CA LYS A 162 15.00 -0.90 9.58
C LYS A 162 14.14 -1.96 10.29
N LEU A 163 13.15 -2.56 9.59
CA LEU A 163 12.23 -3.53 10.21
C LEU A 163 12.76 -4.96 10.17
N TYR A 164 13.26 -5.40 9.02
CA TYR A 164 13.72 -6.78 8.78
C TYR A 164 15.23 -6.84 8.78
N GLY A 165 15.86 -5.87 8.11
CA GLY A 165 17.29 -5.72 8.09
C GLY A 165 17.82 -5.36 9.48
N LYS A 166 19.13 -5.18 9.55
CA LYS A 166 19.79 -4.78 10.79
C LYS A 166 20.24 -3.33 10.67
N ARG A 167 21.22 -3.06 9.80
CA ARG A 167 21.74 -1.71 9.56
C ARG A 167 22.22 -1.67 8.11
N SER A 168 22.47 -0.45 7.62
CA SER A 168 23.08 -0.19 6.32
C SER A 168 23.72 1.20 6.40
N ASN A 169 22.89 2.23 6.64
CA ASN A 169 23.31 3.62 6.84
C ASN A 169 22.14 4.43 7.46
N SER A 170 22.37 5.72 7.74
CA SER A 170 21.34 6.68 8.17
C SER A 170 21.71 8.09 7.69
N ARG A 171 20.68 8.90 7.36
CA ARG A 171 20.71 10.27 6.82
C ARG A 171 21.15 10.30 5.35
N LYS A 172 20.24 10.72 4.43
CA LYS A 172 20.57 10.91 3.01
C LYS A 172 19.67 11.99 2.37
N LYS A 173 19.93 12.28 1.09
CA LYS A 173 19.24 13.21 0.19
CA TYR A 1 9.29 0.53 12.88
C TYR A 1 9.76 1.85 12.27
N SER A 2 8.97 2.54 11.42
CA SER A 2 9.37 3.80 10.78
C SER A 2 8.90 5.04 11.55
N LEU A 3 8.18 4.84 12.67
CA LEU A 3 7.58 5.92 13.47
C LEU A 3 7.24 5.41 14.87
N PHE A 4 6.47 4.31 14.94
CA PHE A 4 6.05 3.61 16.14
C PHE A 4 7.06 2.50 16.51
N PRO A 5 6.95 1.85 17.69
CA PRO A 5 7.78 0.69 18.07
C PRO A 5 7.43 -0.59 17.29
N ASN A 6 7.77 -1.77 17.84
CA ASN A 6 7.29 -3.07 17.39
C ASN A 6 5.76 -3.09 17.40
N SER A 7 5.18 -3.91 16.52
CA SER A 7 3.76 -4.05 16.16
C SER A 7 3.65 -4.51 14.71
N PRO A 8 4.28 -3.84 13.73
CA PRO A 8 4.21 -4.27 12.34
C PRO A 8 5.15 -5.44 12.07
N LYS A 9 4.95 -6.04 10.88
CA LYS A 9 5.51 -7.28 10.35
C LYS A 9 4.62 -8.44 10.79
N TRP A 10 4.29 -9.33 9.85
CA TRP A 10 3.56 -10.57 10.13
C TRP A 10 4.48 -11.58 10.83
N THR A 11 3.95 -12.75 11.20
CA THR A 11 4.72 -13.82 11.85
C THR A 11 5.09 -14.93 10.84
N SER A 12 4.45 -14.96 9.67
CA SER A 12 4.74 -15.91 8.59
C SER A 12 5.60 -15.23 7.51
N LYS A 13 6.23 -16.06 6.66
CA LYS A 13 6.96 -15.64 5.45
C LYS A 13 6.05 -15.54 4.22
N VAL A 14 4.77 -15.91 4.37
CA VAL A 14 3.76 -15.81 3.33
C VAL A 14 2.51 -15.18 3.95
N VAL A 15 1.87 -14.31 3.18
CA VAL A 15 0.71 -13.54 3.62
C VAL A 15 -0.34 -13.66 2.52
N THR A 16 -1.61 -13.73 2.90
CA THR A 16 -2.69 -13.86 1.92
C THR A 16 -3.32 -12.48 1.67
N TYR A 17 -3.67 -12.20 0.41
CA TYR A 17 -4.33 -10.97 0.01
C TYR A 17 -5.60 -11.27 -0.79
N ARG A 18 -6.50 -10.28 -0.89
CA ARG A 18 -7.68 -10.34 -1.74
C ARG A 18 -8.06 -8.93 -2.16
N ILE A 19 -8.85 -8.84 -3.23
CA ILE A 19 -9.32 -7.58 -3.81
C ILE A 19 -10.85 -7.68 -3.79
N VAL A 20 -11.46 -7.31 -2.66
CA VAL A 20 -12.92 -7.42 -2.46
C VAL A 20 -13.67 -6.56 -3.49
N SER A 21 -13.34 -5.27 -3.52
CA SER A 21 -13.87 -4.30 -4.47
C SER A 21 -12.68 -3.89 -5.32
N TYR A 22 -12.75 -4.28 -6.60
CA TYR A 22 -11.79 -3.99 -7.65
C TYR A 22 -12.29 -2.76 -8.43
N THR A 23 -11.36 -1.95 -8.95
CA THR A 23 -11.66 -0.70 -9.67
C THR A 23 -12.22 -1.02 -11.07
N ARG A 24 -12.35 -0.01 -11.93
CA ARG A 24 -12.81 -0.19 -13.30
C ARG A 24 -12.09 0.70 -14.33
N ASP A 25 -11.36 1.72 -13.89
CA ASP A 25 -10.62 2.66 -14.75
C ASP A 25 -9.49 1.94 -15.52
N LEU A 26 -8.94 0.87 -14.92
CA LEU A 26 -7.93 -0.02 -15.49
C LEU A 26 -8.44 -1.47 -15.35
N PRO A 27 -8.05 -2.39 -16.27
CA PRO A 27 -8.53 -3.77 -16.29
C PRO A 27 -8.00 -4.61 -15.13
N HIS A 28 -8.70 -5.69 -14.77
CA HIS A 28 -8.34 -6.57 -13.66
C HIS A 28 -7.01 -7.30 -13.90
N ILE A 29 -6.71 -7.63 -15.17
CA ILE A 29 -5.43 -8.22 -15.53
C ILE A 29 -4.32 -7.21 -15.21
N THR A 30 -4.52 -5.92 -15.55
CA THR A 30 -3.62 -4.86 -15.16
C THR A 30 -3.61 -4.69 -13.64
N VAL A 31 -4.76 -4.76 -12.93
CA VAL A 31 -4.74 -4.66 -11.48
C VAL A 31 -3.89 -5.78 -10.88
N ASP A 32 -4.07 -7.03 -11.29
CA ASP A 32 -3.32 -8.18 -10.77
C ASP A 32 -1.83 -8.04 -11.15
N ARG A 33 -1.55 -7.63 -12.40
CA ARG A 33 -0.19 -7.44 -12.89
C ARG A 33 0.54 -6.29 -12.21
N LEU A 34 -0.10 -5.13 -12.08
CA LEU A 34 0.49 -3.98 -11.39
C LEU A 34 0.65 -4.31 -9.91
N VAL A 35 -0.22 -5.14 -9.32
CA VAL A 35 -0.08 -5.61 -7.95
C VAL A 35 1.18 -6.48 -7.88
N SER A 36 1.32 -7.45 -8.79
CA SER A 36 2.49 -8.30 -8.84
C SER A 36 3.76 -7.49 -9.10
N LYS A 37 3.74 -6.47 -9.98
CA LYS A 37 4.90 -5.61 -10.24
C LYS A 37 5.23 -4.75 -9.00
N ALA A 38 4.24 -4.10 -8.39
CA ALA A 38 4.41 -3.28 -7.20
C ALA A 38 4.92 -4.11 -6.02
N LEU A 39 4.31 -5.26 -5.78
CA LEU A 39 4.72 -6.17 -4.70
C LEU A 39 6.05 -6.83 -5.04
N ASN A 40 6.34 -7.10 -6.32
CA ASN A 40 7.66 -7.54 -6.74
C ASN A 40 8.70 -6.50 -6.36
N MET A 41 8.43 -5.20 -6.58
CA MET A 41 9.34 -4.14 -6.16
C MET A 41 9.58 -4.12 -4.65
N TRP A 42 8.58 -4.44 -3.81
CA TRP A 42 8.78 -4.65 -2.38
C TRP A 42 9.57 -5.95 -2.10
N GLY A 43 9.16 -7.06 -2.72
CA GLY A 43 9.79 -8.38 -2.56
C GLY A 43 11.17 -8.48 -3.21
N LYS A 44 11.58 -7.47 -3.99
CA LYS A 44 12.93 -7.33 -4.51
C LYS A 44 13.93 -7.08 -3.37
N GLU A 45 13.46 -6.62 -2.19
CA GLU A 45 14.31 -6.40 -1.04
C GLU A 45 14.06 -7.39 0.09
N ILE A 46 12.89 -8.05 0.13
CA ILE A 46 12.60 -9.09 1.13
C ILE A 46 12.12 -10.37 0.43
N PRO A 47 12.68 -11.55 0.75
CA PRO A 47 12.28 -12.84 0.18
C PRO A 47 10.93 -13.34 0.74
N LEU A 48 9.97 -12.43 0.89
CA LEU A 48 8.63 -12.66 1.40
C LEU A 48 7.73 -13.01 0.21
N HIS A 49 6.73 -13.86 0.45
CA HIS A 49 5.87 -14.40 -0.60
C HIS A 49 4.41 -14.06 -0.29
N PHE A 50 3.51 -14.23 -1.26
CA PHE A 50 2.10 -13.85 -1.08
C PHE A 50 1.21 -14.88 -1.76
N ARG A 51 0.01 -15.06 -1.20
CA ARG A 51 -0.97 -16.02 -1.69
C ARG A 51 -2.32 -15.32 -1.86
N LYS A 52 -3.24 -15.96 -2.58
CA LYS A 52 -4.57 -15.42 -2.83
C LYS A 52 -5.56 -16.51 -2.48
N VAL A 53 -6.36 -16.28 -1.45
CA VAL A 53 -7.39 -17.22 -1.00
C VAL A 53 -8.71 -16.93 -1.71
N VAL A 54 -9.60 -17.92 -1.71
CA VAL A 54 -10.89 -17.89 -2.40
C VAL A 54 -12.05 -18.26 -1.48
N TRP A 55 -11.78 -18.85 -0.32
CA TRP A 55 -12.81 -19.24 0.66
C TRP A 55 -13.58 -18.02 1.16
N GLY A 56 -12.84 -17.00 1.63
CA GLY A 56 -13.34 -15.82 2.30
C GLY A 56 -12.31 -14.69 2.21
N THR A 57 -12.32 -13.77 3.17
CA THR A 57 -11.34 -12.69 3.31
C THR A 57 -9.91 -13.22 3.48
N ALA A 58 -8.96 -12.28 3.59
CA ALA A 58 -7.53 -12.53 3.62
C ALA A 58 -6.86 -11.63 4.67
N ASP A 59 -5.55 -11.83 4.86
CA ASP A 59 -4.75 -11.00 5.77
C ASP A 59 -4.67 -9.58 5.21
N ILE A 60 -4.70 -9.41 3.89
CA ILE A 60 -4.61 -8.14 3.15
C ILE A 60 -5.83 -8.03 2.21
N MET A 61 -6.98 -7.65 2.75
CA MET A 61 -8.17 -7.23 2.03
C MET A 61 -7.92 -5.83 1.46
N ILE A 62 -7.95 -5.72 0.14
CA ILE A 62 -7.79 -4.49 -0.59
C ILE A 62 -9.17 -4.17 -1.15
N GLY A 63 -9.72 -3.00 -0.83
CA GLY A 63 -11.09 -2.67 -1.23
C GLY A 63 -11.24 -1.20 -1.57
N PHE A 64 -11.98 -0.90 -2.63
CA PHE A 64 -12.16 0.47 -3.09
C PHE A 64 -13.61 0.87 -2.82
N ALA A 65 -13.81 2.15 -2.50
CA ALA A 65 -15.12 2.72 -2.17
C ALA A 65 -15.29 4.00 -2.96
N ARG A 66 -16.52 4.38 -3.28
CA ARG A 66 -16.78 5.53 -4.14
C ARG A 66 -17.41 6.65 -3.31
N GLY A 67 -16.59 7.25 -2.44
CA GLY A 67 -16.99 8.40 -1.66
C GLY A 67 -16.90 8.09 -0.18
N ALA A 68 -17.56 7.01 0.26
CA ALA A 68 -17.56 6.56 1.65
C ALA A 68 -17.86 5.07 1.70
N HIS A 69 -17.72 4.49 2.90
CA HIS A 69 -17.84 3.07 3.20
C HIS A 69 -18.03 2.90 4.71
N GLY A 70 -18.55 1.74 5.13
CA GLY A 70 -18.88 1.41 6.51
C GLY A 70 -17.74 0.66 7.19
N ASP A 71 -16.50 1.14 7.01
CA ASP A 71 -15.29 0.48 7.44
C ASP A 71 -14.44 1.51 8.18
N SER A 72 -14.40 1.40 9.52
CA SER A 72 -13.74 2.31 10.46
C SER A 72 -14.24 3.76 10.33
N TYR A 73 -13.86 4.45 9.24
CA TYR A 73 -14.10 5.86 8.99
C TYR A 73 -14.49 6.01 7.53
N PRO A 74 -15.60 6.71 7.21
CA PRO A 74 -15.96 6.98 5.84
C PRO A 74 -14.94 7.94 5.20
N PHE A 75 -14.56 7.65 3.95
CA PHE A 75 -13.77 8.51 3.08
C PHE A 75 -14.56 9.79 2.70
N ASP A 76 -13.96 10.58 1.81
CA ASP A 76 -14.48 11.82 1.22
C ASP A 76 -14.82 11.63 -0.28
N GLY A 77 -14.09 10.79 -1.04
CA GLY A 77 -14.28 10.66 -2.49
C GLY A 77 -13.24 11.47 -3.27
N PRO A 78 -13.61 12.40 -4.17
CA PRO A 78 -12.66 13.14 -4.98
C PRO A 78 -11.94 14.24 -4.19
N GLY A 79 -10.73 13.96 -3.66
CA GLY A 79 -9.88 14.96 -3.01
C GLY A 79 -9.21 14.40 -1.75
N ASN A 80 -8.75 15.30 -0.86
CA ASN A 80 -8.28 14.99 0.50
C ASN A 80 -7.39 13.72 0.56
N THR A 81 -7.70 12.79 1.46
CA THR A 81 -7.15 11.44 1.61
C THR A 81 -7.61 10.58 0.41
N LEU A 82 -6.70 9.90 -0.28
CA LEU A 82 -6.98 9.12 -1.50
C LEU A 82 -7.12 7.62 -1.18
N ALA A 83 -6.42 7.15 -0.16
CA ALA A 83 -6.44 5.77 0.29
C ALA A 83 -5.97 5.73 1.75
N HIS A 84 -6.23 4.64 2.47
CA HIS A 84 -5.73 4.41 3.81
C HIS A 84 -5.43 2.92 3.98
N ALA A 85 -4.63 2.56 4.98
CA ALA A 85 -4.36 1.17 5.30
C ALA A 85 -4.01 1.05 6.78
N PHE A 86 -4.15 -0.16 7.31
CA PHE A 86 -4.02 -0.44 8.73
C PHE A 86 -2.79 -1.32 8.96
N ALA A 87 -2.19 -1.22 10.15
CA ALA A 87 -1.03 -2.02 10.54
C ALA A 87 -1.38 -3.51 10.50
N PRO A 88 -0.45 -4.41 10.14
CA PRO A 88 -0.74 -5.82 10.00
C PRO A 88 -1.09 -6.49 11.34
N GLY A 89 -1.80 -7.62 11.26
CA GLY A 89 -2.16 -8.41 12.42
C GLY A 89 -2.82 -9.71 11.95
N THR A 90 -4.15 -9.77 12.04
CA THR A 90 -4.94 -10.95 11.66
C THR A 90 -6.31 -10.54 11.08
N GLY A 91 -6.98 -9.55 11.68
CA GLY A 91 -8.32 -9.11 11.30
C GLY A 91 -8.23 -7.98 10.29
N LEU A 92 -8.91 -6.86 10.54
CA LEU A 92 -8.81 -5.64 9.72
C LEU A 92 -7.35 -5.18 9.51
N GLY A 93 -6.46 -5.46 10.46
CA GLY A 93 -5.03 -5.18 10.30
C GLY A 93 -4.48 -5.66 8.96
N GLY A 94 -3.69 -4.79 8.30
CA GLY A 94 -3.09 -4.99 6.99
C GLY A 94 -3.97 -4.45 5.87
N ASP A 95 -5.29 -4.41 6.08
CA ASP A 95 -6.23 -4.19 4.98
C ASP A 95 -6.11 -2.74 4.52
N ALA A 96 -6.35 -2.52 3.22
CA ALA A 96 -6.04 -1.28 2.54
C ALA A 96 -7.23 -0.85 1.70
N HIS A 97 -7.54 0.43 1.74
CA HIS A 97 -8.81 0.97 1.27
C HIS A 97 -8.53 2.21 0.45
N PHE A 98 -9.27 2.43 -0.64
CA PHE A 98 -8.94 3.46 -1.64
C PHE A 98 -10.23 4.09 -2.14
N ASP A 99 -10.19 5.36 -2.56
CA ASP A 99 -11.33 6.03 -3.16
C ASP A 99 -11.38 5.67 -4.65
N GLU A 100 -12.27 4.76 -5.06
CA GLU A 100 -12.54 4.44 -6.46
C GLU A 100 -13.06 5.66 -7.24
N ASP A 101 -13.62 6.67 -6.54
CA ASP A 101 -14.06 7.92 -7.17
C ASP A 101 -12.87 8.64 -7.81
N GLU A 102 -11.71 8.60 -7.14
CA GLU A 102 -10.52 9.24 -7.66
C GLU A 102 -10.09 8.44 -8.87
N ARG A 103 -9.91 9.14 -10.00
CA ARG A 103 -9.41 8.54 -11.23
C ARG A 103 -8.16 7.74 -10.90
N TRP A 104 -8.10 6.52 -11.39
CA TRP A 104 -7.00 5.62 -11.12
C TRP A 104 -6.40 5.29 -12.48
N THR A 105 -5.09 5.43 -12.61
CA THR A 105 -4.40 5.12 -13.85
C THR A 105 -3.06 4.46 -13.52
N ASP A 106 -2.48 3.78 -14.51
CA ASP A 106 -1.15 3.21 -14.43
C ASP A 106 -0.07 4.30 -14.54
N GLY A 107 -0.41 5.45 -15.13
CA GLY A 107 0.47 6.62 -15.22
C GLY A 107 0.15 7.47 -16.45
N SER A 108 -0.67 8.53 -16.27
CA SER A 108 -1.08 9.42 -17.35
C SER A 108 -0.63 10.86 -17.08
N SER A 109 -1.19 11.54 -16.07
CA SER A 109 -0.81 12.91 -15.68
C SER A 109 -1.68 13.35 -14.49
N LEU A 110 -3.00 13.46 -14.72
CA LEU A 110 -3.95 14.04 -13.76
C LEU A 110 -4.58 12.95 -12.91
N GLY A 111 -5.02 11.85 -13.55
CA GLY A 111 -5.50 10.67 -12.84
C GLY A 111 -4.44 10.16 -11.87
N ILE A 112 -4.88 9.64 -10.74
CA ILE A 112 -3.99 9.28 -9.64
C ILE A 112 -3.32 7.94 -10.02
N ASN A 113 -2.02 7.83 -9.74
CA ASN A 113 -1.26 6.64 -10.07
C ASN A 113 -1.62 5.51 -9.10
N PHE A 114 -2.41 4.53 -9.57
CA PHE A 114 -2.80 3.37 -8.78
C PHE A 114 -1.59 2.53 -8.40
N LEU A 115 -0.57 2.45 -9.26
CA LEU A 115 0.64 1.67 -9.03
C LEU A 115 1.35 2.27 -7.82
N TYR A 116 1.57 3.59 -7.85
CA TYR A 116 2.24 4.33 -6.79
C TYR A 116 1.40 4.25 -5.50
N ALA A 117 0.07 4.32 -5.64
CA ALA A 117 -0.86 4.21 -4.52
C ALA A 117 -0.83 2.86 -3.87
N ALA A 118 -1.00 1.79 -4.65
CA ALA A 118 -0.97 0.43 -4.13
C ALA A 118 0.36 0.22 -3.43
N THR A 119 1.49 0.58 -4.06
CA THR A 119 2.80 0.40 -3.45
C THR A 119 2.93 1.21 -2.15
N HIS A 120 2.34 2.42 -2.09
CA HIS A 120 2.28 3.20 -0.86
C HIS A 120 1.46 2.42 0.20
N GLU A 121 0.21 2.08 -0.08
CA GLU A 121 -0.68 1.53 0.93
C GLU A 121 -0.26 0.12 1.35
N LEU A 122 0.15 -0.72 0.38
CA LEU A 122 0.65 -2.06 0.60
C LEU A 122 1.98 -2.03 1.38
N GLY A 123 2.74 -0.94 1.30
CA GLY A 123 3.88 -0.77 2.17
C GLY A 123 3.46 -0.83 3.64
N HIS A 124 2.38 -0.10 3.98
CA HIS A 124 1.81 -0.16 5.32
C HIS A 124 1.13 -1.50 5.59
N SER A 125 0.52 -2.16 4.59
CA SER A 125 -0.04 -3.49 4.79
C SER A 125 1.05 -4.48 5.22
N LEU A 126 2.25 -4.36 4.65
CA LEU A 126 3.38 -5.20 5.03
C LEU A 126 3.85 -4.88 6.45
N GLY A 127 3.73 -3.60 6.85
CA GLY A 127 4.05 -3.14 8.18
C GLY A 127 3.92 -1.63 8.30
N MET A 128 4.63 -0.92 7.42
CA MET A 128 4.89 0.50 7.51
C MET A 128 5.83 0.88 6.37
N GLY A 129 6.04 2.18 6.20
CA GLY A 129 6.86 2.77 5.17
C GLY A 129 6.40 4.21 5.12
N HIS A 130 6.81 5.02 6.11
CA HIS A 130 6.44 6.43 6.18
C HIS A 130 7.69 7.22 6.54
N SER A 131 7.65 8.51 6.20
CA SER A 131 8.73 9.47 6.30
C SER A 131 8.15 10.82 5.92
N SER A 132 9.02 11.83 5.89
CA SER A 132 8.66 13.21 5.67
C SER A 132 9.57 13.84 4.60
N ASP A 133 9.92 13.08 3.55
CA ASP A 133 10.91 13.48 2.53
C ASP A 133 10.22 13.93 1.23
N PRO A 134 10.65 15.02 0.56
CA PRO A 134 9.97 15.56 -0.62
C PRO A 134 10.10 14.67 -1.86
N ASN A 135 10.94 13.63 -1.82
CA ASN A 135 11.08 12.61 -2.86
C ASN A 135 10.80 11.22 -2.27
N ALA A 136 10.03 11.14 -1.17
CA ALA A 136 9.59 9.86 -0.63
C ALA A 136 8.53 9.24 -1.54
N VAL A 137 8.69 7.95 -1.86
CA VAL A 137 7.72 7.20 -2.64
C VAL A 137 6.44 6.95 -1.83
N MET A 138 6.54 7.01 -0.51
CA MET A 138 5.47 6.85 0.45
C MET A 138 5.18 8.17 1.18
N TYR A 139 5.51 9.33 0.56
CA TYR A 139 5.15 10.63 1.12
C TYR A 139 3.62 10.76 1.20
N PRO A 140 3.08 11.41 2.25
CA PRO A 140 1.67 11.82 2.27
C PRO A 140 1.43 12.98 1.26
N THR A 141 0.23 13.58 1.29
CA THR A 141 -0.13 14.77 0.51
C THR A 141 0.35 14.72 -0.95
N TYR A 142 -0.25 13.82 -1.75
CA TYR A 142 0.14 13.50 -3.13
C TYR A 142 0.45 14.73 -3.97
N GLY A 143 1.61 14.70 -4.63
CA GLY A 143 2.12 15.78 -5.47
C GLY A 143 3.33 16.42 -4.79
N ASN A 144 4.52 16.27 -5.40
CA ASN A 144 5.80 16.86 -5.00
C ASN A 144 6.92 16.20 -5.80
N GLY A 145 6.89 14.86 -5.86
CA GLY A 145 7.84 14.06 -6.63
C GLY A 145 7.27 13.73 -8.00
N ASP A 146 7.58 12.54 -8.52
CA ASP A 146 7.18 12.07 -9.83
C ASP A 146 6.53 10.69 -9.63
N PRO A 147 5.18 10.60 -9.66
CA PRO A 147 4.46 9.36 -9.48
C PRO A 147 4.56 8.52 -10.76
N GLN A 148 5.78 8.06 -11.08
CA GLN A 148 6.11 7.22 -12.22
C GLN A 148 7.51 6.62 -12.02
N ASN A 149 8.51 7.44 -11.64
CA ASN A 149 9.91 7.02 -11.45
C ASN A 149 10.19 6.26 -10.14
N PHE A 150 9.31 5.33 -9.78
CA PHE A 150 9.31 4.50 -8.56
C PHE A 150 10.59 4.47 -7.73
N LYS A 151 11.62 3.78 -8.28
CA LYS A 151 12.95 3.57 -7.73
C LYS A 151 13.01 3.84 -6.23
N LEU A 152 12.54 2.85 -5.45
CA LEU A 152 12.46 2.86 -3.98
C LEU A 152 13.61 3.69 -3.41
N SER A 153 13.29 4.78 -2.71
CA SER A 153 14.26 5.82 -2.41
C SER A 153 14.92 5.57 -1.05
N GLN A 154 14.33 6.05 0.05
CA GLN A 154 14.86 5.83 1.40
C GLN A 154 13.73 5.55 2.38
N ASP A 155 12.59 6.23 2.30
CA ASP A 155 11.44 5.93 3.15
C ASP A 155 10.98 4.49 2.96
N ASP A 156 11.06 4.02 1.71
CA ASP A 156 10.75 2.65 1.34
C ASP A 156 11.85 1.73 1.87
N ILE A 157 13.12 1.94 1.46
CA ILE A 157 14.28 1.13 1.85
C ILE A 157 14.37 1.03 3.37
N LYS A 158 14.23 2.14 4.09
CA LYS A 158 14.33 2.21 5.54
C LYS A 158 13.21 1.41 6.18
N GLY A 159 11.97 1.61 5.72
CA GLY A 159 10.84 0.83 6.21
C GLY A 159 11.09 -0.66 5.97
N ILE A 160 11.43 -1.04 4.74
CA ILE A 160 11.72 -2.41 4.35
C ILE A 160 12.86 -2.98 5.20
N GLN A 161 14.02 -2.31 5.26
CA GLN A 161 15.18 -2.74 6.02
C GLN A 161 14.80 -2.94 7.46
N LYS A 162 14.02 -2.03 8.05
CA LYS A 162 13.55 -2.19 9.42
C LYS A 162 12.60 -3.40 9.54
N LEU A 163 11.76 -3.66 8.54
CA LEU A 163 10.80 -4.78 8.48
C LEU A 163 11.48 -6.13 8.66
N TYR A 164 12.59 -6.37 7.96
CA TYR A 164 13.34 -7.65 8.02
C TYR A 164 14.64 -7.53 8.82
N GLY A 165 14.83 -6.39 9.48
CA GLY A 165 16.09 -5.98 10.08
C GLY A 165 16.09 -6.21 11.57
N LYS A 166 17.00 -5.49 12.24
CA LYS A 166 17.26 -5.62 13.67
C LYS A 166 17.53 -4.26 14.30
N ARG A 167 18.32 -3.38 13.65
CA ARG A 167 18.66 -2.05 14.15
C ARG A 167 19.11 -1.19 12.98
N SER A 168 18.68 0.08 12.98
CA SER A 168 18.84 1.09 11.93
C SER A 168 17.93 2.30 12.20
N ASN A 169 18.18 3.03 13.30
CA ASN A 169 17.51 4.32 13.54
C ASN A 169 18.37 5.44 12.94
N SER A 170 17.71 6.45 12.36
CA SER A 170 18.30 7.72 11.92
C SER A 170 17.14 8.63 11.50
N ARG A 171 17.30 9.95 11.65
CA ARG A 171 16.31 10.94 11.23
C ARG A 171 17.07 12.14 10.67
N LYS A 172 16.59 12.63 9.51
CA LYS A 172 17.17 13.74 8.77
C LYS A 172 16.12 14.83 8.61
N LYS A 173 16.60 16.07 8.57
CA LYS A 173 15.83 17.26 8.25
CA TYR A 1 8.82 1.23 15.51
C TYR A 1 8.87 2.24 14.34
N SER A 2 7.84 2.21 13.46
CA SER A 2 7.76 3.06 12.28
C SER A 2 6.91 4.30 12.61
N LEU A 3 5.59 4.10 12.74
CA LEU A 3 4.63 5.15 13.09
C LEU A 3 3.49 4.58 13.93
N PHE A 4 2.84 3.51 13.45
CA PHE A 4 1.66 2.88 14.06
C PHE A 4 2.08 1.53 14.64
N PRO A 5 2.40 1.44 15.95
CA PRO A 5 2.66 0.17 16.59
C PRO A 5 1.34 -0.60 16.72
N ASN A 6 1.29 -1.78 16.09
CA ASN A 6 0.23 -2.76 16.25
C ASN A 6 0.87 -4.14 16.17
N SER A 7 1.38 -4.49 14.97
CA SER A 7 2.04 -5.76 14.64
C SER A 7 2.74 -5.61 13.27
N PRO A 8 3.84 -4.84 13.15
CA PRO A 8 4.56 -4.72 11.89
C PRO A 8 5.23 -6.07 11.57
N LYS A 9 5.10 -6.52 10.32
CA LYS A 9 5.49 -7.85 9.83
C LYS A 9 4.53 -8.89 10.39
N TRP A 10 3.80 -9.54 9.48
CA TRP A 10 2.94 -10.67 9.79
C TRP A 10 3.77 -11.79 10.45
N THR A 11 3.13 -12.58 11.30
CA THR A 11 3.74 -13.71 12.01
C THR A 11 4.15 -14.83 11.01
N SER A 12 3.51 -14.90 9.83
CA SER A 12 3.87 -15.81 8.77
C SER A 12 4.81 -15.13 7.76
N LYS A 13 5.64 -15.94 7.11
CA LYS A 13 6.45 -15.52 5.97
C LYS A 13 5.71 -15.61 4.64
N VAL A 14 4.46 -16.10 4.63
CA VAL A 14 3.62 -16.18 3.44
C VAL A 14 2.29 -15.51 3.75
N VAL A 15 2.07 -14.37 3.09
CA VAL A 15 0.97 -13.46 3.39
C VAL A 15 0.08 -13.41 2.15
N THR A 16 -1.21 -13.70 2.30
CA THR A 16 -2.12 -13.76 1.17
C THR A 16 -2.80 -12.40 0.95
N TYR A 17 -3.18 -12.10 -0.30
CA TYR A 17 -3.93 -10.90 -0.65
C TYR A 17 -5.24 -11.24 -1.35
N ARG A 18 -6.23 -10.34 -1.24
CA ARG A 18 -7.51 -10.48 -1.95
C ARG A 18 -8.10 -9.12 -2.28
N ILE A 19 -8.23 -8.85 -3.56
CA ILE A 19 -8.80 -7.62 -4.07
C ILE A 19 -10.32 -7.89 -4.14
N VAL A 20 -11.06 -7.61 -3.05
CA VAL A 20 -12.51 -7.85 -2.94
C VAL A 20 -13.32 -6.92 -3.86
N SER A 21 -12.81 -5.70 -4.06
CA SER A 21 -13.36 -4.67 -4.93
C SER A 21 -12.15 -4.11 -5.68
N TYR A 22 -12.36 -3.49 -6.85
CA TYR A 22 -11.33 -3.02 -7.75
C TYR A 22 -11.72 -1.61 -8.20
N THR A 23 -10.79 -0.89 -8.84
CA THR A 23 -11.07 0.41 -9.45
C THR A 23 -11.98 0.25 -10.69
N ARG A 24 -12.21 1.37 -11.41
CA ARG A 24 -13.09 1.45 -12.56
C ARG A 24 -12.33 1.92 -13.81
N ASP A 25 -11.44 2.93 -13.65
CA ASP A 25 -10.60 3.48 -14.71
C ASP A 25 -9.74 2.39 -15.38
N LEU A 26 -9.19 1.50 -14.56
CA LEU A 26 -8.23 0.48 -14.96
C LEU A 26 -8.87 -0.90 -14.73
N PRO A 27 -8.63 -1.89 -15.60
CA PRO A 27 -9.26 -3.19 -15.47
C PRO A 27 -8.71 -3.99 -14.28
N HIS A 28 -9.51 -4.96 -13.82
CA HIS A 28 -9.24 -5.70 -12.60
C HIS A 28 -8.00 -6.60 -12.77
N ILE A 29 -7.83 -7.16 -13.96
CA ILE A 29 -6.65 -7.94 -14.33
C ILE A 29 -5.40 -7.06 -14.36
N THR A 30 -5.50 -5.83 -14.88
CA THR A 30 -4.40 -4.87 -14.82
C THR A 30 -4.11 -4.56 -13.36
N VAL A 31 -5.11 -4.31 -12.51
CA VAL A 31 -4.90 -4.11 -11.08
C VAL A 31 -4.16 -5.30 -10.48
N ASP A 32 -4.58 -6.56 -10.72
CA ASP A 32 -3.87 -7.73 -10.17
C ASP A 32 -2.45 -7.84 -10.73
N ARG A 33 -2.21 -7.56 -12.02
CA ARG A 33 -0.87 -7.56 -12.60
C ARG A 33 0.01 -6.48 -11.97
N LEU A 34 -0.53 -5.27 -11.83
CA LEU A 34 0.16 -4.13 -11.25
C LEU A 34 0.44 -4.39 -9.77
N VAL A 35 -0.52 -4.96 -9.02
CA VAL A 35 -0.29 -5.42 -7.66
C VAL A 35 0.77 -6.53 -7.64
N SER A 36 0.73 -7.50 -8.56
CA SER A 36 1.74 -8.55 -8.63
C SER A 36 3.13 -7.96 -8.82
N LYS A 37 3.36 -7.11 -9.84
CA LYS A 37 4.68 -6.51 -10.03
C LYS A 37 5.07 -5.59 -8.86
N ALA A 38 4.13 -4.85 -8.26
CA ALA A 38 4.40 -3.95 -7.14
C ALA A 38 4.73 -4.71 -5.85
N LEU A 39 4.00 -5.79 -5.55
CA LEU A 39 4.34 -6.70 -4.46
C LEU A 39 5.64 -7.41 -4.76
N ASN A 40 5.93 -7.74 -6.04
CA ASN A 40 7.24 -8.27 -6.43
C ASN A 40 8.32 -7.25 -6.08
N MET A 41 8.11 -5.96 -6.34
CA MET A 41 9.08 -4.93 -5.95
C MET A 41 9.25 -4.88 -4.43
N TRP A 42 8.18 -4.99 -3.63
CA TRP A 42 8.30 -5.12 -2.17
C TRP A 42 9.09 -6.38 -1.77
N GLY A 43 8.72 -7.54 -2.32
CA GLY A 43 9.34 -8.83 -2.01
C GLY A 43 10.71 -9.02 -2.67
N LYS A 44 11.16 -8.10 -3.52
CA LYS A 44 12.52 -8.09 -4.04
C LYS A 44 13.50 -7.55 -2.99
N GLU A 45 13.01 -6.79 -2.00
CA GLU A 45 13.83 -6.16 -0.97
C GLU A 45 13.87 -7.01 0.32
N ILE A 46 12.98 -8.00 0.48
CA ILE A 46 12.92 -8.89 1.66
C ILE A 46 12.58 -10.33 1.28
N PRO A 47 13.04 -11.35 2.03
CA PRO A 47 12.72 -12.76 1.77
C PRO A 47 11.26 -13.13 2.12
N LEU A 48 10.39 -12.15 2.36
CA LEU A 48 8.98 -12.36 2.70
C LEU A 48 8.23 -12.64 1.40
N HIS A 49 7.32 -13.61 1.42
CA HIS A 49 6.62 -14.09 0.24
C HIS A 49 5.12 -13.87 0.39
N PHE A 50 4.38 -13.97 -0.72
CA PHE A 50 2.96 -13.65 -0.75
C PHE A 50 2.24 -14.71 -1.58
N ARG A 51 0.92 -14.80 -1.40
CA ARG A 51 0.07 -15.72 -2.16
C ARG A 51 -1.28 -15.04 -2.41
N LYS A 52 -2.20 -15.74 -3.09
CA LYS A 52 -3.53 -15.22 -3.37
C LYS A 52 -4.53 -16.31 -2.98
N VAL A 53 -5.76 -15.90 -2.66
CA VAL A 53 -6.85 -16.80 -2.28
C VAL A 53 -8.03 -16.59 -3.23
N VAL A 54 -8.97 -17.54 -3.23
CA VAL A 54 -10.14 -17.54 -4.14
C VAL A 54 -11.46 -17.70 -3.38
N TRP A 55 -11.42 -18.26 -2.16
CA TRP A 55 -12.59 -18.35 -1.28
C TRP A 55 -13.11 -16.94 -1.00
N GLY A 56 -12.27 -16.15 -0.31
CA GLY A 56 -12.50 -14.77 0.07
C GLY A 56 -11.74 -14.47 1.35
N THR A 57 -11.48 -13.17 1.55
CA THR A 57 -10.80 -12.56 2.69
C THR A 57 -9.36 -13.04 2.86
N ALA A 58 -8.43 -12.10 3.11
CA ALA A 58 -7.01 -12.39 3.15
C ALA A 58 -6.31 -11.48 4.15
N ASP A 59 -5.01 -11.70 4.29
CA ASP A 59 -4.17 -10.91 5.16
C ASP A 59 -4.11 -9.49 4.57
N ILE A 60 -3.75 -9.34 3.28
CA ILE A 60 -3.62 -8.07 2.54
C ILE A 60 -4.85 -7.93 1.62
N MET A 61 -6.00 -7.54 2.16
CA MET A 61 -7.18 -7.25 1.36
C MET A 61 -7.03 -5.87 0.69
N ILE A 62 -7.61 -5.72 -0.49
CA ILE A 62 -7.69 -4.46 -1.22
C ILE A 62 -9.15 -4.26 -1.64
N GLY A 63 -9.66 -3.05 -1.56
CA GLY A 63 -11.03 -2.73 -1.98
C GLY A 63 -11.18 -1.25 -2.30
N PHE A 64 -12.24 -0.89 -3.04
CA PHE A 64 -12.46 0.47 -3.53
C PHE A 64 -13.93 0.80 -3.31
N ALA A 65 -14.21 2.05 -2.92
CA ALA A 65 -15.55 2.57 -2.61
C ALA A 65 -15.62 4.04 -3.02
N ARG A 66 -16.72 4.76 -2.73
CA ARG A 66 -16.92 6.13 -3.22
C ARG A 66 -17.65 7.02 -2.21
N GLY A 67 -17.14 7.02 -0.97
CA GLY A 67 -17.77 7.69 0.17
C GLY A 67 -18.65 6.69 0.93
N ALA A 68 -18.39 6.52 2.24
CA ALA A 68 -18.97 5.53 3.14
C ALA A 68 -18.89 4.06 2.66
N HIS A 69 -18.27 3.17 3.45
CA HIS A 69 -18.16 1.77 3.11
C HIS A 69 -18.14 0.86 4.35
N GLY A 70 -18.47 -0.42 4.13
CA GLY A 70 -18.43 -1.48 5.12
C GLY A 70 -16.99 -1.82 5.48
N ASP A 71 -16.43 -0.99 6.38
CA ASP A 71 -15.05 -1.03 6.79
C ASP A 71 -14.91 -0.69 8.28
N SER A 72 -14.85 0.60 8.61
CA SER A 72 -14.68 1.12 9.97
C SER A 72 -14.88 2.63 9.99
N TYR A 73 -14.42 3.34 8.95
CA TYR A 73 -14.50 4.79 8.86
C TYR A 73 -15.24 5.18 7.56
N PRO A 74 -16.09 6.22 7.57
CA PRO A 74 -16.68 6.72 6.35
C PRO A 74 -15.60 7.43 5.52
N PHE A 75 -15.45 6.97 4.27
CA PHE A 75 -14.79 7.73 3.22
C PHE A 75 -15.58 9.01 2.89
N ASP A 76 -14.93 9.82 2.08
CA ASP A 76 -15.22 11.18 1.64
C ASP A 76 -15.66 11.18 0.16
N GLY A 77 -14.98 10.43 -0.72
CA GLY A 77 -15.24 10.45 -2.16
C GLY A 77 -14.24 11.36 -2.90
N PRO A 78 -14.64 12.05 -3.99
CA PRO A 78 -13.76 12.74 -4.93
C PRO A 78 -13.11 14.01 -4.37
N GLY A 79 -12.10 13.84 -3.50
CA GLY A 79 -11.35 14.90 -2.86
C GLY A 79 -10.67 14.33 -1.62
N ASN A 80 -9.95 15.15 -0.84
CA ASN A 80 -9.34 14.79 0.44
C ASN A 80 -8.59 13.42 0.40
N THR A 81 -8.51 12.70 1.53
CA THR A 81 -7.86 11.38 1.70
C THR A 81 -8.18 10.44 0.52
N LEU A 82 -7.20 10.14 -0.34
CA LEU A 82 -7.39 9.38 -1.57
C LEU A 82 -7.48 7.86 -1.36
N ALA A 83 -6.83 7.34 -0.31
CA ALA A 83 -6.83 5.93 0.06
C ALA A 83 -6.40 5.82 1.52
N HIS A 84 -6.74 4.72 2.20
CA HIS A 84 -6.28 4.46 3.56
C HIS A 84 -6.00 2.97 3.74
N ALA A 85 -5.20 2.65 4.77
CA ALA A 85 -4.88 1.29 5.13
C ALA A 85 -4.90 1.18 6.65
N PHE A 86 -4.77 -0.05 7.16
CA PHE A 86 -4.83 -0.35 8.58
C PHE A 86 -3.60 -1.16 8.97
N ALA A 87 -3.17 -1.10 10.23
CA ALA A 87 -2.00 -1.83 10.69
C ALA A 87 -2.33 -3.32 10.82
N PRO A 88 -1.46 -4.26 10.35
CA PRO A 88 -1.72 -5.68 10.39
C PRO A 88 -1.66 -6.28 11.79
N GLY A 89 -2.10 -7.55 11.90
CA GLY A 89 -2.16 -8.32 13.13
C GLY A 89 -3.58 -8.62 13.61
N THR A 90 -4.60 -8.01 12.98
CA THR A 90 -5.96 -7.91 13.53
C THR A 90 -7.01 -8.19 12.44
N GLY A 91 -6.82 -9.24 11.62
CA GLY A 91 -7.78 -9.73 10.63
C GLY A 91 -8.04 -8.75 9.48
N LEU A 92 -8.84 -7.71 9.74
CA LEU A 92 -8.98 -6.56 8.84
C LEU A 92 -7.68 -5.72 8.86
N GLY A 93 -6.86 -5.85 9.91
CA GLY A 93 -5.52 -5.25 9.93
C GLY A 93 -4.77 -5.56 8.63
N GLY A 94 -3.96 -4.60 8.19
CA GLY A 94 -3.18 -4.65 6.97
C GLY A 94 -3.98 -4.10 5.79
N ASP A 95 -5.29 -4.31 5.77
CA ASP A 95 -6.08 -4.13 4.56
C ASP A 95 -6.05 -2.68 4.12
N ALA A 96 -6.23 -2.47 2.81
CA ALA A 96 -6.14 -1.16 2.20
C ALA A 96 -7.39 -0.89 1.38
N HIS A 97 -7.81 0.37 1.36
CA HIS A 97 -8.99 0.82 0.68
C HIS A 97 -8.72 2.14 -0.04
N PHE A 98 -9.48 2.38 -1.12
CA PHE A 98 -9.23 3.45 -2.07
C PHE A 98 -10.57 4.06 -2.48
N ASP A 99 -10.56 5.33 -2.93
CA ASP A 99 -11.76 5.96 -3.51
C ASP A 99 -11.83 5.65 -5.01
N GLU A 100 -12.70 4.72 -5.42
CA GLU A 100 -13.04 4.42 -6.82
C GLU A 100 -13.51 5.68 -7.56
N ASP A 101 -14.14 6.62 -6.84
CA ASP A 101 -14.68 7.85 -7.41
C ASP A 101 -13.59 8.72 -8.01
N GLU A 102 -12.41 8.71 -7.36
CA GLU A 102 -11.24 9.44 -7.81
C GLU A 102 -10.65 8.73 -9.03
N ARG A 103 -10.00 9.48 -9.92
CA ARG A 103 -9.32 8.87 -11.05
C ARG A 103 -8.05 8.16 -10.61
N TRP A 104 -7.78 7.03 -11.28
CA TRP A 104 -6.61 6.21 -11.05
C TRP A 104 -6.01 5.91 -12.42
N THR A 105 -4.72 6.14 -12.61
CA THR A 105 -4.06 5.92 -13.89
C THR A 105 -2.87 4.97 -13.71
N ASP A 106 -2.62 4.11 -14.70
CA ASP A 106 -1.48 3.20 -14.72
C ASP A 106 -0.15 3.97 -14.83
N GLY A 107 -0.16 5.11 -15.53
CA GLY A 107 1.01 5.94 -15.72
C GLY A 107 0.70 7.12 -16.63
N SER A 108 0.38 8.28 -16.05
CA SER A 108 0.21 9.54 -16.78
C SER A 108 0.31 10.71 -15.79
N SER A 109 1.01 11.78 -16.18
CA SER A 109 1.32 12.98 -15.40
C SER A 109 0.08 13.90 -15.31
N LEU A 110 -1.05 13.37 -14.84
CA LEU A 110 -2.34 14.07 -14.80
C LEU A 110 -3.31 13.46 -13.78
N GLY A 111 -3.39 12.14 -13.73
CA GLY A 111 -4.19 11.43 -12.73
C GLY A 111 -3.33 11.04 -11.54
N ILE A 112 -3.96 10.31 -10.62
CA ILE A 112 -3.30 9.74 -9.45
C ILE A 112 -2.77 8.39 -9.89
N ASN A 113 -1.44 8.22 -9.83
CA ASN A 113 -0.79 6.98 -10.22
C ASN A 113 -1.26 5.86 -9.29
N PHE A 114 -2.01 4.90 -9.86
CA PHE A 114 -2.50 3.73 -9.18
C PHE A 114 -1.37 2.98 -8.48
N LEU A 115 -0.22 2.82 -9.16
CA LEU A 115 0.86 1.96 -8.67
C LEU A 115 1.65 2.63 -7.54
N TYR A 116 1.79 3.95 -7.61
CA TYR A 116 2.39 4.76 -6.56
C TYR A 116 1.51 4.67 -5.30
N ALA A 117 0.19 4.86 -5.47
CA ALA A 117 -0.78 4.69 -4.40
C ALA A 117 -0.74 3.26 -3.86
N ALA A 118 -0.82 2.25 -4.75
CA ALA A 118 -0.87 0.86 -4.36
C ALA A 118 0.39 0.46 -3.59
N THR A 119 1.59 0.77 -4.09
CA THR A 119 2.85 0.45 -3.42
C THR A 119 2.94 1.17 -2.07
N HIS A 120 2.46 2.42 -1.97
CA HIS A 120 2.34 3.15 -0.71
C HIS A 120 1.44 2.37 0.27
N GLU A 121 0.23 2.02 -0.16
CA GLU A 121 -0.78 1.41 0.70
C GLU A 121 -0.39 -0.02 1.11
N LEU A 122 0.10 -0.81 0.16
CA LEU A 122 0.60 -2.16 0.38
C LEU A 122 1.80 -2.16 1.31
N GLY A 123 2.59 -1.08 1.34
CA GLY A 123 3.65 -0.93 2.31
C GLY A 123 3.12 -0.97 3.73
N HIS A 124 2.03 -0.23 3.99
CA HIS A 124 1.37 -0.29 5.29
C HIS A 124 0.78 -1.67 5.55
N SER A 125 0.23 -2.29 4.50
CA SER A 125 -0.25 -3.66 4.56
C SER A 125 0.83 -4.65 4.99
N LEU A 126 2.08 -4.44 4.60
CA LEU A 126 3.20 -5.26 5.04
C LEU A 126 3.50 -5.10 6.54
N GLY A 127 3.10 -3.98 7.13
CA GLY A 127 3.38 -3.62 8.51
C GLY A 127 3.84 -2.17 8.69
N MET A 128 4.20 -1.48 7.60
CA MET A 128 4.81 -0.16 7.70
C MET A 128 3.83 0.86 8.30
N GLY A 129 4.32 1.82 9.11
CA GLY A 129 3.45 2.80 9.73
C GLY A 129 3.41 4.11 8.96
N HIS A 130 4.58 4.53 8.43
CA HIS A 130 4.91 5.73 7.66
C HIS A 130 6.43 6.00 7.81
N SER A 131 6.89 7.11 7.23
CA SER A 131 8.28 7.56 7.23
C SER A 131 8.27 9.10 7.28
N SER A 132 9.45 9.72 7.31
CA SER A 132 9.60 11.17 7.33
C SER A 132 10.79 11.51 6.42
N ASP A 133 10.51 11.83 5.15
CA ASP A 133 11.52 12.18 4.14
C ASP A 133 10.82 13.07 3.09
N PRO A 134 11.44 14.16 2.59
CA PRO A 134 10.74 15.09 1.69
C PRO A 134 10.40 14.49 0.33
N ASN A 135 11.07 13.40 -0.07
CA ASN A 135 10.90 12.74 -1.35
C ASN A 135 10.56 11.25 -1.10
N ALA A 136 9.94 10.94 0.05
CA ALA A 136 9.49 9.60 0.37
C ALA A 136 8.46 9.13 -0.66
N VAL A 137 8.55 7.86 -1.07
CA VAL A 137 7.51 7.21 -1.87
C VAL A 137 6.31 6.87 -0.96
N MET A 138 6.54 6.67 0.34
CA MET A 138 5.46 6.46 1.30
C MET A 138 4.98 7.80 1.92
N TYR A 139 5.33 8.96 1.38
CA TYR A 139 4.99 10.24 2.03
C TYR A 139 3.47 10.53 1.93
N PRO A 140 2.86 11.18 2.95
CA PRO A 140 1.44 11.46 2.93
C PRO A 140 1.09 12.68 2.04
N THR A 141 1.78 13.81 2.23
CA THR A 141 1.55 15.02 1.44
C THR A 141 1.99 14.77 -0.01
N TYR A 142 1.04 14.89 -0.95
CA TYR A 142 1.32 14.68 -2.37
C TYR A 142 2.13 15.86 -2.89
N GLY A 143 3.38 15.60 -3.26
CA GLY A 143 4.25 16.55 -3.91
C GLY A 143 5.70 16.17 -3.67
N ASN A 144 6.59 16.86 -4.39
CA ASN A 144 8.05 16.78 -4.31
C ASN A 144 8.64 15.44 -4.76
N GLY A 145 8.15 14.35 -4.18
CA GLY A 145 8.39 12.97 -4.56
C GLY A 145 7.64 12.67 -5.84
N ASP A 146 8.39 12.53 -6.94
CA ASP A 146 7.90 12.20 -8.27
C ASP A 146 7.05 10.91 -8.25
N PRO A 147 5.72 11.00 -8.47
CA PRO A 147 4.84 9.84 -8.40
C PRO A 147 4.88 9.00 -9.69
N GLN A 148 5.51 9.47 -10.77
CA GLN A 148 5.59 8.74 -12.04
C GLN A 148 6.92 7.95 -12.14
N ASN A 149 7.96 8.45 -11.47
CA ASN A 149 9.29 7.84 -11.45
C ASN A 149 9.59 7.39 -10.02
N PHE A 150 8.88 6.34 -9.59
CA PHE A 150 8.99 5.79 -8.24
C PHE A 150 9.41 4.32 -8.35
N LYS A 151 10.32 3.91 -7.44
CA LYS A 151 10.97 2.60 -7.45
C LYS A 151 11.68 2.36 -6.11
N LEU A 152 11.03 2.71 -5.00
CA LEU A 152 11.50 2.56 -3.62
C LEU A 152 12.76 3.42 -3.39
N SER A 153 12.58 4.66 -2.89
CA SER A 153 13.65 5.66 -2.82
C SER A 153 14.67 5.40 -1.70
N GLN A 154 14.33 5.75 -0.45
CA GLN A 154 15.23 5.72 0.69
C GLN A 154 14.42 5.43 1.94
N ASP A 155 13.32 6.17 2.14
CA ASP A 155 12.28 5.92 3.12
C ASP A 155 11.82 4.47 3.09
N ASP A 156 11.59 3.96 1.87
CA ASP A 156 11.03 2.63 1.65
C ASP A 156 12.09 1.58 1.98
N ILE A 157 13.32 1.76 1.48
CA ILE A 157 14.47 0.91 1.77
C ILE A 157 14.74 0.90 3.27
N LYS A 158 14.73 2.07 3.92
CA LYS A 158 15.01 2.22 5.35
C LYS A 158 13.93 1.50 6.16
N GLY A 159 12.67 1.77 5.83
CA GLY A 159 11.52 1.15 6.45
C GLY A 159 11.62 -0.36 6.33
N ILE A 160 11.90 -0.87 5.13
CA ILE A 160 12.13 -2.29 4.89
C ILE A 160 13.30 -2.81 5.71
N GLN A 161 14.48 -2.20 5.64
CA GLN A 161 15.67 -2.66 6.37
C GLN A 161 15.42 -2.70 7.88
N LYS A 162 14.54 -1.83 8.38
CA LYS A 162 14.11 -1.86 9.77
C LYS A 162 13.08 -2.96 10.04
N LEU A 163 12.20 -3.25 9.07
CA LEU A 163 11.15 -4.26 9.14
C LEU A 163 11.70 -5.68 9.29
N TYR A 164 12.77 -6.02 8.58
CA TYR A 164 13.42 -7.35 8.65
C TYR A 164 14.75 -7.31 9.41
N GLY A 165 15.08 -6.16 10.01
CA GLY A 165 16.33 -5.89 10.69
C GLY A 165 16.03 -5.10 11.95
N LYS A 166 16.77 -4.01 12.18
CA LYS A 166 16.61 -3.15 13.36
C LYS A 166 16.93 -1.69 13.05
N ARG A 167 18.09 -1.44 12.42
CA ARG A 167 18.65 -0.10 12.25
C ARG A 167 18.86 0.60 13.61
N SER A 168 19.37 1.84 13.58
CA SER A 168 19.44 2.68 14.76
C SER A 168 18.10 3.41 14.87
N ASN A 169 17.31 3.08 15.90
CA ASN A 169 16.08 3.81 16.22
C ASN A 169 16.40 4.95 17.18
N SER A 170 15.54 5.97 17.22
CA SER A 170 15.54 7.03 18.23
C SER A 170 14.08 7.45 18.45
N ARG A 171 13.86 8.37 19.39
CA ARG A 171 12.55 8.89 19.76
C ARG A 171 11.91 9.62 18.57
N LYS A 172 10.58 9.53 18.42
CA LYS A 172 9.89 10.11 17.25
C LYS A 172 9.59 11.61 17.39
N LYS A 173 9.14 12.05 18.58
CA LYS A 173 8.76 13.44 18.89
#